data_8Z5V
#
_entry.id   8Z5V
#
_cell.length_a   1.00
_cell.length_b   1.00
_cell.length_c   1.00
_cell.angle_alpha   90.00
_cell.angle_beta   90.00
_cell.angle_gamma   90.00
#
_symmetry.space_group_name_H-M   'P 1'
#
_entity_poly.entity_id   1
_entity_poly.type   'polypeptide(L)'
_entity_poly.pdbx_seq_one_letter_code
;MADKSTDLTVTEGGSDGALVASSDVDVESQNPDLEERSASKFDMAVGDLDLLRQVVLVLSISICVALIVMLFFWVKEPEM
RPLGAYETEELIPVLDYLDQQKINYKLDGNTISVESSEYNSIKLGMVRSGVNQATEAGDDILLQDMGFGVSQRLEQERLK
LSRERQLAQAIEEMKQVRKARVLLALPKHSVFVRHNQEASASVFLTLSTGTNLKQQEVDSIVDMVASAVPGMKTSRITVT
DQHGRLLSSGSQDPASAARRKEQELERSQEQALREKIDSVLLPILGYGNYTAQVDIQMDFSAVEQTRKRFDPNTPATRSE
YALEDYNNGNMVAGIPGALSNQPPADASIPQDVAQMKDGSVMGQGSVRKESTRNFELDTTISHERKQTGTVARQTVSVAI
KDRRQVNPDTGEVTYTPMSESEINAIRQVLIGTVGFDQGRGDLLNVLSVKFAEPEAEQLEEPPIWEHPNFSDWVRWFASA
LVIIVVVLVLVRPAMKKLLNPTSDDEDEMYGPDGLPIGADGETSLIGSDIESSELFEFGSSIDLPNLHKDEDVLKAVRAL
VANEPELAAQVVKNWMNDNG
;
_entity_poly.pdbx_strand_id   A,B,C,D,E,F,G,H,I,J,K,L,M,N,O,P,Q,R,S,T,U,V,W,X,Y,Z,a,b,c,d,e,f,g,h
#
# COMPACT_ATOMS: atom_id res chain seq x y z
N ALA A 255 -12.34 -60.42 26.47
CA ALA A 255 -13.48 -61.05 25.79
C ALA A 255 -13.67 -62.48 26.25
N SER A 256 -12.60 -63.11 26.76
CA SER A 256 -12.73 -64.48 27.24
C SER A 256 -13.64 -64.55 28.46
N ALA A 257 -13.69 -63.49 29.26
CA ALA A 257 -14.68 -63.42 30.33
C ALA A 257 -16.09 -63.42 29.76
N ALA A 258 -16.29 -62.73 28.63
CA ALA A 258 -17.58 -62.77 27.96
C ALA A 258 -17.91 -64.19 27.50
N ARG A 259 -16.92 -64.91 26.97
CA ARG A 259 -17.16 -66.29 26.56
C ARG A 259 -17.52 -67.17 27.76
N ARG A 260 -16.85 -66.94 28.89
CA ARG A 260 -17.19 -67.68 30.11
C ARG A 260 -18.63 -67.43 30.52
N LYS A 261 -19.07 -66.16 30.48
CA LYS A 261 -20.45 -65.86 30.85
C LYS A 261 -21.43 -66.41 29.83
N GLU A 262 -21.03 -66.54 28.56
CA GLU A 262 -21.88 -67.22 27.59
C GLU A 262 -22.05 -68.69 27.94
N GLN A 263 -20.98 -69.35 28.35
CA GLN A 263 -21.09 -70.72 28.83
C GLN A 263 -22.04 -70.80 30.02
N GLU A 264 -21.93 -69.82 30.93
CA GLU A 264 -22.83 -69.78 32.08
C GLU A 264 -24.28 -69.65 31.65
N LEU A 265 -24.54 -68.80 30.65
CA LEU A 265 -25.90 -68.65 30.14
C LEU A 265 -26.42 -69.96 29.58
N GLU A 266 -25.61 -70.66 28.78
CA GLU A 266 -26.05 -71.93 28.22
C GLU A 266 -26.36 -72.93 29.33
N ARG A 267 -25.48 -73.02 30.33
CA ARG A 267 -25.71 -73.96 31.43
C ARG A 267 -26.97 -73.60 32.21
N SER A 268 -27.23 -72.30 32.40
CA SER A 268 -28.43 -71.86 33.11
C SER A 268 -29.69 -72.26 32.33
N GLN A 269 -29.66 -72.09 31.02
CA GLN A 269 -30.80 -72.51 30.20
C GLN A 269 -31.03 -74.00 30.32
N GLU A 270 -29.96 -74.79 30.26
CA GLU A 270 -30.09 -76.23 30.40
C GLU A 270 -30.69 -76.59 31.75
N GLN A 271 -30.23 -75.93 32.81
CA GLN A 271 -30.73 -76.20 34.15
C GLN A 271 -32.23 -75.89 34.25
N ALA A 272 -32.64 -74.76 33.68
CA ALA A 272 -34.05 -74.38 33.71
C ALA A 272 -34.91 -75.41 32.98
N LEU A 273 -34.45 -75.85 31.81
CA LEU A 273 -35.20 -76.86 31.08
C LEU A 273 -35.27 -78.17 31.86
N ARG A 274 -34.18 -78.54 32.52
CA ARG A 274 -34.21 -79.74 33.35
C ARG A 274 -35.20 -79.59 34.49
N GLU A 275 -35.26 -78.41 35.09
CA GLU A 275 -36.22 -78.17 36.16
C GLU A 275 -37.64 -78.34 35.67
N LYS A 276 -37.95 -77.80 34.49
CA LYS A 276 -39.29 -77.97 33.92
C LYS A 276 -39.59 -79.44 33.63
N ILE A 277 -38.60 -80.16 33.10
CA ILE A 277 -38.78 -81.59 32.83
C ILE A 277 -39.11 -82.33 34.11
N ASP A 278 -38.38 -82.02 35.19
CA ASP A 278 -38.68 -82.64 36.47
C ASP A 278 -40.08 -82.28 36.95
N SER A 279 -40.45 -81.00 36.83
CA SER A 279 -41.75 -80.56 37.32
C SER A 279 -42.88 -81.28 36.59
N VAL A 280 -42.65 -81.69 35.35
CA VAL A 280 -43.67 -82.43 34.60
C VAL A 280 -43.62 -83.92 34.90
N LEU A 281 -42.43 -84.53 34.97
CA LEU A 281 -42.34 -85.98 35.02
C LEU A 281 -42.39 -86.55 36.43
N LEU A 282 -42.00 -85.76 37.44
CA LEU A 282 -42.01 -86.27 38.81
C LEU A 282 -43.41 -86.71 39.26
N PRO A 283 -44.49 -85.96 39.04
CA PRO A 283 -45.83 -86.50 39.35
C PRO A 283 -46.21 -87.68 38.48
N ILE A 284 -45.94 -87.59 37.18
CA ILE A 284 -46.41 -88.60 36.24
C ILE A 284 -45.72 -89.93 36.47
N LEU A 285 -44.39 -89.91 36.56
CA LEU A 285 -43.62 -91.15 36.64
C LEU A 285 -43.24 -91.51 38.07
N GLY A 286 -42.86 -90.53 38.87
CA GLY A 286 -42.42 -90.76 40.24
C GLY A 286 -40.97 -90.36 40.43
N TYR A 287 -40.50 -90.56 41.65
CA TYR A 287 -39.15 -90.18 42.03
C TYR A 287 -38.20 -91.33 41.74
N GLY A 288 -37.19 -91.08 40.92
CA GLY A 288 -36.19 -92.07 40.61
C GLY A 288 -36.57 -93.07 39.54
N ASN A 289 -37.73 -92.90 38.91
CA ASN A 289 -38.15 -93.79 37.82
C ASN A 289 -37.76 -93.27 36.45
N TYR A 290 -37.05 -92.15 36.38
CA TYR A 290 -36.67 -91.57 35.11
C TYR A 290 -35.35 -90.83 35.27
N THR A 291 -34.68 -90.60 34.14
CA THR A 291 -33.53 -89.72 34.09
C THR A 291 -33.58 -88.95 32.78
N ALA A 292 -33.20 -87.68 32.84
CA ALA A 292 -33.27 -86.83 31.66
C ALA A 292 -32.14 -85.81 31.69
N GLN A 293 -31.55 -85.56 30.53
CA GLN A 293 -30.52 -84.54 30.37
C GLN A 293 -30.82 -83.72 29.12
N VAL A 294 -30.40 -82.46 29.16
CA VAL A 294 -30.72 -81.49 28.12
C VAL A 294 -29.44 -80.83 27.64
N ASP A 295 -29.28 -80.75 26.33
CA ASP A 295 -28.19 -80.01 25.70
C ASP A 295 -28.76 -78.84 24.93
N ILE A 296 -28.25 -77.64 25.21
CA ILE A 296 -28.69 -76.42 24.54
C ILE A 296 -27.46 -75.76 23.92
N GLN A 297 -27.50 -75.57 22.60
CA GLN A 297 -26.46 -74.88 21.87
C GLN A 297 -26.98 -73.50 21.49
N MET A 298 -26.25 -72.46 21.86
CA MET A 298 -26.68 -71.09 21.64
C MET A 298 -25.67 -70.35 20.77
N ASP A 299 -26.17 -69.70 19.72
CA ASP A 299 -25.35 -68.85 18.87
C ASP A 299 -25.26 -67.46 19.47
N PHE A 300 -24.09 -66.86 19.36
CA PHE A 300 -23.84 -65.53 19.91
C PHE A 300 -23.25 -64.61 18.84
N SER A 301 -23.73 -64.74 17.61
CA SER A 301 -23.29 -63.86 16.54
C SER A 301 -23.84 -62.45 16.78
N ALA A 302 -23.44 -61.52 15.91
CA ALA A 302 -23.82 -60.12 16.00
C ALA A 302 -24.37 -59.64 14.66
N VAL A 303 -25.34 -60.38 14.13
CA VAL A 303 -25.93 -60.03 12.84
C VAL A 303 -26.61 -58.67 12.92
N GLU A 304 -26.50 -57.91 11.83
CA GLU A 304 -27.11 -56.58 11.76
C GLU A 304 -27.38 -56.30 10.29
N GLN A 305 -28.64 -56.34 9.89
CA GLN A 305 -29.03 -56.37 8.49
C GLN A 305 -29.80 -55.11 8.12
N THR A 306 -29.60 -54.64 6.88
CA THR A 306 -30.33 -53.50 6.33
C THR A 306 -30.86 -53.91 4.96
N ARG A 307 -32.19 -53.84 4.80
CA ARG A 307 -32.84 -54.27 3.57
C ARG A 307 -33.53 -53.07 2.94
N LYS A 308 -33.34 -52.89 1.64
CA LYS A 308 -34.01 -51.84 0.88
C LYS A 308 -34.74 -52.50 -0.27
N ARG A 309 -36.07 -52.58 -0.15
CA ARG A 309 -36.90 -53.31 -1.09
C ARG A 309 -37.81 -52.36 -1.84
N PHE A 310 -38.04 -52.68 -3.11
CA PHE A 310 -38.89 -51.90 -4.00
C PHE A 310 -40.08 -52.74 -4.45
N ASP A 311 -40.96 -52.13 -5.23
CA ASP A 311 -42.15 -52.80 -5.75
C ASP A 311 -42.20 -52.60 -7.26
N PRO A 312 -41.63 -53.52 -8.04
CA PRO A 312 -41.54 -53.30 -9.48
C PRO A 312 -42.88 -53.20 -10.19
N ASN A 313 -43.92 -53.85 -9.68
CA ASN A 313 -45.15 -54.04 -10.43
C ASN A 313 -46.17 -52.93 -10.22
N THR A 314 -45.90 -51.94 -9.38
CA THR A 314 -46.79 -50.80 -9.17
C THR A 314 -46.01 -49.49 -9.22
N PRO A 315 -45.53 -49.10 -10.40
CA PRO A 315 -44.87 -47.80 -10.52
C PRO A 315 -45.89 -46.68 -10.71
N ALA A 316 -45.48 -45.47 -10.32
CA ALA A 316 -46.32 -44.28 -10.45
C ALA A 316 -45.56 -43.26 -11.29
N THR A 317 -46.13 -42.89 -12.43
CA THR A 317 -45.44 -41.96 -13.32
C THR A 317 -45.44 -40.56 -12.73
N ARG A 318 -44.25 -39.96 -12.60
CA ARG A 318 -44.08 -38.62 -12.07
C ARG A 318 -44.12 -37.56 -13.15
N SER A 319 -43.26 -37.70 -14.16
CA SER A 319 -43.27 -36.85 -15.34
C SER A 319 -43.23 -37.74 -16.56
N GLU A 320 -43.69 -37.20 -17.69
CA GLU A 320 -43.80 -38.01 -18.89
C GLU A 320 -43.71 -37.11 -20.11
N TYR A 321 -42.93 -37.55 -21.09
CA TYR A 321 -42.85 -36.93 -22.40
C TYR A 321 -43.11 -37.99 -23.45
N ALA A 322 -43.86 -37.63 -24.49
CA ALA A 322 -44.22 -38.58 -25.53
C ALA A 322 -44.37 -37.83 -26.84
N LEU A 323 -43.45 -38.08 -27.78
CA LEU A 323 -43.50 -37.53 -29.12
C LEU A 323 -43.81 -38.66 -30.10
N GLU A 324 -44.80 -38.45 -30.96
CA GLU A 324 -45.27 -39.48 -31.88
C GLU A 324 -45.68 -38.81 -33.20
N ASP A 325 -44.76 -38.76 -34.16
CA ASP A 325 -45.04 -38.15 -35.45
C ASP A 325 -45.02 -39.18 -36.56
N TYR A 326 -45.81 -38.93 -37.60
CA TYR A 326 -45.93 -39.80 -38.76
C TYR A 326 -45.61 -39.00 -40.02
N ASN A 327 -45.59 -39.70 -41.15
CA ASN A 327 -45.41 -39.06 -42.45
C ASN A 327 -46.02 -39.92 -43.56
N GLY A 365 -45.16 -45.17 -44.15
CA GLY A 365 -44.19 -44.09 -44.14
C GLY A 365 -43.39 -44.01 -42.84
N SER A 366 -42.75 -42.87 -42.63
CA SER A 366 -41.97 -42.67 -41.42
C SER A 366 -42.87 -42.66 -40.19
N VAL A 367 -42.44 -43.36 -39.15
CA VAL A 367 -43.15 -43.41 -37.88
C VAL A 367 -42.12 -43.32 -36.77
N ARG A 368 -42.05 -42.18 -36.10
CA ARG A 368 -41.09 -41.95 -35.02
C ARG A 368 -41.84 -41.86 -33.71
N LYS A 369 -41.45 -42.68 -32.73
CA LYS A 369 -42.12 -42.76 -31.44
C LYS A 369 -41.09 -42.56 -30.34
N GLU A 370 -40.82 -41.30 -30.00
CA GLU A 370 -39.96 -41.01 -28.87
C GLU A 370 -40.77 -40.98 -27.58
N SER A 371 -40.10 -41.30 -26.47
CA SER A 371 -40.77 -41.35 -25.18
C SER A 371 -39.75 -41.24 -24.07
N THR A 372 -40.09 -40.49 -23.03
CA THR A 372 -39.29 -40.37 -21.82
C THR A 372 -40.22 -40.45 -20.64
N ARG A 373 -39.82 -41.18 -19.60
CA ARG A 373 -40.72 -41.44 -18.48
C ARG A 373 -39.91 -41.53 -17.19
N ASN A 374 -40.42 -40.89 -16.14
CA ASN A 374 -39.84 -40.97 -14.81
C ASN A 374 -40.85 -41.59 -13.86
N PHE A 375 -40.37 -42.45 -12.96
CA PHE A 375 -41.24 -43.23 -12.11
C PHE A 375 -40.93 -42.99 -10.64
N GLU A 376 -41.93 -43.25 -9.81
CA GLU A 376 -41.82 -43.30 -8.36
C GLU A 376 -42.28 -44.68 -7.91
N LEU A 377 -41.54 -45.27 -6.99
CA LEU A 377 -41.75 -46.67 -6.61
C LEU A 377 -41.89 -46.79 -5.10
N ASP A 378 -42.64 -47.79 -4.67
CA ASP A 378 -42.77 -48.08 -3.24
C ASP A 378 -41.41 -48.50 -2.70
N THR A 379 -40.99 -47.86 -1.61
CA THR A 379 -39.66 -48.06 -1.06
C THR A 379 -39.78 -48.41 0.41
N THR A 380 -39.37 -49.62 0.77
CA THR A 380 -39.31 -50.05 2.15
C THR A 380 -37.86 -50.19 2.57
N ILE A 381 -37.50 -49.59 3.70
CA ILE A 381 -36.13 -49.62 4.23
C ILE A 381 -36.22 -50.12 5.66
N SER A 382 -35.82 -51.36 5.89
CA SER A 382 -35.92 -51.99 7.21
C SER A 382 -34.54 -52.31 7.75
N HIS A 383 -34.24 -51.83 8.94
CA HIS A 383 -32.98 -52.11 9.61
C HIS A 383 -33.26 -53.01 10.81
N GLU A 384 -32.76 -54.23 10.77
CA GLU A 384 -32.97 -55.23 11.80
C GLU A 384 -31.66 -55.52 12.52
N ARG A 385 -31.73 -55.75 13.83
CA ARG A 385 -30.56 -56.10 14.61
C ARG A 385 -30.93 -57.28 15.50
N LYS A 386 -30.44 -58.46 15.14
CA LYS A 386 -30.81 -59.67 15.84
C LYS A 386 -30.25 -59.69 17.26
N GLN A 387 -30.96 -60.36 18.15
CA GLN A 387 -30.43 -60.58 19.49
C GLN A 387 -29.24 -61.53 19.43
N THR A 388 -28.25 -61.28 20.28
CA THR A 388 -26.99 -62.00 20.24
C THR A 388 -27.19 -63.49 20.51
N GLY A 389 -27.55 -63.85 21.74
CA GLY A 389 -27.64 -65.24 22.10
C GLY A 389 -28.99 -65.86 21.81
N THR A 390 -29.04 -66.75 20.81
CA THR A 390 -30.27 -67.43 20.43
C THR A 390 -30.05 -68.92 20.41
N VAL A 391 -31.02 -69.68 20.93
CA VAL A 391 -30.93 -71.13 20.93
C VAL A 391 -30.98 -71.64 19.49
N ALA A 392 -29.85 -72.13 18.99
CA ALA A 392 -29.78 -72.61 17.62
C ALA A 392 -30.18 -74.07 17.49
N ARG A 393 -29.98 -74.86 18.53
CA ARG A 393 -30.35 -76.27 18.52
C ARG A 393 -30.56 -76.73 19.96
N GLN A 394 -31.56 -77.58 20.15
CA GLN A 394 -31.89 -78.09 21.47
C GLN A 394 -32.07 -79.60 21.41
N THR A 395 -31.39 -80.31 22.30
CA THR A 395 -31.42 -81.76 22.36
C THR A 395 -31.88 -82.19 23.75
N VAL A 396 -32.91 -83.02 23.81
CA VAL A 396 -33.42 -83.54 25.08
C VAL A 396 -33.56 -85.05 24.95
N SER A 397 -33.06 -85.77 25.96
CA SER A 397 -33.20 -87.22 26.02
C SER A 397 -33.72 -87.60 27.40
N VAL A 398 -34.73 -88.47 27.41
CA VAL A 398 -35.36 -88.94 28.63
C VAL A 398 -35.35 -90.47 28.61
N ALA A 399 -34.91 -91.07 29.71
CA ALA A 399 -34.88 -92.53 29.86
C ALA A 399 -35.76 -92.91 31.02
N ILE A 400 -36.67 -93.87 30.78
CA ILE A 400 -37.66 -94.30 31.76
C ILE A 400 -37.29 -95.69 32.25
N LYS A 401 -37.30 -95.86 33.57
CA LYS A 401 -36.96 -97.14 34.15
C LYS A 401 -38.02 -98.18 33.79
N ASP A 402 -37.55 -99.37 33.42
CA ASP A 402 -38.46 -100.47 33.11
C ASP A 402 -39.01 -101.08 34.39
N ARG A 403 -40.18 -101.69 34.27
CA ARG A 403 -40.85 -102.35 35.40
C ARG A 403 -41.04 -101.41 36.59
N PRO A 417 -40.86 -102.93 31.06
CA PRO A 417 -40.81 -101.84 30.09
C PRO A 417 -42.09 -101.00 30.08
N MET A 418 -42.16 -100.06 29.15
CA MET A 418 -43.31 -99.17 29.01
C MET A 418 -43.87 -99.28 27.60
N SER A 419 -45.19 -99.29 27.49
CA SER A 419 -45.85 -99.49 26.21
C SER A 419 -45.59 -98.31 25.29
N GLU A 420 -45.77 -98.56 23.98
CA GLU A 420 -45.53 -97.52 22.99
C GLU A 420 -46.51 -96.36 23.15
N SER A 421 -47.76 -96.66 23.51
CA SER A 421 -48.76 -95.60 23.66
C SER A 421 -48.37 -94.62 24.75
N GLU A 422 -47.94 -95.13 25.91
CA GLU A 422 -47.54 -94.24 26.99
C GLU A 422 -46.24 -93.51 26.68
N ILE A 423 -45.33 -94.16 25.95
CA ILE A 423 -44.10 -93.48 25.52
C ILE A 423 -44.45 -92.29 24.63
N ASN A 424 -45.37 -92.50 23.68
CA ASN A 424 -45.76 -91.41 22.80
C ASN A 424 -46.53 -90.33 23.56
N ALA A 425 -47.32 -90.71 24.56
CA ALA A 425 -48.01 -89.71 25.38
C ALA A 425 -47.02 -88.86 26.16
N ILE A 426 -46.00 -89.48 26.74
CA ILE A 426 -44.95 -88.73 27.43
C ILE A 426 -44.22 -87.82 26.45
N ARG A 427 -43.96 -88.31 25.24
CA ARG A 427 -43.33 -87.48 24.23
C ARG A 427 -44.20 -86.28 23.88
N GLN A 428 -45.52 -86.49 23.79
CA GLN A 428 -46.42 -85.38 23.50
C GLN A 428 -46.42 -84.35 24.63
N VAL A 429 -46.38 -84.81 25.89
CA VAL A 429 -46.31 -83.87 27.01
C VAL A 429 -45.01 -83.07 26.95
N LEU A 430 -43.89 -83.75 26.68
CA LEU A 430 -42.61 -83.07 26.59
C LEU A 430 -42.62 -82.04 25.47
N ILE A 431 -43.24 -82.37 24.35
CA ILE A 431 -43.45 -81.41 23.27
C ILE A 431 -44.45 -80.37 23.75
N GLY A 432 -43.96 -79.22 24.17
CA GLY A 432 -44.79 -78.27 24.87
C GLY A 432 -44.27 -78.03 26.26
N THR A 433 -43.84 -79.10 26.94
CA THR A 433 -43.08 -78.90 28.17
C THR A 433 -41.75 -78.20 27.88
N VAL A 434 -41.06 -78.61 26.82
CA VAL A 434 -39.77 -78.03 26.48
C VAL A 434 -39.87 -76.99 25.36
N GLY A 435 -40.90 -77.03 24.55
CA GLY A 435 -41.00 -76.16 23.39
C GLY A 435 -40.30 -76.76 22.19
N PHE A 436 -40.61 -78.02 21.90
CA PHE A 436 -39.96 -78.72 20.81
C PHE A 436 -40.17 -78.00 19.48
N ASP A 437 -39.09 -77.82 18.73
CA ASP A 437 -39.11 -77.08 17.47
C ASP A 437 -38.26 -77.87 16.47
N GLN A 438 -38.91 -78.74 15.72
CA GLN A 438 -38.19 -79.59 14.78
C GLN A 438 -37.55 -78.77 13.66
N GLY A 439 -38.24 -77.72 13.20
CA GLY A 439 -37.69 -76.88 12.16
C GLY A 439 -36.40 -76.20 12.54
N ARG A 440 -36.15 -76.03 13.84
CA ARG A 440 -34.90 -75.48 14.32
C ARG A 440 -33.78 -76.52 14.35
N GLY A 441 -34.10 -77.79 14.15
CA GLY A 441 -33.14 -78.85 14.28
C GLY A 441 -33.13 -79.53 15.62
N ASP A 442 -34.10 -79.24 16.49
CA ASP A 442 -34.14 -79.83 17.82
C ASP A 442 -34.42 -81.32 17.72
N LEU A 443 -34.05 -82.03 18.77
CA LEU A 443 -34.18 -83.48 18.83
C LEU A 443 -34.66 -83.90 20.21
N LEU A 444 -35.60 -84.83 20.24
CA LEU A 444 -36.21 -85.30 21.48
C LEU A 444 -36.27 -86.82 21.43
N ASN A 445 -35.49 -87.48 22.29
CA ASN A 445 -35.48 -88.93 22.40
C ASN A 445 -36.13 -89.34 23.71
N VAL A 446 -37.06 -90.30 23.64
CA VAL A 446 -37.66 -90.88 24.83
C VAL A 446 -37.50 -92.40 24.71
N LEU A 447 -36.78 -92.99 25.66
CA LEU A 447 -36.47 -94.41 25.63
C LEU A 447 -36.90 -95.05 26.94
N SER A 448 -37.12 -96.37 26.88
CA SER A 448 -37.40 -97.17 28.07
C SER A 448 -36.21 -98.10 28.29
N VAL A 449 -35.43 -97.85 29.34
CA VAL A 449 -34.20 -98.58 29.60
C VAL A 449 -34.31 -99.25 30.96
N LYS A 450 -33.37 -100.15 31.22
CA LYS A 450 -33.33 -100.93 32.47
C LYS A 450 -32.34 -100.27 33.41
N PHE A 451 -32.85 -99.66 34.47
CA PHE A 451 -31.98 -99.08 35.49
C PHE A 451 -31.36 -100.18 36.33
N ALA A 452 -30.12 -99.97 36.75
CA ALA A 452 -29.40 -100.93 37.56
C ALA A 452 -29.55 -100.58 39.05
N ALA B 255 -0.57 -62.29 24.93
CA ALA B 255 -1.60 -63.10 24.27
C ALA B 255 -1.51 -64.56 24.69
N SER B 256 -0.34 -65.00 25.15
CA SER B 256 -0.20 -66.38 25.59
C SER B 256 -1.06 -66.65 26.83
N ALA B 257 -1.26 -65.63 27.66
CA ALA B 257 -2.22 -65.78 28.76
C ALA B 257 -3.63 -66.01 28.22
N ALA B 258 -3.97 -65.34 27.12
CA ALA B 258 -5.25 -65.60 26.47
C ALA B 258 -5.34 -67.03 25.98
N ARG B 259 -4.25 -67.55 25.41
CA ARG B 259 -4.24 -68.94 24.97
C ARG B 259 -4.41 -69.90 26.14
N ARG B 260 -3.77 -69.60 27.26
CA ARG B 260 -3.93 -70.40 28.47
C ARG B 260 -5.38 -70.43 28.92
N LYS B 261 -6.04 -69.26 28.92
CA LYS B 261 -7.44 -69.22 29.33
C LYS B 261 -8.34 -69.92 28.32
N GLU B 262 -7.95 -69.93 27.04
CA GLU B 262 -8.69 -70.73 26.06
C GLU B 262 -8.60 -72.22 26.37
N GLN B 263 -7.40 -72.69 26.74
CA GLN B 263 -7.26 -74.07 27.18
C GLN B 263 -8.14 -74.34 28.40
N GLU B 264 -8.18 -73.39 29.31
CA GLU B 264 -9.04 -73.53 30.49
C GLU B 264 -10.51 -73.66 30.10
N LEU B 265 -10.94 -72.85 29.13
CA LEU B 265 -12.33 -72.93 28.66
C LEU B 265 -12.62 -74.31 28.07
N GLU B 266 -11.71 -74.82 27.24
CA GLU B 266 -11.92 -76.13 26.65
C GLU B 266 -12.02 -77.20 27.73
N ARG B 267 -11.12 -77.16 28.71
CA ARG B 267 -11.15 -78.15 29.79
C ARG B 267 -12.43 -78.04 30.61
N SER B 268 -12.90 -76.82 30.84
CA SER B 268 -14.15 -76.62 31.57
C SER B 268 -15.34 -77.23 30.83
N GLN B 269 -15.38 -77.01 29.52
CA GLN B 269 -16.44 -77.61 28.71
C GLN B 269 -16.41 -79.13 28.80
N GLU B 270 -15.20 -79.71 28.68
CA GLU B 270 -15.07 -81.16 28.79
C GLU B 270 -15.55 -81.65 30.14
N GLN B 271 -15.20 -80.92 31.20
CA GLN B 271 -15.62 -81.34 32.55
C GLN B 271 -17.13 -81.29 32.69
N ALA B 272 -17.76 -80.24 32.16
CA ALA B 272 -19.22 -80.12 32.24
C ALA B 272 -19.89 -81.28 31.49
N LEU B 273 -19.39 -81.59 30.30
CA LEU B 273 -19.96 -82.70 29.55
C LEU B 273 -19.78 -84.02 30.30
N ARG B 274 -18.61 -84.21 30.92
CA ARG B 274 -18.41 -85.42 31.72
C ARG B 274 -19.38 -85.48 32.88
N GLU B 275 -19.64 -84.33 33.52
CA GLU B 275 -20.60 -84.30 34.62
C GLU B 275 -21.98 -84.72 34.15
N LYS B 276 -22.41 -84.21 33.00
CA LYS B 276 -23.71 -84.60 32.45
C LYS B 276 -23.74 -86.09 32.13
N ILE B 277 -22.66 -86.62 31.55
CA ILE B 277 -22.59 -88.04 31.24
C ILE B 277 -22.74 -88.86 32.51
N ASP B 278 -22.05 -88.46 33.58
CA ASP B 278 -22.20 -89.15 34.85
C ASP B 278 -23.62 -89.06 35.37
N SER B 279 -24.22 -87.87 35.30
CA SER B 279 -25.57 -87.68 35.82
C SER B 279 -26.58 -88.57 35.11
N VAL B 280 -26.32 -88.91 33.85
CA VAL B 280 -27.20 -89.80 33.10
C VAL B 280 -26.87 -91.26 33.36
N LEU B 281 -25.58 -91.64 33.37
CA LEU B 281 -25.24 -93.06 33.38
C LEU B 281 -25.15 -93.66 34.77
N LEU B 282 -24.89 -92.85 35.80
CA LEU B 282 -24.77 -93.38 37.16
C LEU B 282 -26.04 -94.08 37.62
N PRO B 283 -27.26 -93.52 37.45
CA PRO B 283 -28.46 -94.30 37.77
C PRO B 283 -28.64 -95.52 36.87
N ILE B 284 -28.44 -95.34 35.57
CA ILE B 284 -28.75 -96.40 34.62
C ILE B 284 -27.81 -97.59 34.79
N LEU B 285 -26.50 -97.33 34.85
CA LEU B 285 -25.53 -98.42 34.88
C LEU B 285 -25.05 -98.73 36.29
N GLY B 286 -24.83 -97.73 37.11
CA GLY B 286 -24.32 -97.91 38.46
C GLY B 286 -22.96 -97.26 38.63
N TYR B 287 -22.43 -97.41 39.84
CA TYR B 287 -21.16 -96.79 40.19
C TYR B 287 -20.02 -97.74 39.85
N GLY B 288 -19.10 -97.29 39.02
CA GLY B 288 -17.95 -98.08 38.66
C GLY B 288 -18.18 -99.10 37.56
N ASN B 289 -19.36 -99.14 36.96
CA ASN B 289 -19.65 -100.05 35.86
C ASN B 289 -19.39 -99.44 34.50
N TYR B 290 -18.89 -98.20 34.45
CA TYR B 290 -18.66 -97.53 33.18
C TYR B 290 -17.49 -96.58 33.34
N THR B 291 -16.90 -96.20 32.20
CA THR B 291 -15.92 -95.13 32.15
C THR B 291 -16.15 -94.34 30.87
N ALA B 292 -16.00 -93.02 30.95
CA ALA B 292 -16.25 -92.17 29.80
C ALA B 292 -15.33 -90.97 29.84
N GLN B 293 -14.83 -90.59 28.67
CA GLN B 293 -14.00 -89.40 28.53
C GLN B 293 -14.48 -88.61 27.31
N VAL B 294 -14.28 -87.29 27.36
CA VAL B 294 -14.81 -86.37 26.37
C VAL B 294 -13.69 -85.48 25.88
N ASP B 295 -13.57 -85.34 24.56
CA ASP B 295 -12.65 -84.40 23.94
C ASP B 295 -13.44 -83.33 23.21
N ILE B 296 -13.15 -82.07 23.52
CA ILE B 296 -13.81 -80.94 22.89
C ILE B 296 -12.75 -80.05 22.26
N GLN B 297 -12.85 -79.84 20.96
CA GLN B 297 -11.97 -78.94 20.22
C GLN B 297 -12.75 -77.68 19.89
N MET B 298 -12.20 -76.53 20.28
CA MET B 298 -12.89 -75.25 20.10
C MET B 298 -12.05 -74.32 19.24
N ASP B 299 -12.68 -73.75 18.22
CA ASP B 299 -12.04 -72.75 17.37
C ASP B 299 -12.20 -71.38 18.02
N PHE B 300 -11.15 -70.57 17.90
CA PHE B 300 -11.13 -69.23 18.48
C PHE B 300 -10.75 -68.20 17.43
N SER B 301 -11.23 -68.38 16.21
CA SER B 301 -10.99 -67.41 15.15
C SER B 301 -11.77 -66.12 15.45
N ALA B 302 -11.57 -65.12 14.60
CA ALA B 302 -12.19 -63.82 14.74
C ALA B 302 -12.86 -63.41 13.43
N VAL B 303 -13.69 -64.30 12.89
CA VAL B 303 -14.37 -64.02 11.63
C VAL B 303 -15.28 -62.81 11.76
N GLU B 304 -15.34 -62.02 10.70
CA GLU B 304 -16.17 -60.82 10.67
C GLU B 304 -16.53 -60.55 9.22
N GLN B 305 -17.78 -60.82 8.84
CA GLN B 305 -18.19 -60.88 7.45
C GLN B 305 -19.18 -59.76 7.14
N THR B 306 -19.10 -59.24 5.91
CA THR B 306 -20.04 -58.24 5.41
C THR B 306 -20.53 -58.69 4.05
N ARG B 307 -21.83 -58.86 3.91
CA ARG B 307 -22.44 -59.37 2.68
C ARG B 307 -23.36 -58.31 2.11
N LYS B 308 -23.24 -58.07 0.81
CA LYS B 308 -24.09 -57.12 0.09
C LYS B 308 -24.74 -57.89 -1.07
N ARG B 309 -26.01 -58.20 -0.91
CA ARG B 309 -26.73 -59.05 -1.85
C ARG B 309 -27.82 -58.26 -2.56
N PHE B 310 -28.02 -58.58 -3.83
CA PHE B 310 -29.03 -57.94 -4.68
C PHE B 310 -30.05 -58.97 -5.13
N ASP B 311 -31.05 -58.51 -5.87
CA ASP B 311 -32.11 -59.37 -6.38
C ASP B 311 -32.25 -59.15 -7.88
N PRO B 312 -31.54 -59.93 -8.70
CA PRO B 312 -31.52 -59.66 -10.14
C PRO B 312 -32.88 -59.79 -10.81
N ASN B 313 -33.76 -60.64 -10.31
CA ASN B 313 -34.96 -61.02 -11.03
C ASN B 313 -36.17 -60.12 -10.77
N THR B 314 -36.05 -59.11 -9.90
CA THR B 314 -37.13 -58.16 -9.64
C THR B 314 -36.59 -56.74 -9.67
N PRO B 315 -36.22 -56.23 -10.85
CA PRO B 315 -35.82 -54.83 -10.94
C PRO B 315 -37.03 -53.91 -11.08
N ALA B 316 -36.83 -52.66 -10.66
CA ALA B 316 -37.86 -51.64 -10.74
C ALA B 316 -37.33 -50.47 -11.56
N THR B 317 -37.99 -50.18 -12.68
CA THR B 317 -37.50 -49.12 -13.55
C THR B 317 -37.73 -47.76 -12.93
N ARG B 318 -36.67 -46.97 -12.81
CA ARG B 318 -36.73 -45.64 -12.23
C ARG B 318 -36.98 -44.57 -13.29
N SER B 319 -36.15 -44.52 -14.32
CA SER B 319 -36.34 -43.65 -15.47
C SER B 319 -36.17 -44.49 -16.72
N GLU B 320 -36.75 -44.02 -17.82
CA GLU B 320 -36.75 -44.80 -19.04
C GLU B 320 -36.85 -43.88 -20.24
N TYR B 321 -36.03 -44.14 -21.25
CA TYR B 321 -36.09 -43.47 -22.54
C TYR B 321 -36.19 -44.54 -23.62
N ALA B 322 -37.02 -44.30 -24.63
CA ALA B 322 -37.23 -45.28 -25.69
C ALA B 322 -37.55 -44.53 -26.97
N LEU B 323 -36.63 -44.58 -27.93
CA LEU B 323 -36.82 -44.02 -29.26
C LEU B 323 -36.94 -45.15 -30.27
N GLU B 324 -37.98 -45.11 -31.09
CA GLU B 324 -38.28 -46.19 -32.04
C GLU B 324 -38.84 -45.57 -33.32
N ASP B 325 -37.97 -45.34 -34.30
CA ASP B 325 -38.38 -44.74 -35.56
C ASP B 325 -38.20 -45.73 -36.71
N TYR B 326 -39.06 -45.59 -37.72
CA TYR B 326 -39.05 -46.45 -38.91
C TYR B 326 -38.92 -45.57 -40.15
N ASN B 327 -38.80 -46.22 -41.30
CA ASN B 327 -38.78 -45.53 -42.58
C ASN B 327 -39.26 -46.46 -43.70
N GLY B 365 -37.47 -51.45 -44.47
CA GLY B 365 -36.70 -50.22 -44.45
C GLY B 365 -35.91 -50.03 -43.16
N SER B 366 -35.48 -48.79 -42.94
CA SER B 366 -34.72 -48.48 -41.74
C SER B 366 -35.57 -48.68 -40.49
N VAL B 367 -34.99 -49.30 -39.47
CA VAL B 367 -35.65 -49.52 -38.19
C VAL B 367 -34.61 -49.27 -37.11
N ARG B 368 -34.74 -48.15 -36.40
CA ARG B 368 -33.81 -47.77 -35.34
C ARG B 368 -34.52 -47.85 -34.00
N LYS B 369 -33.96 -48.63 -33.07
CA LYS B 369 -34.58 -48.86 -31.76
C LYS B 369 -33.58 -48.50 -30.67
N GLU B 370 -33.52 -47.23 -30.30
CA GLU B 370 -32.70 -46.80 -29.19
C GLU B 370 -33.46 -46.95 -27.88
N SER B 371 -32.72 -47.17 -26.80
CA SER B 371 -33.34 -47.38 -25.49
C SER B 371 -32.32 -47.12 -24.41
N THR B 372 -32.77 -46.47 -23.33
CA THR B 372 -31.96 -46.24 -22.14
C THR B 372 -32.84 -46.51 -20.94
N ARG B 373 -32.29 -47.19 -19.93
CA ARG B 373 -33.09 -47.63 -18.80
C ARG B 373 -32.25 -47.60 -17.54
N ASN B 374 -32.83 -47.10 -16.45
CA ASN B 374 -32.21 -47.09 -15.14
C ASN B 374 -33.06 -47.93 -14.18
N PHE B 375 -32.41 -48.69 -13.32
CA PHE B 375 -33.11 -49.65 -12.47
C PHE B 375 -32.80 -49.39 -11.01
N GLU B 376 -33.72 -49.84 -10.16
CA GLU B 376 -33.57 -49.91 -8.72
C GLU B 376 -33.77 -51.36 -8.30
N LEU B 377 -32.89 -51.84 -7.42
CA LEU B 377 -32.84 -53.25 -7.07
C LEU B 377 -32.92 -53.44 -5.56
N ASP B 378 -33.47 -54.57 -5.14
CA ASP B 378 -33.50 -54.90 -3.72
C ASP B 378 -32.08 -55.09 -3.22
N THR B 379 -31.75 -54.41 -2.13
CA THR B 379 -30.38 -54.39 -1.61
C THR B 379 -30.41 -54.79 -0.15
N THR B 380 -29.77 -55.91 0.16
CA THR B 380 -29.60 -56.36 1.53
C THR B 380 -28.13 -56.23 1.92
N ILE B 381 -27.86 -55.62 3.06
CA ILE B 381 -26.49 -55.42 3.55
C ILE B 381 -26.45 -55.95 4.97
N SER B 382 -25.84 -57.11 5.16
CA SER B 382 -25.79 -57.78 6.45
C SER B 382 -24.35 -57.86 6.95
N HIS B 383 -24.11 -57.37 8.15
CA HIS B 383 -22.80 -57.43 8.79
C HIS B 383 -22.90 -58.39 9.97
N GLU B 384 -22.17 -59.51 9.87
CA GLU B 384 -22.18 -60.55 10.88
C GLU B 384 -20.81 -60.62 11.56
N ARG B 385 -20.82 -60.89 12.87
CA ARG B 385 -19.58 -61.04 13.62
C ARG B 385 -19.70 -62.29 14.48
N LYS B 386 -19.02 -63.34 14.07
CA LYS B 386 -19.15 -64.63 14.74
C LYS B 386 -18.55 -64.58 16.14
N GLN B 387 -19.11 -65.38 17.03
CA GLN B 387 -18.52 -65.55 18.35
C GLN B 387 -17.18 -66.27 18.25
N THR B 388 -16.22 -65.85 19.07
CA THR B 388 -14.86 -66.34 18.99
C THR B 388 -14.77 -67.85 19.22
N GLY B 389 -15.03 -68.30 20.44
CA GLY B 389 -14.87 -69.70 20.77
C GLY B 389 -16.09 -70.54 20.48
N THR B 390 -16.00 -71.39 19.46
CA THR B 390 -17.11 -72.27 19.09
C THR B 390 -16.61 -73.70 19.01
N VAL B 391 -17.41 -74.63 19.53
CA VAL B 391 -17.07 -76.05 19.50
C VAL B 391 -17.07 -76.52 18.04
N ALA B 392 -15.87 -76.78 17.50
CA ALA B 392 -15.76 -77.21 16.11
C ALA B 392 -15.91 -78.71 15.95
N ARG B 393 -15.53 -79.49 16.97
CA ARG B 393 -15.65 -80.93 16.92
C ARG B 393 -15.72 -81.46 18.34
N GLN B 394 -16.55 -82.48 18.54
CA GLN B 394 -16.74 -83.07 19.85
C GLN B 394 -16.65 -84.58 19.74
N THR B 395 -15.84 -85.18 20.60
CA THR B 395 -15.61 -86.63 20.62
C THR B 395 -15.94 -87.16 22.00
N VAL B 396 -16.80 -88.17 22.06
CA VAL B 396 -17.19 -88.80 23.33
C VAL B 396 -17.05 -90.30 23.16
N SER B 397 -16.40 -90.95 24.13
CA SER B 397 -16.26 -92.40 24.15
C SER B 397 -16.68 -92.91 25.53
N VAL B 398 -17.52 -93.95 25.54
CA VAL B 398 -18.02 -94.55 26.76
C VAL B 398 -17.73 -96.05 26.70
N ALA B 399 -17.16 -96.60 27.76
CA ALA B 399 -16.86 -98.02 27.87
C ALA B 399 -17.64 -98.59 29.04
N ILE B 400 -18.36 -99.68 28.79
CA ILE B 400 -19.23 -100.31 29.77
C ILE B 400 -18.61 -101.62 30.21
N LYS B 401 -18.55 -101.82 31.53
CA LYS B 401 -17.97 -103.05 32.07
C LYS B 401 -18.83 -104.25 31.70
N ASP B 402 -18.17 -105.32 31.28
CA ASP B 402 -18.88 -106.56 30.96
C ASP B 402 -19.27 -107.28 32.23
N ARG B 403 -20.32 -108.10 32.13
CA ARG B 403 -20.83 -108.89 33.25
C ARG B 403 -21.15 -108.03 34.46
N PRO B 417 -20.85 -109.37 28.90
CA PRO B 417 -21.02 -108.26 27.96
C PRO B 417 -22.42 -107.66 28.00
N MET B 418 -22.70 -106.71 27.09
CA MET B 418 -23.99 -106.05 27.01
C MET B 418 -24.55 -106.23 25.61
N SER B 419 -25.86 -106.47 25.53
CA SER B 419 -26.50 -106.75 24.26
C SER B 419 -26.49 -105.52 23.36
N GLU B 420 -26.64 -105.77 22.06
CA GLU B 420 -26.63 -104.69 21.09
C GLU B 420 -27.80 -103.72 21.31
N SER B 421 -28.97 -104.24 21.68
CA SER B 421 -30.13 -103.39 21.89
C SER B 421 -29.90 -102.39 23.00
N GLU B 422 -29.34 -102.84 24.13
CA GLU B 422 -29.09 -101.92 25.23
C GLU B 422 -27.94 -100.96 24.91
N ILE B 423 -26.96 -101.41 24.15
CA ILE B 423 -25.89 -100.52 23.71
C ILE B 423 -26.46 -99.39 22.86
N ASN B 424 -27.36 -99.73 21.93
CA ASN B 424 -27.96 -98.71 21.09
C ASN B 424 -28.89 -97.81 21.89
N ALA B 425 -29.57 -98.34 22.90
CA ALA B 425 -30.41 -97.51 23.76
C ALA B 425 -29.56 -96.51 24.54
N ILE B 426 -28.43 -96.96 25.08
CA ILE B 426 -27.52 -96.05 25.77
C ILE B 426 -26.99 -94.99 24.80
N ARG B 427 -26.67 -95.40 23.58
CA ARG B 427 -26.24 -94.44 22.57
C ARG B 427 -27.32 -93.41 22.28
N GLN B 428 -28.58 -93.85 22.22
CA GLN B 428 -29.68 -92.92 21.98
C GLN B 428 -29.83 -91.93 23.14
N VAL B 429 -29.67 -92.40 24.38
CA VAL B 429 -29.74 -91.50 25.52
C VAL B 429 -28.60 -90.48 25.46
N LEU B 430 -27.39 -90.94 25.15
CA LEU B 430 -26.26 -90.03 25.05
C LEU B 430 -26.48 -89.00 23.97
N ILE B 431 -27.07 -89.41 22.85
CA ILE B 431 -27.46 -88.47 21.80
C ILE B 431 -28.63 -87.65 22.33
N GLY B 432 -28.33 -86.43 22.78
CA GLY B 432 -29.31 -85.67 23.52
C GLY B 432 -28.80 -85.38 24.91
N THR B 433 -28.17 -86.36 25.55
CA THR B 433 -27.42 -86.07 26.76
C THR B 433 -26.25 -85.13 26.47
N VAL B 434 -25.54 -85.38 25.38
CA VAL B 434 -24.38 -84.56 25.03
C VAL B 434 -24.69 -83.53 23.95
N GLY B 435 -25.72 -83.75 23.15
CA GLY B 435 -25.99 -82.87 22.03
C GLY B 435 -25.23 -83.30 20.79
N PHE B 436 -25.33 -84.59 20.47
CA PHE B 436 -24.58 -85.13 19.35
C PHE B 436 -24.95 -84.43 18.05
N ASP B 437 -23.95 -84.03 17.28
CA ASP B 437 -24.13 -83.28 16.04
C ASP B 437 -23.18 -83.88 15.00
N GLN B 438 -23.68 -84.84 14.23
CA GLN B 438 -22.85 -85.52 13.25
C GLN B 438 -22.40 -84.57 12.14
N GLY B 439 -23.27 -83.65 11.74
CA GLY B 439 -22.91 -82.70 10.70
C GLY B 439 -21.76 -81.80 11.08
N ARG B 440 -21.51 -81.62 12.38
CA ARG B 440 -20.36 -80.88 12.85
C ARG B 440 -19.08 -81.70 12.82
N GLY B 441 -19.18 -83.00 12.59
CA GLY B 441 -18.04 -83.87 12.66
C GLY B 441 -17.86 -84.57 13.99
N ASP B 442 -18.84 -84.47 14.88
CA ASP B 442 -18.74 -85.11 16.19
C ASP B 442 -18.77 -86.62 16.07
N LEU B 443 -18.24 -87.28 17.08
CA LEU B 443 -18.10 -88.73 17.10
C LEU B 443 -18.47 -89.25 18.48
N LEU B 444 -19.21 -90.35 18.50
CA LEU B 444 -19.69 -90.94 19.74
C LEU B 444 -19.48 -92.46 19.65
N ASN B 445 -18.58 -92.98 20.47
CA ASN B 445 -18.31 -94.40 20.54
C ASN B 445 -18.84 -94.96 21.85
N VAL B 446 -19.58 -96.06 21.77
CA VAL B 446 -20.03 -96.78 22.95
C VAL B 446 -19.61 -98.24 22.79
N LEU B 447 -18.77 -98.72 23.70
CA LEU B 447 -18.21 -100.05 23.63
C LEU B 447 -18.48 -100.80 24.92
N SER B 448 -18.46 -102.13 24.83
CA SER B 448 -18.56 -103.00 25.99
C SER B 448 -17.22 -103.70 26.16
N VAL B 449 -16.47 -103.34 27.20
CA VAL B 449 -15.12 -103.85 27.41
C VAL B 449 -15.07 -104.56 28.76
N LYS B 450 -13.97 -105.28 28.98
CA LYS B 450 -13.76 -106.07 30.18
C LYS B 450 -12.88 -105.27 31.13
N PHE B 451 -13.46 -104.78 32.23
CA PHE B 451 -12.69 -104.08 33.24
C PHE B 451 -11.86 -105.08 34.04
N ALA B 452 -10.66 -104.65 34.43
CA ALA B 452 -9.77 -105.49 35.20
C ALA B 452 -9.94 -105.22 36.69
N ALA C 255 11.31 -61.99 23.09
CA ALA C 255 10.43 -62.94 22.42
C ALA C 255 10.78 -64.37 22.80
N SER C 256 12.03 -64.60 23.22
CA SER C 256 12.42 -65.95 23.62
C SER C 256 11.66 -66.40 24.87
N ALA C 257 11.30 -65.46 25.73
CA ALA C 257 10.41 -65.80 26.84
C ALA C 257 9.06 -66.27 26.33
N ALA C 258 8.57 -65.64 25.25
CA ALA C 258 7.34 -66.12 24.63
C ALA C 258 7.50 -67.52 24.10
N ARG C 259 8.65 -67.82 23.49
CA ARG C 259 8.89 -69.18 23.01
C ARG C 259 8.93 -70.19 24.16
N ARG C 260 9.54 -69.80 25.27
CA ARG C 260 9.55 -70.65 26.46
C ARG C 260 8.14 -70.95 26.94
N LYS C 261 7.29 -69.92 26.99
CA LYS C 261 5.91 -70.14 27.43
C LYS C 261 5.12 -70.96 26.42
N GLU C 262 5.47 -70.88 25.13
CA GLU C 262 4.87 -71.77 24.14
C GLU C 262 5.23 -73.22 24.41
N GLN C 263 6.50 -73.48 24.74
CA GLN C 263 6.91 -74.82 25.14
C GLN C 263 6.12 -75.28 26.36
N GLU C 264 5.93 -74.37 27.32
CA GLU C 264 5.14 -74.70 28.50
C GLU C 264 3.71 -75.07 28.13
N LEU C 265 3.11 -74.33 27.21
CA LEU C 265 1.76 -74.65 26.75
C LEU C 265 1.70 -76.04 26.13
N GLU C 266 2.66 -76.36 25.26
CA GLU C 266 2.68 -77.67 24.64
C GLU C 266 2.80 -78.78 25.69
N ARG C 267 3.70 -78.60 26.65
CA ARG C 267 3.88 -79.59 27.70
C ARG C 267 2.63 -79.75 28.55
N SER C 268 1.94 -78.64 28.83
CA SER C 268 0.70 -78.69 29.60
C SER C 268 -0.37 -79.47 28.86
N GLN C 269 -0.49 -79.24 27.56
CA GLN C 269 -1.45 -79.99 26.76
C GLN C 269 -1.14 -81.48 26.80
N GLU C 270 0.14 -81.83 26.64
CA GLU C 270 0.54 -83.24 26.70
C GLU C 270 0.19 -83.84 28.05
N GLN C 271 0.44 -83.10 29.13
CA GLN C 271 0.14 -83.61 30.46
C GLN C 271 -1.36 -83.84 30.64
N ALA C 272 -2.18 -82.91 30.16
CA ALA C 272 -3.63 -83.07 30.27
C ALA C 272 -4.11 -84.29 29.51
N LEU C 273 -3.59 -84.49 28.29
CA LEU C 273 -3.97 -85.66 27.53
C LEU C 273 -3.53 -86.94 28.23
N ARG C 274 -2.34 -86.94 28.82
CA ARG C 274 -1.89 -88.10 29.57
C ARG C 274 -2.81 -88.38 30.76
N GLU C 275 -3.26 -87.32 31.44
CA GLU C 275 -4.17 -87.48 32.56
C GLU C 275 -5.47 -88.12 32.11
N LYS C 276 -6.02 -87.67 30.98
CA LYS C 276 -7.24 -88.28 30.45
C LYS C 276 -7.01 -89.75 30.08
N ILE C 277 -5.87 -90.05 29.47
CA ILE C 277 -5.55 -91.43 29.12
C ILE C 277 -5.53 -92.30 30.37
N ASP C 278 -4.89 -91.80 31.43
CA ASP C 278 -4.87 -92.54 32.68
C ASP C 278 -6.28 -92.72 33.23
N SER C 279 -7.08 -91.66 33.21
CA SER C 279 -8.42 -91.73 33.77
C SER C 279 -9.27 -92.77 33.05
N VAL C 280 -8.99 -93.02 31.78
CA VAL C 280 -9.71 -94.04 31.02
C VAL C 280 -9.13 -95.43 31.23
N LEU C 281 -7.80 -95.56 31.20
CA LEU C 281 -7.19 -96.89 31.16
C LEU C 281 -6.96 -97.50 32.53
N LEU C 282 -6.82 -96.68 33.57
CA LEU C 282 -6.58 -97.22 34.92
C LEU C 282 -7.69 -98.16 35.39
N PRO C 283 -8.98 -97.81 35.26
CA PRO C 283 -10.02 -98.81 35.58
C PRO C 283 -10.01 -100.01 34.65
N ILE C 284 -9.88 -99.77 33.35
CA ILE C 284 -10.01 -100.84 32.38
C ILE C 284 -8.87 -101.85 32.50
N LEU C 285 -7.63 -101.36 32.53
CA LEU C 285 -6.48 -102.25 32.51
C LEU C 285 -5.91 -102.51 33.90
N GLY C 286 -5.86 -101.50 34.74
CA GLY C 286 -5.29 -101.63 36.07
C GLY C 286 -4.06 -100.74 36.24
N TYR C 287 -3.48 -100.82 37.42
CA TYR C 287 -2.33 -100.00 37.77
C TYR C 287 -1.06 -100.72 37.38
N GLY C 288 -0.25 -100.09 36.54
CA GLY C 288 1.02 -100.65 36.13
C GLY C 288 0.94 -101.67 35.01
N ASN C 289 -0.23 -101.90 34.43
CA ASN C 289 -0.37 -102.82 33.31
C ASN C 289 -0.28 -102.14 31.96
N TYR C 290 0.00 -100.84 31.94
CA TYR C 290 0.07 -100.10 30.68
C TYR C 290 1.06 -98.95 30.85
N THR C 291 1.54 -98.45 29.71
CA THR C 291 2.30 -97.21 29.67
C THR C 291 1.90 -96.46 28.41
N ALA C 292 1.81 -95.14 28.54
CA ALA C 292 1.39 -94.31 27.42
C ALA C 292 2.08 -92.96 27.46
N GLN C 293 2.48 -92.46 26.30
CA GLN C 293 3.06 -91.14 26.17
C GLN C 293 2.42 -90.42 25.00
N VAL C 294 2.38 -89.09 25.08
CA VAL C 294 1.66 -88.26 24.13
C VAL C 294 2.59 -87.17 23.63
N ASP C 295 2.65 -86.98 22.32
CA ASP C 295 3.38 -85.88 21.71
C ASP C 295 2.38 -84.95 21.03
N ILE C 296 2.46 -83.66 21.36
CA ILE C 296 1.58 -82.65 20.79
C ILE C 296 2.44 -81.56 20.16
N GLN C 297 2.27 -81.35 18.87
CA GLN C 297 2.96 -80.28 18.14
C GLN C 297 1.95 -79.18 17.86
N MET C 298 2.30 -77.96 18.27
CA MET C 298 1.40 -76.82 18.15
C MET C 298 2.03 -75.74 17.30
N ASP C 299 1.27 -75.26 16.31
CA ASP C 299 1.69 -74.14 15.48
C ASP C 299 1.33 -72.84 16.16
N PHE C 300 2.20 -71.85 16.05
CA PHE C 300 2.00 -70.54 16.67
C PHE C 300 2.16 -69.44 15.64
N SER C 301 1.68 -69.67 14.43
CA SER C 301 1.72 -68.64 13.39
C SER C 301 0.72 -67.54 13.74
N ALA C 302 0.72 -66.48 12.92
CA ALA C 302 -0.12 -65.31 13.11
C ALA C 302 -0.89 -65.00 11.83
N VAL C 303 -1.56 -66.02 11.28
CA VAL C 303 -2.32 -65.84 10.04
C VAL C 303 -3.42 -64.82 10.24
N GLU C 304 -3.65 -64.01 9.19
CA GLU C 304 -4.68 -62.99 9.22
C GLU C 304 -5.11 -62.76 7.79
N GLN C 305 -6.31 -63.23 7.43
CA GLN C 305 -6.73 -63.32 6.05
C GLN C 305 -7.92 -62.41 5.79
N THR C 306 -7.97 -61.85 4.58
CA THR C 306 -9.09 -61.02 4.12
C THR C 306 -9.53 -61.52 2.76
N ARG C 307 -10.79 -61.92 2.65
CA ARG C 307 -11.32 -62.50 1.42
C ARG C 307 -12.44 -61.59 0.89
N LYS C 308 -12.39 -61.30 -0.40
CA LYS C 308 -13.42 -60.52 -1.07
C LYS C 308 -13.96 -61.35 -2.24
N ARG C 309 -15.14 -61.90 -2.06
CA ARG C 309 -15.73 -62.84 -3.01
C ARG C 309 -16.96 -62.24 -3.67
N PHE C 310 -17.13 -62.55 -4.95
CA PHE C 310 -18.25 -62.09 -5.75
C PHE C 310 -19.09 -63.28 -6.21
N ASP C 311 -20.18 -62.99 -6.92
CA ASP C 311 -21.08 -64.02 -7.43
C ASP C 311 -21.29 -63.78 -8.92
N PRO C 312 -20.47 -64.40 -9.77
CA PRO C 312 -20.54 -64.10 -11.20
C PRO C 312 -21.87 -64.45 -11.85
N ASN C 313 -22.57 -65.46 -11.35
CA ASN C 313 -23.71 -66.03 -12.06
C ASN C 313 -25.04 -65.36 -11.75
N THR C 314 -25.09 -64.39 -10.85
CA THR C 314 -26.32 -63.65 -10.54
C THR C 314 -26.05 -62.15 -10.54
N PRO C 315 -25.81 -61.56 -11.71
CA PRO C 315 -25.66 -60.10 -11.77
C PRO C 315 -27.01 -59.41 -11.85
N ALA C 316 -27.04 -58.16 -11.40
CA ALA C 316 -28.24 -57.33 -11.43
C ALA C 316 -27.95 -56.07 -12.23
N THR C 317 -28.67 -55.88 -13.33
CA THR C 317 -28.41 -54.73 -14.17
C THR C 317 -28.87 -53.44 -13.50
N ARG C 318 -27.95 -52.47 -13.38
CA ARG C 318 -28.24 -51.19 -12.77
C ARG C 318 -28.71 -50.16 -13.79
N SER C 319 -27.93 -49.93 -14.83
CA SER C 319 -28.30 -49.09 -15.95
C SER C 319 -28.03 -49.86 -17.23
N GLU C 320 -28.71 -49.46 -18.30
CA GLU C 320 -28.59 -50.21 -19.54
C GLU C 320 -28.89 -49.28 -20.72
N TYR C 321 -28.07 -49.37 -21.75
CA TYR C 321 -28.29 -48.70 -23.02
C TYR C 321 -28.21 -49.73 -24.13
N ALA C 322 -29.10 -49.62 -25.11
CA ALA C 322 -29.16 -50.59 -26.19
C ALA C 322 -29.64 -49.88 -27.45
N LEU C 323 -28.75 -49.75 -28.43
CA LEU C 323 -29.07 -49.19 -29.73
C LEU C 323 -29.02 -50.30 -30.77
N GLU C 324 -30.07 -50.43 -31.58
CA GLU C 324 -30.20 -51.51 -32.54
C GLU C 324 -30.90 -50.97 -33.80
N ASP C 325 -30.12 -50.57 -34.79
CA ASP C 325 -30.66 -50.02 -36.02
C ASP C 325 -30.33 -50.94 -37.20
N TYR C 326 -31.23 -50.93 -38.19
CA TYR C 326 -31.09 -51.74 -39.40
C TYR C 326 -31.16 -50.82 -40.61
N ASN C 327 -30.96 -51.41 -41.79
CA ASN C 327 -31.08 -50.70 -43.05
C ASN C 327 -31.43 -51.67 -44.18
N GLY C 365 -28.79 -56.23 -45.14
CA GLY C 365 -28.26 -54.88 -45.10
C GLY C 365 -27.48 -54.58 -43.83
N SER C 366 -27.27 -53.30 -43.57
CA SER C 366 -26.54 -52.88 -42.38
C SER C 366 -27.32 -53.26 -41.12
N VAL C 367 -26.61 -53.80 -40.14
CA VAL C 367 -27.19 -54.16 -38.85
C VAL C 367 -26.18 -53.76 -37.78
N ARG C 368 -26.48 -52.70 -37.04
CA ARG C 368 -25.60 -52.19 -35.98
C ARG C 368 -26.26 -52.43 -34.64
N LYS C 369 -25.55 -53.11 -33.74
CA LYS C 369 -26.07 -53.48 -32.42
C LYS C 369 -25.12 -52.98 -31.35
N GLU C 370 -25.29 -51.72 -30.94
CA GLU C 370 -24.52 -51.19 -29.84
C GLU C 370 -25.22 -51.50 -28.51
N SER C 371 -24.42 -51.62 -27.46
CA SER C 371 -24.95 -51.97 -26.14
C SER C 371 -23.97 -51.55 -25.07
N THR C 372 -24.50 -51.02 -23.97
CA THR C 372 -23.71 -50.67 -22.79
C THR C 372 -24.49 -51.13 -21.58
N ARG C 373 -23.80 -51.72 -20.61
CA ARG C 373 -24.48 -52.33 -19.47
C ARG C 373 -23.63 -52.18 -18.22
N ASN C 374 -24.26 -51.82 -17.12
CA ASN C 374 -23.61 -51.74 -15.82
C ASN C 374 -24.28 -52.73 -14.87
N PHE C 375 -23.48 -53.39 -14.04
CA PHE C 375 -23.97 -54.47 -13.21
C PHE C 375 -23.68 -54.20 -11.74
N GLU C 376 -24.47 -54.84 -10.89
CA GLU C 376 -24.27 -54.92 -9.45
C GLU C 376 -24.20 -56.38 -9.07
N LEU C 377 -23.23 -56.72 -8.22
CA LEU C 377 -22.91 -58.10 -7.92
C LEU C 377 -22.92 -58.34 -6.42
N ASP C 378 -23.24 -59.57 -6.02
CA ASP C 378 -23.18 -59.94 -4.61
C ASP C 378 -21.73 -59.87 -4.14
N THR C 379 -21.50 -59.18 -3.04
CA THR C 379 -20.14 -58.92 -2.57
C THR C 379 -20.06 -59.35 -1.10
N THR C 380 -19.22 -60.35 -0.84
CA THR C 380 -18.94 -60.79 0.52
C THR C 380 -17.51 -60.42 0.87
N ILE C 381 -17.31 -59.79 2.02
CA ILE C 381 -16.00 -59.37 2.49
C ILE C 381 -15.82 -59.92 3.89
N SER C 382 -15.00 -60.95 4.03
CA SER C 382 -14.81 -61.63 5.31
C SER C 382 -13.37 -61.46 5.77
N HIS C 383 -13.18 -60.96 6.98
CA HIS C 383 -11.87 -60.81 7.59
C HIS C 383 -11.75 -61.80 8.74
N GLU C 384 -10.84 -62.76 8.59
CA GLU C 384 -10.64 -63.81 9.57
C GLU C 384 -9.27 -63.64 10.22
N ARG C 385 -9.18 -63.95 11.51
CA ARG C 385 -7.92 -63.89 12.23
C ARG C 385 -7.79 -65.16 13.06
N LYS C 386 -6.93 -66.08 12.60
CA LYS C 386 -6.83 -67.38 13.24
C LYS C 386 -6.19 -67.25 14.63
N GLN C 387 -6.58 -68.17 15.51
CA GLN C 387 -5.93 -68.25 16.81
C GLN C 387 -4.50 -68.72 16.64
N THR C 388 -3.61 -68.15 17.47
CA THR C 388 -2.18 -68.40 17.34
C THR C 388 -1.81 -69.86 17.52
N GLY C 389 -1.95 -70.38 18.74
CA GLY C 389 -1.53 -71.74 19.02
C GLY C 389 -2.60 -72.78 18.74
N THR C 390 -2.38 -73.58 17.69
CA THR C 390 -3.32 -74.62 17.31
C THR C 390 -2.58 -75.94 17.20
N VAL C 391 -3.18 -77.02 17.70
CA VAL C 391 -2.59 -78.34 17.61
C VAL C 391 -2.55 -78.77 16.15
N ALA C 392 -1.35 -78.79 15.57
CA ALA C 392 -1.19 -79.16 14.17
C ALA C 392 -1.07 -80.67 13.96
N ARG C 393 -0.53 -81.39 14.95
CA ARG C 393 -0.39 -82.82 14.86
C ARG C 393 -0.33 -83.39 16.27
N GLN C 394 -0.96 -84.55 16.45
CA GLN C 394 -1.00 -85.20 17.75
C GLN C 394 -0.64 -86.67 17.60
N THR C 395 0.29 -87.13 18.42
CA THR C 395 0.77 -88.51 18.39
C THR C 395 0.59 -89.13 19.77
N VAL C 396 -0.08 -90.28 19.82
CA VAL C 396 -0.31 -91.00 21.06
C VAL C 396 0.09 -92.46 20.85
N SER C 397 0.88 -92.99 21.78
CA SER C 397 1.26 -94.40 21.77
C SER C 397 0.97 -95.01 23.13
N VAL C 398 0.34 -96.17 23.13
CA VAL C 398 0.00 -96.90 24.34
C VAL C 398 0.54 -98.31 24.23
N ALA C 399 1.23 -98.77 25.27
CA ALA C 399 1.78 -100.12 25.33
C ALA C 399 1.15 -100.85 26.49
N ILE C 400 0.64 -102.05 26.23
CA ILE C 400 -0.09 -102.85 27.21
C ILE C 400 0.78 -104.04 27.60
N LYS C 401 0.91 -104.26 28.91
CA LYS C 401 1.70 -105.37 29.40
C LYS C 401 1.07 -106.70 29.01
N ASP C 402 1.90 -107.63 28.55
CA ASP C 402 1.43 -108.96 28.21
C ASP C 402 1.19 -109.77 29.47
N ARG C 403 0.31 -110.77 29.36
CA ARG C 403 -0.01 -111.67 30.47
C ARG C 403 -0.46 -110.90 31.72
N PRO C 417 -0.08 -112.02 26.11
CA PRO C 417 -0.46 -110.94 25.20
C PRO C 417 -1.95 -110.60 25.29
N MET C 418 -2.41 -109.71 24.42
CA MET C 418 -3.80 -109.28 24.38
C MET C 418 -4.36 -109.53 22.99
N SER C 419 -5.60 -110.00 22.94
CA SER C 419 -6.23 -110.36 21.67
C SER C 419 -6.45 -109.12 20.81
N GLU C 420 -6.60 -109.36 19.50
CA GLU C 420 -6.81 -108.27 18.56
C GLU C 420 -8.12 -107.54 18.84
N SER C 421 -9.16 -108.27 19.22
CA SER C 421 -10.46 -107.65 19.48
C SER C 421 -10.37 -106.64 20.62
N GLU C 422 -9.72 -107.02 21.72
CA GLU C 422 -9.61 -106.10 22.84
C GLU C 422 -8.66 -104.94 22.52
N ILE C 423 -7.63 -105.18 21.72
CA ILE C 423 -6.75 -104.10 21.29
C ILE C 423 -7.54 -103.08 20.49
N ASN C 424 -8.38 -103.55 19.57
CA ASN C 424 -9.18 -102.63 18.77
C ASN C 424 -10.24 -101.93 19.62
N ALA C 425 -10.79 -102.61 20.63
CA ALA C 425 -11.73 -101.96 21.53
C ALA C 425 -11.06 -100.85 22.32
N ILE C 426 -9.86 -101.09 22.82
CA ILE C 426 -9.10 -100.05 23.52
C ILE C 426 -8.81 -98.90 22.57
N ARG C 427 -8.46 -99.21 21.33
CA ARG C 427 -8.21 -98.16 20.34
C ARG C 427 -9.48 -97.34 20.11
N GLN C 428 -10.63 -97.99 20.05
CA GLN C 428 -11.89 -97.27 19.87
C GLN C 428 -12.19 -96.36 21.06
N VAL C 429 -11.91 -96.82 22.28
CA VAL C 429 -12.11 -95.98 23.45
C VAL C 429 -11.18 -94.76 23.39
N LEU C 430 -9.92 -94.99 23.05
CA LEU C 430 -8.96 -93.89 22.95
C LEU C 430 -9.40 -92.89 21.90
N ILE C 431 -9.94 -93.37 20.78
CA ILE C 431 -10.53 -92.50 19.77
C ILE C 431 -11.79 -91.91 20.36
N GLY C 432 -11.72 -90.67 20.83
CA GLY C 432 -12.80 -90.12 21.62
C GLY C 432 -12.31 -89.76 23.00
N THR C 433 -11.49 -90.64 23.60
CA THR C 433 -10.78 -90.24 24.80
C THR C 433 -9.80 -89.10 24.51
N VAL C 434 -9.08 -89.19 23.40
CA VAL C 434 -8.10 -88.17 23.04
C VAL C 434 -8.61 -87.19 22.00
N GLY C 435 -9.62 -87.56 21.22
CA GLY C 435 -10.08 -86.72 20.14
C GLY C 435 -9.28 -86.98 18.87
N PHE C 436 -9.15 -88.26 18.51
CA PHE C 436 -8.35 -88.64 17.36
C PHE C 436 -8.89 -87.97 16.09
N ASP C 437 -7.98 -87.38 15.31
CA ASP C 437 -8.33 -86.64 14.10
C ASP C 437 -7.32 -87.03 13.02
N GLN C 438 -7.66 -88.06 12.24
CA GLN C 438 -6.74 -88.55 11.22
C GLN C 438 -6.50 -87.50 10.13
N GLY C 439 -7.54 -86.74 9.77
CA GLY C 439 -7.39 -85.72 8.76
C GLY C 439 -6.40 -84.64 9.14
N ARG C 440 -6.16 -84.45 10.43
CA ARG C 440 -5.14 -83.52 10.90
C ARG C 440 -3.74 -84.09 10.82
N GLY C 441 -3.60 -85.38 10.55
CA GLY C 441 -2.32 -86.04 10.57
C GLY C 441 -1.99 -86.73 11.87
N ASP C 442 -2.95 -86.83 12.79
CA ASP C 442 -2.71 -87.47 14.08
C ASP C 442 -2.45 -88.96 13.91
N LEU C 443 -1.79 -89.54 14.89
CA LEU C 443 -1.40 -90.94 14.86
C LEU C 443 -1.63 -91.55 16.23
N LEU C 444 -2.16 -92.77 16.24
CA LEU C 444 -2.49 -93.48 17.47
C LEU C 444 -2.01 -94.91 17.33
N ASN C 445 -1.01 -95.28 18.12
CA ASN C 445 -0.48 -96.64 18.14
C ASN C 445 -0.87 -97.32 19.44
N VAL C 446 -1.40 -98.53 19.35
CA VAL C 446 -1.69 -99.36 20.51
C VAL C 446 -1.01 -100.70 20.30
N LEU C 447 -0.08 -101.04 21.18
CA LEU C 447 0.71 -102.26 21.05
C LEU C 447 0.61 -103.07 22.33
N SER C 448 0.88 -104.37 22.20
CA SER C 448 0.96 -105.27 23.34
C SER C 448 2.41 -105.74 23.46
N VAL C 449 3.11 -105.26 24.49
CA VAL C 449 4.53 -105.52 24.66
C VAL C 449 4.75 -106.25 25.98
N LYS C 450 5.96 -106.77 26.15
CA LYS C 450 6.35 -107.53 27.33
C LYS C 450 7.09 -106.61 28.29
N PHE C 451 6.45 -106.27 29.41
CA PHE C 451 7.12 -105.47 30.42
C PHE C 451 8.14 -106.32 31.17
N ALA C 452 9.25 -105.69 31.55
CA ALA C 452 10.30 -106.37 32.28
C ALA C 452 10.12 -106.17 33.78
N ALA D 255 22.89 -59.49 20.99
CA ALA D 255 22.16 -60.57 20.32
C ALA D 255 22.79 -61.93 20.65
N SER D 256 24.07 -61.94 21.04
CA SER D 256 24.70 -63.20 21.39
C SER D 256 24.06 -63.81 22.63
N ALA D 257 23.56 -62.97 23.54
CA ALA D 257 22.78 -63.49 24.65
C ALA D 257 21.53 -64.19 24.15
N ALA D 258 20.90 -63.63 23.11
CA ALA D 258 19.76 -64.30 22.50
C ALA D 258 20.15 -65.65 21.93
N ARG D 259 21.33 -65.73 21.28
CA ARG D 259 21.79 -67.00 20.76
C ARG D 259 22.04 -68.01 21.88
N ARG D 260 22.60 -67.54 22.98
CA ARG D 260 22.80 -68.41 24.14
C ARG D 260 21.47 -68.97 24.65
N LYS D 261 20.46 -68.11 24.74
CA LYS D 261 19.15 -68.59 25.21
C LYS D 261 18.50 -69.51 24.19
N GLU D 262 18.80 -69.34 22.90
CA GLU D 262 18.34 -70.30 21.90
C GLU D 262 18.97 -71.67 22.11
N GLN D 263 20.27 -71.69 22.41
CA GLN D 263 20.92 -72.95 22.76
C GLN D 263 20.26 -73.58 23.98
N GLU D 264 19.93 -72.74 24.97
CA GLU D 264 19.25 -73.24 26.16
C GLU D 264 17.90 -73.85 25.82
N LEU D 265 17.15 -73.21 24.93
CA LEU D 265 15.87 -73.76 24.49
C LEU D 265 16.04 -75.11 23.83
N GLU D 266 17.02 -75.24 22.93
CA GLU D 266 17.25 -76.52 22.28
C GLU D 266 17.60 -77.60 23.29
N ARG D 267 18.48 -77.29 24.23
CA ARG D 267 18.86 -78.26 25.25
C ARG D 267 17.68 -78.65 26.12
N SER D 268 16.82 -77.69 26.45
CA SER D 268 15.63 -77.99 27.24
C SER D 268 14.69 -78.93 26.50
N GLN D 269 14.50 -78.69 25.21
CA GLN D 269 13.68 -79.59 24.41
C GLN D 269 14.24 -81.00 24.40
N GLU D 270 15.56 -81.11 24.20
CA GLU D 270 16.21 -82.42 24.21
C GLU D 270 16.01 -83.11 25.55
N GLN D 271 16.14 -82.36 26.64
CA GLN D 271 15.99 -82.95 27.97
C GLN D 271 14.56 -83.45 28.17
N ALA D 272 13.57 -82.68 27.74
CA ALA D 272 12.18 -83.09 27.87
C ALA D 272 11.90 -84.36 27.09
N LEU D 273 12.42 -84.44 25.86
CA LEU D 273 12.23 -85.64 25.07
C LEU D 273 12.91 -86.84 25.72
N ARG D 274 14.10 -86.63 26.29
CA ARG D 274 14.76 -87.71 26.99
C ARG D 274 13.94 -88.17 28.19
N GLU D 275 13.34 -87.23 28.91
CA GLU D 275 12.49 -87.58 30.05
C GLU D 275 11.32 -88.44 29.61
N LYS D 276 10.68 -88.07 28.50
CA LYS D 276 9.57 -88.88 27.98
C LYS D 276 10.04 -90.26 27.57
N ILE D 277 11.20 -90.34 26.92
CA ILE D 277 11.76 -91.63 26.52
C ILE D 277 11.98 -92.52 27.74
N ASP D 278 12.53 -91.94 28.80
CA ASP D 278 12.72 -92.69 30.03
C ASP D 278 11.38 -93.14 30.61
N SER D 279 10.40 -92.24 30.64
CA SER D 279 9.11 -92.56 31.22
C SER D 279 8.44 -93.72 30.49
N VAL D 280 8.73 -93.88 29.20
CA VAL D 280 8.18 -94.99 28.44
C VAL D 280 9.02 -96.26 28.59
N LEU D 281 10.34 -96.16 28.53
CA LEU D 281 11.18 -97.35 28.43
C LEU D 281 11.55 -97.94 29.78
N LEU D 282 11.57 -97.15 30.85
CA LEU D 282 11.94 -97.66 32.17
C LEU D 282 11.03 -98.79 32.63
N PRO D 283 9.69 -98.69 32.55
CA PRO D 283 8.86 -99.85 32.86
C PRO D 283 9.06 -101.02 31.89
N ILE D 284 9.11 -100.72 30.60
CA ILE D 284 9.14 -101.78 29.60
C ILE D 284 10.45 -102.55 29.66
N LEU D 285 11.58 -101.86 29.69
CA LEU D 285 12.88 -102.52 29.61
C LEU D 285 13.52 -102.72 30.98
N GLY D 286 13.42 -101.73 31.85
CA GLY D 286 14.03 -101.78 33.16
C GLY D 286 15.08 -100.70 33.33
N TYR D 287 15.70 -100.71 34.50
CA TYR D 287 16.69 -99.69 34.84
C TYR D 287 18.07 -100.17 34.40
N GLY D 288 18.73 -99.37 33.56
CA GLY D 288 20.06 -99.69 33.11
C GLY D 288 20.14 -100.67 31.96
N ASN D 289 19.01 -101.10 31.41
CA ASN D 289 19.01 -102.01 30.26
C ASN D 289 18.95 -101.28 28.93
N TYR D 290 18.98 -99.95 28.94
CA TYR D 290 18.88 -99.18 27.71
C TYR D 290 19.66 -97.89 27.88
N THR D 291 20.00 -97.28 26.75
CA THR D 291 20.53 -95.92 26.73
C THR D 291 19.97 -95.21 25.50
N ALA D 292 19.64 -93.93 25.67
CA ALA D 292 19.04 -93.17 24.58
C ALA D 292 19.49 -91.73 24.66
N GLN D 293 19.76 -91.14 23.50
CA GLN D 293 20.10 -89.73 23.40
C GLN D 293 19.31 -89.11 22.26
N VAL D 294 19.03 -87.81 22.38
CA VAL D 294 18.15 -87.09 21.47
C VAL D 294 18.85 -85.84 20.99
N ASP D 295 18.84 -85.61 19.68
CA ASP D 295 19.34 -84.37 19.08
C ASP D 295 18.17 -83.62 18.45
N ILE D 296 18.03 -82.35 18.83
CA ILE D 296 16.96 -81.50 18.30
C ILE D 296 17.61 -80.27 17.69
N GLN D 297 17.37 -80.05 16.40
CA GLN D 297 17.83 -78.86 15.69
C GLN D 297 16.64 -77.95 15.47
N MET D 298 16.76 -76.70 15.91
CA MET D 298 15.66 -75.74 15.84
C MET D 298 16.07 -74.54 15.00
N ASP D 299 15.22 -74.18 14.04
CA ASP D 299 15.40 -72.98 13.24
C ASP D 299 14.82 -71.78 13.97
N PHE D 300 15.51 -70.65 13.87
CA PHE D 300 15.09 -69.42 14.53
C PHE D 300 15.02 -68.28 13.53
N SER D 301 14.56 -68.56 12.32
CA SER D 301 14.38 -67.52 11.32
C SER D 301 13.22 -66.61 11.72
N ALA D 302 13.00 -65.57 10.93
CA ALA D 302 11.97 -64.57 11.18
C ALA D 302 11.13 -64.38 9.92
N VAL D 303 10.63 -65.48 9.36
CA VAL D 303 9.83 -65.41 8.14
C VAL D 303 8.56 -64.60 8.39
N GLU D 304 8.16 -63.83 7.39
CA GLU D 304 6.96 -63.01 7.46
C GLU D 304 6.46 -62.83 6.04
N GLN D 305 5.36 -63.50 5.70
CA GLN D 305 4.91 -63.63 4.31
C GLN D 305 3.58 -62.93 4.11
N THR D 306 3.39 -62.37 2.92
CA THR D 306 2.14 -61.74 2.52
C THR D 306 1.76 -62.28 1.15
N ARG D 307 0.58 -62.90 1.05
CA ARG D 307 0.13 -63.52 -0.18
C ARG D 307 -1.13 -62.83 -0.65
N LYS D 308 -1.18 -62.51 -1.94
CA LYS D 308 -2.35 -61.91 -2.56
C LYS D 308 -2.75 -62.79 -3.73
N ARG D 309 -3.82 -63.55 -3.56
CA ARG D 309 -4.25 -64.55 -4.52
C ARG D 309 -5.59 -64.16 -5.14
N PHE D 310 -5.73 -64.48 -6.42
CA PHE D 310 -6.94 -64.20 -7.18
C PHE D 310 -7.57 -65.51 -7.65
N ASP D 311 -8.70 -65.40 -8.33
CA ASP D 311 -9.42 -66.56 -8.85
C ASP D 311 -9.71 -66.33 -10.33
N PRO D 312 -8.82 -66.78 -11.22
CA PRO D 312 -8.98 -66.45 -12.64
C PRO D 312 -10.24 -67.01 -13.27
N ASN D 313 -10.74 -68.15 -12.78
CA ASN D 313 -11.77 -68.90 -13.49
C ASN D 313 -13.19 -68.50 -13.12
N THR D 314 -13.39 -67.56 -12.20
CA THR D 314 -14.72 -67.07 -11.84
C THR D 314 -14.73 -65.54 -11.80
N PRO D 315 -14.63 -64.88 -12.95
CA PRO D 315 -14.74 -63.42 -12.98
C PRO D 315 -16.20 -62.99 -13.01
N ALA D 316 -16.44 -61.78 -12.52
CA ALA D 316 -17.78 -61.19 -12.49
C ALA D 316 -17.74 -59.87 -13.26
N THR D 317 -18.51 -59.78 -14.34
CA THR D 317 -18.48 -58.58 -15.16
C THR D 317 -19.15 -57.42 -14.44
N ARG D 318 -18.42 -56.30 -14.31
CA ARG D 318 -18.92 -55.10 -13.66
C ARG D 318 -19.59 -54.15 -14.63
N SER D 319 -18.88 -53.76 -15.69
CA SER D 319 -19.43 -52.97 -16.77
C SER D 319 -19.06 -53.64 -18.08
N GLU D 320 -19.83 -53.36 -19.12
CA GLU D 320 -19.61 -54.03 -20.39
C GLU D 320 -20.11 -53.15 -21.52
N TYR D 321 -19.31 -53.06 -22.58
CA TYR D 321 -19.68 -52.41 -23.82
C TYR D 321 -19.45 -53.38 -24.96
N ALA D 322 -20.38 -53.41 -25.92
CA ALA D 322 -20.29 -54.35 -27.03
C ALA D 322 -20.92 -53.71 -28.25
N LEU D 323 -20.09 -53.39 -29.25
CA LEU D 323 -20.55 -52.87 -30.53
C LEU D 323 -20.32 -53.93 -31.60
N GLU D 324 -21.36 -54.21 -32.39
CA GLU D 324 -21.31 -55.28 -33.38
C GLU D 324 -22.13 -54.85 -34.60
N ASP D 325 -21.46 -54.28 -35.60
CA ASP D 325 -22.12 -53.82 -36.80
C ASP D 325 -21.67 -54.61 -38.02
N TYR D 326 -22.57 -54.75 -38.99
CA TYR D 326 -22.33 -55.49 -40.22
C TYR D 326 -22.59 -54.57 -41.41
N ASN D 327 -22.33 -55.10 -42.60
CA ASN D 327 -22.61 -54.38 -43.84
C ASN D 327 -22.80 -55.36 -44.99
N GLY D 365 -19.42 -59.36 -46.14
CA GLY D 365 -19.14 -57.94 -46.07
C GLY D 365 -18.39 -57.53 -44.81
N SER D 366 -18.40 -56.23 -44.52
CA SER D 366 -17.73 -55.72 -43.34
C SER D 366 -18.39 -56.26 -42.07
N VAL D 367 -17.57 -56.69 -41.12
CA VAL D 367 -18.04 -57.18 -39.82
C VAL D 367 -17.10 -56.64 -38.77
N ARG D 368 -17.56 -55.66 -37.99
CA ARG D 368 -16.77 -55.03 -36.94
C ARG D 368 -17.34 -55.43 -35.59
N LYS D 369 -16.48 -55.98 -34.72
CA LYS D 369 -16.89 -56.48 -33.41
C LYS D 369 -16.02 -55.84 -32.34
N GLU D 370 -16.41 -54.65 -31.89
CA GLU D 370 -15.71 -54.01 -30.79
C GLU D 370 -16.31 -54.48 -29.46
N SER D 371 -15.47 -54.47 -28.43
CA SER D 371 -15.90 -54.95 -27.11
C SER D 371 -14.98 -54.39 -26.05
N THR D 372 -15.56 -53.98 -24.93
CA THR D 372 -14.82 -53.54 -23.75
C THR D 372 -15.47 -54.15 -22.54
N ARG D 373 -14.66 -54.64 -21.60
CA ARG D 373 -15.20 -55.38 -20.47
C ARG D 373 -14.34 -55.12 -19.24
N ASN D 374 -15.01 -54.90 -18.10
CA ASN D 374 -14.36 -54.74 -16.82
C ASN D 374 -14.80 -55.85 -15.88
N PHE D 375 -13.87 -56.38 -15.09
CA PHE D 375 -14.14 -57.55 -14.28
C PHE D 375 -13.85 -57.28 -12.81
N GLU D 376 -14.51 -58.06 -11.97
CA GLU D 376 -14.25 -58.14 -10.53
C GLU D 376 -13.90 -59.57 -10.20
N LEU D 377 -12.87 -59.76 -9.38
CA LEU D 377 -12.30 -61.08 -9.13
C LEU D 377 -12.23 -61.34 -7.63
N ASP D 378 -12.31 -62.62 -7.26
CA ASP D 378 -12.14 -63.00 -5.87
C ASP D 378 -10.72 -62.69 -5.43
N THR D 379 -10.58 -61.98 -4.32
CA THR D 379 -9.29 -61.50 -3.85
C THR D 379 -9.08 -61.95 -2.42
N THR D 380 -8.08 -62.78 -2.20
CA THR D 380 -7.68 -63.21 -0.87
C THR D 380 -6.34 -62.59 -0.53
N ILE D 381 -6.24 -61.97 0.64
CA ILE D 381 -5.00 -61.33 1.09
C ILE D 381 -4.69 -61.87 2.47
N SER D 382 -3.69 -62.74 2.56
CA SER D 382 -3.33 -63.40 3.81
C SER D 382 -1.93 -62.99 4.24
N HIS D 383 -1.82 -62.50 5.47
CA HIS D 383 -0.54 -62.11 6.05
C HIS D 383 -0.22 -63.10 7.16
N GLU D 384 0.85 -63.88 6.97
CA GLU D 384 1.27 -64.90 7.91
C GLU D 384 2.60 -64.52 8.54
N ARG D 385 2.77 -64.83 9.82
CA ARG D 385 4.03 -64.55 10.52
C ARG D 385 4.40 -65.80 11.30
N LYS D 386 5.39 -66.54 10.80
CA LYS D 386 5.76 -67.81 11.39
C LYS D 386 6.38 -67.61 12.77
N GLN D 387 6.19 -68.61 13.63
CA GLN D 387 6.89 -68.61 14.91
C GLN D 387 8.38 -68.79 14.70
N THR D 388 9.17 -68.10 15.53
CA THR D 388 10.62 -68.08 15.35
C THR D 388 11.24 -69.46 15.49
N GLY D 389 11.23 -70.02 16.69
CA GLY D 389 11.90 -71.29 16.92
C GLY D 389 11.03 -72.49 16.63
N THR D 390 11.36 -73.22 15.56
CA THR D 390 10.61 -74.42 15.17
C THR D 390 11.58 -75.57 15.00
N VAL D 391 11.18 -76.75 15.48
CA VAL D 391 12.01 -77.95 15.35
C VAL D 391 12.09 -78.32 13.86
N ALA D 392 13.26 -78.11 13.26
CA ALA D 392 13.44 -78.41 11.84
C ALA D 392 13.83 -79.87 11.59
N ARG D 393 14.51 -80.49 12.55
CA ARG D 393 14.90 -81.89 12.41
C ARG D 393 15.10 -82.46 13.80
N GLN D 394 14.70 -83.73 13.96
CA GLN D 394 14.80 -84.41 15.24
C GLN D 394 15.42 -85.78 15.04
N THR D 395 16.44 -86.09 15.83
CA THR D 395 17.16 -87.35 15.74
C THR D 395 17.12 -88.02 17.11
N VAL D 396 16.68 -89.28 17.14
CA VAL D 396 16.62 -90.07 18.37
C VAL D 396 17.27 -91.41 18.10
N SER D 397 18.16 -91.82 19.00
CA SER D 397 18.79 -93.14 18.94
C SER D 397 18.65 -93.82 20.29
N VAL D 398 18.25 -95.09 20.27
CA VAL D 398 18.07 -95.89 21.47
C VAL D 398 18.85 -97.18 21.30
N ALA D 399 19.64 -97.53 22.31
CA ALA D 399 20.42 -98.75 22.31
C ALA D 399 19.97 -99.62 23.47
N ILE D 400 19.67 -100.89 23.18
CA ILE D 400 19.13 -101.83 24.16
C ILE D 400 20.21 -102.84 24.49
N LYS D 401 20.41 -103.07 25.79
CA LYS D 401 21.41 -104.04 26.22
C LYS D 401 21.01 -105.45 25.81
N ASP D 402 21.98 -106.20 25.31
CA ASP D 402 21.74 -107.59 24.94
C ASP D 402 21.70 -108.47 26.18
N ARG D 403 21.00 -109.59 26.06
CA ARG D 403 20.87 -110.57 27.15
C ARG D 403 20.33 -109.92 28.43
N PRO D 417 20.76 -110.82 22.78
CA PRO D 417 20.17 -109.80 21.92
C PRO D 417 18.64 -109.74 22.05
N MET D 418 18.00 -108.92 21.22
CA MET D 418 16.56 -108.76 21.22
C MET D 418 16.01 -109.06 19.83
N SER D 419 14.87 -109.74 19.79
CA SER D 419 14.29 -110.18 18.53
C SER D 419 13.82 -108.98 17.72
N GLU D 420 13.69 -109.21 16.40
CA GLU D 420 13.26 -108.15 15.50
C GLU D 420 11.85 -107.68 15.83
N SER D 421 10.97 -108.60 16.21
CA SER D 421 9.59 -108.22 16.51
C SER D 421 9.53 -107.25 17.69
N GLU D 422 10.26 -107.53 18.76
CA GLU D 422 10.23 -106.62 19.90
C GLU D 422 10.94 -105.32 19.60
N ILE D 423 11.98 -105.34 18.77
CA ILE D 423 12.64 -104.11 18.35
C ILE D 423 11.66 -103.23 17.59
N ASN D 424 10.89 -103.82 16.68
CA ASN D 424 9.91 -103.04 15.93
C ASN D 424 8.78 -102.57 16.82
N ALA D 425 8.39 -103.36 17.82
CA ALA D 425 7.36 -102.91 18.77
C ALA D 425 7.85 -101.71 19.57
N ILE D 426 9.09 -101.76 20.04
CA ILE D 426 9.66 -100.61 20.75
C ILE D 426 9.72 -99.40 19.83
N ARG D 427 10.09 -99.61 18.57
CA ARG D 427 10.11 -98.51 17.61
C ARG D 427 8.72 -97.92 17.42
N GLN D 428 7.69 -98.77 17.38
CA GLN D 428 6.33 -98.29 17.25
C GLN D 428 5.90 -97.48 18.47
N VAL D 429 6.28 -97.92 19.66
CA VAL D 429 5.97 -97.15 20.87
C VAL D 429 6.67 -95.78 20.82
N LEU D 430 7.95 -95.77 20.44
CA LEU D 430 8.68 -94.52 20.36
C LEU D 430 8.04 -93.58 19.35
N ILE D 431 7.56 -94.12 18.23
CA ILE D 431 6.80 -93.34 17.26
C ILE D 431 5.46 -93.01 17.89
N GLY D 432 5.33 -91.79 18.40
CA GLY D 432 4.20 -91.45 19.23
C GLY D 432 4.64 -91.07 20.61
N THR D 433 5.63 -91.79 21.16
CA THR D 433 6.29 -91.29 22.36
C THR D 433 7.03 -90.00 22.08
N VAL D 434 7.74 -89.92 20.95
CA VAL D 434 8.50 -88.73 20.60
C VAL D 434 7.78 -87.84 19.60
N GLY D 435 6.84 -88.36 18.83
CA GLY D 435 6.22 -87.60 17.79
C GLY D 435 7.01 -87.68 16.49
N PHE D 436 7.36 -88.89 16.09
CA PHE D 436 8.19 -89.09 14.91
C PHE D 436 7.51 -88.52 13.67
N ASP D 437 8.27 -87.74 12.89
CA ASP D 437 7.76 -87.04 11.71
C ASP D 437 8.80 -87.22 10.60
N GLN D 438 8.62 -88.27 9.80
CA GLN D 438 9.59 -88.57 8.74
C GLN D 438 9.60 -87.47 7.68
N GLY D 439 8.44 -86.90 7.36
CA GLY D 439 8.38 -85.84 6.38
C GLY D 439 9.16 -84.60 6.77
N ARG D 440 9.41 -84.41 8.06
CA ARG D 440 10.25 -83.32 8.54
C ARG D 440 11.73 -83.63 8.41
N GLY D 441 12.09 -84.87 8.10
CA GLY D 441 13.46 -85.29 8.08
C GLY D 441 13.95 -85.94 9.35
N ASP D 442 13.05 -86.24 10.29
CA ASP D 442 13.44 -86.84 11.55
C ASP D 442 13.95 -88.26 11.32
N LEU D 443 14.74 -88.73 12.28
CA LEU D 443 15.37 -90.03 12.20
C LEU D 443 15.29 -90.73 13.56
N LEU D 444 14.98 -92.02 13.53
CA LEU D 444 14.82 -92.79 14.75
C LEU D 444 15.54 -94.13 14.56
N ASN D 445 16.63 -94.33 15.31
CA ASN D 445 17.39 -95.57 15.28
C ASN D 445 17.15 -96.33 16.57
N VAL D 446 16.85 -97.62 16.46
CA VAL D 446 16.75 -98.52 17.60
C VAL D 446 17.65 -99.71 17.33
N LEU D 447 18.65 -99.90 18.19
CA LEU D 447 19.65 -100.95 18.00
C LEU D 447 19.73 -101.80 19.26
N SER D 448 20.21 -103.02 19.08
CA SER D 448 20.50 -103.93 20.20
C SER D 448 22.01 -104.12 20.27
N VAL D 449 22.64 -103.56 21.30
CA VAL D 449 24.08 -103.56 21.43
C VAL D 449 24.46 -104.27 22.72
N LYS D 450 25.76 -104.57 22.85
CA LYS D 450 26.30 -105.28 24.01
C LYS D 450 26.89 -104.26 24.96
N PHE D 451 26.24 -104.07 26.11
CA PHE D 451 26.78 -103.19 27.13
C PHE D 451 27.94 -103.85 27.84
N ALA D 452 28.93 -103.05 28.20
CA ALA D 452 30.11 -103.54 28.89
C ALA D 452 29.94 -103.42 30.41
N ALA E 255 33.75 -54.89 18.72
CA ALA E 255 33.23 -56.06 18.03
C ALA E 255 34.09 -57.30 18.31
N SER E 256 35.36 -57.09 18.67
CA SER E 256 36.22 -58.23 18.96
C SER E 256 35.74 -58.97 20.21
N ALA E 257 35.12 -58.26 21.15
CA ALA E 257 34.47 -58.94 22.26
C ALA E 257 33.35 -59.83 21.77
N ALA E 258 32.60 -59.38 20.76
CA ALA E 258 31.59 -60.22 20.15
C ALA E 258 32.21 -61.46 19.53
N ARG E 259 33.35 -61.32 18.86
CA ARG E 259 34.03 -62.47 18.29
C ARG E 259 34.49 -63.44 19.37
N ARG E 260 34.97 -62.91 20.48
CA ARG E 260 35.37 -63.75 21.62
C ARG E 260 34.17 -64.56 22.12
N LYS E 261 33.02 -63.90 22.27
CA LYS E 261 31.84 -64.62 22.75
C LYS E 261 31.34 -65.62 21.72
N GLU E 262 31.56 -65.36 20.42
CA GLU E 262 31.25 -66.36 19.41
C GLU E 262 32.12 -67.60 19.57
N GLN E 263 33.42 -67.40 19.83
CA GLN E 263 34.29 -68.54 20.13
C GLN E 263 33.79 -69.30 21.35
N GLU E 264 33.34 -68.57 22.37
CA GLU E 264 32.80 -69.20 23.56
C GLU E 264 31.57 -70.04 23.23
N LEU E 265 30.69 -69.52 22.36
CA LEU E 265 29.52 -70.27 21.95
C LEU E 265 29.91 -71.57 21.25
N GLU E 266 30.88 -71.48 20.32
CA GLU E 266 31.31 -72.68 19.62
C GLU E 266 31.88 -73.71 20.60
N ARG E 267 32.71 -73.26 21.53
CA ARG E 267 33.30 -74.19 22.51
C ARG E 267 32.23 -74.81 23.40
N SER E 268 31.21 -74.02 23.77
CA SER E 268 30.12 -74.55 24.59
C SER E 268 29.34 -75.62 23.83
N GLN E 269 29.08 -75.39 22.55
CA GLN E 269 28.41 -76.41 21.74
C GLN E 269 29.23 -77.68 21.68
N GLU E 270 30.54 -77.55 21.45
CA GLU E 270 31.40 -78.73 21.41
C GLU E 270 31.37 -79.47 22.73
N GLN E 271 31.40 -78.74 23.84
CA GLN E 271 31.37 -79.38 25.15
C GLN E 271 30.07 -80.13 25.37
N ALA E 272 28.94 -79.54 24.98
CA ALA E 272 27.65 -80.21 25.14
C ALA E 272 27.59 -81.49 24.32
N LEU E 273 28.08 -81.43 23.07
CA LEU E 273 28.08 -82.63 22.26
C LEU E 273 28.99 -83.71 22.85
N ARG E 274 30.14 -83.30 23.40
CA ARG E 274 31.01 -84.26 24.06
C ARG E 274 30.32 -84.89 25.26
N GLU E 275 29.57 -84.09 26.02
CA GLU E 275 28.83 -84.62 27.17
C GLU E 275 27.82 -85.66 26.73
N LYS E 276 27.09 -85.38 25.65
CA LYS E 276 26.14 -86.36 25.13
C LYS E 276 26.84 -87.63 24.66
N ILE E 277 27.97 -87.48 23.99
CA ILE E 277 28.74 -88.64 23.54
C ILE E 277 29.15 -89.50 24.73
N ASP E 278 29.62 -88.86 25.79
CA ASP E 278 29.97 -89.61 26.99
C ASP E 278 28.75 -90.30 27.59
N SER E 279 27.63 -89.58 27.66
CA SER E 279 26.43 -90.15 28.27
C SER E 279 25.96 -91.39 27.52
N VAL E 280 26.25 -91.48 26.22
CA VAL E 280 25.88 -92.64 25.43
C VAL E 280 26.93 -93.74 25.53
N LEU E 281 28.22 -93.40 25.45
CA LEU E 281 29.25 -94.42 25.30
C LEU E 281 29.76 -94.97 26.62
N LEU E 282 29.66 -94.20 27.70
CA LEU E 282 30.16 -94.67 29.00
C LEU E 282 29.48 -95.96 29.45
N PRO E 283 28.14 -96.11 29.40
CA PRO E 283 27.54 -97.41 29.69
C PRO E 283 27.92 -98.50 28.69
N ILE E 284 27.89 -98.16 27.41
CA ILE E 284 28.08 -99.17 26.37
C ILE E 284 29.51 -99.70 26.39
N LEU E 285 30.49 -98.81 26.41
CA LEU E 285 31.88 -99.23 26.28
C LEU E 285 32.59 -99.33 27.63
N GLY E 286 32.33 -98.41 28.53
CA GLY E 286 32.98 -98.38 29.83
C GLY E 286 33.83 -97.13 30.00
N TYR E 287 34.47 -97.06 31.16
CA TYR E 287 35.27 -95.89 31.51
C TYR E 287 36.69 -96.10 31.03
N GLY E 288 37.18 -95.17 30.19
CA GLY E 288 38.53 -95.23 29.70
C GLY E 288 38.76 -96.16 28.53
N ASN E 289 37.71 -96.77 27.98
CA ASN E 289 37.84 -97.63 26.81
C ASN E 289 37.62 -96.90 25.50
N TYR E 290 37.40 -95.59 25.55
CA TYR E 290 37.14 -94.81 24.35
C TYR E 290 37.67 -93.40 24.54
N THR E 291 37.87 -92.71 23.43
CA THR E 291 38.14 -91.28 23.43
C THR E 291 37.43 -90.65 22.24
N ALA E 292 36.89 -89.46 22.45
CA ALA E 292 36.13 -88.79 21.40
C ALA E 292 36.32 -87.29 21.50
N GLN E 293 36.44 -86.63 20.36
CA GLN E 293 36.51 -85.19 20.29
C GLN E 293 35.59 -84.69 19.19
N VAL E 294 35.09 -83.47 19.36
CA VAL E 294 34.08 -82.90 18.48
C VAL E 294 34.53 -81.52 18.02
N ASP E 295 34.44 -81.27 16.73
CA ASP E 295 34.69 -79.95 16.15
C ASP E 295 33.39 -79.40 15.57
N ILE E 296 33.03 -78.20 15.99
CA ILE E 296 31.82 -77.54 15.51
C ILE E 296 32.22 -76.19 14.92
N GLN E 297 31.91 -75.99 13.64
CA GLN E 297 32.12 -74.72 12.96
C GLN E 297 30.78 -74.03 12.79
N MET E 298 30.70 -72.79 13.26
CA MET E 298 29.44 -72.04 13.25
C MET E 298 29.60 -70.77 12.44
N ASP E 299 28.68 -70.55 11.51
CA ASP E 299 28.62 -69.31 10.74
C ASP E 299 27.86 -68.26 11.52
N PHE E 300 28.32 -67.03 11.43
CA PHE E 300 27.71 -65.90 12.14
C PHE E 300 27.41 -64.77 11.18
N SER E 301 26.97 -65.10 9.97
CA SER E 301 26.58 -64.08 9.00
C SER E 301 25.28 -63.41 9.46
N ALA E 302 24.87 -62.40 8.70
CA ALA E 302 23.68 -61.62 9.00
C ALA E 302 22.78 -61.54 7.77
N VAL E 303 22.47 -62.70 7.19
CA VAL E 303 21.64 -62.74 5.99
C VAL E 303 20.26 -62.19 6.29
N GLU E 304 19.70 -61.48 5.32
CA GLU E 304 18.37 -60.89 5.44
C GLU E 304 17.80 -60.76 4.04
N GLN E 305 16.84 -61.61 3.70
CA GLN E 305 16.39 -61.79 2.33
C GLN E 305 14.94 -61.35 2.18
N THR E 306 14.63 -60.78 1.00
CA THR E 306 13.26 -60.39 0.65
C THR E 306 12.95 -60.95 -0.73
N ARG E 307 11.91 -61.76 -0.82
CA ARG E 307 11.54 -62.43 -2.06
C ARG E 307 10.16 -61.97 -2.48
N LYS E 308 10.02 -61.62 -3.76
CA LYS E 308 8.74 -61.23 -4.34
C LYS E 308 8.47 -62.14 -5.52
N ARG E 309 7.57 -63.08 -5.35
CA ARG E 309 7.31 -64.12 -6.33
C ARG E 309 5.91 -63.97 -6.91
N PHE E 310 5.78 -64.27 -8.19
CA PHE E 310 4.52 -64.20 -8.92
C PHE E 310 4.13 -65.59 -9.42
N ASP E 311 2.97 -65.66 -10.07
CA ASP E 311 2.46 -66.93 -10.60
C ASP E 311 2.11 -66.71 -12.07
N PRO E 312 3.02 -66.97 -12.99
CA PRO E 312 2.77 -66.64 -14.40
C PRO E 312 1.61 -67.41 -15.01
N ASN E 313 1.34 -68.62 -14.55
CA ASN E 313 0.44 -69.54 -15.25
C ASN E 313 -1.02 -69.40 -14.85
N THR E 314 -1.35 -68.54 -13.89
CA THR E 314 -2.74 -68.30 -13.49
C THR E 314 -3.02 -66.80 -13.40
N PRO E 315 -3.07 -66.11 -14.54
CA PRO E 315 -3.45 -64.70 -14.52
C PRO E 315 -4.96 -64.54 -14.51
N ALA E 316 -5.40 -63.40 -13.97
CA ALA E 316 -6.82 -63.05 -13.91
C ALA E 316 -7.04 -61.73 -14.63
N THR E 317 -7.84 -61.76 -15.69
CA THR E 317 -8.04 -60.55 -16.48
C THR E 317 -8.90 -59.55 -15.71
N ARG E 318 -8.38 -58.33 -15.56
CA ARG E 318 -9.07 -57.26 -14.86
C ARG E 318 -9.93 -56.42 -15.79
N SER E 319 -9.33 -55.88 -16.85
CA SER E 319 -10.04 -55.18 -17.90
C SER E 319 -9.59 -55.73 -19.23
N GLU E 320 -10.43 -55.56 -20.25
CA GLU E 320 -10.13 -56.15 -21.54
C GLU E 320 -10.80 -55.35 -22.64
N TYR E 321 -10.05 -55.09 -23.71
CA TYR E 321 -10.58 -54.48 -24.92
C TYR E 321 -10.21 -55.37 -26.09
N ALA E 322 -11.14 -55.54 -27.03
CA ALA E 322 -10.91 -56.42 -28.17
C ALA E 322 -11.67 -55.88 -29.36
N LEU E 323 -10.95 -55.38 -30.37
CA LEU E 323 -11.52 -54.92 -31.62
C LEU E 323 -11.14 -55.89 -32.73
N GLU E 324 -12.13 -56.34 -33.50
CA GLU E 324 -11.92 -57.37 -34.53
C GLU E 324 -12.83 -57.05 -35.71
N ASP E 325 -12.30 -56.35 -36.71
CA ASP E 325 -13.07 -55.97 -37.89
C ASP E 325 -12.51 -56.66 -39.13
N TYR E 326 -13.40 -56.93 -40.08
CA TYR E 326 -13.07 -57.58 -41.34
C TYR E 326 -13.51 -56.70 -42.50
N ASN E 327 -13.19 -57.13 -43.71
CA ASN E 327 -13.64 -56.45 -44.92
C ASN E 327 -13.68 -57.42 -46.10
N GLY E 365 -9.67 -60.71 -47.43
CA GLY E 365 -9.65 -59.26 -47.33
C GLY E 365 -8.95 -58.76 -46.07
N SER E 366 -9.19 -57.49 -45.75
CA SER E 366 -8.58 -56.90 -44.56
C SER E 366 -9.10 -57.59 -43.30
N VAL E 367 -8.19 -57.88 -42.38
CA VAL E 367 -8.53 -58.48 -41.09
C VAL E 367 -7.68 -57.80 -40.04
N ARG E 368 -8.28 -56.95 -39.23
CA ARG E 368 -7.59 -56.21 -38.17
C ARG E 368 -8.04 -56.73 -36.82
N LYS E 369 -7.07 -57.14 -35.99
CA LYS E 369 -7.36 -57.74 -34.68
C LYS E 369 -6.58 -56.98 -33.62
N GLU E 370 -7.16 -55.89 -33.13
CA GLU E 370 -6.58 -55.17 -32.02
C GLU E 370 -7.03 -55.77 -30.70
N SER E 371 -6.19 -55.63 -29.68
CA SER E 371 -6.48 -56.21 -28.37
C SER E 371 -5.65 -55.52 -27.32
N THR E 372 -6.27 -55.25 -26.17
CA THR E 372 -5.60 -54.71 -25.00
C THR E 372 -6.09 -55.48 -23.79
N ARG E 373 -5.18 -55.82 -22.88
CA ARG E 373 -5.53 -56.69 -21.76
C ARG E 373 -4.71 -56.30 -20.54
N ASN E 374 -5.37 -56.24 -19.38
CA ASN E 374 -4.73 -55.99 -18.11
C ASN E 374 -4.94 -57.19 -17.20
N PHE E 375 -3.91 -57.56 -16.45
CA PHE E 375 -3.95 -58.79 -15.66
C PHE E 375 -3.67 -58.49 -14.19
N GLU E 376 -4.15 -59.40 -13.35
CA GLU E 376 -3.85 -59.47 -11.93
C GLU E 376 -3.23 -60.83 -11.65
N LEU E 377 -2.17 -60.84 -10.86
CA LEU E 377 -1.37 -62.04 -10.65
C LEU E 377 -1.20 -62.33 -9.17
N ASP E 378 -1.04 -63.61 -8.84
CA ASP E 378 -0.77 -63.99 -7.46
C ASP E 378 0.58 -63.44 -7.05
N THR E 379 0.62 -62.75 -5.91
CA THR E 379 1.82 -62.05 -5.46
C THR E 379 2.14 -62.49 -4.04
N THR E 380 3.29 -63.14 -3.88
CA THR E 380 3.78 -63.51 -2.56
C THR E 380 5.00 -62.67 -2.24
N ILE E 381 5.02 -62.07 -1.06
CA ILE E 381 6.13 -61.23 -0.62
C ILE E 381 6.58 -61.74 0.74
N SER E 382 7.72 -62.42 0.78
CA SER E 382 8.22 -63.04 2.01
C SER E 382 9.53 -62.39 2.42
N HIS E 383 9.58 -61.92 3.66
CA HIS E 383 10.79 -61.33 4.22
C HIS E 383 11.33 -62.27 5.30
N GLU E 384 12.50 -62.84 5.06
CA GLU E 384 13.13 -63.79 5.96
C GLU E 384 14.38 -63.18 6.57
N ARG E 385 14.64 -63.48 7.84
CA ARG E 385 15.84 -63.01 8.52
C ARG E 385 16.46 -64.20 9.25
N LYS E 386 17.55 -64.71 8.70
CA LYS E 386 18.15 -65.92 9.26
C LYS E 386 18.77 -65.65 10.63
N GLN E 387 18.79 -66.69 11.46
CA GLN E 387 19.50 -66.59 12.72
C GLN E 387 21.00 -66.51 12.47
N THR E 388 21.68 -65.70 13.30
CA THR E 388 23.09 -65.41 13.10
C THR E 388 23.95 -66.66 13.18
N GLY E 389 24.08 -67.25 14.36
CA GLY E 389 24.96 -68.37 14.54
C GLY E 389 24.32 -69.71 14.24
N THR E 390 24.74 -70.34 13.14
CA THR E 390 24.22 -71.64 12.73
C THR E 390 25.37 -72.59 12.50
N VAL E 391 25.21 -73.84 12.96
CA VAL E 391 26.23 -74.85 12.77
C VAL E 391 26.33 -75.17 11.28
N ALA E 392 27.43 -74.75 10.65
CA ALA E 392 27.63 -74.98 9.23
C ALA E 392 28.27 -76.32 8.92
N ARG E 393 29.07 -76.84 9.84
CA ARG E 393 29.70 -78.14 9.66
C ARG E 393 30.04 -78.71 11.03
N GLN E 394 29.88 -80.03 11.16
CA GLN E 394 30.13 -80.71 12.42
C GLN E 394 30.98 -81.94 12.16
N THR E 395 32.06 -82.08 12.91
CA THR E 395 33.00 -83.19 12.78
C THR E 395 33.12 -83.90 14.12
N VAL E 396 32.90 -85.21 14.13
CA VAL E 396 33.03 -86.02 15.33
C VAL E 396 33.90 -87.22 15.01
N SER E 397 34.87 -87.49 15.88
CA SER E 397 35.73 -88.66 15.77
C SER E 397 35.75 -89.40 17.10
N VAL E 398 35.57 -90.71 17.05
CA VAL E 398 35.58 -91.56 18.23
C VAL E 398 36.57 -92.69 18.00
N ALA E 399 37.44 -92.91 18.98
CA ALA E 399 38.43 -93.98 18.93
C ALA E 399 38.18 -94.94 20.07
N ILE E 400 38.10 -96.24 19.76
CA ILE E 400 37.77 -97.28 20.72
C ILE E 400 39.01 -98.10 21.00
N LYS E 401 39.28 -98.32 22.28
CA LYS E 401 40.46 -99.10 22.67
C LYS E 401 40.31 -100.54 22.22
N ASP E 402 41.38 -101.09 21.67
CA ASP E 402 41.39 -102.49 21.27
C ASP E 402 41.54 -103.39 22.48
N ARG E 403 41.05 -104.63 22.35
CA ARG E 403 41.12 -105.63 23.41
C ARG E 403 40.51 -105.13 24.72
N PRO E 417 40.95 -105.79 19.04
CA PRO E 417 40.15 -104.88 18.22
C PRO E 417 38.65 -105.10 18.39
N MET E 418 37.84 -104.38 17.59
CA MET E 418 36.40 -104.48 17.63
C MET E 418 35.88 -104.84 16.25
N SER E 419 34.88 -105.72 16.21
CA SER E 419 34.36 -106.22 14.95
C SER E 419 33.66 -105.11 14.18
N GLU E 420 33.54 -105.33 12.86
CA GLU E 420 32.89 -104.33 12.01
C GLU E 420 31.43 -104.14 12.38
N SER E 421 30.74 -105.21 12.75
CA SER E 421 29.33 -105.10 13.10
C SER E 421 29.11 -104.18 14.30
N GLU E 422 29.92 -104.34 15.34
CA GLU E 422 29.76 -103.49 16.52
C GLU E 422 30.22 -102.07 16.23
N ILE E 423 31.22 -101.89 15.38
CA ILE E 423 31.63 -100.55 14.99
C ILE E 423 30.50 -99.84 14.28
N ASN E 424 29.81 -100.54 13.36
CA ASN E 424 28.70 -99.93 12.65
C ASN E 424 27.51 -99.69 13.59
N ALA E 425 27.30 -100.56 14.57
CA ALA E 425 26.24 -100.33 15.55
C ALA E 425 26.52 -99.08 16.38
N ILE E 426 27.77 -98.91 16.82
CA ILE E 426 28.14 -97.71 17.55
C ILE E 426 27.96 -96.48 16.67
N ARG E 427 28.32 -96.59 15.39
CA ARG E 427 28.12 -95.48 14.47
C ARG E 427 26.64 -95.15 14.33
N GLN E 428 25.78 -96.17 14.28
CA GLN E 428 24.34 -95.94 14.19
C GLN E 428 23.82 -95.25 15.44
N VAL E 429 24.32 -95.63 16.62
CA VAL E 429 23.89 -94.96 17.85
C VAL E 429 24.33 -93.50 17.84
N LEU E 430 25.57 -93.26 17.43
CA LEU E 430 26.06 -91.88 17.36
C LEU E 430 25.24 -91.05 16.40
N ILE E 431 24.85 -91.64 15.27
CA ILE E 431 23.93 -90.98 14.34
C ILE E 431 22.57 -90.92 15.01
N GLY E 432 22.24 -89.76 15.55
CA GLY E 432 21.08 -89.65 16.42
C GLY E 432 21.49 -89.22 17.80
N THR E 433 22.60 -89.77 18.31
CA THR E 433 23.19 -89.20 19.51
C THR E 433 23.69 -87.78 19.25
N VAL E 434 24.33 -87.55 18.11
CA VAL E 434 24.87 -86.24 17.78
C VAL E 434 23.96 -85.46 16.82
N GLY E 435 23.11 -86.13 16.06
CA GLY E 435 22.33 -85.45 15.04
C GLY E 435 23.10 -85.36 13.74
N PHE E 436 23.64 -86.49 13.30
CA PHE E 436 24.46 -86.50 12.09
C PHE E 436 23.66 -86.02 10.89
N ASP E 437 24.25 -85.11 10.11
CA ASP E 437 23.59 -84.48 8.96
C ASP E 437 24.61 -84.45 7.82
N GLN E 438 24.61 -85.49 6.99
CA GLN E 438 25.58 -85.57 5.91
C GLN E 438 25.37 -84.46 4.88
N GLY E 439 24.11 -84.10 4.61
CA GLY E 439 23.84 -83.05 3.66
C GLY E 439 24.40 -81.70 4.07
N ARG E 440 24.64 -81.50 5.36
CA ARG E 440 25.28 -80.29 5.85
C ARG E 440 26.79 -80.33 5.68
N GLY E 441 27.36 -81.47 5.32
CA GLY E 441 28.79 -81.64 5.26
C GLY E 441 29.42 -82.22 6.51
N ASP E 442 28.61 -82.70 7.45
CA ASP E 442 29.14 -83.26 8.68
C ASP E 442 29.88 -84.55 8.40
N LEU E 443 30.77 -84.90 9.33
CA LEU E 443 31.63 -86.07 9.19
C LEU E 443 31.71 -86.78 10.53
N LEU E 444 31.63 -88.11 10.48
CA LEU E 444 31.65 -88.94 11.68
C LEU E 444 32.59 -90.11 11.43
N ASN E 445 33.71 -90.14 12.15
CA ASN E 445 34.68 -91.22 12.07
C ASN E 445 34.62 -92.04 13.34
N VAL E 446 34.55 -93.36 13.19
CA VAL E 446 34.65 -94.29 14.31
C VAL E 446 35.75 -95.29 13.99
N LEU E 447 36.79 -95.32 14.81
CA LEU E 447 37.94 -96.16 14.58
C LEU E 447 38.21 -97.02 15.81
N SER E 448 38.90 -98.13 15.59
CA SER E 448 39.38 -99.00 16.66
C SER E 448 40.90 -98.92 16.70
N VAL E 449 41.44 -98.28 17.73
CA VAL E 449 42.87 -98.02 17.83
C VAL E 449 43.40 -98.68 19.09
N LYS E 450 44.74 -98.75 19.18
CA LYS E 450 45.43 -99.38 20.31
C LYS E 450 45.86 -98.29 21.28
N PHE E 451 45.21 -98.25 22.44
CA PHE E 451 45.60 -97.31 23.48
C PHE E 451 46.90 -97.77 24.14
N ALA E 452 47.73 -96.81 24.51
CA ALA E 452 49.00 -97.11 25.16
C ALA E 452 48.85 -97.05 26.68
N ALA F 255 43.56 -48.35 16.35
CA ALA F 255 43.23 -49.59 15.64
C ALA F 255 44.31 -50.64 15.85
N SER F 256 45.53 -50.22 16.19
CA SER F 256 46.59 -51.20 16.44
C SER F 256 46.29 -52.04 17.67
N ALA F 257 45.58 -51.48 18.64
CA ALA F 257 45.08 -52.29 19.76
C ALA F 257 44.14 -53.37 19.26
N ALA F 258 43.29 -53.02 18.28
CA ALA F 258 42.43 -54.02 17.67
C ALA F 258 43.24 -55.11 17.00
N ARG F 259 44.33 -54.74 16.30
CA ARG F 259 45.18 -55.74 15.69
C ARG F 259 45.83 -56.64 16.73
N ARG F 260 46.25 -56.06 17.85
CA ARG F 260 46.81 -56.84 18.95
C ARG F 260 45.80 -57.87 19.45
N LYS F 261 44.55 -57.43 19.64
CA LYS F 261 43.53 -58.37 20.13
C LYS F 261 43.19 -59.42 19.08
N GLU F 262 43.33 -59.09 17.79
CA GLU F 262 43.18 -60.10 16.75
C GLU F 262 44.26 -61.17 16.86
N GLN F 263 45.50 -60.74 17.10
CA GLN F 263 46.57 -61.70 17.34
C GLN F 263 46.26 -62.58 18.55
N GLU F 264 45.71 -61.97 19.60
CA GLU F 264 45.31 -62.71 20.78
C GLU F 264 44.25 -63.75 20.45
N LEU F 265 43.27 -63.38 19.63
CA LEU F 265 42.25 -64.32 19.21
C LEU F 265 42.85 -65.50 18.46
N GLU F 266 43.76 -65.23 17.52
CA GLU F 266 44.39 -66.31 16.78
C GLU F 266 45.15 -67.25 17.71
N ARG F 267 45.92 -66.68 18.64
CA ARG F 267 46.68 -67.51 19.57
C ARG F 267 45.77 -68.33 20.46
N SER F 268 44.63 -67.75 20.89
CA SER F 268 43.68 -68.49 21.71
C SER F 268 43.09 -69.67 20.94
N GLN F 269 42.75 -69.45 19.68
CA GLN F 269 42.25 -70.55 18.85
C GLN F 269 43.28 -71.66 18.73
N GLU F 270 44.54 -71.28 18.48
CA GLU F 270 45.60 -72.28 18.38
C GLU F 270 45.74 -73.06 19.68
N GLN F 271 45.66 -72.36 20.81
CA GLN F 271 45.79 -73.02 22.10
C GLN F 271 44.66 -74.00 22.33
N ALA F 272 43.43 -73.61 21.98
CA ALA F 272 42.28 -74.51 22.14
C ALA F 272 42.43 -75.76 21.29
N LEU F 273 42.86 -75.59 20.04
CA LEU F 273 43.07 -76.74 19.19
C LEU F 273 44.16 -77.64 19.73
N ARG F 274 45.24 -77.06 20.27
CA ARG F 274 46.29 -77.86 20.88
C ARG F 274 45.74 -78.64 22.08
N GLU F 275 44.89 -78.00 22.88
CA GLU F 275 44.29 -78.69 24.02
C GLU F 275 43.47 -79.88 23.57
N LYS F 276 42.67 -79.71 22.51
CA LYS F 276 41.90 -80.84 21.99
C LYS F 276 42.81 -81.95 21.47
N ILE F 277 43.88 -81.57 20.78
CA ILE F 277 44.83 -82.56 20.28
C ILE F 277 45.41 -83.37 21.43
N ASP F 278 45.79 -82.68 22.50
CA ASP F 278 46.30 -83.38 23.67
C ASP F 278 45.25 -84.29 24.27
N SER F 279 44.02 -83.80 24.39
CA SER F 279 42.95 -84.59 25.01
C SER F 279 42.69 -85.87 24.23
N VAL F 280 42.95 -85.87 22.93
CA VAL F 280 42.79 -87.06 22.11
C VAL F 280 44.02 -87.96 22.16
N LEU F 281 45.23 -87.38 22.05
CA LEU F 281 46.41 -88.20 21.85
C LEU F 281 47.04 -88.68 23.15
N LEU F 282 46.85 -87.97 24.25
CA LEU F 282 47.45 -88.38 25.52
C LEU F 282 47.02 -89.78 25.95
N PRO F 283 45.73 -90.15 25.92
CA PRO F 283 45.39 -91.56 26.20
C PRO F 283 45.93 -92.53 25.16
N ILE F 284 45.80 -92.18 23.88
CA ILE F 284 46.14 -93.10 22.81
C ILE F 284 47.65 -93.37 22.78
N LEU F 285 48.45 -92.32 22.80
CA LEU F 285 49.89 -92.47 22.63
C LEU F 285 50.64 -92.49 23.96
N GLY F 286 50.25 -91.64 24.90
CA GLY F 286 50.92 -91.54 26.18
C GLY F 286 51.53 -90.16 26.37
N TYR F 287 52.18 -89.99 27.51
CA TYR F 287 52.76 -88.71 27.88
C TYR F 287 54.20 -88.65 27.36
N GLY F 288 54.47 -87.63 26.55
CA GLY F 288 55.80 -87.44 26.03
C GLY F 288 56.16 -88.28 24.82
N ASN F 289 55.23 -89.05 24.28
CA ASN F 289 55.47 -89.85 23.09
C ASN F 289 55.09 -89.13 21.80
N TYR F 290 54.65 -87.88 21.89
CA TYR F 290 54.21 -87.14 20.72
C TYR F 290 54.48 -85.66 20.95
N THR F 291 54.53 -84.92 19.84
CA THR F 291 54.54 -83.47 19.88
C THR F 291 53.69 -82.95 18.73
N ALA F 292 52.95 -81.87 18.98
CA ALA F 292 52.06 -81.33 17.97
C ALA F 292 51.97 -79.82 18.12
N GLN F 293 51.95 -79.12 16.99
CA GLN F 293 51.77 -77.68 16.96
C GLN F 293 50.73 -77.33 15.90
N VAL F 294 50.02 -76.23 16.11
CA VAL F 294 48.90 -75.83 15.28
C VAL F 294 49.09 -74.39 14.85
N ASP F 295 48.93 -74.12 13.56
CA ASP F 295 48.92 -72.77 13.02
C ASP F 295 47.53 -72.45 12.49
N ILE F 296 46.96 -71.34 12.94
CA ILE F 296 45.64 -70.89 12.51
C ILE F 296 45.77 -69.48 11.96
N GLN F 297 45.40 -69.30 10.69
CA GLN F 297 45.37 -68.00 10.04
C GLN F 297 43.92 -67.56 9.93
N MET F 298 43.62 -66.36 10.43
CA MET F 298 42.25 -65.86 10.47
C MET F 298 42.16 -64.56 9.69
N ASP F 299 41.18 -64.49 8.79
CA ASP F 299 40.89 -63.27 8.06
C ASP F 299 39.97 -62.39 8.89
N PHE F 300 40.20 -61.08 8.83
CA PHE F 300 39.42 -60.10 9.58
C PHE F 300 38.89 -59.02 8.67
N SER F 301 38.49 -59.39 7.45
CA SER F 301 37.90 -58.44 6.53
C SER F 301 36.52 -58.03 7.02
N ALA F 302 35.90 -57.09 6.31
CA ALA F 302 34.59 -56.54 6.66
C ALA F 302 33.67 -56.59 5.45
N VAL F 303 33.56 -57.78 4.84
CA VAL F 303 32.72 -57.93 3.66
C VAL F 303 31.27 -57.65 4.00
N GLU F 304 30.57 -57.03 3.07
CA GLU F 304 29.15 -56.69 3.24
C GLU F 304 28.53 -56.63 1.85
N GLN F 305 27.73 -57.64 1.51
CA GLN F 305 27.28 -57.86 0.15
C GLN F 305 25.78 -57.67 0.03
N THR F 306 25.34 -57.15 -1.11
CA THR F 306 23.92 -57.00 -1.43
C THR F 306 23.67 -57.57 -2.81
N ARG F 307 22.79 -58.56 -2.90
CA ARG F 307 22.52 -59.26 -4.15
C ARG F 307 21.06 -59.04 -4.54
N LYS F 308 20.83 -58.69 -5.79
CA LYS F 308 19.49 -58.52 -6.34
C LYS F 308 19.36 -59.43 -7.54
N ARG F 309 18.63 -60.53 -7.37
CA ARG F 309 18.54 -61.57 -8.38
C ARG F 309 17.12 -61.66 -8.92
N PHE F 310 17.01 -61.94 -10.21
CA PHE F 310 15.74 -62.08 -10.91
C PHE F 310 15.60 -63.51 -11.44
N ASP F 311 14.45 -63.78 -12.07
CA ASP F 311 14.16 -65.09 -12.63
C ASP F 311 13.74 -64.91 -14.08
N PRO F 312 14.67 -64.98 -15.03
CA PRO F 312 14.32 -64.66 -16.41
C PRO F 312 13.29 -65.62 -17.03
N ASN F 313 13.26 -66.87 -16.60
CA ASN F 313 12.53 -67.91 -17.31
C ASN F 313 11.08 -68.06 -16.86
N THR F 314 10.62 -67.28 -15.88
CA THR F 314 9.22 -67.31 -15.44
C THR F 314 8.68 -65.89 -15.30
N PRO F 315 8.48 -65.20 -16.42
CA PRO F 315 7.85 -63.87 -16.35
C PRO F 315 6.33 -63.99 -16.29
N ALA F 316 5.71 -62.96 -15.72
CA ALA F 316 4.26 -62.88 -15.61
C ALA F 316 3.78 -61.60 -16.29
N THR F 317 2.97 -61.75 -17.33
CA THR F 317 2.52 -60.58 -18.08
C THR F 317 1.54 -59.76 -17.26
N ARG F 318 1.83 -58.47 -17.09
CA ARG F 318 0.98 -57.56 -16.34
C ARG F 318 -0.05 -56.87 -17.23
N SER F 319 0.42 -56.20 -18.29
CA SER F 319 -0.44 -55.61 -19.30
C SER F 319 0.08 -56.05 -20.65
N GLU F 320 -0.81 -56.00 -21.65
CA GLU F 320 -0.44 -56.50 -22.96
C GLU F 320 -1.28 -55.80 -24.02
N TYR F 321 -0.62 -55.39 -25.10
CA TYR F 321 -1.28 -54.85 -26.28
C TYR F 321 -0.78 -55.63 -27.49
N ALA F 322 -1.69 -55.94 -28.41
CA ALA F 322 -1.35 -56.73 -29.58
C ALA F 322 -2.23 -56.31 -30.74
N LEU F 323 -1.62 -55.67 -31.74
CA LEU F 323 -2.31 -55.29 -32.97
C LEU F 323 -1.78 -56.15 -34.11
N GLU F 324 -2.69 -56.75 -34.87
CA GLU F 324 -2.33 -57.69 -35.94
C GLU F 324 -3.32 -57.52 -37.09
N ASP F 325 -2.95 -56.69 -38.08
CA ASP F 325 -3.80 -56.44 -39.23
C ASP F 325 -3.18 -56.99 -40.50
N TYR F 326 -4.03 -57.39 -41.44
CA TYR F 326 -3.61 -57.93 -42.73
C TYR F 326 -4.24 -57.12 -43.85
N ASN F 327 -3.88 -57.46 -45.08
CA ASN F 327 -4.47 -56.83 -46.26
C ASN F 327 -4.37 -57.77 -47.46
N GLY F 365 0.13 -60.24 -48.98
CA GLY F 365 -0.11 -58.82 -48.83
C GLY F 365 0.53 -58.23 -47.58
N SER F 366 0.07 -57.05 -47.21
CA SER F 366 0.59 -56.39 -46.03
C SER F 366 0.24 -57.17 -44.77
N VAL F 367 1.21 -57.33 -43.88
CA VAL F 367 1.01 -58.01 -42.60
C VAL F 367 1.77 -57.21 -41.55
N ARG F 368 1.04 -56.50 -40.70
CA ARG F 368 1.61 -55.68 -39.64
C ARG F 368 1.31 -56.31 -38.30
N LYS F 369 2.35 -56.56 -37.50
CA LYS F 369 2.21 -57.23 -36.21
C LYS F 369 2.86 -56.38 -35.14
N GLU F 370 2.11 -55.42 -34.60
CA GLU F 370 2.60 -54.63 -33.48
C GLU F 370 2.28 -55.33 -32.17
N SER F 371 3.12 -55.07 -31.17
CA SER F 371 2.97 -55.72 -29.87
C SER F 371 3.69 -54.92 -28.81
N THR F 372 3.07 -54.81 -27.64
CA THR F 372 3.66 -54.18 -26.47
C THR F 372 3.34 -55.05 -25.28
N ARG F 373 4.33 -55.25 -24.40
CA ARG F 373 4.17 -56.18 -23.30
C ARG F 373 4.93 -55.69 -22.08
N ASN F 374 4.30 -55.78 -20.91
CA ASN F 374 4.93 -55.45 -19.65
C ASN F 374 4.96 -56.69 -18.77
N PHE F 375 6.06 -56.89 -18.05
CA PHE F 375 6.27 -58.12 -17.30
C PHE F 375 6.52 -57.82 -15.83
N GLU F 376 6.24 -58.82 -15.01
CA GLU F 376 6.59 -58.87 -13.60
C GLU F 376 7.44 -60.10 -13.37
N LEU F 377 8.51 -59.95 -12.60
CA LEU F 377 9.52 -60.98 -12.45
C LEU F 377 9.78 -61.27 -10.98
N ASP F 378 10.16 -62.51 -10.69
CA ASP F 378 10.54 -62.87 -9.33
C ASP F 378 11.78 -62.09 -8.93
N THR F 379 11.73 -61.44 -7.77
CA THR F 379 12.79 -60.55 -7.33
C THR F 379 13.23 -60.96 -5.93
N THR F 380 14.47 -61.39 -5.81
CA THR F 380 15.07 -61.70 -4.51
C THR F 380 16.13 -60.66 -4.20
N ILE F 381 16.07 -60.09 -3.00
CA ILE F 381 17.02 -59.08 -2.56
C ILE F 381 17.59 -59.54 -1.23
N SER F 382 18.83 -60.00 -1.23
CA SER F 382 19.47 -60.55 -0.04
C SER F 382 20.65 -59.68 0.37
N HIS F 383 20.65 -59.24 1.62
CA HIS F 383 21.75 -58.46 2.17
C HIS F 383 22.47 -59.32 3.21
N GLU F 384 23.73 -59.65 2.93
CA GLU F 384 24.53 -60.50 3.79
C GLU F 384 25.68 -59.69 4.38
N ARG F 385 26.02 -59.98 5.64
CA ARG F 385 27.13 -59.31 6.30
C ARG F 385 27.97 -60.38 6.99
N LYS F 386 29.13 -60.69 6.41
CA LYS F 386 29.94 -61.78 6.91
C LYS F 386 30.55 -61.43 8.27
N GLN F 387 30.77 -62.46 9.07
CA GLN F 387 31.48 -62.28 10.32
C GLN F 387 32.94 -61.91 10.04
N THR F 388 33.48 -61.03 10.88
CA THR F 388 34.81 -60.48 10.66
C THR F 388 35.89 -61.55 10.68
N GLY F 389 36.15 -62.14 11.84
CA GLY F 389 37.23 -63.09 11.97
C GLY F 389 36.84 -64.51 11.64
N THR F 390 37.33 -65.03 10.51
CA THR F 390 37.03 -66.39 10.08
C THR F 390 38.33 -67.12 9.79
N VAL F 391 38.40 -68.37 10.22
CA VAL F 391 39.59 -69.19 9.98
C VAL F 391 39.71 -69.45 8.48
N ALA F 392 40.69 -68.82 7.84
CA ALA F 392 40.89 -68.96 6.40
C ALA F 392 41.74 -70.17 6.05
N ARG F 393 42.66 -70.57 6.93
CA ARG F 393 43.52 -71.72 6.69
C ARG F 393 43.98 -72.25 8.04
N GLN F 394 44.06 -73.57 8.14
CA GLN F 394 44.47 -74.23 9.37
C GLN F 394 45.53 -75.29 9.05
N THR F 395 46.63 -75.25 9.78
CA THR F 395 47.75 -76.17 9.59
C THR F 395 48.03 -76.87 10.91
N VAL F 396 48.05 -78.20 10.88
CA VAL F 396 48.34 -79.01 12.06
C VAL F 396 49.41 -80.03 11.69
N SER F 397 50.44 -80.13 12.53
CA SER F 397 51.49 -81.13 12.36
C SER F 397 51.69 -81.88 13.66
N VAL F 398 51.74 -83.21 13.58
CA VAL F 398 51.94 -84.07 14.74
C VAL F 398 53.10 -84.99 14.45
N ALA F 399 54.03 -85.08 15.41
CA ALA F 399 55.19 -85.96 15.31
C ALA F 399 55.14 -86.98 16.43
N ILE F 400 55.29 -88.25 16.07
CA ILE F 400 55.17 -89.36 17.00
C ILE F 400 56.56 -89.95 17.23
N LYS F 401 56.90 -90.14 18.50
CA LYS F 401 58.20 -90.71 18.84
C LYS F 401 58.30 -92.14 18.36
N ASP F 402 59.44 -92.48 17.77
CA ASP F 402 59.69 -93.85 17.32
C ASP F 402 60.03 -94.74 18.52
N ARG F 403 59.77 -96.03 18.34
CA ARG F 403 60.05 -97.03 19.37
C ARG F 403 59.40 -96.68 20.71
N PRO F 417 59.78 -97.11 15.01
CA PRO F 417 58.82 -96.34 14.23
C PRO F 417 57.38 -96.82 14.42
N MET F 418 56.45 -96.25 13.67
CA MET F 418 55.04 -96.61 13.74
C MET F 418 54.56 -97.02 12.36
N SER F 419 53.73 -98.07 12.32
CA SER F 419 53.28 -98.62 11.05
C SER F 419 52.37 -97.64 10.33
N GLU F 420 52.25 -97.83 9.01
CA GLU F 420 51.42 -96.96 8.20
C GLU F 420 49.96 -97.03 8.61
N SER F 421 49.48 -98.23 8.96
CA SER F 421 48.08 -98.38 9.34
C SER F 421 47.73 -97.54 10.58
N GLU F 422 48.59 -97.59 11.60
CA GLU F 422 48.31 -96.80 12.80
C GLU F 422 48.49 -95.32 12.55
N ILE F 423 49.43 -94.94 11.68
CA ILE F 423 49.58 -93.54 11.32
C ILE F 423 48.31 -93.02 10.65
N ASN F 424 47.75 -93.81 9.73
CA ASN F 424 46.51 -93.40 9.07
C ASN F 424 45.33 -93.40 10.03
N ALA F 425 45.32 -94.32 11.00
CA ALA F 425 44.25 -94.31 12.00
C ALA F 425 44.33 -93.06 12.86
N ILE F 426 45.54 -92.67 13.28
CA ILE F 426 45.70 -91.43 14.04
C ILE F 426 45.28 -90.24 13.20
N ARG F 427 45.63 -90.25 11.91
CA ARG F 427 45.20 -89.18 11.02
C ARG F 427 43.68 -89.11 10.93
N GLN F 428 43.02 -90.27 10.87
CA GLN F 428 41.56 -90.30 10.82
C GLN F 428 40.95 -89.74 12.10
N VAL F 429 41.54 -90.07 13.25
CA VAL F 429 41.04 -89.52 14.52
C VAL F 429 41.21 -88.00 14.53
N LEU F 430 42.37 -87.52 14.11
CA LEU F 430 42.61 -86.08 14.07
C LEU F 430 41.63 -85.38 13.14
N ILE F 431 41.31 -86.01 12.01
CA ILE F 431 40.27 -85.50 11.12
C ILE F 431 38.94 -85.70 11.82
N GLY F 432 38.41 -84.63 12.41
CA GLY F 432 37.28 -84.76 13.30
C GLY F 432 37.64 -84.30 14.68
N THR F 433 38.85 -84.65 15.15
CA THR F 433 39.36 -84.02 16.35
C THR F 433 39.58 -82.52 16.13
N VAL F 434 40.15 -82.15 14.98
CA VAL F 434 40.43 -80.75 14.68
C VAL F 434 39.38 -80.13 13.76
N GLY F 435 38.64 -80.92 13.00
CA GLY F 435 37.72 -80.38 12.03
C GLY F 435 38.43 -80.11 10.70
N PHE F 436 39.15 -81.11 10.22
CA PHE F 436 39.93 -80.94 8.99
C PHE F 436 39.02 -80.59 7.82
N ASP F 437 39.41 -79.56 7.07
CA ASP F 437 38.62 -79.05 5.95
C ASP F 437 39.59 -78.79 4.79
N GLN F 438 39.75 -79.79 3.93
CA GLN F 438 40.69 -79.67 2.82
C GLN F 438 40.26 -78.60 1.83
N GLY F 439 38.95 -78.46 1.59
CA GLY F 439 38.47 -77.45 0.68
C GLY F 439 38.79 -76.04 1.12
N ARG F 440 39.03 -75.83 2.41
CA ARG F 440 39.44 -74.53 2.93
C ARG F 440 40.94 -74.30 2.72
N GLY F 441 41.69 -75.31 2.31
CA GLY F 441 43.12 -75.21 2.21
C GLY F 441 43.88 -75.70 3.43
N ASP F 442 43.19 -76.34 4.38
CA ASP F 442 43.84 -76.83 5.58
C ASP F 442 44.81 -77.96 5.25
N LEU F 443 45.77 -78.16 6.14
CA LEU F 443 46.82 -79.16 5.95
C LEU F 443 47.06 -79.88 7.27
N LEU F 444 47.23 -81.20 7.18
CA LEU F 444 47.42 -82.04 8.35
C LEU F 444 48.55 -83.02 8.05
N ASN F 445 49.68 -82.85 8.74
CA ASN F 445 50.82 -83.73 8.61
C ASN F 445 50.95 -84.59 9.86
N VAL F 446 51.12 -85.90 9.67
CA VAL F 446 51.40 -86.82 10.76
C VAL F 446 52.65 -87.60 10.38
N LEU F 447 53.70 -87.46 11.18
CA LEU F 447 54.99 -88.08 10.90
C LEU F 447 55.44 -88.90 12.10
N SER F 448 56.31 -89.87 11.83
CA SER F 448 56.96 -90.65 12.87
C SER F 448 58.44 -90.30 12.87
N VAL F 449 58.89 -89.60 13.91
CA VAL F 449 60.26 -89.10 13.98
C VAL F 449 60.93 -89.69 15.22
N LYS F 450 62.25 -89.50 15.28
CA LYS F 450 63.07 -90.03 16.37
C LYS F 450 63.33 -88.91 17.36
N PHE F 451 62.71 -89.01 18.54
CA PHE F 451 62.96 -88.04 19.59
C PHE F 451 64.34 -88.28 20.21
N ALA F 452 65.00 -87.19 20.59
CA ALA F 452 66.31 -87.28 21.21
C ALA F 452 66.20 -87.28 22.72
N ALA G 255 51.96 -40.09 13.96
CA ALA G 255 51.85 -41.35 13.22
C ALA G 255 53.10 -42.21 13.38
N SER G 256 54.24 -41.58 13.70
CA SER G 256 55.45 -42.35 13.90
C SER G 256 55.35 -43.26 15.11
N ALA G 257 54.57 -42.87 16.11
CA ALA G 257 54.27 -43.78 17.21
C ALA G 257 53.51 -45.00 16.70
N ALA G 258 52.59 -44.79 15.75
CA ALA G 258 51.91 -45.92 15.13
C ALA G 258 52.89 -46.82 14.41
N ARG G 259 53.86 -46.24 13.71
CA ARG G 259 54.87 -47.06 13.04
C ARG G 259 55.70 -47.85 14.04
N ARG G 260 56.04 -47.23 15.17
CA ARG G 260 56.76 -47.92 16.23
C ARG G 260 55.97 -49.12 16.73
N LYS G 261 54.67 -48.93 16.96
CA LYS G 261 53.84 -50.03 17.44
C LYS G 261 53.66 -51.10 16.36
N GLU G 262 53.71 -50.73 15.08
CA GLU G 262 53.71 -51.73 14.02
C GLU G 262 54.97 -52.59 14.07
N GLN G 263 56.12 -51.95 14.30
CA GLN G 263 57.36 -52.71 14.49
C GLN G 263 57.23 -53.65 15.68
N GLU G 264 56.61 -53.17 16.76
CA GLU G 264 56.39 -54.01 17.93
C GLU G 264 55.52 -55.22 17.59
N LEU G 265 54.47 -55.01 16.80
CA LEU G 265 53.62 -56.11 16.37
C LEU G 265 54.40 -57.14 15.58
N GLU G 266 55.22 -56.68 14.64
CA GLU G 266 56.02 -57.61 13.84
C GLU G 266 56.96 -58.42 14.72
N ARG G 267 57.63 -57.75 15.65
CA ARG G 267 58.56 -58.44 16.54
C ARG G 267 57.83 -59.45 17.43
N SER G 268 56.63 -59.08 17.90
CA SER G 268 55.84 -60.00 18.72
C SER G 268 55.46 -61.26 17.93
N GLN G 269 55.05 -61.07 16.68
CA GLN G 269 54.73 -62.22 15.83
C GLN G 269 55.94 -63.12 15.65
N GLU G 270 57.10 -62.52 15.39
CA GLU G 270 58.32 -63.30 15.24
C GLU G 270 58.64 -64.08 16.51
N GLN G 271 58.46 -63.43 17.66
CA GLN G 271 58.75 -64.09 18.93
C GLN G 271 57.81 -65.27 19.15
N ALA G 272 56.53 -65.10 18.84
CA ALA G 272 55.56 -66.18 19.00
C ALA G 272 55.91 -67.36 18.11
N LEU G 273 56.27 -67.09 16.86
CA LEU G 273 56.66 -68.17 15.96
C LEU G 273 57.91 -68.88 16.46
N ARG G 274 58.88 -68.11 16.99
CA ARG G 274 60.07 -68.73 17.55
C ARG G 274 59.71 -69.62 18.74
N GLU G 275 58.77 -69.17 19.57
CA GLU G 275 58.34 -69.98 20.71
C GLU G 275 57.74 -71.30 20.24
N LYS G 276 56.90 -71.25 19.21
CA LYS G 276 56.32 -72.48 18.67
C LYS G 276 57.40 -73.40 18.10
N ILE G 277 58.36 -72.82 17.39
CA ILE G 277 59.47 -73.61 16.84
C ILE G 277 60.22 -74.32 17.96
N ASP G 278 60.50 -73.60 19.04
CA ASP G 278 61.15 -74.22 20.18
C ASP G 278 60.29 -75.33 20.78
N SER G 279 58.99 -75.07 20.94
CA SER G 279 58.11 -76.06 21.56
C SER G 279 58.07 -77.34 20.75
N VAL G 280 58.29 -77.25 19.43
CA VAL G 280 58.32 -78.44 18.59
C VAL G 280 59.69 -79.10 18.58
N LEU G 281 60.76 -78.32 18.47
CA LEU G 281 62.08 -78.90 18.22
C LEU G 281 62.83 -79.29 19.48
N LEU G 282 62.52 -78.66 20.62
CA LEU G 282 63.23 -78.98 21.86
C LEU G 282 63.07 -80.45 22.25
N PRO G 283 61.87 -81.05 22.24
CA PRO G 283 61.79 -82.50 22.48
C PRO G 283 62.47 -83.33 21.41
N ILE G 284 62.25 -82.97 20.14
CA ILE G 284 62.72 -83.80 19.04
C ILE G 284 64.24 -83.79 18.97
N LEU G 285 64.85 -82.60 19.00
CA LEU G 285 66.29 -82.50 18.80
C LEU G 285 67.06 -82.41 20.11
N GLY G 286 66.54 -81.67 21.08
CA GLY G 286 67.22 -81.48 22.35
C GLY G 286 67.58 -80.01 22.56
N TYR G 287 68.21 -79.76 23.70
CA TYR G 287 68.58 -78.41 24.09
C TYR G 287 69.95 -78.07 23.54
N GLY G 288 70.03 -77.00 22.75
CA GLY G 288 71.29 -76.56 22.20
C GLY G 288 71.75 -77.29 20.97
N ASN G 289 70.96 -78.20 20.43
CA ASN G 289 71.32 -78.92 19.20
C ASN G 289 70.78 -78.25 17.95
N TYR G 290 70.11 -77.10 18.09
CA TYR G 290 69.53 -76.42 16.94
C TYR G 290 69.53 -74.92 17.21
N THR G 291 69.42 -74.16 16.13
CA THR G 291 69.17 -72.72 16.21
C THR G 291 68.21 -72.34 15.10
N ALA G 292 67.30 -71.43 15.39
CA ALA G 292 66.30 -71.03 14.42
C ALA G 292 65.94 -69.57 14.61
N GLN G 293 65.75 -68.85 13.50
CA GLN G 293 65.31 -67.47 13.52
C GLN G 293 64.22 -67.28 12.49
N VAL G 294 63.33 -66.33 12.75
CA VAL G 294 62.13 -66.12 11.96
C VAL G 294 62.05 -64.66 11.57
N ASP G 295 61.79 -64.39 10.30
CA ASP G 295 61.53 -63.05 9.80
C ASP G 295 60.09 -62.97 9.30
N ILE G 296 59.35 -62.00 9.80
CA ILE G 296 57.96 -61.79 9.41
C ILE G 296 57.82 -60.36 8.89
N GLN G 297 57.38 -60.23 7.65
CA GLN G 297 57.10 -58.94 7.03
C GLN G 297 55.60 -58.76 6.96
N MET G 298 55.10 -57.65 7.51
CA MET G 298 53.67 -57.40 7.59
C MET G 298 53.32 -56.11 6.86
N ASP G 299 52.33 -56.19 5.98
CA ASP G 299 51.80 -55.04 5.29
C ASP G 299 50.75 -54.35 6.17
N PHE G 300 50.75 -53.02 6.14
CA PHE G 300 49.83 -52.23 6.93
C PHE G 300 49.08 -51.23 6.07
N SER G 301 48.73 -51.65 4.85
CA SER G 301 47.95 -50.79 3.97
C SER G 301 46.52 -50.65 4.51
N ALA G 302 45.73 -49.81 3.83
CA ALA G 302 44.36 -49.52 4.22
C ALA G 302 43.43 -49.71 3.03
N VAL G 303 43.52 -50.88 2.39
CA VAL G 303 42.69 -51.16 1.23
C VAL G 303 41.21 -51.14 1.61
N GLU G 304 40.39 -50.64 0.71
CA GLU G 304 38.94 -50.56 0.92
C GLU G 304 38.29 -50.58 -0.45
N GLN G 305 37.67 -51.71 -0.80
CA GLN G 305 37.23 -51.97 -2.16
C GLN G 305 35.71 -52.06 -2.23
N THR G 306 35.15 -51.60 -3.35
CA THR G 306 33.73 -51.69 -3.63
C THR G 306 33.55 -52.27 -5.03
N ARG G 307 32.86 -53.40 -5.13
CA ARG G 307 32.68 -54.10 -6.39
C ARG G 307 31.20 -54.14 -6.74
N LYS G 308 30.88 -53.80 -7.98
CA LYS G 308 29.52 -53.86 -8.49
C LYS G 308 29.51 -54.76 -9.71
N ARG G 309 29.01 -55.97 -9.56
CA ARG G 309 29.07 -57.00 -10.60
C ARG G 309 27.67 -57.31 -11.11
N PHE G 310 27.59 -57.58 -12.41
CA PHE G 310 26.35 -57.93 -13.08
C PHE G 310 26.44 -59.35 -13.65
N ASP G 311 25.35 -59.80 -14.26
CA ASP G 311 25.29 -61.13 -14.85
C ASP G 311 24.80 -60.99 -16.28
N PRO G 312 25.69 -60.87 -17.26
CA PRO G 312 25.26 -60.59 -18.63
C PRO G 312 24.42 -61.68 -19.25
N ASN G 313 24.62 -62.94 -18.85
CA ASN G 313 24.06 -64.08 -19.57
C ASN G 313 22.67 -64.50 -19.10
N THR G 314 22.11 -63.85 -18.08
CA THR G 314 20.75 -64.14 -17.61
C THR G 314 19.97 -62.85 -17.43
N PRO G 315 19.61 -62.17 -18.51
CA PRO G 315 18.76 -60.98 -18.39
C PRO G 315 17.29 -61.37 -18.31
N ALA G 316 16.51 -60.48 -17.69
CA ALA G 316 15.07 -60.67 -17.55
C ALA G 316 14.35 -59.48 -18.18
N THR G 317 13.55 -59.74 -19.21
CA THR G 317 12.89 -58.66 -19.91
C THR G 317 11.79 -58.05 -19.05
N ARG G 318 11.85 -56.74 -18.85
CA ARG G 318 10.87 -56.01 -18.05
C ARG G 318 9.71 -55.49 -18.90
N SER G 319 10.02 -54.73 -19.94
CA SER G 319 9.04 -54.28 -20.92
C SER G 319 9.59 -54.58 -22.30
N GLU G 320 8.69 -54.67 -23.27
CA GLU G 320 9.11 -55.06 -24.61
C GLU G 320 8.13 -54.50 -25.63
N TYR G 321 8.67 -53.94 -26.70
CA TYR G 321 7.89 -53.51 -27.86
C TYR G 321 8.48 -54.15 -29.09
N ALA G 322 7.62 -54.60 -30.01
CA ALA G 322 8.08 -55.28 -31.21
C ALA G 322 7.11 -55.00 -32.33
N LEU G 323 7.55 -54.24 -33.33
CA LEU G 323 6.78 -53.95 -34.53
C LEU G 323 7.42 -54.67 -35.71
N GLU G 324 6.62 -55.41 -36.47
CA GLU G 324 7.11 -56.24 -37.56
C GLU G 324 6.07 -56.22 -38.69
N ASP G 325 6.27 -55.33 -39.66
CA ASP G 325 5.35 -55.21 -40.78
C ASP G 325 6.04 -55.59 -42.09
N TYR G 326 5.25 -56.11 -43.02
CA TYR G 326 5.72 -56.55 -44.33
C TYR G 326 4.92 -55.83 -45.41
N ASN G 327 5.30 -56.06 -46.66
CA ASN G 327 4.57 -55.53 -47.81
C ASN G 327 4.81 -56.40 -49.04
N GLY G 365 9.65 -57.99 -50.73
CA GLY G 365 9.16 -56.63 -50.54
C GLY G 365 9.71 -55.97 -49.28
N SER G 366 9.06 -54.89 -48.87
CA SER G 366 9.48 -54.18 -47.67
C SER G 366 9.31 -55.05 -46.44
N VAL G 367 10.32 -55.04 -45.57
CA VAL G 367 10.29 -55.78 -44.31
C VAL G 367 10.90 -54.89 -43.25
N ARG G 368 10.08 -54.34 -42.36
CA ARG G 368 10.53 -53.46 -41.30
C ARG G 368 10.38 -54.17 -39.96
N LYS G 369 11.46 -54.25 -39.20
CA LYS G 369 11.48 -54.97 -37.92
C LYS G 369 12.01 -54.03 -36.84
N GLU G 370 11.11 -53.24 -36.26
CA GLU G 370 11.48 -52.40 -35.13
C GLU G 370 11.33 -53.19 -33.83
N SER G 371 12.13 -52.81 -32.84
CA SER G 371 12.13 -53.51 -31.56
C SER G 371 12.73 -52.62 -30.50
N THR G 372 12.12 -52.64 -29.31
CA THR G 372 12.63 -51.94 -28.13
C THR G 372 12.50 -52.89 -26.96
N ARG G 373 13.52 -52.93 -26.11
CA ARG G 373 13.57 -53.91 -25.03
C ARG G 373 14.27 -53.32 -23.82
N ASN G 374 13.69 -53.54 -22.64
CA ASN G 374 14.29 -53.14 -21.38
C ASN G 374 14.56 -54.38 -20.54
N PHE G 375 15.70 -54.39 -19.85
CA PHE G 375 16.14 -55.58 -19.14
C PHE G 375 16.39 -55.28 -17.67
N GLU G 376 16.30 -56.34 -16.87
CA GLU G 376 16.69 -56.36 -15.47
C GLU G 376 17.76 -57.42 -15.29
N LEU G 377 18.81 -57.09 -14.55
CA LEU G 377 19.99 -57.92 -14.45
C LEU G 377 20.32 -58.21 -12.99
N ASP G 378 20.94 -59.36 -12.75
CA ASP G 378 21.42 -59.68 -11.41
C ASP G 378 22.51 -58.71 -11.01
N THR G 379 22.36 -58.10 -9.84
CA THR G 379 23.26 -57.04 -9.39
C THR G 379 23.80 -57.40 -8.02
N THR G 380 25.11 -57.60 -7.94
CA THR G 380 25.79 -57.83 -6.66
C THR G 380 26.66 -56.63 -6.34
N ILE G 381 26.52 -56.12 -5.13
CA ILE G 381 27.29 -54.95 -4.68
C ILE G 381 27.96 -55.34 -3.37
N SER G 382 29.27 -55.57 -3.41
CA SER G 382 30.02 -56.02 -2.25
C SER G 382 31.04 -54.97 -1.84
N HIS G 383 31.00 -54.57 -0.59
CA HIS G 383 31.95 -53.62 -0.03
C HIS G 383 32.84 -54.35 0.96
N GLU G 384 34.13 -54.46 0.65
CA GLU G 384 35.10 -55.16 1.46
C GLU G 384 36.10 -54.17 2.06
N ARG G 385 36.51 -54.42 3.29
CA ARG G 385 37.51 -53.58 3.96
C ARG G 385 38.54 -54.50 4.59
N LYS G 386 39.72 -54.58 3.97
CA LYS G 386 40.74 -55.52 4.42
C LYS G 386 41.30 -55.10 5.78
N GLN G 387 41.73 -56.10 6.54
CA GLN G 387 42.43 -55.82 7.79
C GLN G 387 43.78 -55.19 7.50
N THR G 388 44.18 -54.24 8.34
CA THR G 388 45.39 -53.46 8.10
C THR G 388 46.64 -54.32 8.07
N GLY G 389 47.03 -54.88 9.21
CA GLY G 389 48.27 -55.62 9.28
C GLY G 389 48.13 -57.08 8.92
N THR G 390 48.67 -57.47 7.77
CA THR G 390 48.61 -58.85 7.30
C THR G 390 50.01 -59.33 6.97
N VAL G 391 50.33 -60.56 7.35
CA VAL G 391 51.63 -61.14 7.06
C VAL G 391 51.76 -61.33 5.56
N ALA G 392 52.59 -60.52 4.91
CA ALA G 392 52.78 -60.60 3.47
C ALA G 392 53.83 -61.62 3.06
N ARG G 393 54.82 -61.86 3.91
CA ARG G 393 55.86 -62.83 3.62
C ARG G 393 56.45 -63.31 4.94
N GLN G 394 56.77 -64.60 4.99
CA GLN G 394 57.32 -65.21 6.20
C GLN G 394 58.54 -66.04 5.83
N THR G 395 59.64 -65.82 6.53
CA THR G 395 60.89 -66.52 6.29
C THR G 395 61.33 -67.20 7.58
N VAL G 396 61.60 -68.49 7.51
CA VAL G 396 62.06 -69.27 8.66
C VAL G 396 63.28 -70.06 8.24
N SER G 397 64.34 -70.01 9.05
CA SER G 397 65.54 -70.80 8.83
C SER G 397 65.90 -71.53 10.11
N VAL G 398 66.20 -72.82 9.98
CA VAL G 398 66.57 -73.67 11.11
C VAL G 398 67.89 -74.36 10.77
N ALA G 399 68.83 -74.30 11.70
CA ALA G 399 70.13 -74.94 11.55
C ALA G 399 70.30 -75.98 12.65
N ILE G 400 70.67 -77.20 12.24
CA ILE G 400 70.77 -78.33 13.15
C ILE G 400 72.24 -78.67 13.33
N LYS G 401 72.65 -78.83 14.58
CA LYS G 401 74.03 -79.17 14.88
C LYS G 401 74.38 -80.55 14.35
N ASP G 402 75.55 -80.65 13.72
CA ASP G 402 76.02 -81.94 13.24
C ASP G 402 76.55 -82.79 14.39
N ARG G 403 76.53 -84.11 14.20
CA ARG G 403 77.01 -85.06 15.18
C ARG G 403 76.34 -84.87 16.54
N PRO G 417 76.65 -85.08 10.82
CA PRO G 417 75.53 -84.47 10.09
C PRO G 417 74.22 -85.21 10.30
N MET G 418 73.18 -84.79 9.59
CA MET G 418 71.86 -85.40 9.67
C MET G 418 71.42 -85.87 8.30
N SER G 419 70.80 -87.04 8.24
CA SER G 419 70.41 -87.64 6.97
C SER G 419 69.32 -86.82 6.30
N GLU G 420 69.21 -87.01 4.97
CA GLU G 420 68.21 -86.27 4.21
C GLU G 420 66.80 -86.61 4.64
N SER G 421 66.55 -87.88 4.98
CA SER G 421 65.21 -88.30 5.38
C SER G 421 64.75 -87.56 6.64
N GLU G 422 65.63 -87.49 7.64
CA GLU G 422 65.25 -86.79 8.87
C GLU G 422 65.16 -85.29 8.66
N ILE G 423 65.99 -84.73 7.79
CA ILE G 423 65.88 -83.31 7.46
C ILE G 423 64.52 -83.02 6.84
N ASN G 424 64.08 -83.87 5.91
CA ASN G 424 62.77 -83.67 5.28
C ASN G 424 61.64 -83.90 6.27
N ALA G 425 61.80 -84.85 7.21
CA ALA G 425 60.79 -85.05 8.24
C ALA G 425 60.66 -83.83 9.14
N ILE G 426 61.79 -83.24 9.54
CA ILE G 426 61.75 -82.01 10.33
C ILE G 426 61.10 -80.89 9.53
N ARG G 427 61.41 -80.81 8.24
CA ARG G 427 60.77 -79.81 7.39
C ARG G 427 59.26 -80.02 7.33
N GLN G 428 58.82 -81.27 7.25
CA GLN G 428 57.39 -81.56 7.23
C GLN G 428 56.73 -81.16 8.55
N VAL G 429 57.39 -81.40 9.68
CA VAL G 429 56.83 -80.98 10.97
C VAL G 429 56.73 -79.46 11.02
N LEU G 430 57.78 -78.76 10.58
CA LEU G 430 57.75 -77.31 10.59
C LEU G 430 56.64 -76.77 9.70
N ILE G 431 56.40 -77.41 8.56
CA ILE G 431 55.27 -77.09 7.71
C ILE G 431 54.01 -77.54 8.43
N GLY G 432 53.31 -76.60 9.06
CA GLY G 432 52.25 -76.95 9.97
C GLY G 432 52.56 -76.46 11.36
N THR G 433 53.82 -76.61 11.79
CA THR G 433 54.24 -75.92 13.00
C THR G 433 54.19 -74.41 12.81
N VAL G 434 54.65 -73.92 11.67
CA VAL G 434 54.66 -72.48 11.40
C VAL G 434 53.50 -72.03 10.54
N GLY G 435 52.89 -72.92 9.76
CA GLY G 435 51.87 -72.53 8.82
C GLY G 435 52.47 -72.10 7.50
N PHE G 436 53.35 -72.94 6.96
CA PHE G 436 54.05 -72.61 5.72
C PHE G 436 53.06 -72.40 4.58
N ASP G 437 53.25 -71.30 3.85
CA ASP G 437 52.34 -70.90 2.76
C ASP G 437 53.22 -70.44 1.59
N GLN G 438 53.54 -71.39 0.70
CA GLN G 438 54.41 -71.07 -0.43
C GLN G 438 53.77 -70.06 -1.37
N GLY G 439 52.45 -70.17 -1.58
CA GLY G 439 51.76 -69.23 -2.45
C GLY G 439 51.84 -67.80 -1.98
N ARG G 440 52.07 -67.58 -0.69
CA ARG G 440 52.27 -66.24 -0.14
C ARG G 440 53.68 -65.73 -0.37
N GLY G 441 54.58 -66.58 -0.82
CA GLY G 441 55.98 -66.22 -0.95
C GLY G 441 56.84 -66.60 0.23
N ASP G 442 56.32 -67.38 1.17
CA ASP G 442 57.07 -67.77 2.35
C ASP G 442 58.21 -68.71 1.96
N LEU G 443 59.22 -68.75 2.83
CA LEU G 443 60.42 -69.53 2.59
C LEU G 443 60.83 -70.23 3.87
N LEU G 444 61.22 -71.50 3.74
CA LEU G 444 61.60 -72.32 4.89
C LEU G 444 62.88 -73.06 4.54
N ASN G 445 63.97 -72.73 5.20
CA ASN G 445 65.26 -73.38 5.02
C ASN G 445 65.57 -74.23 6.24
N VAL G 446 65.97 -75.48 6.01
CA VAL G 446 66.43 -76.37 7.07
C VAL G 446 67.80 -76.90 6.64
N LEU G 447 68.82 -76.60 7.42
CA LEU G 447 70.20 -76.97 7.09
C LEU G 447 70.82 -77.71 8.25
N SER G 448 71.85 -78.50 7.93
CA SER G 448 72.66 -79.19 8.94
C SER G 448 74.05 -78.57 8.92
N VAL G 449 74.39 -77.83 9.97
CA VAL G 449 75.64 -77.09 10.02
C VAL G 449 76.44 -77.58 11.22
N LYS G 450 77.71 -77.16 11.26
CA LYS G 450 78.64 -77.55 12.31
C LYS G 450 78.71 -76.43 13.34
N PHE G 451 78.17 -76.67 14.52
CA PHE G 451 78.27 -75.71 15.60
C PHE G 451 79.67 -75.70 16.18
N ALA G 452 80.14 -74.53 16.58
CA ALA G 452 81.46 -74.38 17.16
C ALA G 452 81.40 -74.45 18.68
N ALA H 255 58.68 -30.40 11.63
CA ALA H 255 58.77 -31.63 10.85
C ALA H 255 60.16 -32.25 10.96
N SER H 256 61.17 -31.44 11.28
CA SER H 256 62.52 -31.98 11.42
C SER H 256 62.60 -32.93 12.61
N ALA H 257 61.79 -32.71 13.65
CA ALA H 257 61.69 -33.69 14.72
C ALA H 257 61.15 -35.01 14.19
N ALA H 258 60.19 -34.95 13.27
CA ALA H 258 59.70 -36.16 12.63
C ALA H 258 60.81 -36.86 11.86
N ARG H 259 61.64 -36.10 11.15
CA ARG H 259 62.76 -36.69 10.44
C ARG H 259 63.75 -37.36 11.40
N ARG H 260 64.00 -36.71 12.54
CA ARG H 260 64.87 -37.29 13.56
C ARG H 260 64.30 -38.63 14.04
N LYS H 261 63.00 -38.68 14.31
CA LYS H 261 62.40 -39.92 14.77
C LYS H 261 62.39 -40.98 13.67
N GLU H 262 62.33 -40.57 12.41
CA GLU H 262 62.49 -41.53 11.31
C GLU H 262 63.89 -42.14 11.31
N GLN H 263 64.91 -41.31 11.53
CA GLN H 263 66.26 -41.84 11.67
C GLN H 263 66.34 -42.82 12.83
N GLU H 264 65.67 -42.50 13.94
CA GLU H 264 65.64 -43.38 15.08
C GLU H 264 65.00 -44.72 14.73
N LEU H 265 63.91 -44.68 13.97
CA LEU H 265 63.25 -45.91 13.53
C LEU H 265 64.18 -46.77 12.69
N GLU H 266 64.88 -46.14 11.75
CA GLU H 266 65.80 -46.89 10.90
C GLU H 266 66.90 -47.53 11.74
N ARG H 267 67.47 -46.77 12.68
CA ARG H 267 68.53 -47.31 13.53
C ARG H 267 68.02 -48.46 14.40
N SER H 268 66.79 -48.33 14.91
CA SER H 268 66.19 -49.40 15.71
C SER H 268 66.02 -50.68 14.89
N GLN H 269 65.56 -50.54 13.66
CA GLN H 269 65.43 -51.70 12.78
C GLN H 269 66.77 -52.37 12.56
N GLU H 270 67.81 -51.56 12.28
CA GLU H 270 69.14 -52.10 12.08
C GLU H 270 69.62 -52.85 13.32
N GLN H 271 69.37 -52.27 14.50
CA GLN H 271 69.80 -52.90 15.74
C GLN H 271 69.09 -54.24 15.96
N ALA H 272 67.79 -54.29 15.67
CA ALA H 272 67.04 -55.53 15.82
C ALA H 272 67.58 -56.61 14.89
N LEU H 273 67.85 -56.23 13.63
CA LEU H 273 68.39 -57.21 12.70
C LEU H 273 69.77 -57.68 13.15
N ARG H 274 70.60 -56.78 13.67
CA ARG H 274 71.90 -57.19 14.20
C ARG H 274 71.74 -58.16 15.36
N GLU H 275 70.75 -57.91 16.23
CA GLU H 275 70.50 -58.80 17.35
C GLU H 275 70.14 -60.20 16.86
N LYS H 276 69.27 -60.27 15.85
CA LYS H 276 68.91 -61.57 15.28
C LYS H 276 70.11 -62.27 14.66
N ILE H 277 70.95 -61.51 13.96
CA ILE H 277 72.16 -62.07 13.36
C ILE H 277 73.05 -62.66 14.44
N ASP H 278 73.23 -61.93 15.53
CA ASP H 278 74.02 -62.46 16.64
C ASP H 278 73.39 -63.71 17.22
N SER H 279 72.06 -63.70 17.42
CA SER H 279 71.38 -64.84 18.02
C SER H 279 71.55 -66.09 17.18
N VAL H 280 71.72 -65.93 15.87
CA VAL H 280 71.94 -67.08 14.99
C VAL H 280 73.41 -67.48 14.93
N LEU H 281 74.32 -66.51 14.81
CA LEU H 281 75.72 -66.84 14.51
C LEU H 281 76.55 -67.12 15.75
N LEU H 282 76.18 -66.58 16.91
CA LEU H 282 76.96 -66.80 18.13
C LEU H 282 77.08 -68.28 18.48
N PRO H 283 76.00 -69.09 18.48
CA PRO H 283 76.19 -70.53 18.68
C PRO H 283 76.98 -71.20 17.57
N ILE H 284 76.66 -70.85 16.31
CA ILE H 284 77.24 -71.55 15.18
C ILE H 284 78.75 -71.28 15.07
N LEU H 285 79.12 -70.00 15.13
CA LEU H 285 80.52 -69.63 14.90
C LEU H 285 81.30 -69.43 16.19
N GLY H 286 80.69 -68.83 17.19
CA GLY H 286 81.35 -68.55 18.45
C GLY H 286 81.44 -67.06 18.71
N TYR H 287 82.06 -66.72 19.83
CA TYR H 287 82.17 -65.33 20.26
C TYR H 287 83.45 -64.74 19.69
N GLY H 288 83.31 -63.66 18.93
CA GLY H 288 84.46 -62.98 18.37
C GLY H 288 85.02 -63.57 17.10
N ASN H 289 84.39 -64.61 16.55
CA ASN H 289 84.83 -65.21 15.30
C ASN H 289 84.14 -64.62 14.08
N TYR H 290 83.29 -63.61 14.27
CA TYR H 290 82.57 -63.02 13.15
C TYR H 290 82.30 -61.56 13.46
N THR H 291 82.02 -60.80 12.41
CA THR H 291 81.52 -59.44 12.54
C THR H 291 80.48 -59.20 11.46
N ALA H 292 79.43 -58.48 11.80
CA ALA H 292 78.35 -58.24 10.86
C ALA H 292 77.74 -56.86 11.10
N GLN H 293 77.40 -56.18 10.02
CA GLN H 293 76.72 -54.90 10.09
C GLN H 293 75.57 -54.89 9.09
N VAL H 294 74.54 -54.11 9.40
CA VAL H 294 73.30 -54.11 8.64
C VAL H 294 72.94 -52.67 8.29
N ASP H 295 72.62 -52.43 7.03
CA ASP H 295 72.10 -51.14 6.58
C ASP H 295 70.66 -51.31 6.12
N ILE H 296 69.77 -50.49 6.67
CA ILE H 296 68.36 -50.54 6.31
C ILE H 296 67.95 -49.15 5.84
N GLN H 297 67.45 -49.06 4.61
CA GLN H 297 66.94 -47.83 4.04
C GLN H 297 65.41 -47.92 4.01
N MET H 298 64.75 -46.93 4.60
CA MET H 298 63.29 -46.94 4.72
C MET H 298 62.70 -45.73 4.03
N ASP H 299 61.71 -45.97 3.17
CA ASP H 299 60.97 -44.90 2.53
C ASP H 299 59.85 -44.44 3.45
N PHE H 300 59.60 -43.14 3.46
CA PHE H 300 58.57 -42.55 4.30
C PHE H 300 57.64 -41.67 3.47
N SER H 301 57.32 -42.11 2.26
CA SER H 301 56.39 -41.38 1.42
C SER H 301 54.98 -41.52 1.99
N ALA H 302 54.02 -40.83 1.36
CA ALA H 302 52.64 -40.80 1.79
C ALA H 302 51.72 -41.12 0.61
N VAL H 303 52.01 -42.23 -0.06
CA VAL H 303 51.21 -42.64 -1.22
C VAL H 303 49.77 -42.89 -0.80
N GLU H 304 48.84 -42.52 -1.67
CA GLU H 304 47.41 -42.71 -1.42
C GLU H 304 46.73 -42.82 -2.78
N GLN H 305 46.31 -44.03 -3.15
CA GLN H 305 45.90 -44.33 -4.51
C GLN H 305 44.42 -44.70 -4.55
N THR H 306 43.75 -44.31 -5.64
CA THR H 306 42.36 -44.66 -5.89
C THR H 306 42.25 -45.22 -7.30
N ARG H 307 41.77 -46.45 -7.42
CA ARG H 307 41.69 -47.13 -8.70
C ARG H 307 40.24 -47.43 -9.01
N LYS H 308 39.82 -47.13 -10.24
CA LYS H 308 38.48 -47.42 -10.72
C LYS H 308 38.60 -48.27 -11.97
N ARG H 309 38.33 -49.56 -11.85
CA ARG H 309 38.55 -50.52 -12.91
C ARG H 309 37.22 -51.09 -13.40
N PHE H 310 37.14 -51.33 -14.70
CA PHE H 310 35.97 -51.88 -15.36
C PHE H 310 36.31 -53.23 -15.97
N ASP H 311 35.30 -53.87 -16.57
CA ASP H 311 35.46 -55.18 -17.20
C ASP H 311 34.91 -55.09 -18.61
N PRO H 312 35.74 -54.78 -19.60
CA PRO H 312 35.23 -54.56 -20.95
C PRO H 312 34.58 -55.77 -21.59
N ASN H 313 35.01 -56.98 -21.24
CA ASN H 313 34.65 -58.18 -21.98
C ASN H 313 33.37 -58.85 -21.49
N THR H 314 32.73 -58.34 -20.44
CA THR H 314 31.46 -58.88 -19.95
C THR H 314 30.46 -57.76 -19.71
N PRO H 315 29.97 -57.13 -20.77
CA PRO H 315 28.91 -56.12 -20.59
C PRO H 315 27.54 -56.76 -20.49
N ALA H 316 26.63 -56.05 -19.83
CA ALA H 316 25.25 -56.49 -19.66
C ALA H 316 24.33 -55.44 -20.24
N THR H 317 23.55 -55.82 -21.26
CA THR H 317 22.68 -54.85 -21.91
C THR H 317 21.52 -54.48 -21.01
N ARG H 318 21.34 -53.17 -20.77
CA ARG H 318 20.27 -52.66 -19.93
C ARG H 318 19.02 -52.33 -20.74
N SER H 319 19.16 -51.51 -21.77
CA SER H 319 18.09 -51.22 -22.70
C SER H 319 18.64 -51.37 -24.10
N GLU H 320 17.75 -51.60 -25.06
CA GLU H 320 18.19 -51.87 -26.42
C GLU H 320 17.10 -51.47 -27.40
N TYR H 321 17.50 -50.81 -28.47
CA TYR H 321 16.64 -50.48 -29.59
C TYR H 321 17.30 -50.98 -30.86
N ALA H 322 16.51 -51.55 -31.77
CA ALA H 322 17.05 -52.12 -33.00
C ALA H 322 16.00 -51.99 -34.09
N LEU H 323 16.28 -51.13 -35.07
CA LEU H 323 15.44 -50.96 -36.25
C LEU H 323 16.17 -51.53 -37.46
N GLU H 324 15.48 -52.38 -38.22
CA GLU H 324 16.09 -53.08 -39.35
C GLU H 324 15.04 -53.21 -40.46
N ASP H 325 15.04 -52.28 -41.41
CA ASP H 325 14.09 -52.30 -42.50
C ASP H 325 14.80 -52.52 -43.84
N TYR H 326 14.08 -53.15 -44.76
CA TYR H 326 14.60 -53.46 -46.10
C TYR H 326 13.65 -52.87 -47.14
N ASN H 327 14.03 -53.00 -48.40
CA ASN H 327 13.19 -52.58 -49.51
C ASN H 327 13.56 -53.36 -50.78
N GLY H 365 18.54 -54.00 -52.62
CA GLY H 365 17.83 -52.76 -52.38
C GLY H 365 18.29 -52.04 -51.11
N SER H 366 17.46 -51.11 -50.65
CA SER H 366 17.78 -50.37 -49.45
C SER H 366 17.80 -51.28 -48.23
N VAL H 367 18.82 -51.13 -47.39
CA VAL H 367 18.95 -51.88 -46.15
C VAL H 367 19.43 -50.92 -45.08
N ARG H 368 18.55 -50.55 -44.16
CA ARG H 368 18.86 -49.63 -43.08
C ARG H 368 18.87 -50.38 -41.76
N LYS H 369 19.98 -50.29 -41.03
CA LYS H 369 20.15 -51.02 -39.77
C LYS H 369 20.52 -50.04 -38.67
N GLU H 370 19.52 -49.44 -38.05
CA GLU H 370 19.76 -48.57 -36.91
C GLU H 370 19.79 -49.41 -35.63
N SER H 371 20.54 -48.91 -34.64
CA SER H 371 20.70 -49.63 -33.39
C SER H 371 21.16 -48.68 -32.31
N THR H 372 20.60 -48.84 -31.11
CA THR H 372 21.00 -48.09 -29.93
C THR H 372 21.08 -49.07 -28.77
N ARG H 373 22.12 -48.95 -27.95
CA ARG H 373 22.36 -49.93 -26.90
C ARG H 373 22.97 -49.25 -25.69
N ASN H 374 22.48 -49.61 -24.51
CA ASN H 374 23.03 -49.14 -23.24
C ASN H 374 23.54 -50.32 -22.45
N PHE H 375 24.68 -50.15 -21.79
CA PHE H 375 25.35 -51.26 -21.13
C PHE H 375 25.57 -50.95 -19.65
N GLU H 376 25.71 -52.03 -18.88
CA GLU H 376 26.12 -52.01 -17.49
C GLU H 376 27.38 -52.87 -17.37
N LEU H 377 28.37 -52.38 -16.64
CA LEU H 377 29.68 -52.99 -16.59
C LEU H 377 30.10 -53.24 -15.15
N ASP H 378 30.92 -54.27 -14.95
CA ASP H 378 31.48 -54.53 -13.63
C ASP H 378 32.39 -53.39 -13.23
N THR H 379 32.18 -52.85 -12.04
CA THR H 379 32.88 -51.66 -11.58
C THR H 379 33.51 -51.95 -10.23
N THR H 380 34.83 -51.91 -10.18
CA THR H 380 35.57 -52.05 -8.93
C THR H 380 36.22 -50.72 -8.59
N ILE H 381 36.03 -50.26 -7.35
CA ILE H 381 36.58 -49.00 -6.89
C ILE H 381 37.35 -49.29 -5.61
N SER H 382 38.68 -49.28 -5.69
CA SER H 382 39.53 -49.61 -4.56
C SER H 382 40.36 -48.41 -4.15
N HIS H 383 40.28 -48.05 -2.88
CA HIS H 383 41.05 -46.95 -2.32
C HIS H 383 42.09 -47.54 -1.36
N GLU H 384 43.37 -47.40 -1.71
CA GLU H 384 44.47 -47.94 -0.93
C GLU H 384 45.29 -46.80 -0.33
N ARG H 385 45.77 -47.00 0.88
CA ARG H 385 46.62 -46.02 1.55
C ARG H 385 47.82 -46.75 2.13
N LYS H 386 48.98 -46.60 1.50
CA LYS H 386 50.16 -47.35 1.89
C LYS H 386 50.67 -46.87 3.25
N GLN H 387 51.29 -47.79 3.97
CA GLN H 387 51.97 -47.42 5.20
C GLN H 387 53.18 -46.55 4.90
N THR H 388 53.42 -45.57 5.76
CA THR H 388 54.46 -44.57 5.52
C THR H 388 55.85 -45.19 5.44
N GLY H 389 56.35 -45.70 6.55
CA GLY H 389 57.71 -46.22 6.58
C GLY H 389 57.82 -47.67 6.18
N THR H 390 58.40 -47.93 5.00
CA THR H 390 58.58 -49.28 4.49
C THR H 390 60.04 -49.49 4.12
N VAL H 391 60.57 -50.65 4.46
CA VAL H 391 61.95 -50.99 4.12
C VAL H 391 62.07 -51.11 2.61
N ALA H 392 62.73 -50.14 1.97
CA ALA H 392 62.88 -50.15 0.52
C ALA H 392 64.09 -50.96 0.06
N ARG H 393 65.13 -51.03 0.88
CA ARG H 393 66.32 -51.80 0.54
C ARG H 393 67.02 -52.19 1.83
N GLN H 394 67.57 -53.40 1.84
CA GLN H 394 68.26 -53.93 3.01
C GLN H 394 69.59 -54.52 2.59
N THR H 395 70.65 -54.13 3.28
CA THR H 395 72.00 -54.57 2.99
C THR H 395 72.59 -55.20 4.25
N VAL H 396 73.08 -56.43 4.14
CA VAL H 396 73.71 -57.13 5.25
C VAL H 396 75.05 -57.69 4.79
N SER H 397 76.09 -57.46 5.57
CA SER H 397 77.41 -58.01 5.30
C SER H 397 77.93 -58.70 6.55
N VAL H 398 78.46 -59.91 6.37
CA VAL H 398 79.00 -60.71 7.47
C VAL H 398 80.41 -61.13 7.08
N ALA H 399 81.36 -60.93 7.99
CA ALA H 399 82.74 -61.32 7.79
C ALA H 399 83.12 -62.34 8.85
N ILE H 400 83.69 -63.46 8.41
CA ILE H 400 84.02 -64.59 9.28
C ILE H 400 85.54 -64.66 9.41
N LYS H 401 86.00 -64.78 10.65
CA LYS H 401 87.43 -64.85 10.91
C LYS H 401 88.01 -66.15 10.33
N ASP H 402 89.16 -66.02 9.68
CA ASP H 402 89.85 -67.19 9.14
C ASP H 402 90.55 -67.95 10.26
N ARG H 403 90.75 -69.25 10.03
CA ARG H 403 91.42 -70.13 10.97
C ARG H 403 90.77 -70.09 12.35
N PRO H 417 90.95 -70.10 6.62
CA PRO H 417 89.73 -69.68 5.94
C PRO H 417 88.58 -70.66 6.15
N MET H 418 87.46 -70.42 5.48
CA MET H 418 86.28 -71.26 5.58
C MET H 418 85.89 -71.75 4.20
N SER H 419 85.49 -73.03 4.11
CA SER H 419 85.18 -73.64 2.84
C SER H 419 83.94 -73.01 2.21
N GLU H 420 83.82 -73.19 0.90
CA GLU H 420 82.69 -72.62 0.17
C GLU H 420 81.37 -73.23 0.62
N SER H 421 81.37 -74.53 0.93
CA SER H 421 80.14 -75.19 1.34
C SER H 421 79.59 -74.58 2.64
N GLU H 422 80.47 -74.37 3.62
CA GLU H 422 80.00 -73.80 4.88
C GLU H 422 79.64 -72.33 4.72
N ILE H 423 80.33 -71.61 3.84
CA ILE H 423 79.95 -70.22 3.55
C ILE H 423 78.55 -70.16 2.97
N ASN H 424 78.25 -71.06 2.03
CA ASN H 424 76.91 -71.08 1.44
C ASN H 424 75.87 -71.54 2.44
N ALA H 425 76.22 -72.45 3.35
CA ALA H 425 75.29 -72.87 4.39
C ALA H 425 74.96 -71.71 5.33
N ILE H 426 75.98 -70.94 5.72
CA ILE H 426 75.74 -69.76 6.55
C ILE H 426 74.87 -68.75 5.80
N ARG H 427 75.13 -68.59 4.50
CA ARG H 427 74.31 -67.70 3.70
C ARG H 427 72.86 -68.17 3.67
N GLN H 428 72.65 -69.49 3.56
CA GLN H 428 71.28 -70.02 3.57
C GLN H 428 70.60 -69.77 4.90
N VAL H 429 71.32 -69.93 6.02
CA VAL H 429 70.73 -69.65 7.32
C VAL H 429 70.35 -68.17 7.43
N LEU H 430 71.26 -67.29 6.99
CA LEU H 430 70.97 -65.85 7.03
C LEU H 430 69.75 -65.52 6.19
N ILE H 431 69.61 -66.16 5.03
CA ILE H 431 68.41 -66.02 4.22
C ILE H 431 67.27 -66.71 4.95
N GLY H 432 66.44 -65.93 5.63
CA GLY H 432 65.48 -66.49 6.55
C GLY H 432 65.74 -65.99 7.94
N THR H 433 67.01 -65.91 8.34
CA THR H 433 67.33 -65.18 9.56
C THR H 433 67.00 -63.72 9.42
N VAL H 434 67.33 -63.11 8.28
CA VAL H 434 67.08 -61.69 8.06
C VAL H 434 65.84 -61.43 7.23
N GLY H 435 65.38 -62.41 6.44
CA GLY H 435 64.27 -62.18 5.54
C GLY H 435 64.76 -61.62 4.22
N PHE H 436 65.76 -62.27 3.63
CA PHE H 436 66.36 -61.79 2.39
C PHE H 436 65.31 -61.73 1.28
N ASP H 437 65.27 -60.60 0.58
CA ASP H 437 64.29 -60.34 -0.48
C ASP H 437 65.03 -59.71 -1.66
N GLN H 438 65.49 -60.55 -2.58
CA GLN H 438 66.27 -60.06 -3.72
C GLN H 438 65.42 -59.16 -4.62
N GLY H 439 64.14 -59.49 -4.80
CA GLY H 439 63.27 -58.68 -5.62
C GLY H 439 63.11 -57.26 -5.11
N ARG H 440 63.33 -57.04 -3.82
CA ARG H 440 63.30 -55.71 -3.24
C ARG H 440 64.59 -54.93 -3.49
N GLY H 441 65.62 -55.61 -3.98
CA GLY H 441 66.93 -54.99 -4.13
C GLY H 441 67.88 -55.24 -2.98
N ASP H 442 67.52 -56.13 -2.05
CA ASP H 442 68.36 -56.40 -0.90
C ASP H 442 69.65 -57.11 -1.34
N LEU H 443 70.67 -56.99 -0.49
CA LEU H 443 71.98 -57.54 -0.79
C LEU H 443 72.55 -58.18 0.47
N LEU H 444 73.15 -59.35 0.30
CA LEU H 444 73.71 -60.12 1.40
C LEU H 444 75.08 -60.62 1.00
N ASN H 445 76.12 -60.09 1.65
CA ASN H 445 77.50 -60.50 1.42
C ASN H 445 77.99 -61.32 2.61
N VAL H 446 78.59 -62.47 2.33
CA VAL H 446 79.25 -63.28 3.35
C VAL H 446 80.67 -63.54 2.88
N LEU H 447 81.65 -63.08 3.65
CA LEU H 447 83.05 -63.19 3.27
C LEU H 447 83.83 -63.85 4.40
N SER H 448 84.97 -64.43 4.04
CA SER H 448 85.92 -64.98 5.00
C SER H 448 87.17 -64.12 4.97
N VAL H 449 87.41 -63.36 6.03
CA VAL H 449 88.50 -62.41 6.09
C VAL H 449 89.41 -62.76 7.25
N LYS H 450 90.59 -62.14 7.27
CA LYS H 450 91.60 -62.38 8.30
C LYS H 450 91.50 -61.28 9.35
N PHE H 451 91.04 -61.66 10.54
CA PHE H 451 90.99 -60.71 11.64
C PHE H 451 92.38 -60.47 12.20
N ALA H 452 92.64 -59.24 12.61
CA ALA H 452 93.94 -58.87 13.17
C ALA H 452 93.92 -58.99 14.69
N ALA I 255 63.48 -19.60 9.44
CA ALA I 255 63.77 -20.78 8.63
C ALA I 255 65.25 -21.14 8.69
N SER I 256 66.10 -20.17 9.01
CA SER I 256 67.53 -20.46 9.11
C SER I 256 67.82 -21.41 10.26
N ALA I 257 67.01 -21.35 11.32
CA ALA I 257 67.12 -22.36 12.36
C ALA I 257 66.81 -23.75 11.81
N ALA I 258 65.83 -23.83 10.91
CA ALA I 258 65.54 -25.10 10.25
C ALA I 258 66.73 -25.57 9.44
N ARG I 259 67.41 -24.65 8.73
CA ARG I 259 68.59 -25.03 7.98
C ARG I 259 69.71 -25.51 8.90
N ARG I 260 69.87 -24.86 10.05
CA ARG I 260 70.86 -25.31 11.03
C ARG I 260 70.55 -26.73 11.49
N LYS I 261 69.28 -27.03 11.78
CA LYS I 261 68.94 -28.37 12.22
C LYS I 261 69.09 -29.38 11.09
N GLU I 262 68.93 -28.96 9.84
CA GLU I 262 69.22 -29.84 8.71
C GLU I 262 70.70 -30.20 8.65
N GLN I 263 71.56 -29.21 8.88
CA GLN I 263 72.99 -29.48 8.98
C GLN I 263 73.28 -30.46 10.11
N GLU I 264 72.59 -30.28 11.24
CA GLU I 264 72.75 -31.20 12.36
C GLU I 264 72.35 -32.62 11.98
N LEU I 265 71.25 -32.76 11.25
CA LEU I 265 70.81 -34.08 10.79
C LEU I 265 71.86 -34.72 9.90
N GLU I 266 72.41 -33.96 8.96
CA GLU I 266 73.43 -34.51 8.07
C GLU I 266 74.65 -34.96 8.86
N ARG I 267 75.09 -34.14 9.82
CA ARG I 267 76.26 -34.50 10.62
C ARG I 267 75.98 -35.73 11.47
N SER I 268 74.77 -35.85 12.01
CA SER I 268 74.40 -37.02 12.79
C SER I 268 74.43 -38.29 11.95
N GLN I 269 73.92 -38.21 10.72
CA GLN I 269 73.98 -39.35 9.82
C GLN I 269 75.42 -39.76 9.54
N GLU I 270 76.27 -38.77 9.27
CA GLU I 270 77.68 -39.07 9.02
C GLU I 270 78.31 -39.73 10.23
N GLN I 271 78.00 -39.24 11.42
CA GLN I 271 78.57 -39.82 12.64
C GLN I 271 78.12 -41.26 12.83
N ALA I 272 76.84 -41.54 12.57
CA ALA I 272 76.34 -42.90 12.70
C ALA I 272 77.02 -43.84 11.73
N LEU I 273 77.19 -43.40 10.48
CA LEU I 273 77.88 -44.23 9.51
C LEU I 273 79.33 -44.46 9.91
N ARG I 274 79.99 -43.44 10.45
CA ARG I 274 81.35 -43.62 10.93
C ARG I 274 81.41 -44.63 12.08
N GLU I 275 80.42 -44.58 12.96
CA GLU I 275 80.36 -45.54 14.06
C GLU I 275 80.24 -46.97 13.54
N LYS I 276 79.38 -47.16 12.54
CA LYS I 276 79.24 -48.50 11.95
C LYS I 276 80.54 -48.94 11.29
N ILE I 277 81.19 -48.03 10.58
CA ILE I 277 82.46 -48.35 9.94
C ILE I 277 83.48 -48.80 10.98
N ASP I 278 83.56 -48.08 12.09
CA ASP I 278 84.45 -48.48 13.16
C ASP I 278 84.07 -49.84 13.72
N SER I 279 82.78 -50.06 13.95
CA SER I 279 82.34 -51.33 14.53
C SER I 279 82.71 -52.50 13.65
N VAL I 280 82.80 -52.29 12.34
CA VAL I 280 83.20 -53.35 11.42
C VAL I 280 84.72 -53.48 11.32
N LEU I 281 85.44 -52.36 11.22
CA LEU I 281 86.86 -52.43 10.87
C LEU I 281 87.77 -52.59 12.09
N LEU I 282 87.32 -52.15 13.27
CA LEU I 282 88.17 -52.25 14.46
C LEU I 282 88.56 -53.69 14.78
N PRO I 283 87.65 -54.69 14.76
CA PRO I 283 88.10 -56.08 14.91
C PRO I 283 88.96 -56.56 13.77
N ILE I 284 88.56 -56.25 12.53
CA ILE I 284 89.22 -56.81 11.36
C ILE I 284 90.64 -56.26 11.24
N LEU I 285 90.80 -54.94 11.32
CA LEU I 285 92.09 -54.31 11.07
C LEU I 285 92.86 -54.01 12.35
N GLY I 286 92.17 -53.55 13.38
CA GLY I 286 92.81 -53.19 14.64
C GLY I 286 92.64 -51.70 14.93
N TYR I 287 93.21 -51.30 16.06
CA TYR I 287 93.09 -49.92 16.52
C TYR I 287 94.23 -49.09 15.95
N GLY I 288 93.88 -48.04 15.22
CA GLY I 288 94.87 -47.15 14.65
C GLY I 288 95.49 -47.61 13.35
N ASN I 289 95.04 -48.72 12.79
CA ASN I 289 95.55 -49.20 11.52
C ASN I 289 94.73 -48.71 10.32
N TYR I 290 93.72 -47.89 10.56
CA TYR I 290 92.86 -47.40 9.48
C TYR I 290 92.35 -46.02 9.84
N THR I 291 91.92 -45.30 8.82
CA THR I 291 91.18 -44.05 8.99
C THR I 291 90.10 -43.98 7.94
N ALA I 292 88.93 -43.47 8.33
CA ALA I 292 87.80 -43.40 7.42
C ALA I 292 86.97 -42.17 7.72
N GLN I 293 86.47 -41.53 6.66
CA GLN I 293 85.58 -40.40 6.79
C GLN I 293 84.42 -40.56 5.81
N VAL I 294 83.27 -40.00 6.18
CA VAL I 294 82.03 -40.20 5.43
C VAL I 294 81.41 -38.84 5.14
N ASP I 295 81.02 -38.63 3.89
CA ASP I 295 80.27 -37.44 3.49
C ASP I 295 78.88 -37.86 3.05
N ILE I 296 77.86 -37.23 3.64
CA ILE I 296 76.47 -37.52 3.32
C ILE I 296 75.80 -36.21 2.90
N GLN I 297 75.27 -36.18 1.68
CA GLN I 297 74.53 -35.05 1.16
C GLN I 297 73.05 -35.41 1.16
N MET I 298 72.23 -34.59 1.79
CA MET I 298 70.81 -34.86 1.94
C MET I 298 69.99 -33.75 1.31
N ASP I 299 69.03 -34.14 0.46
CA ASP I 299 68.09 -33.21 -0.12
C ASP I 299 66.93 -32.99 0.83
N PHE I 300 66.45 -31.75 0.88
CA PHE I 300 65.36 -31.37 1.76
C PHE I 300 64.26 -30.67 0.98
N SER I 301 64.00 -31.12 -0.24
CA SER I 301 62.92 -30.56 -1.03
C SER I 301 61.58 -30.95 -0.44
N ALA I 302 60.50 -30.43 -1.03
CA ALA I 302 59.14 -30.66 -0.57
C ALA I 302 58.26 -31.12 -1.73
N VAL I 303 58.72 -32.14 -2.45
CA VAL I 303 57.98 -32.65 -3.59
C VAL I 303 56.63 -33.18 -3.15
N GLU I 304 55.62 -32.96 -3.99
CA GLU I 304 54.26 -33.42 -3.72
C GLU I 304 53.57 -33.60 -5.06
N GLN I 305 53.37 -34.86 -5.46
CA GLN I 305 52.98 -35.20 -6.82
C GLN I 305 51.58 -35.82 -6.84
N THR I 306 50.83 -35.53 -7.91
CA THR I 306 49.52 -36.12 -8.14
C THR I 306 49.48 -36.65 -9.56
N ARG I 307 49.23 -37.95 -9.70
CA ARG I 307 49.23 -38.61 -11.00
C ARG I 307 47.84 -39.16 -11.29
N LYS I 308 47.35 -38.91 -12.49
CA LYS I 308 46.07 -39.43 -12.95
C LYS I 308 46.31 -40.20 -14.23
N ARG I 309 46.28 -41.52 -14.14
CA ARG I 309 46.63 -42.40 -15.24
C ARG I 309 45.42 -43.18 -15.71
N PHE I 310 45.37 -43.41 -17.02
CA PHE I 310 44.28 -44.13 -17.67
C PHE I 310 44.84 -45.40 -18.32
N ASP I 311 43.94 -46.18 -18.92
CA ASP I 311 44.32 -47.43 -19.59
C ASP I 311 43.73 -47.41 -20.99
N PRO I 312 44.47 -46.92 -21.99
CA PRO I 312 43.88 -46.75 -23.32
C PRO I 312 43.44 -48.06 -23.98
N ASN I 313 44.10 -49.18 -23.67
CA ASN I 313 43.94 -50.40 -24.44
C ASN I 313 42.81 -51.30 -23.94
N THR I 314 42.12 -50.94 -22.87
CA THR I 314 40.98 -51.72 -22.37
C THR I 314 39.80 -50.80 -22.07
N PRO I 315 39.17 -50.24 -23.10
CA PRO I 315 37.96 -49.44 -22.87
C PRO I 315 36.73 -50.33 -22.75
N ALA I 316 35.72 -49.81 -22.05
CA ALA I 316 34.46 -50.50 -21.87
C ALA I 316 33.33 -49.62 -22.40
N THR I 317 32.62 -50.11 -23.41
CA THR I 317 31.57 -49.29 -24.01
C THR I 317 30.38 -49.16 -23.07
N ARG I 318 29.98 -47.91 -22.79
CA ARG I 318 28.86 -47.63 -21.92
C ARG I 318 27.56 -47.51 -22.68
N SER I 319 27.51 -46.64 -23.69
CA SER I 319 26.38 -46.52 -24.60
C SER I 319 26.92 -46.55 -26.01
N GLU I 320 26.05 -46.91 -26.95
CA GLU I 320 26.50 -47.07 -28.33
C GLU I 320 25.33 -46.84 -29.27
N TYR I 321 25.58 -46.08 -30.33
CA TYR I 321 24.65 -45.90 -31.43
C TYR I 321 25.34 -46.23 -32.72
N ALA I 322 24.65 -46.91 -33.63
CA ALA I 322 25.25 -47.34 -34.89
C ALA I 322 24.17 -47.38 -35.95
N LEU I 323 24.25 -46.46 -36.92
CA LEU I 323 23.37 -46.41 -38.06
C LEU I 323 24.15 -46.80 -39.30
N GLU I 324 23.61 -47.75 -40.08
CA GLU I 324 24.30 -48.30 -41.25
C GLU I 324 23.26 -48.59 -42.34
N ASP I 325 23.08 -47.65 -43.25
CA ASP I 325 22.12 -47.81 -44.33
C ASP I 325 22.81 -47.87 -45.68
N TYR I 326 22.21 -48.59 -46.61
CA TYR I 326 22.72 -48.78 -47.95
C TYR I 326 21.66 -48.34 -48.96
N ASN I 327 22.03 -48.36 -50.24
CA ASN I 327 21.10 -48.07 -51.32
C ASN I 327 21.56 -48.74 -52.61
N GLY I 365 26.53 -48.43 -54.59
CA GLY I 365 25.61 -47.35 -54.29
C GLY I 365 25.96 -46.59 -53.02
N SER I 366 25.00 -45.83 -52.51
CA SER I 366 25.21 -45.07 -51.29
C SER I 366 25.42 -46.00 -50.11
N VAL I 367 26.42 -45.68 -49.28
CA VAL I 367 26.72 -46.44 -48.07
C VAL I 367 27.05 -45.43 -46.98
N ARG I 368 26.14 -45.26 -46.03
CA ARG I 368 26.30 -44.31 -44.93
C ARG I 368 26.48 -45.09 -43.63
N LYS I 369 27.58 -44.82 -42.92
CA LYS I 369 27.92 -45.53 -41.69
C LYS I 369 28.14 -44.53 -40.57
N GLU I 370 27.06 -44.13 -39.91
CA GLU I 370 27.17 -43.27 -38.74
C GLU I 370 27.39 -44.12 -37.49
N SER I 371 28.05 -43.52 -36.51
CA SER I 371 28.38 -44.23 -35.28
C SER I 371 28.69 -43.24 -34.19
N THR I 372 28.20 -43.53 -32.98
CA THR I 372 28.49 -42.75 -31.78
C THR I 372 28.78 -43.72 -30.67
N ARG I 373 29.79 -43.44 -29.86
CA ARG I 373 30.23 -44.39 -28.85
C ARG I 373 30.75 -43.64 -27.63
N ASN I 374 30.37 -44.10 -26.45
CA ASN I 374 30.85 -43.58 -25.18
C ASN I 374 31.59 -44.67 -24.43
N PHE I 375 32.70 -44.31 -23.79
CA PHE I 375 33.57 -45.30 -23.17
C PHE I 375 33.77 -44.99 -21.70
N GLU I 376 34.12 -46.05 -20.97
CA GLU I 376 34.57 -45.99 -19.58
C GLU I 376 35.96 -46.62 -19.52
N LEU I 377 36.86 -45.97 -18.79
CA LEU I 377 38.27 -46.34 -18.79
C LEU I 377 38.76 -46.54 -17.37
N ASP I 378 39.76 -47.41 -17.22
CA ASP I 378 40.39 -47.60 -15.92
C ASP I 378 41.09 -46.31 -15.51
N THR I 379 40.82 -45.86 -14.29
CA THR I 379 41.31 -44.57 -13.82
C THR I 379 42.02 -44.77 -12.49
N THR I 380 43.31 -44.50 -12.47
CA THR I 380 44.09 -44.54 -11.24
C THR I 380 44.50 -43.12 -10.88
N ILE I 381 44.26 -42.74 -9.62
CA ILE I 381 44.59 -41.40 -9.13
C ILE I 381 45.44 -41.59 -7.88
N SER I 382 46.73 -41.33 -7.99
CA SER I 382 47.66 -41.54 -6.89
C SER I 382 48.27 -40.21 -6.46
N HIS I 383 48.16 -39.90 -5.17
CA HIS I 383 48.75 -38.70 -4.60
C HIS I 383 49.90 -39.12 -3.69
N GLU I 384 51.12 -38.75 -4.05
CA GLU I 384 52.32 -39.09 -3.31
C GLU I 384 52.94 -37.84 -2.71
N ARG I 385 53.49 -37.99 -1.51
CA ARG I 385 54.16 -36.87 -0.83
C ARG I 385 55.48 -37.39 -0.30
N LYS I 386 56.58 -37.02 -0.95
CA LYS I 386 57.88 -37.56 -0.61
C LYS I 386 58.34 -37.03 0.75
N GLN I 387 59.14 -37.84 1.44
CA GLN I 387 59.77 -37.39 2.66
C GLN I 387 60.79 -36.30 2.36
N THR I 388 60.87 -35.31 3.25
CA THR I 388 61.71 -34.15 3.01
C THR I 388 63.18 -34.50 2.88
N GLY I 389 63.81 -34.93 3.96
CA GLY I 389 65.24 -35.20 3.95
C GLY I 389 65.60 -36.59 3.50
N THR I 390 66.18 -36.72 2.30
CA THR I 390 66.58 -38.00 1.75
C THR I 390 68.04 -37.93 1.34
N VAL I 391 68.79 -38.99 1.63
CA VAL I 391 70.19 -39.06 1.26
C VAL I 391 70.29 -39.13 -0.26
N ALA I 392 70.74 -38.04 -0.88
CA ALA I 392 70.86 -37.98 -2.34
C ALA I 392 72.18 -38.54 -2.85
N ARG I 393 73.24 -38.46 -2.05
CA ARG I 393 74.54 -38.98 -2.44
C ARG I 393 75.33 -39.27 -1.18
N GLN I 394 76.09 -40.37 -1.22
CA GLN I 394 76.89 -40.79 -0.08
C GLN I 394 78.30 -41.13 -0.54
N THR I 395 79.29 -40.56 0.14
CA THR I 395 80.70 -40.75 -0.20
C THR I 395 81.42 -41.28 1.03
N VAL I 396 82.12 -42.40 0.87
CA VAL I 396 82.89 -43.01 1.95
C VAL I 396 84.29 -43.30 1.44
N SER I 397 85.31 -42.91 2.21
CA SER I 397 86.69 -43.20 1.89
C SER I 397 87.36 -43.82 3.10
N VAL I 398 88.09 -44.92 2.89
CA VAL I 398 88.80 -45.62 3.94
C VAL I 398 90.25 -45.78 3.51
N ALA I 399 91.17 -45.43 4.41
CA ALA I 399 92.60 -45.58 4.17
C ALA I 399 93.19 -46.53 5.19
N ILE I 400 93.92 -47.52 4.70
CA ILE I 400 94.48 -48.58 5.52
C ILE I 400 95.99 -48.39 5.63
N LYS I 401 96.50 -48.45 6.85
CA LYS I 401 97.93 -48.27 7.07
C LYS I 401 98.71 -49.42 6.44
N ASP I 402 99.80 -49.08 5.77
CA ASP I 402 100.67 -50.09 5.19
C ASP I 402 101.52 -50.74 6.27
N ARG I 403 101.95 -51.97 5.99
CA ARG I 403 102.80 -52.73 6.89
C ARG I 403 102.19 -52.86 8.29
N PRO I 417 102.22 -52.68 2.56
CA PRO I 417 100.92 -52.48 1.91
C PRO I 417 99.97 -53.66 2.12
N MET I 418 98.81 -53.60 1.48
CA MET I 418 97.79 -54.64 1.59
C MET I 418 97.47 -55.16 0.20
N SER I 419 97.30 -56.49 0.08
CA SER I 419 97.07 -57.11 -1.19
C SER I 419 95.73 -56.71 -1.78
N GLU I 420 95.61 -56.87 -3.10
CA GLU I 420 94.38 -56.49 -3.79
C GLU I 420 93.20 -57.34 -3.32
N SER I 421 93.44 -58.63 -3.05
CA SER I 421 92.35 -59.51 -2.62
C SER I 421 91.74 -59.04 -1.31
N GLU I 422 92.59 -58.71 -0.34
CA GLU I 422 92.06 -58.26 0.94
C GLU I 422 91.43 -56.86 0.84
N ILE I 423 91.96 -56.01 -0.04
CA ILE I 423 91.34 -54.72 -0.27
C ILE I 423 89.92 -54.89 -0.82
N ASN I 424 89.76 -55.80 -1.78
CA ASN I 424 88.45 -56.06 -2.35
C ASN I 424 87.53 -56.72 -1.33
N ALA I 425 88.06 -57.58 -0.46
CA ALA I 425 87.25 -58.18 0.59
C ALA I 425 86.75 -57.12 1.57
N ILE I 426 87.62 -56.19 1.96
CA ILE I 426 87.19 -55.10 2.83
C ILE I 426 86.14 -54.24 2.13
N ARG I 427 86.33 -54.00 0.83
CA ARG I 427 85.34 -53.25 0.07
C ARG I 427 83.99 -53.98 0.06
N GLN I 428 84.02 -55.30 -0.08
CA GLN I 428 82.78 -56.08 -0.06
C GLN I 428 82.10 -56.00 1.29
N VAL I 429 82.87 -56.04 2.39
CA VAL I 429 82.27 -55.90 3.71
C VAL I 429 81.64 -54.53 3.87
N LEU I 430 82.35 -53.48 3.44
CA LEU I 430 81.81 -52.13 3.53
C LEU I 430 80.53 -51.99 2.72
N ILE I 431 80.48 -52.62 1.55
CA ILE I 431 79.25 -52.68 0.77
C ILE I 431 78.27 -53.58 1.51
N GLY I 432 77.33 -52.98 2.22
CA GLY I 432 76.52 -53.73 3.15
C GLY I 432 76.72 -53.22 4.56
N THR I 433 77.96 -52.93 4.92
CA THR I 433 78.18 -52.19 6.16
C THR I 433 77.59 -50.79 6.07
N VAL I 434 77.78 -50.12 4.94
CA VAL I 434 77.27 -48.76 4.76
C VAL I 434 75.97 -48.71 3.97
N GLY I 435 75.68 -49.73 3.16
CA GLY I 435 74.53 -49.68 2.29
C GLY I 435 74.87 -49.01 0.98
N PHE I 436 75.96 -49.46 0.35
CA PHE I 436 76.42 -48.85 -0.88
C PHE I 436 75.35 -48.95 -1.97
N ASP I 437 75.10 -47.82 -2.64
CA ASP I 437 74.05 -47.72 -3.67
C ASP I 437 74.64 -46.93 -4.84
N GLN I 438 75.21 -47.66 -5.80
CA GLN I 438 75.86 -47.00 -6.94
C GLN I 438 74.84 -46.25 -7.79
N GLY I 439 73.64 -46.80 -7.95
CA GLY I 439 72.61 -46.14 -8.73
C GLY I 439 72.21 -44.79 -8.18
N ARG I 440 72.42 -44.57 -6.89
CA ARG I 440 72.17 -43.27 -6.27
C ARG I 440 73.29 -42.28 -6.52
N GLY I 441 74.42 -42.73 -7.06
CA GLY I 441 75.59 -41.90 -7.22
C GLY I 441 76.59 -42.00 -6.09
N ASP I 442 76.43 -42.96 -5.18
CA ASP I 442 77.34 -43.09 -4.07
C ASP I 442 78.71 -43.54 -4.55
N LEU I 443 79.72 -43.27 -3.72
CA LEU I 443 81.10 -43.57 -4.06
C LEU I 443 81.80 -44.13 -2.84
N LEU I 444 82.61 -45.16 -3.06
CA LEU I 444 83.32 -45.86 -1.99
C LEU I 444 84.76 -46.08 -2.43
N ASN I 445 85.70 -45.40 -1.79
CA ASN I 445 87.11 -45.55 -2.06
C ASN I 445 87.78 -46.29 -0.91
N VAL I 446 88.58 -47.31 -1.23
CA VAL I 446 89.39 -48.01 -0.25
C VAL I 446 90.82 -48.00 -0.77
N LEU I 447 91.72 -47.39 0.01
CA LEU I 447 93.11 -47.23 -0.41
C LEU I 447 94.02 -47.77 0.68
N SER I 448 95.25 -48.12 0.27
CA SER I 448 96.30 -48.52 1.20
C SER I 448 97.38 -47.45 1.16
N VAL I 449 97.50 -46.68 2.25
CA VAL I 449 98.42 -45.55 2.30
C VAL I 449 99.40 -45.77 3.44
N LYS I 450 100.44 -44.94 3.45
CA LYS I 450 101.51 -45.02 4.44
C LYS I 450 101.24 -43.98 5.53
N PHE I 451 100.88 -44.47 6.72
CA PHE I 451 100.70 -43.58 7.85
C PHE I 451 102.04 -43.10 8.38
N ALA I 452 102.09 -41.86 8.83
CA ALA I 452 103.31 -41.27 9.37
C ALA I 452 103.35 -41.43 10.89
N ALA J 255 66.20 -8.06 7.47
CA ALA J 255 66.67 -9.14 6.61
C ALA J 255 68.20 -9.23 6.63
N SER J 256 68.87 -8.13 6.96
CA SER J 256 70.33 -8.16 7.02
C SER J 256 70.81 -9.07 8.14
N ALA J 257 70.04 -9.19 9.22
CA ALA J 257 70.35 -10.20 10.23
C ALA J 257 70.28 -11.60 9.64
N ALA J 258 69.31 -11.84 8.76
CA ALA J 258 69.24 -13.12 8.07
C ALA J 258 70.48 -13.34 7.21
N ARG J 259 70.95 -12.30 6.52
CA ARG J 259 72.16 -12.43 5.73
C ARG J 259 73.38 -12.73 6.61
N ARG J 260 73.45 -12.09 7.78
CA ARG J 260 74.52 -12.39 8.73
C ARG J 260 74.50 -13.85 9.14
N LYS J 261 73.30 -14.37 9.46
CA LYS J 261 73.22 -15.77 9.86
C LYS J 261 73.52 -16.71 8.70
N GLU J 262 73.24 -16.29 7.46
CA GLU J 262 73.66 -17.07 6.31
C GLU J 262 75.18 -17.16 6.21
N GLN J 263 75.85 -16.03 6.45
CA GLN J 263 77.32 -16.05 6.50
C GLN J 263 77.80 -16.99 7.60
N GLU J 264 77.13 -16.96 8.75
CA GLU J 264 77.48 -17.86 9.84
C GLU J 264 77.32 -19.32 9.42
N LEU J 265 76.25 -19.64 8.71
CA LEU J 265 76.04 -21.00 8.22
C LEU J 265 77.18 -21.43 7.29
N GLU J 266 77.55 -20.55 6.36
CA GLU J 266 78.63 -20.89 5.44
C GLU J 266 79.93 -21.14 6.19
N ARG J 267 80.24 -20.27 7.16
CA ARG J 267 81.47 -20.44 7.93
C ARG J 267 81.44 -21.72 8.75
N SER J 268 80.28 -22.07 9.31
CA SER J 268 80.16 -23.30 10.06
C SER J 268 80.39 -24.53 9.18
N GLN J 269 79.84 -24.51 7.97
CA GLN J 269 80.08 -25.60 7.03
C GLN J 269 81.56 -25.73 6.71
N GLU J 270 82.22 -24.60 6.45
CA GLU J 270 83.64 -24.63 6.16
C GLU J 270 84.43 -25.20 7.34
N GLN J 271 84.05 -24.80 8.55
CA GLN J 271 84.76 -25.30 9.74
C GLN J 271 84.58 -26.80 9.90
N ALA J 272 83.36 -27.29 9.66
CA ALA J 272 83.12 -28.73 9.76
C ALA J 272 83.94 -29.51 8.74
N LEU J 273 83.99 -29.01 7.50
CA LEU J 273 84.78 -29.68 6.49
C LEU J 273 86.26 -29.66 6.85
N ARG J 274 86.75 -28.54 7.40
CA ARG J 274 88.13 -28.49 7.85
C ARG J 274 88.40 -29.50 8.96
N GLU J 275 87.44 -29.65 9.88
CA GLU J 275 87.58 -30.63 10.95
C GLU J 275 87.71 -32.04 10.39
N LYS J 276 86.87 -32.37 9.41
CA LYS J 276 86.96 -33.69 8.78
C LYS J 276 88.30 -33.88 8.08
N ILE J 277 88.76 -32.84 7.38
CA ILE J 277 90.05 -32.91 6.70
C ILE J 277 91.16 -33.20 7.70
N ASP J 278 91.13 -32.50 8.84
CA ASP J 278 92.11 -32.76 9.88
C ASP J 278 92.00 -34.18 10.40
N SER J 279 90.77 -34.65 10.65
CA SER J 279 90.59 -35.99 11.21
C SER J 279 91.13 -37.05 10.28
N VAL J 280 91.15 -36.79 8.97
CA VAL J 280 91.71 -37.74 8.02
C VAL J 280 93.22 -37.59 7.88
N LEU J 281 93.73 -36.35 7.80
CA LEU J 281 95.12 -36.16 7.42
C LEU J 281 96.08 -36.18 8.60
N LEU J 282 95.61 -35.85 9.81
CA LEU J 282 96.48 -35.83 10.98
C LEU J 282 97.14 -37.19 11.24
N PRO J 283 96.42 -38.34 11.22
CA PRO J 283 97.12 -39.63 11.32
C PRO J 283 98.02 -39.91 10.14
N ILE J 284 97.53 -39.65 8.92
CA ILE J 284 98.27 -40.04 7.72
C ILE J 284 99.55 -39.24 7.58
N LEU J 285 99.47 -37.92 7.70
CA LEU J 285 100.61 -37.07 7.44
C LEU J 285 101.35 -36.67 8.72
N GLY J 286 100.62 -36.37 9.78
CA GLY J 286 101.21 -35.92 11.03
C GLY J 286 100.79 -34.51 11.37
N TYR J 287 101.31 -34.03 12.49
CA TYR J 287 100.96 -32.71 13.01
C TYR J 287 101.91 -31.68 12.43
N GLY J 288 101.36 -30.68 11.73
CA GLY J 288 102.15 -29.61 11.17
C GLY J 288 102.81 -29.92 9.85
N ASN J 289 102.55 -31.09 9.26
CA ASN J 289 103.11 -31.43 7.97
C ASN J 289 102.19 -31.07 6.81
N TYR J 290 101.05 -30.44 7.08
CA TYR J 290 100.09 -30.10 6.04
C TYR J 290 99.35 -28.83 6.45
N THR J 291 98.76 -28.18 5.46
CA THR J 291 97.83 -27.09 5.69
C THR J 291 96.72 -27.19 4.67
N ALA J 292 95.49 -26.91 5.09
CA ALA J 292 94.34 -27.03 4.21
C ALA J 292 93.30 -25.97 4.56
N GLN J 293 92.68 -25.40 3.54
CA GLN J 293 91.60 -24.45 3.72
C GLN J 293 90.47 -24.79 2.76
N VAL J 294 89.25 -24.47 3.17
CA VAL J 294 88.04 -24.86 2.44
C VAL J 294 87.17 -23.63 2.21
N ASP J 295 86.72 -23.46 0.98
CA ASP J 295 85.76 -22.42 0.62
C ASP J 295 84.45 -23.07 0.21
N ILE J 296 83.35 -22.66 0.84
CA ILE J 296 82.03 -23.18 0.54
C ILE J 296 81.13 -22.01 0.17
N GLN J 297 80.56 -22.04 -1.04
CA GLN J 297 79.62 -21.05 -1.51
C GLN J 297 78.23 -21.67 -1.49
N MET J 298 77.29 -21.02 -0.81
CA MET J 298 75.94 -21.55 -0.64
C MET J 298 74.92 -20.59 -1.22
N ASP J 299 74.03 -21.12 -2.05
CA ASP J 299 72.92 -20.37 -2.59
C ASP J 299 71.76 -20.39 -1.61
N PHE J 300 71.08 -19.25 -1.51
CA PHE J 300 69.95 -19.11 -0.60
C PHE J 300 68.73 -18.58 -1.33
N SER J 301 68.52 -19.05 -2.56
CA SER J 301 67.34 -18.67 -3.31
C SER J 301 66.10 -19.32 -2.70
N ALA J 302 64.94 -18.98 -3.25
CA ALA J 302 63.65 -19.46 -2.77
C ALA J 302 62.84 -20.04 -3.92
N VAL J 303 63.45 -20.95 -4.68
CA VAL J 303 62.79 -21.55 -5.82
C VAL J 303 61.56 -22.32 -5.37
N GLU J 304 60.51 -22.28 -6.18
CA GLU J 304 59.26 -22.97 -5.89
C GLU J 304 58.58 -23.25 -7.22
N GLN J 305 58.60 -24.51 -7.66
CA GLN J 305 58.24 -24.88 -9.01
C GLN J 305 56.98 -25.74 -9.02
N THR J 306 56.16 -25.56 -10.06
CA THR J 306 54.97 -26.38 -10.28
C THR J 306 54.99 -26.88 -11.72
N ARG J 307 54.97 -28.19 -11.89
CA ARG J 307 55.06 -28.80 -13.21
C ARG J 307 53.78 -29.59 -13.48
N LYS J 308 53.22 -29.40 -14.67
CA LYS J 308 52.04 -30.13 -15.12
C LYS J 308 52.39 -30.81 -16.42
N ARG J 309 52.59 -32.12 -16.37
CA ARG J 309 53.07 -32.90 -17.50
C ARG J 309 52.00 -33.87 -17.97
N PHE J 310 51.95 -34.07 -19.28
CA PHE J 310 51.00 -34.97 -19.93
C PHE J 310 51.76 -36.09 -20.63
N ASP J 311 51.01 -37.01 -21.23
CA ASP J 311 51.58 -38.15 -21.95
C ASP J 311 50.96 -38.20 -23.33
N PRO J 312 51.57 -37.56 -24.34
CA PRO J 312 50.94 -37.48 -25.65
C PRO J 312 50.72 -38.81 -26.33
N ASN J 313 51.57 -39.80 -26.07
CA ASN J 313 51.61 -41.02 -26.87
C ASN J 313 50.68 -42.12 -26.38
N THR J 314 49.96 -41.91 -25.28
CA THR J 314 49.00 -42.90 -24.77
C THR J 314 47.68 -42.21 -24.42
N PRO J 315 46.94 -41.75 -25.42
CA PRO J 315 45.61 -41.19 -25.14
C PRO J 315 44.56 -42.30 -25.03
N ALA J 316 43.49 -41.98 -24.29
CA ALA J 316 42.38 -42.89 -24.10
C ALA J 316 41.10 -42.22 -24.58
N THR J 317 40.45 -42.79 -25.58
CA THR J 317 39.27 -42.17 -26.14
C THR J 317 38.09 -42.27 -25.17
N ARG J 318 37.49 -41.13 -24.85
CA ARG J 318 36.35 -41.07 -23.94
C ARG J 318 35.03 -41.17 -24.67
N SER J 319 34.80 -40.30 -25.66
CA SER J 319 33.65 -40.36 -26.53
C SER J 319 34.14 -40.26 -27.96
N GLU J 320 33.33 -40.75 -28.89
CA GLU J 320 33.75 -40.79 -30.28
C GLU J 320 32.55 -40.75 -31.19
N TYR J 321 32.62 -39.93 -32.23
CA TYR J 321 31.64 -39.90 -33.30
C TYR J 321 32.36 -40.06 -34.62
N ALA J 322 31.76 -40.84 -35.53
CA ALA J 322 32.40 -41.12 -36.81
C ALA J 322 31.32 -41.32 -37.86
N LEU J 323 31.21 -40.38 -38.79
CA LEU J 323 30.30 -40.46 -39.92
C LEU J 323 31.11 -40.68 -41.19
N GLU J 324 30.73 -41.69 -41.98
CA GLU J 324 31.47 -42.07 -43.18
C GLU J 324 30.47 -42.51 -44.25
N ASP J 325 30.10 -41.60 -45.13
CA ASP J 325 29.15 -41.91 -46.19
C ASP J 325 29.80 -41.80 -47.56
N TYR J 326 29.32 -42.60 -48.50
CA TYR J 326 29.82 -42.65 -49.86
C TYR J 326 28.67 -42.39 -50.83
N ASN J 327 29.01 -42.32 -52.12
CA ASN J 327 28.00 -42.17 -53.17
C ASN J 327 28.55 -42.72 -54.49
N GLY J 365 33.33 -41.47 -56.56
CA GLY J 365 32.24 -40.58 -56.21
C GLY J 365 32.48 -39.79 -54.92
N SER J 366 31.41 -39.24 -54.38
CA SER J 366 31.51 -38.48 -53.14
C SER J 366 31.93 -39.39 -51.99
N VAL J 367 32.87 -38.91 -51.17
CA VAL J 367 33.33 -39.63 -49.99
C VAL J 367 33.51 -38.61 -48.88
N ARG J 368 32.60 -38.62 -47.91
CA ARG J 368 32.62 -37.70 -46.78
C ARG J 368 32.98 -38.46 -45.52
N LYS J 369 34.02 -38.02 -44.82
CA LYS J 369 34.52 -38.69 -43.62
C LYS J 369 34.59 -37.69 -42.48
N GLU J 370 33.47 -37.51 -41.78
CA GLU J 370 33.45 -36.67 -40.59
C GLU J 370 33.85 -37.49 -39.37
N SER J 371 34.43 -36.81 -38.39
CA SER J 371 34.91 -37.49 -37.19
C SER J 371 35.06 -36.48 -36.07
N THR J 372 34.66 -36.88 -34.86
CA THR J 372 34.85 -36.10 -33.65
C THR J 372 35.33 -37.04 -32.57
N ARG J 373 36.31 -36.59 -31.77
CA ARG J 373 36.93 -37.47 -30.80
C ARG J 373 37.34 -36.67 -29.57
N ASN J 374 37.08 -37.22 -28.40
CA ASN J 374 37.49 -36.65 -27.13
C ASN J 374 38.44 -37.61 -26.43
N PHE J 375 39.48 -37.08 -25.80
CA PHE J 375 40.54 -37.89 -25.24
C PHE J 375 40.72 -37.60 -23.75
N GLU J 376 41.27 -38.60 -23.06
CA GLU J 376 41.73 -38.49 -21.69
C GLU J 376 43.21 -38.86 -21.67
N LEU J 377 44.00 -38.07 -20.94
CA LEU J 377 45.45 -38.18 -20.99
C LEU J 377 46.01 -38.33 -19.58
N ASP J 378 47.16 -39.01 -19.48
CA ASP J 378 47.85 -39.12 -18.20
C ASP J 378 48.31 -37.74 -17.77
N THR J 379 48.00 -37.37 -16.53
CA THR J 379 48.25 -36.03 -16.03
C THR J 379 49.03 -36.13 -14.72
N THR J 380 50.26 -35.64 -14.71
CA THR J 380 51.06 -35.56 -13.51
C THR J 380 51.22 -34.10 -13.12
N ILE J 381 50.96 -33.80 -11.84
CA ILE J 381 51.05 -32.44 -11.33
C ILE J 381 51.94 -32.49 -10.10
N SER J 382 53.18 -32.01 -10.23
CA SER J 382 54.16 -32.08 -9.15
C SER J 382 54.53 -30.67 -8.70
N HIS J 383 54.40 -30.42 -7.40
CA HIS J 383 54.77 -29.15 -6.81
C HIS J 383 56.00 -29.37 -5.93
N GLU J 384 57.12 -28.77 -6.31
CA GLU J 384 58.38 -28.92 -5.62
C GLU J 384 58.78 -27.59 -4.98
N ARG J 385 59.38 -27.66 -3.80
CA ARG J 385 59.87 -26.47 -3.10
C ARG J 385 61.27 -26.75 -2.62
N LYS J 386 62.26 -26.17 -3.28
CA LYS J 386 63.65 -26.47 -2.98
C LYS J 386 64.04 -25.91 -1.62
N GLN J 387 65.00 -26.58 -0.97
CA GLN J 387 65.56 -26.05 0.25
C GLN J 387 66.36 -24.78 -0.04
N THR J 388 66.29 -23.83 0.87
CA THR J 388 66.90 -22.51 0.65
C THR J 388 68.41 -22.60 0.47
N GLY J 389 69.14 -22.94 1.53
CA GLY J 389 70.58 -22.94 1.48
C GLY J 389 71.17 -24.23 0.98
N THR J 390 71.74 -24.22 -0.23
CA THR J 390 72.35 -25.40 -0.83
C THR J 390 73.76 -25.05 -1.27
N VAL J 391 74.69 -25.97 -1.02
CA VAL J 391 76.08 -25.78 -1.43
C VAL J 391 76.15 -25.79 -2.95
N ALA J 392 76.39 -24.61 -3.55
CA ALA J 392 76.45 -24.50 -5.01
C ALA J 392 77.83 -24.80 -5.55
N ARG J 393 78.87 -24.55 -4.79
CA ARG J 393 80.24 -24.82 -5.22
C ARG J 393 81.11 -24.99 -3.99
N GLN J 394 82.04 -25.93 -4.07
CA GLN J 394 82.94 -26.23 -2.96
C GLN J 394 84.37 -26.29 -3.47
N THR J 395 85.27 -25.58 -2.79
CA THR J 395 86.67 -25.51 -3.17
C THR J 395 87.51 -25.93 -1.97
N VAL J 396 88.40 -26.90 -2.18
CA VAL J 396 89.30 -27.39 -1.14
C VAL J 396 90.71 -27.41 -1.69
N SER J 397 91.66 -26.86 -0.92
CA SER J 397 93.06 -26.89 -1.29
C SER J 397 93.87 -27.40 -0.11
N VAL J 398 94.77 -28.35 -0.37
CA VAL J 398 95.62 -28.94 0.65
C VAL J 398 97.07 -28.82 0.18
N ALA J 399 97.93 -28.34 1.07
CA ALA J 399 99.35 -28.20 0.79
C ALA J 399 100.13 -29.07 1.77
N ILE J 400 101.03 -29.90 1.24
CA ILE J 400 101.79 -30.86 2.02
C ILE J 400 103.24 -30.40 2.09
N LYS J 401 103.79 -30.40 3.31
CA LYS J 401 105.16 -29.97 3.50
C LYS J 401 106.12 -30.95 2.83
N ASP J 402 107.11 -30.40 2.14
CA ASP J 402 108.13 -31.22 1.50
C ASP J 402 109.12 -31.73 2.54
N ARG J 403 109.76 -32.86 2.22
CA ARG J 403 110.75 -33.49 3.08
C ARG J 403 110.21 -33.75 4.49
N PRO J 417 110.05 -33.42 -1.24
CA PRO J 417 108.72 -33.44 -1.85
C PRO J 417 108.00 -34.78 -1.65
N MET J 418 106.84 -34.92 -2.26
CA MET J 418 106.03 -36.13 -2.17
C MET J 418 105.77 -36.66 -3.57
N SER J 419 105.83 -37.98 -3.70
CA SER J 419 105.70 -38.61 -5.01
C SER J 419 104.28 -38.44 -5.55
N GLU J 420 104.15 -38.59 -6.87
CA GLU J 420 102.86 -38.43 -7.52
C GLU J 420 101.87 -39.48 -7.05
N SER J 421 102.34 -40.71 -6.83
CA SER J 421 101.44 -41.79 -6.40
C SER J 421 100.79 -41.47 -5.06
N GLU J 422 101.59 -41.01 -4.09
CA GLU J 422 101.03 -40.69 -2.78
C GLU J 422 100.15 -39.44 -2.84
N ILE J 423 100.49 -38.49 -3.70
CA ILE J 423 99.64 -37.32 -3.89
C ILE J 423 98.28 -37.73 -4.41
N ASN J 424 98.25 -38.62 -5.40
CA ASN J 424 96.98 -39.10 -5.92
C ASN J 424 96.22 -39.95 -4.92
N ALA J 425 96.94 -40.72 -4.09
CA ALA J 425 96.27 -41.48 -3.03
C ALA J 425 95.61 -40.55 -2.02
N ILE J 426 96.31 -39.49 -1.62
CA ILE J 426 95.72 -38.51 -0.71
C ILE J 426 94.51 -37.85 -1.36
N ARG J 427 94.62 -37.54 -2.65
CA ARG J 427 93.48 -36.97 -3.36
C ARG J 427 92.30 -37.92 -3.37
N GLN J 428 92.56 -39.22 -3.55
CA GLN J 428 91.49 -40.21 -3.53
C GLN J 428 90.82 -40.28 -2.16
N VAL J 429 91.63 -40.22 -1.08
CA VAL J 429 91.05 -40.21 0.26
C VAL J 429 90.18 -38.98 0.47
N LEU J 430 90.68 -37.82 0.05
CA LEU J 430 89.92 -36.59 0.21
C LEU J 430 88.60 -36.66 -0.57
N ILE J 431 88.64 -37.27 -1.76
CA ILE J 431 87.42 -37.53 -2.52
C ILE J 431 86.64 -38.60 -1.79
N GLY J 432 85.63 -38.20 -1.04
CA GLY J 432 84.98 -39.10 -0.11
C GLY J 432 85.13 -38.61 1.31
N THR J 433 86.31 -38.10 1.65
CA THR J 433 86.44 -37.37 2.90
C THR J 433 85.59 -36.10 2.87
N VAL J 434 85.62 -35.37 1.75
CA VAL J 434 84.87 -34.12 1.63
C VAL J 434 83.57 -34.29 0.87
N GLY J 435 83.44 -35.32 0.04
CA GLY J 435 82.28 -35.46 -0.81
C GLY J 435 82.46 -34.71 -2.11
N PHE J 436 83.59 -34.93 -2.77
CA PHE J 436 83.91 -34.22 -4.00
C PHE J 436 82.84 -34.48 -5.07
N ASP J 437 82.37 -33.41 -5.69
CA ASP J 437 81.30 -33.47 -6.70
C ASP J 437 81.71 -32.56 -7.86
N GLN J 438 82.37 -33.15 -8.85
CA GLN J 438 82.85 -32.36 -9.98
C GLN J 438 81.70 -31.77 -10.78
N GLY J 439 80.61 -32.53 -10.94
CA GLY J 439 79.47 -32.04 -11.68
C GLY J 439 78.84 -30.81 -11.08
N ARG J 440 79.04 -30.58 -9.78
CA ARG J 440 78.57 -29.37 -9.12
C ARG J 440 79.50 -28.19 -9.36
N GLY J 441 80.68 -28.42 -9.95
CA GLY J 441 81.66 -27.38 -10.10
C GLY J 441 82.70 -27.33 -9.00
N ASP J 442 82.73 -28.31 -8.12
CA ASP J 442 83.69 -28.32 -7.03
C ASP J 442 85.11 -28.50 -7.56
N LEU J 443 86.08 -28.08 -6.74
CA LEU J 443 87.47 -28.10 -7.12
C LEU J 443 88.31 -28.56 -5.93
N LEU J 444 89.27 -29.43 -6.20
CA LEU J 444 90.13 -30.00 -5.17
C LEU J 444 91.56 -29.96 -5.65
N ASN J 445 92.38 -29.13 -5.00
CA ASN J 445 93.80 -29.02 -5.32
C ASN J 445 94.61 -29.66 -4.20
N VAL J 446 95.57 -30.50 -4.57
CA VAL J 446 96.53 -31.07 -3.62
C VAL J 446 97.92 -30.80 -4.17
N LEU J 447 98.71 -30.04 -3.40
CA LEU J 447 100.04 -29.63 -3.84
C LEU J 447 101.06 -30.03 -2.79
N SER J 448 102.31 -30.14 -3.22
CA SER J 448 103.44 -30.37 -2.34
C SER J 448 104.32 -29.11 -2.37
N VAL J 449 104.32 -28.37 -1.26
CA VAL J 449 105.02 -27.09 -1.20
C VAL J 449 106.06 -27.16 -0.09
N LYS J 450 106.93 -26.15 -0.07
CA LYS J 450 108.03 -26.06 0.89
C LYS J 450 107.62 -25.13 2.02
N PHE J 451 107.37 -25.69 3.20
CA PHE J 451 107.06 -24.87 4.36
C PHE J 451 108.31 -24.18 4.87
N ALA J 452 108.14 -22.95 5.35
CA ALA J 452 109.25 -22.18 5.88
C ALA J 452 109.37 -22.37 7.39
N ALA K 255 66.75 3.84 5.77
CA ALA K 255 67.39 2.88 4.88
C ALA K 255 68.90 3.06 4.86
N SER K 256 69.38 4.26 5.22
CA SER K 256 70.81 4.49 5.23
C SER K 256 71.48 3.65 6.32
N ALA K 257 70.77 3.36 7.41
CA ALA K 257 71.29 2.41 8.38
C ALA K 257 71.46 1.04 7.75
N ALA K 258 70.52 0.65 6.89
CA ALA K 258 70.66 -0.61 6.16
C ALA K 258 71.89 -0.59 5.28
N ARG K 259 72.16 0.55 4.61
CA ARG K 259 73.35 0.65 3.79
C ARG K 259 74.61 0.55 4.63
N ARG K 260 74.61 1.17 5.81
CA ARG K 260 75.74 1.06 6.72
C ARG K 260 75.99 -0.40 7.10
N LYS K 261 74.92 -1.13 7.43
CA LYS K 261 75.09 -2.54 7.79
C LYS K 261 75.53 -3.39 6.59
N GLU K 262 75.15 -2.99 5.38
CA GLU K 262 75.68 -3.66 4.19
C GLU K 262 77.18 -3.46 4.06
N GLN K 263 77.65 -2.23 4.31
CA GLN K 263 79.09 -1.99 4.33
C GLN K 263 79.77 -2.86 5.39
N GLU K 264 79.13 -2.98 6.55
CA GLU K 264 79.66 -3.83 7.61
C GLU K 264 79.76 -5.28 7.16
N LEU K 265 78.74 -5.77 6.46
CA LEU K 265 78.77 -7.14 5.93
C LEU K 265 79.94 -7.33 4.97
N GLU K 266 80.12 -6.38 4.06
CA GLU K 266 81.22 -6.49 3.10
C GLU K 266 82.56 -6.52 3.82
N ARG K 267 82.74 -5.63 4.80
CA ARG K 267 84.00 -5.60 5.53
C ARG K 267 84.22 -6.88 6.32
N SER K 268 83.16 -7.44 6.89
CA SER K 268 83.27 -8.70 7.62
C SER K 268 83.71 -9.84 6.69
N GLN K 269 83.13 -9.89 5.49
CA GLN K 269 83.54 -10.90 4.52
C GLN K 269 85.00 -10.75 4.16
N GLU K 270 85.44 -9.52 3.92
CA GLU K 270 86.85 -9.28 3.60
C GLU K 270 87.74 -9.73 4.74
N GLN K 271 87.35 -9.44 5.97
CA GLN K 271 88.15 -9.83 7.13
C GLN K 271 88.25 -11.34 7.25
N ALA K 272 87.14 -12.05 7.02
CA ALA K 272 87.16 -13.51 7.08
C ALA K 272 88.08 -14.09 6.02
N LEU K 273 88.00 -13.56 4.81
CA LEU K 273 88.88 -14.05 3.75
C LEU K 273 90.34 -13.77 4.09
N ARG K 274 90.63 -12.60 4.66
CA ARG K 274 92.00 -12.31 5.08
C ARG K 274 92.47 -13.28 6.16
N GLU K 275 91.58 -13.63 7.08
CA GLU K 275 91.93 -14.59 8.12
C GLU K 275 92.28 -15.94 7.51
N LYS K 276 91.49 -16.40 6.54
CA LYS K 276 91.80 -17.66 5.88
C LYS K 276 93.13 -17.58 5.14
N ILE K 277 93.38 -16.47 4.46
CA ILE K 277 94.65 -16.29 3.75
C ILE K 277 95.81 -16.39 4.72
N ASP K 278 95.69 -15.74 5.88
CA ASP K 278 96.74 -15.84 6.89
C ASP K 278 96.90 -17.27 7.37
N SER K 279 95.78 -17.96 7.63
CA SER K 279 95.84 -19.32 8.16
C SER K 279 96.55 -20.25 7.18
N VAL K 280 96.50 -19.96 5.90
CA VAL K 280 97.18 -20.76 4.89
C VAL K 280 98.64 -20.34 4.73
N LEU K 281 98.91 -19.03 4.67
CA LEU K 281 100.24 -18.58 4.27
C LEU K 281 101.22 -18.45 5.43
N LEU K 282 100.72 -18.26 6.65
CA LEU K 282 101.61 -18.11 7.80
C LEU K 282 102.51 -19.32 8.01
N PRO K 283 102.00 -20.57 7.97
CA PRO K 283 102.92 -21.73 8.02
C PRO K 283 103.84 -21.82 6.81
N ILE K 284 103.27 -21.61 5.61
CA ILE K 284 104.03 -21.84 4.39
C ILE K 284 105.15 -20.82 4.24
N LEU K 285 104.82 -19.54 4.40
CA LEU K 285 105.80 -18.48 4.14
C LEU K 285 106.49 -17.99 5.41
N GLY K 286 105.75 -17.85 6.49
CA GLY K 286 106.28 -17.34 7.74
C GLY K 286 105.61 -16.03 8.14
N TYR K 287 106.07 -15.49 9.26
CA TYR K 287 105.50 -14.27 9.82
C TYR K 287 106.24 -13.07 9.25
N GLY K 288 105.50 -12.18 8.60
CA GLY K 288 106.07 -10.97 8.06
C GLY K 288 106.74 -11.12 6.71
N ASN K 289 106.68 -12.29 6.09
CA ASN K 289 107.26 -12.50 4.78
C ASN K 289 106.25 -12.28 3.65
N TYR K 290 105.03 -11.88 3.97
CA TYR K 290 104.00 -11.69 2.96
C TYR K 290 103.06 -10.59 3.42
N THR K 291 102.33 -10.03 2.47
CA THR K 291 101.22 -9.13 2.76
C THR K 291 100.11 -9.41 1.75
N ALA K 292 98.88 -9.36 2.20
CA ALA K 292 97.73 -9.65 1.35
C ALA K 292 96.54 -8.82 1.75
N GLN K 293 95.80 -8.34 0.76
CA GLN K 293 94.56 -7.61 0.99
C GLN K 293 93.50 -8.13 0.05
N VAL K 294 92.24 -8.03 0.49
CA VAL K 294 91.11 -8.62 -0.22
C VAL K 294 90.04 -7.57 -0.40
N ASP K 295 89.52 -7.45 -1.61
CA ASP K 295 88.37 -6.60 -1.90
C ASP K 295 87.20 -7.46 -2.32
N ILE K 296 86.06 -7.26 -1.66
CA ILE K 296 84.84 -8.01 -1.94
C ILE K 296 83.74 -7.00 -2.26
N GLN K 297 83.16 -7.12 -3.45
CA GLN K 297 82.03 -6.30 -3.87
C GLN K 297 80.78 -7.16 -3.84
N MET K 298 79.76 -6.71 -3.12
CA MET K 298 78.54 -7.48 -2.92
C MET K 298 77.34 -6.71 -3.47
N ASP K 299 76.54 -7.37 -4.29
CA ASP K 299 75.30 -6.81 -4.79
C ASP K 299 74.19 -7.05 -3.78
N PHE K 300 73.31 -6.07 -3.64
CA PHE K 300 72.21 -6.15 -2.69
C PHE K 300 70.89 -5.84 -3.38
N SER K 301 70.74 -6.30 -4.62
CA SER K 301 69.48 -6.12 -5.33
C SER K 301 68.40 -7.01 -4.71
N ALA K 302 67.18 -6.87 -5.23
CA ALA K 302 66.02 -7.58 -4.73
C ALA K 302 65.29 -8.27 -5.89
N VAL K 303 66.04 -9.04 -6.68
CA VAL K 303 65.47 -9.72 -7.83
C VAL K 303 64.40 -10.72 -7.37
N GLU K 304 63.34 -10.83 -8.15
CA GLU K 304 62.25 -11.75 -7.86
C GLU K 304 61.59 -12.11 -9.19
N GLN K 305 61.83 -13.34 -9.66
CA GLN K 305 61.50 -13.74 -11.01
C GLN K 305 60.42 -14.80 -11.02
N THR K 306 59.55 -14.76 -12.04
CA THR K 306 58.52 -15.77 -12.26
C THR K 306 58.59 -16.21 -13.71
N ARG K 307 58.80 -17.51 -13.92
CA ARG K 307 58.97 -18.05 -15.25
C ARG K 307 57.85 -19.05 -15.52
N LYS K 308 57.22 -18.94 -16.69
CA LYS K 308 56.19 -19.86 -17.13
C LYS K 308 56.61 -20.44 -18.47
N ARG K 309 57.05 -21.68 -18.46
CA ARG K 309 57.63 -22.33 -19.62
C ARG K 309 56.75 -23.47 -20.10
N PHE K 310 56.69 -23.65 -21.41
CA PHE K 310 55.90 -24.68 -22.06
C PHE K 310 56.83 -25.63 -22.82
N ASP K 311 56.24 -26.65 -23.42
CA ASP K 311 56.99 -27.65 -24.19
C ASP K 311 56.35 -27.78 -25.56
N PRO K 312 56.81 -27.02 -26.56
CA PRO K 312 56.13 -27.02 -27.85
C PRO K 312 56.14 -28.35 -28.57
N ASN K 313 57.16 -29.18 -28.36
CA ASN K 313 57.40 -30.35 -29.20
C ASN K 313 56.70 -31.61 -28.71
N THR K 314 55.99 -31.57 -27.59
CA THR K 314 55.23 -32.72 -27.10
C THR K 314 53.81 -32.29 -26.69
N PRO K 315 52.97 -31.95 -27.66
CA PRO K 315 51.57 -31.65 -27.34
C PRO K 315 50.74 -32.91 -27.23
N ALA K 316 49.66 -32.82 -26.46
CA ALA K 316 48.72 -33.92 -26.27
C ALA K 316 47.35 -33.47 -26.71
N THR K 317 46.78 -34.14 -27.71
CA THR K 317 45.48 -33.73 -28.23
C THR K 317 44.38 -34.06 -27.24
N ARG K 318 43.59 -33.06 -26.87
CA ARG K 318 42.49 -33.23 -25.93
C ARG K 318 41.17 -33.55 -26.64
N SER K 319 40.78 -32.70 -27.58
CA SER K 319 39.63 -32.95 -28.43
C SER K 319 40.06 -32.72 -29.88
N GLU K 320 39.32 -33.33 -30.80
CA GLU K 320 39.71 -33.25 -32.20
C GLU K 320 38.49 -33.42 -33.09
N TYR K 321 38.39 -32.57 -34.10
CA TYR K 321 37.39 -32.68 -35.15
C TYR K 321 38.09 -32.68 -36.49
N ALA K 322 37.62 -33.53 -37.41
CA ALA K 322 38.26 -33.67 -38.71
C ALA K 322 37.20 -34.03 -39.74
N LEU K 323 36.91 -33.10 -40.64
CA LEU K 323 36.00 -33.32 -41.75
C LEU K 323 36.79 -33.35 -43.04
N GLU K 324 36.59 -34.39 -43.86
CA GLU K 324 37.35 -34.61 -45.08
C GLU K 324 36.42 -35.20 -46.14
N ASP K 325 35.86 -34.35 -46.99
CA ASP K 325 34.96 -34.79 -48.04
C ASP K 325 35.55 -34.53 -49.42
N TYR K 326 35.19 -35.39 -50.37
CA TYR K 326 35.65 -35.30 -51.74
C TYR K 326 34.46 -35.23 -52.68
N ASN K 327 34.73 -35.07 -53.97
CA ASN K 327 33.70 -35.08 -54.99
C ASN K 327 34.29 -35.48 -56.33
N GLY K 365 38.71 -33.34 -58.48
CA GLY K 365 37.49 -32.66 -58.08
C GLY K 365 37.62 -31.89 -56.77
N SER K 366 36.47 -31.55 -56.19
CA SER K 366 36.48 -30.82 -54.93
C SER K 366 37.08 -31.67 -53.81
N VAL K 367 37.94 -31.05 -53.01
CA VAL K 367 38.56 -31.71 -51.86
C VAL K 367 38.58 -30.69 -50.72
N ARG K 368 37.72 -30.90 -49.73
CA ARG K 368 37.61 -30.01 -48.58
C ARG K 368 38.13 -30.72 -47.34
N LYS K 369 39.08 -30.11 -46.65
CA LYS K 369 39.73 -30.72 -45.49
C LYS K 369 39.65 -29.75 -44.32
N GLU K 370 38.54 -29.80 -43.59
CA GLU K 370 38.40 -29.01 -42.37
C GLU K 370 38.97 -29.76 -41.19
N SER K 371 39.44 -29.02 -40.20
CA SER K 371 40.07 -29.64 -39.03
C SER K 371 40.06 -28.64 -37.89
N THR K 372 39.78 -29.13 -36.69
CA THR K 372 39.85 -28.36 -35.46
C THR K 372 40.52 -29.23 -34.40
N ARG K 373 41.42 -28.63 -33.63
CA ARG K 373 42.23 -29.40 -32.70
C ARG K 373 42.51 -28.57 -31.45
N ASN K 374 42.39 -29.20 -30.29
CA ASN K 374 42.73 -28.59 -29.01
C ASN K 374 43.85 -29.38 -28.36
N PHE K 375 44.79 -28.69 -27.74
CA PHE K 375 45.99 -29.33 -27.23
C PHE K 375 46.16 -29.04 -25.74
N GLU K 376 46.90 -29.93 -25.09
CA GLU K 376 47.38 -29.77 -23.72
C GLU K 376 48.89 -29.86 -23.75
N LEU K 377 49.55 -28.97 -23.02
CA LEU K 377 50.99 -28.82 -23.09
C LEU K 377 51.61 -28.90 -21.71
N ASP K 378 52.86 -29.36 -21.65
CA ASP K 378 53.60 -29.38 -20.39
C ASP K 378 53.82 -27.95 -19.93
N THR K 379 53.46 -27.67 -18.67
CA THR K 379 53.50 -26.31 -18.14
C THR K 379 54.31 -26.31 -16.85
N THR K 380 55.43 -25.60 -16.85
CA THR K 380 56.24 -25.41 -15.67
C THR K 380 56.14 -23.96 -15.24
N ILE K 381 55.86 -23.74 -13.95
CA ILE K 381 55.73 -22.40 -13.39
C ILE K 381 56.65 -22.33 -12.19
N SER K 382 57.77 -21.63 -12.33
CA SER K 382 58.77 -21.54 -11.28
C SER K 382 58.90 -20.11 -10.79
N HIS K 383 58.76 -19.91 -9.49
CA HIS K 383 58.92 -18.61 -8.86
C HIS K 383 60.18 -18.62 -8.02
N GLU K 384 61.17 -17.82 -8.41
CA GLU K 384 62.46 -17.77 -7.75
C GLU K 384 62.63 -16.40 -7.08
N ARG K 385 63.26 -16.39 -5.91
CA ARG K 385 63.54 -15.15 -5.19
C ARG K 385 64.99 -15.18 -4.74
N LYS K 386 65.85 -14.42 -5.42
CA LYS K 386 67.27 -14.47 -5.16
C LYS K 386 67.59 -13.89 -3.78
N GLN K 387 68.66 -14.39 -3.17
CA GLN K 387 69.16 -13.79 -1.95
C GLN K 387 69.72 -12.40 -2.23
N THR K 388 69.49 -11.49 -1.28
CA THR K 388 69.85 -10.08 -1.48
C THR K 388 71.34 -9.89 -1.69
N GLY K 389 72.14 -10.12 -0.66
CA GLY K 389 73.57 -9.86 -0.75
C GLY K 389 74.37 -11.01 -1.29
N THR K 390 74.88 -10.86 -2.51
CA THR K 390 75.68 -11.90 -3.16
C THR K 390 77.00 -11.30 -3.62
N VAL K 391 78.09 -12.03 -3.42
CA VAL K 391 79.41 -11.59 -3.86
C VAL K 391 79.44 -11.54 -5.38
N ALA K 392 79.45 -10.33 -5.95
CA ALA K 392 79.44 -10.17 -7.40
C ALA K 392 80.84 -10.20 -7.99
N ARG K 393 81.85 -9.78 -7.24
CA ARG K 393 83.22 -9.80 -7.71
C ARG K 393 84.14 -9.84 -6.50
N GLN K 394 85.23 -10.60 -6.63
CA GLN K 394 86.20 -10.76 -5.55
C GLN K 394 87.60 -10.54 -6.09
N THR K 395 88.37 -9.70 -5.41
CA THR K 395 89.73 -9.36 -5.82
C THR K 395 90.66 -9.66 -4.65
N VAL K 396 91.70 -10.45 -4.91
CA VAL K 396 92.70 -10.79 -3.90
C VAL K 396 94.08 -10.54 -4.48
N SER K 397 94.93 -9.85 -3.72
CA SER K 397 96.31 -9.62 -4.12
C SER K 397 97.23 -10.00 -2.97
N VAL K 398 98.28 -10.76 -3.28
CA VAL K 398 99.26 -11.22 -2.30
C VAL K 398 100.64 -10.83 -2.79
N ALA K 399 101.43 -10.22 -1.91
CA ALA K 399 102.79 -9.83 -2.21
C ALA K 399 103.74 -10.57 -1.28
N ILE K 400 104.75 -11.20 -1.86
CA ILE K 400 105.70 -12.03 -1.12
C ILE K 400 107.04 -11.32 -1.05
N LYS K 401 107.61 -11.25 0.13
CA LYS K 401 108.90 -10.59 0.32
C LYS K 401 109.99 -11.35 -0.41
N ASP K 402 110.85 -10.62 -1.10
CA ASP K 402 111.98 -11.23 -1.79
C ASP K 402 113.08 -11.58 -0.78
N ARG K 403 113.90 -12.56 -1.15
CA ARG K 403 115.01 -13.02 -0.33
C ARG K 403 114.56 -13.41 1.08
N PRO K 417 114.20 -12.98 -4.63
CA PRO K 417 112.88 -13.22 -5.21
C PRO K 417 112.41 -14.67 -5.04
N MET K 418 111.27 -15.00 -5.63
CA MET K 418 110.70 -16.34 -5.55
C MET K 418 110.50 -16.88 -6.96
N SER K 419 110.80 -18.17 -7.14
CA SER K 419 110.74 -18.78 -8.45
C SER K 419 109.30 -18.85 -8.96
N GLU K 420 109.17 -18.97 -10.28
CA GLU K 420 107.85 -19.04 -10.90
C GLU K 420 107.08 -20.28 -10.44
N SER K 421 107.77 -21.40 -10.26
CA SER K 421 107.10 -22.62 -9.85
C SER K 421 106.44 -22.46 -8.49
N GLU K 422 107.16 -21.90 -7.52
CA GLU K 422 106.58 -21.71 -6.20
C GLU K 422 105.49 -20.64 -6.19
N ILE K 423 105.63 -19.62 -7.03
CA ILE K 423 104.59 -18.61 -7.17
C ILE K 423 103.30 -19.26 -7.67
N ASN K 424 103.41 -20.13 -8.68
CA ASN K 424 102.24 -20.81 -9.20
C ASN K 424 101.67 -21.80 -8.20
N ALA K 425 102.53 -22.45 -7.41
CA ALA K 425 102.04 -23.35 -6.36
C ALA K 425 101.25 -22.58 -5.31
N ILE K 426 101.76 -21.42 -4.89
CA ILE K 426 101.04 -20.58 -3.94
C ILE K 426 99.70 -20.13 -4.55
N ARG K 427 99.72 -19.77 -5.83
CA ARG K 427 98.48 -19.40 -6.50
C ARG K 427 97.48 -20.56 -6.51
N GLN K 428 97.98 -21.78 -6.73
CA GLN K 428 97.09 -22.94 -6.71
C GLN K 428 96.49 -23.17 -5.33
N VAL K 429 97.29 -22.98 -4.27
CA VAL K 429 96.77 -23.13 -2.92
C VAL K 429 95.70 -22.07 -2.66
N LEU K 430 95.97 -20.82 -3.05
CA LEU K 430 95.00 -19.76 -2.84
C LEU K 430 93.70 -20.05 -3.59
N ILE K 431 93.81 -20.60 -4.80
CA ILE K 431 92.64 -21.06 -5.54
C ILE K 431 92.09 -22.28 -4.82
N GLY K 432 91.05 -22.08 -4.04
CA GLY K 432 90.59 -23.11 -3.13
C GLY K 432 90.68 -22.64 -1.69
N THR K 433 91.77 -21.94 -1.36
CA THR K 433 91.79 -21.22 -0.09
C THR K 433 90.73 -20.12 -0.07
N VAL K 434 90.60 -19.38 -1.16
CA VAL K 434 89.64 -18.28 -1.24
C VAL K 434 88.37 -18.66 -1.97
N GLY K 435 88.40 -19.68 -2.83
CA GLY K 435 87.26 -20.01 -3.66
C GLY K 435 87.27 -19.20 -4.94
N PHE K 436 88.40 -19.20 -5.63
CA PHE K 436 88.55 -18.41 -6.84
C PHE K 436 87.53 -18.84 -7.89
N ASP K 437 86.85 -17.85 -8.48
CA ASP K 437 85.78 -18.08 -9.46
C ASP K 437 85.99 -17.09 -10.60
N GLN K 438 86.72 -17.51 -11.62
CA GLN K 438 87.02 -16.62 -12.74
C GLN K 438 85.77 -16.24 -13.50
N GLY K 439 84.82 -17.17 -13.65
CA GLY K 439 83.59 -16.88 -14.36
C GLY K 439 82.76 -15.79 -13.71
N ARG K 440 82.96 -15.57 -12.41
CA ARG K 440 82.30 -14.47 -11.70
C ARG K 440 82.99 -13.14 -11.92
N GLY K 441 84.17 -13.14 -12.54
CA GLY K 441 84.95 -11.94 -12.69
C GLY K 441 85.99 -11.72 -11.61
N ASP K 442 86.23 -12.71 -10.76
CA ASP K 442 87.20 -12.57 -9.69
C ASP K 442 88.61 -12.48 -10.26
N LEU K 443 89.50 -11.91 -9.45
CA LEU K 443 90.87 -11.68 -9.85
C LEU K 443 91.81 -12.01 -8.70
N LEU K 444 92.92 -12.68 -9.01
CA LEU K 444 93.87 -13.12 -8.02
C LEU K 444 95.27 -12.80 -8.53
N ASN K 445 95.95 -11.86 -7.88
CA ASN K 445 97.32 -11.48 -8.22
C ASN K 445 98.25 -11.99 -7.14
N VAL K 446 99.34 -12.64 -7.56
CA VAL K 446 100.41 -13.05 -6.65
C VAL K 446 101.72 -12.52 -7.22
N LEU K 447 102.38 -11.65 -6.45
CA LEU K 447 103.59 -11.00 -6.90
C LEU K 447 104.71 -11.22 -5.89
N SER K 448 105.95 -11.10 -6.35
CA SER K 448 107.12 -11.13 -5.49
C SER K 448 107.75 -9.75 -5.51
N VAL K 449 107.65 -9.04 -4.38
CA VAL K 449 108.10 -7.66 -4.29
C VAL K 449 109.17 -7.57 -3.21
N LYS K 450 109.86 -6.42 -3.19
CA LYS K 450 110.94 -6.16 -2.24
C LYS K 450 110.39 -5.34 -1.08
N PHE K 451 110.29 -5.97 0.09
CA PHE K 451 109.87 -5.25 1.28
C PHE K 451 110.99 -4.36 1.78
N ALA K 452 110.62 -3.19 2.30
CA ALA K 452 111.58 -2.25 2.84
C ALA K 452 111.77 -2.44 4.33
N ALA L 255 65.10 15.67 4.42
CA ALA L 255 65.88 14.86 3.49
C ALA L 255 67.33 15.32 3.44
N SER L 256 67.59 16.57 3.81
CA SER L 256 68.96 17.06 3.81
C SER L 256 69.80 16.33 4.85
N ALA L 257 69.18 15.89 5.96
CA ALA L 257 69.89 15.02 6.89
C ALA L 257 70.29 13.71 6.22
N ALA L 258 69.41 13.18 5.36
CA ALA L 258 69.76 11.99 4.59
C ALA L 258 70.94 12.27 3.68
N ARG L 259 70.97 13.44 3.04
CA ARG L 259 72.11 13.78 2.20
C ARG L 259 73.40 13.89 3.01
N ARG L 260 73.31 14.46 4.21
CA ARG L 260 74.47 14.53 5.09
C ARG L 260 74.99 13.13 5.42
N LYS L 261 74.08 12.21 5.75
CA LYS L 261 74.51 10.85 6.07
C LYS L 261 75.06 10.14 4.83
N GLU L 262 74.58 10.49 3.64
CA GLU L 262 75.19 9.95 2.42
C GLU L 262 76.62 10.42 2.26
N GLN L 263 76.87 11.70 2.54
CA GLN L 263 78.24 12.21 2.54
C GLN L 263 79.09 11.45 3.55
N GLU L 264 78.51 11.18 4.73
CA GLU L 264 79.23 10.41 5.75
C GLU L 264 79.58 9.01 5.25
N LEU L 265 78.64 8.37 4.56
CA LEU L 265 78.90 7.05 3.99
C LEU L 265 80.06 7.09 3.00
N GLU L 266 80.04 8.08 2.11
CA GLU L 266 81.11 8.19 1.13
C GLU L 266 82.46 8.39 1.81
N ARG L 267 82.51 9.27 2.82
CA ARG L 267 83.76 9.51 3.53
C ARG L 267 84.23 8.27 4.27
N SER L 268 83.30 7.50 4.85
CA SER L 268 83.67 6.27 5.53
C SER L 268 84.26 5.26 4.57
N GLN L 269 83.67 5.14 3.38
CA GLN L 269 84.22 4.24 2.36
C GLN L 269 85.64 4.66 1.98
N GLU L 270 85.84 5.96 1.76
CA GLU L 270 87.17 6.45 1.42
C GLU L 270 88.17 6.14 2.53
N GLN L 271 87.75 6.33 3.78
CA GLN L 271 88.64 6.06 4.91
C GLN L 271 89.02 4.58 4.98
N ALA L 272 88.05 3.70 4.75
CA ALA L 272 88.32 2.27 4.77
C ALA L 272 89.30 1.88 3.68
N LEU L 273 89.10 2.42 2.48
CA LEU L 273 90.03 2.12 1.39
C LEU L 273 91.43 2.65 1.70
N ARG L 274 91.52 3.84 2.30
CA ARG L 274 92.82 4.37 2.71
C ARG L 274 93.48 3.47 3.74
N GLU L 275 92.70 2.94 4.67
CA GLU L 275 93.24 2.03 5.68
C GLU L 275 93.81 0.78 5.02
N LYS L 276 93.09 0.22 4.05
CA LYS L 276 93.60 -0.95 3.35
C LYS L 276 94.88 -0.62 2.58
N ILE L 277 94.91 0.55 1.92
CA ILE L 277 96.10 0.96 1.20
C ILE L 277 97.29 1.05 2.14
N ASP L 278 97.09 1.64 3.31
CA ASP L 278 98.16 1.71 4.30
C ASP L 278 98.59 0.31 4.74
N SER L 279 97.61 -0.57 5.00
CA SER L 279 97.94 -1.91 5.48
C SER L 279 98.78 -2.67 4.47
N VAL L 280 98.63 -2.36 3.19
CA VAL L 280 99.43 -3.01 2.15
C VAL L 280 100.77 -2.32 1.96
N LEU L 281 100.81 -0.99 1.94
CA LEU L 281 102.03 -0.29 1.52
C LEU L 281 102.99 -0.02 2.66
N LEU L 282 102.50 0.05 3.91
CA LEU L 282 103.39 0.32 5.04
C LEU L 282 104.49 -0.72 5.19
N PRO L 283 104.21 -2.03 5.13
CA PRO L 283 105.33 -3.00 5.12
C PRO L 283 106.21 -2.88 3.89
N ILE L 284 105.59 -2.76 2.71
CA ILE L 284 106.34 -2.82 1.46
C ILE L 284 107.25 -1.61 1.32
N LEU L 285 106.71 -0.41 1.53
CA LEU L 285 107.48 0.81 1.28
C LEU L 285 108.10 1.39 2.55
N GLY L 286 107.37 1.36 3.65
CA GLY L 286 107.84 1.93 4.90
C GLY L 286 106.96 3.09 5.35
N TYR L 287 107.34 3.67 6.47
CA TYR L 287 106.58 4.76 7.09
C TYR L 287 107.06 6.09 6.54
N GLY L 288 106.16 6.84 5.93
CA GLY L 288 106.49 8.15 5.41
C GLY L 288 107.14 8.15 4.04
N ASN L 289 107.27 7.00 3.39
CA ASN L 289 107.84 6.93 2.06
C ASN L 289 106.79 7.00 0.96
N TYR L 290 105.52 7.17 1.32
CA TYR L 290 104.44 7.19 0.34
C TYR L 290 103.33 8.10 0.85
N THR L 291 102.49 8.54 -0.07
CA THR L 291 101.25 9.21 0.27
C THR L 291 100.19 8.77 -0.72
N ALA L 292 98.97 8.58 -0.24
CA ALA L 292 97.88 8.10 -1.08
C ALA L 292 96.56 8.70 -0.62
N GLN L 293 95.72 9.06 -1.58
CA GLN L 293 94.38 9.55 -1.30
C GLN L 293 93.40 8.87 -2.24
N VAL L 294 92.16 8.73 -1.77
CA VAL L 294 91.13 7.96 -2.46
C VAL L 294 89.89 8.81 -2.58
N ASP L 295 89.32 8.87 -3.79
CA ASP L 295 88.04 9.51 -4.03
C ASP L 295 87.02 8.45 -4.45
N ILE L 296 85.89 8.43 -3.75
CA ILE L 296 84.81 7.48 -4.03
C ILE L 296 83.54 8.27 -4.29
N GLN L 297 82.96 8.10 -5.48
CA GLN L 297 81.70 8.71 -5.85
C GLN L 297 80.62 7.63 -5.81
N MET L 298 79.55 7.88 -5.06
CA MET L 298 78.50 6.90 -4.86
C MET L 298 77.17 7.45 -5.36
N ASP L 299 76.48 6.67 -6.18
CA ASP L 299 75.14 7.01 -6.63
C ASP L 299 74.12 6.54 -5.61
N PHE L 300 73.08 7.35 -5.42
CA PHE L 300 72.03 7.05 -4.45
C PHE L 300 70.67 7.12 -5.10
N SER L 301 70.57 6.68 -6.35
CA SER L 301 69.28 6.64 -7.03
C SER L 301 68.39 5.57 -6.41
N ALA L 302 67.15 5.50 -6.90
CA ALA L 302 66.16 4.56 -6.40
C ALA L 302 65.53 3.79 -7.56
N VAL L 303 66.39 3.20 -8.38
CA VAL L 303 65.91 2.45 -9.55
C VAL L 303 65.06 1.27 -9.09
N GLU L 304 64.01 0.98 -9.85
CA GLU L 304 63.11 -0.13 -9.57
C GLU L 304 62.50 -0.57 -10.88
N GLN L 305 62.93 -1.72 -11.40
CA GLN L 305 62.64 -2.13 -12.76
C GLN L 305 61.78 -3.38 -12.77
N THR L 306 60.89 -3.46 -13.77
CA THR L 306 60.05 -4.64 -13.99
C THR L 306 60.16 -5.03 -15.46
N ARG L 307 60.59 -6.26 -15.71
CA ARG L 307 60.82 -6.74 -17.06
C ARG L 307 59.89 -7.91 -17.33
N LYS L 308 59.23 -7.87 -18.49
CA LYS L 308 58.35 -8.96 -18.94
C LYS L 308 58.85 -9.42 -20.30
N ARG L 309 59.50 -10.57 -20.33
CA ARG L 309 60.16 -11.07 -21.53
C ARG L 309 59.48 -12.33 -22.02
N PHE L 310 59.42 -12.48 -23.34
CA PHE L 310 58.82 -13.63 -24.00
C PHE L 310 59.87 -14.37 -24.80
N ASP L 311 59.46 -15.48 -25.43
CA ASP L 311 60.36 -16.30 -26.24
C ASP L 311 59.72 -16.50 -27.59
N PRO L 312 60.01 -15.65 -28.58
CA PRO L 312 59.31 -15.74 -29.86
C PRO L 312 59.53 -17.04 -30.62
N ASN L 313 60.70 -17.67 -30.45
CA ASN L 313 61.11 -18.75 -31.33
C ASN L 313 60.66 -20.13 -30.87
N THR L 314 59.99 -20.25 -29.73
CA THR L 314 59.46 -21.52 -29.25
C THR L 314 58.01 -21.38 -28.81
N PRO L 315 57.09 -21.16 -29.75
CA PRO L 315 55.67 -21.13 -29.38
C PRO L 315 55.08 -22.53 -29.29
N ALA L 316 54.02 -22.65 -28.50
CA ALA L 316 53.31 -23.90 -28.32
C ALA L 316 51.85 -23.70 -28.71
N THR L 317 51.40 -24.43 -29.73
CA THR L 317 50.03 -24.25 -30.20
C THR L 317 49.03 -24.80 -29.20
N ARG L 318 48.08 -23.97 -28.78
CA ARG L 318 47.05 -24.35 -27.82
C ARG L 318 45.81 -24.89 -28.51
N SER L 319 45.24 -24.11 -29.42
CA SER L 319 44.13 -24.54 -30.26
C SER L 319 44.47 -24.20 -31.70
N GLU L 320 43.83 -24.90 -32.63
CA GLU L 320 44.16 -24.72 -34.03
C GLU L 320 42.97 -25.09 -34.89
N TYR L 321 42.70 -24.25 -35.88
CA TYR L 321 41.70 -24.51 -36.91
C TYR L 321 42.35 -24.36 -38.26
N ALA L 322 42.02 -25.25 -39.20
CA ALA L 322 42.64 -25.22 -40.52
C ALA L 322 41.63 -25.75 -41.53
N LEU L 323 41.15 -24.87 -42.40
CA LEU L 323 40.26 -25.22 -43.49
C LEU L 323 41.02 -25.08 -44.80
N GLU L 324 40.97 -26.12 -45.64
CA GLU L 324 41.74 -26.15 -46.89
C GLU L 324 40.91 -26.88 -47.95
N ASP L 325 40.17 -26.12 -48.76
CA ASP L 325 39.33 -26.70 -49.80
C ASP L 325 39.84 -26.30 -51.18
N TYR L 326 39.61 -27.18 -52.15
CA TYR L 326 40.02 -26.99 -53.52
C TYR L 326 38.80 -27.11 -54.44
N ASN L 327 39.01 -26.86 -55.73
CA ASN L 327 37.97 -27.03 -56.73
C ASN L 327 38.58 -27.30 -58.09
N GLY L 365 42.48 -24.33 -60.27
CA GLY L 365 41.17 -23.90 -59.82
C GLY L 365 41.20 -23.15 -58.50
N SER L 366 40.03 -23.03 -57.88
CA SER L 366 39.94 -22.35 -56.60
C SER L 366 40.71 -23.10 -55.52
N VAL L 367 41.47 -22.36 -54.72
CA VAL L 367 42.23 -22.91 -53.60
C VAL L 367 42.09 -21.95 -52.44
N ARG L 368 41.31 -22.33 -51.43
CA ARG L 368 41.07 -21.50 -50.25
C ARG L 368 41.74 -22.14 -49.04
N LYS L 369 42.59 -21.39 -48.37
CA LYS L 369 43.37 -21.90 -47.23
C LYS L 369 43.14 -20.99 -46.03
N GLU L 370 42.08 -21.25 -45.29
CA GLU L 370 41.84 -20.53 -44.04
C GLU L 370 42.56 -21.21 -42.90
N SER L 371 42.92 -20.41 -41.90
CA SER L 371 43.68 -20.92 -40.76
C SER L 371 43.52 -19.98 -39.59
N THR L 372 43.37 -20.55 -38.39
CA THR L 372 43.34 -19.81 -37.14
C THR L 372 44.18 -20.56 -36.14
N ARG L 373 44.98 -19.84 -35.36
CA ARG L 373 45.94 -20.47 -34.47
C ARG L 373 46.10 -19.64 -33.21
N ASN L 374 46.12 -20.30 -32.06
CA ASN L 374 46.37 -19.68 -30.77
C ASN L 374 47.64 -20.27 -30.17
N PHE L 375 48.46 -19.43 -29.55
CA PHE L 375 49.77 -19.85 -29.07
C PHE L 375 49.92 -19.57 -27.59
N GLU L 376 50.82 -20.33 -26.98
CA GLU L 376 51.31 -20.14 -25.62
C GLU L 376 52.81 -19.95 -25.68
N LEU L 377 53.32 -18.98 -24.94
CA LEU L 377 54.70 -18.56 -25.04
C LEU L 377 55.37 -18.56 -23.68
N ASP L 378 56.68 -18.79 -23.66
CA ASP L 378 57.44 -18.71 -22.42
C ASP L 378 57.41 -17.28 -21.91
N THR L 379 57.05 -17.09 -20.65
CA THR L 379 56.85 -15.76 -20.07
C THR L 379 57.68 -15.65 -18.81
N THR L 380 58.65 -14.75 -18.81
CA THR L 380 59.46 -14.44 -17.64
C THR L 380 59.10 -13.05 -17.16
N ILE L 381 58.82 -12.92 -15.86
CA ILE L 381 58.46 -11.63 -15.27
C ILE L 381 59.39 -11.43 -14.08
N SER L 382 60.36 -10.53 -14.22
CA SER L 382 61.36 -10.29 -13.19
C SER L 382 61.24 -8.87 -12.66
N HIS L 383 61.10 -8.74 -11.35
CA HIS L 383 61.04 -7.44 -10.69
C HIS L 383 62.31 -7.26 -9.88
N GLU L 384 63.13 -6.29 -10.27
CA GLU L 384 64.41 -6.00 -9.62
C GLU L 384 64.34 -4.65 -8.93
N ARG L 385 65.00 -4.55 -7.78
CA ARG L 385 65.06 -3.31 -7.03
C ARG L 385 66.51 -3.08 -6.61
N LYS L 386 67.20 -2.16 -7.28
CA LYS L 386 68.61 -1.96 -7.05
C LYS L 386 68.86 -1.36 -5.67
N GLN L 387 70.02 -1.67 -5.10
CA GLN L 387 70.43 -1.03 -3.86
C GLN L 387 70.72 0.44 -4.11
N THR L 388 70.37 1.28 -3.15
CA THR L 388 70.46 2.72 -3.29
C THR L 388 71.90 3.19 -3.54
N GLY L 389 72.75 3.08 -2.53
CA GLY L 389 74.10 3.60 -2.65
C GLY L 389 75.08 2.62 -3.24
N THR L 390 75.52 2.89 -4.47
CA THR L 390 76.48 2.03 -5.16
C THR L 390 77.66 2.87 -5.64
N VAL L 391 78.86 2.34 -5.48
CA VAL L 391 80.06 3.03 -5.93
C VAL L 391 80.05 3.12 -7.45
N ALA L 392 79.81 4.32 -7.99
CA ALA L 392 79.75 4.52 -9.43
C ALA L 392 81.12 4.74 -10.05
N ARG L 393 82.05 5.32 -9.31
CA ARG L 393 83.39 5.57 -9.81
C ARG L 393 84.34 5.66 -8.62
N GLN L 394 85.54 5.13 -8.80
CA GLN L 394 86.54 5.12 -7.74
C GLN L 394 87.88 5.59 -8.31
N THR L 395 88.49 6.54 -7.63
CA THR L 395 89.76 7.13 -8.05
C THR L 395 90.76 6.97 -6.92
N VAL L 396 91.93 6.39 -7.22
CA VAL L 396 92.99 6.22 -6.24
C VAL L 396 94.29 6.72 -6.85
N SER L 397 95.02 7.54 -6.09
CA SER L 397 96.33 8.02 -6.51
C SER L 397 97.33 7.77 -5.39
N VAL L 398 98.49 7.23 -5.75
CA VAL L 398 99.55 6.93 -4.80
C VAL L 398 100.83 7.57 -5.31
N ALA L 399 101.53 8.29 -4.43
CA ALA L 399 102.79 8.94 -4.75
C ALA L 399 103.88 8.36 -3.86
N ILE L 400 104.97 7.93 -4.48
CA ILE L 400 106.07 7.27 -3.79
C ILE L 400 107.26 8.21 -3.73
N LYS L 401 107.84 8.35 -2.55
CA LYS L 401 108.99 9.23 -2.38
C LYS L 401 110.19 8.69 -3.15
N ASP L 402 110.89 9.58 -3.84
CA ASP L 402 112.09 9.20 -4.57
C ASP L 402 113.26 9.04 -3.60
N ARG L 403 114.22 8.22 -4.01
CA ARG L 403 115.43 7.96 -3.23
C ARG L 403 115.09 7.45 -1.83
N PRO L 417 114.51 7.95 -7.51
CA PRO L 417 113.23 7.49 -8.07
C PRO L 417 113.04 5.99 -7.93
N MET L 418 111.96 5.47 -8.50
CA MET L 418 111.64 4.04 -8.45
C MET L 418 111.50 3.51 -9.87
N SER L 419 112.03 2.31 -10.09
CA SER L 419 112.04 1.73 -11.43
C SER L 419 110.62 1.41 -11.90
N GLU L 420 110.49 1.29 -13.22
CA GLU L 420 109.18 1.01 -13.81
C GLU L 420 108.66 -0.36 -13.38
N SER L 421 109.54 -1.35 -13.24
CA SER L 421 109.11 -2.68 -12.85
C SER L 421 108.47 -2.68 -11.47
N GLU L 422 109.11 -2.00 -10.51
CA GLU L 422 108.54 -1.97 -9.16
C GLU L 422 107.29 -1.11 -9.11
N ILE L 423 107.22 -0.06 -9.92
CA ILE L 423 105.99 0.74 -10.00
C ILE L 423 104.84 -0.11 -10.49
N ASN L 424 105.07 -0.91 -11.53
CA ASN L 424 104.03 -1.78 -12.04
C ASN L 424 103.68 -2.89 -11.06
N ALA L 425 104.66 -3.38 -10.31
CA ALA L 425 104.36 -4.39 -9.28
C ALA L 425 103.48 -3.80 -8.18
N ILE L 426 103.79 -2.58 -7.74
CA ILE L 426 102.94 -1.91 -6.76
C ILE L 426 101.54 -1.69 -7.32
N ARG L 427 101.45 -1.31 -8.59
CA ARG L 427 100.15 -1.14 -9.22
C ARG L 427 99.39 -2.46 -9.25
N GLN L 428 100.07 -3.57 -9.52
CA GLN L 428 99.42 -4.88 -9.50
C GLN L 428 98.91 -5.23 -8.12
N VAL L 429 99.69 -4.94 -7.08
CA VAL L 429 99.24 -5.21 -5.72
C VAL L 429 98.00 -4.38 -5.40
N LEU L 430 98.04 -3.09 -5.76
CA LEU L 430 96.89 -2.22 -5.50
C LEU L 430 95.66 -2.72 -6.24
N ILE L 431 95.83 -3.22 -7.46
CA ILE L 431 94.73 -3.86 -8.19
C ILE L 431 94.44 -5.18 -7.49
N GLY L 432 93.38 -5.19 -6.68
CA GLY L 432 93.15 -6.31 -5.79
C GLY L 432 93.20 -5.86 -4.35
N THR L 433 94.14 -4.98 -4.02
CA THR L 433 94.07 -4.31 -2.73
C THR L 433 92.84 -3.42 -2.65
N VAL L 434 92.54 -2.68 -3.72
CA VAL L 434 91.40 -1.78 -3.74
C VAL L 434 90.19 -2.36 -4.46
N GLY L 435 90.40 -3.33 -5.35
CA GLY L 435 89.30 -3.84 -6.15
C GLY L 435 89.14 -3.02 -7.41
N PHE L 436 90.23 -2.79 -8.13
CA PHE L 436 90.21 -1.96 -9.32
C PHE L 436 89.24 -2.53 -10.36
N ASP L 437 88.38 -1.67 -10.90
CA ASP L 437 87.35 -2.06 -11.86
C ASP L 437 87.34 -1.02 -12.97
N GLN L 438 88.12 -1.28 -14.03
CA GLN L 438 88.22 -0.32 -15.13
C GLN L 438 86.89 -0.15 -15.85
N GLY L 439 86.14 -1.24 -16.00
CA GLY L 439 84.85 -1.16 -16.67
C GLY L 439 83.86 -0.26 -15.97
N ARG L 440 84.04 -0.03 -14.68
CA ARG L 440 83.22 0.90 -13.92
C ARG L 440 83.65 2.36 -14.12
N GLY L 441 84.79 2.59 -14.76
CA GLY L 441 85.34 3.91 -14.90
C GLY L 441 86.36 4.28 -13.83
N ASP L 442 86.79 3.32 -13.01
CA ASP L 442 87.74 3.61 -11.96
C ASP L 442 89.11 3.97 -12.56
N LEU L 443 89.90 4.68 -11.75
CA LEU L 443 91.20 5.17 -12.18
C LEU L 443 92.20 4.97 -11.06
N LEU L 444 93.40 4.53 -11.42
CA LEU L 444 94.45 4.24 -10.45
C LEU L 444 95.76 4.81 -10.99
N ASN L 445 96.27 5.85 -10.33
CA ASN L 445 97.53 6.48 -10.68
C ASN L 445 98.59 6.12 -9.64
N VAL L 446 99.75 5.68 -10.10
CA VAL L 446 100.90 5.45 -9.23
C VAL L 446 102.08 6.22 -9.80
N LEU L 447 102.60 7.18 -9.03
CA LEU L 447 103.66 8.06 -9.49
C LEU L 447 104.81 8.01 -8.50
N SER L 448 106.00 8.36 -8.99
CA SER L 448 107.20 8.51 -8.16
C SER L 448 107.57 9.99 -8.15
N VAL L 449 107.37 10.64 -7.00
CA VAL L 449 107.57 12.08 -6.88
C VAL L 449 108.64 12.33 -5.81
N LYS L 450 109.09 13.59 -5.78
CA LYS L 450 110.14 14.01 -4.85
C LYS L 450 109.48 14.69 -3.65
N PHE L 451 109.53 14.03 -2.50
CA PHE L 451 109.01 14.62 -1.28
C PHE L 451 109.97 15.70 -0.78
N ALA L 452 109.41 16.76 -0.21
CA ALA L 452 110.20 17.85 0.33
C ALA L 452 110.46 17.65 1.81
N ALA M 255 61.32 27.04 3.46
CA ALA M 255 62.20 26.41 2.48
C ALA M 255 63.55 27.12 2.42
N SER M 256 63.59 28.39 2.83
CA SER M 256 64.85 29.12 2.80
C SER M 256 65.84 28.52 3.81
N ALA M 257 65.34 27.95 4.91
CA ALA M 257 66.21 27.20 5.80
C ALA M 257 66.82 26.01 5.08
N ALA M 258 66.03 25.35 4.23
CA ALA M 258 66.56 24.26 3.42
C ALA M 258 67.66 24.76 2.49
N ARG M 259 67.46 25.93 1.89
CA ARG M 259 68.49 26.50 1.02
C ARG M 259 69.76 26.82 1.81
N ARG M 260 69.61 27.34 3.03
CA ARG M 260 70.76 27.59 3.89
C ARG M 260 71.52 26.31 4.16
N LYS M 261 70.80 25.22 4.49
CA LYS M 261 71.49 23.96 4.75
C LYS M 261 72.11 23.38 3.49
N GLU M 262 71.55 23.68 2.32
CA GLU M 262 72.21 23.28 1.07
C GLU M 262 73.54 24.01 0.89
N GLN M 263 73.55 25.31 1.20
CA GLN M 263 74.81 26.05 1.19
C GLN M 263 75.82 25.43 2.16
N GLU M 264 75.33 25.04 3.34
CA GLU M 264 76.19 24.39 4.33
C GLU M 264 76.78 23.09 3.77
N LEU M 265 75.95 22.30 3.08
CA LEU M 265 76.43 21.06 2.48
C LEU M 265 77.53 21.34 1.45
N GLU M 266 77.31 22.33 0.60
CA GLU M 266 78.32 22.66 -0.41
C GLU M 266 79.63 23.08 0.26
N ARG M 267 79.54 23.93 1.29
CA ARG M 267 80.75 24.38 1.97
C ARG M 267 81.46 23.22 2.66
N SER M 268 80.69 22.29 3.24
CA SER M 268 81.30 21.12 3.88
C SER M 268 82.04 20.26 2.88
N GLN M 269 81.45 20.06 1.70
CA GLN M 269 82.12 19.31 0.64
C GLN M 269 83.43 19.98 0.24
N GLU M 270 83.38 21.30 0.06
CA GLU M 270 84.60 22.03 -0.29
C GLU M 270 85.66 21.88 0.78
N GLN M 271 85.25 21.96 2.05
CA GLN M 271 86.21 21.83 3.14
C GLN M 271 86.84 20.44 3.16
N ALA M 272 86.04 19.40 2.94
CA ALA M 272 86.57 18.04 2.91
C ALA M 272 87.58 17.87 1.78
N LEU M 273 87.26 18.39 0.60
CA LEU M 273 88.19 18.29 -0.52
C LEU M 273 89.47 19.06 -0.22
N ARG M 274 89.36 20.23 0.41
CA ARG M 274 90.56 20.96 0.80
C ARG M 274 91.40 20.18 1.79
N GLU M 275 90.74 19.50 2.73
CA GLU M 275 91.48 18.67 3.70
C GLU M 275 92.24 17.56 2.99
N LYS M 276 91.61 16.91 2.02
CA LYS M 276 92.30 15.86 1.27
C LYS M 276 93.48 16.44 0.48
N ILE M 277 93.28 17.61 -0.14
CA ILE M 277 94.36 18.26 -0.88
C ILE M 277 95.54 18.53 0.04
N ASP M 278 95.27 19.05 1.24
CA ASP M 278 96.33 19.28 2.20
C ASP M 278 97.01 17.97 2.59
N SER M 279 96.22 16.93 2.85
CA SER M 279 96.79 15.65 3.28
C SER M 279 97.74 15.08 2.23
N VAL M 280 97.50 15.39 0.96
CA VAL M 280 98.37 14.93 -0.11
C VAL M 280 99.57 15.85 -0.31
N LEU M 281 99.36 17.16 -0.29
CA LEU M 281 100.42 18.08 -0.72
C LEU M 281 101.35 18.49 0.41
N LEU M 282 100.89 18.45 1.67
CA LEU M 282 101.74 18.85 2.78
C LEU M 282 103.02 18.02 2.88
N PRO M 283 102.99 16.67 2.78
CA PRO M 283 104.25 15.92 2.72
C PRO M 283 105.07 16.22 1.48
N ILE M 284 104.40 16.26 0.32
CA ILE M 284 105.11 16.38 -0.95
C ILE M 284 105.80 17.73 -1.07
N LEU M 285 105.06 18.81 -0.82
CA LEU M 285 105.58 20.16 -1.04
C LEU M 285 106.12 20.80 0.22
N GLY M 286 105.43 20.62 1.34
CA GLY M 286 105.83 21.22 2.59
C GLY M 286 104.76 22.19 3.09
N TYR M 287 105.07 22.80 4.23
CA TYR M 287 104.14 23.73 4.89
C TYR M 287 104.37 25.13 4.37
N GLY M 288 103.32 25.73 3.80
CA GLY M 288 103.40 27.09 3.31
C GLY M 288 104.00 27.25 1.93
N ASN M 289 104.32 26.16 1.25
CA ASN M 289 104.86 26.23 -0.10
C ASN M 289 103.78 26.12 -1.17
N TYR M 290 102.51 26.05 -0.78
CA TYR M 290 101.42 25.91 -1.74
C TYR M 290 100.18 26.58 -1.17
N THR M 291 99.25 26.89 -2.06
CA THR M 291 97.91 27.32 -1.67
C THR M 291 96.92 26.71 -2.65
N ALA M 292 95.77 26.29 -2.15
CA ALA M 292 94.77 25.65 -2.98
C ALA M 292 93.38 25.99 -2.48
N GLN M 293 92.46 26.21 -3.41
CA GLN M 293 91.07 26.45 -3.09
C GLN M 293 90.19 25.63 -4.02
N VAL M 294 89.01 25.26 -3.52
CA VAL M 294 88.12 24.33 -4.22
C VAL M 294 86.74 24.95 -4.29
N ASP M 295 86.14 24.92 -5.48
CA ASP M 295 84.75 25.33 -5.67
C ASP M 295 83.94 24.13 -6.09
N ILE M 296 82.84 23.88 -5.38
CA ILE M 296 81.95 22.76 -5.66
C ILE M 296 80.54 23.32 -5.87
N GLN M 297 79.98 23.06 -7.05
CA GLN M 297 78.61 23.45 -7.37
C GLN M 297 77.75 22.19 -7.35
N MET M 298 76.68 22.23 -6.57
CA MET M 298 75.82 21.06 -6.37
C MET M 298 74.40 21.38 -6.82
N ASP M 299 73.84 20.51 -7.65
CA ASP M 299 72.45 20.61 -8.07
C ASP M 299 71.56 19.94 -7.03
N PHE M 300 70.40 20.54 -6.80
CA PHE M 300 69.45 20.03 -5.82
C PHE M 300 68.08 19.89 -6.44
N SER M 301 68.02 19.45 -7.70
CA SER M 301 66.75 19.21 -8.35
C SER M 301 66.08 17.98 -7.74
N ALA M 302 64.86 17.69 -8.20
CA ALA M 302 64.07 16.59 -7.71
C ALA M 302 63.56 15.74 -8.87
N VAL M 303 64.48 15.33 -9.73
CA VAL M 303 64.11 14.54 -10.91
C VAL M 303 63.51 13.21 -10.47
N GLU M 304 62.51 12.76 -11.22
CA GLU M 304 61.83 11.50 -10.95
C GLU M 304 61.27 10.99 -12.26
N GLN M 305 61.88 9.95 -12.82
CA GLN M 305 61.65 9.53 -14.18
C GLN M 305 61.01 8.14 -14.21
N THR M 306 60.13 7.92 -15.19
CA THR M 306 59.51 6.62 -15.43
C THR M 306 59.64 6.30 -16.91
N ARG M 307 60.28 5.17 -17.21
CA ARG M 307 60.56 4.78 -18.58
C ARG M 307 59.85 3.47 -18.87
N LYS M 308 59.16 3.41 -20.01
CA LYS M 308 58.49 2.20 -20.47
C LYS M 308 59.01 1.87 -21.85
N ARG M 309 59.87 0.86 -21.93
CA ARG M 309 60.57 0.51 -23.16
C ARG M 309 60.12 -0.85 -23.67
N PHE M 310 60.05 -0.97 -24.99
CA PHE M 310 59.64 -2.19 -25.67
C PHE M 310 60.80 -2.71 -26.52
N ASP M 311 60.57 -3.84 -27.16
CA ASP M 311 61.58 -4.48 -28.02
C ASP M 311 60.95 -4.77 -29.37
N PRO M 312 61.05 -3.85 -30.33
CA PRO M 312 60.35 -4.02 -31.60
C PRO M 312 60.79 -5.24 -32.40
N ASN M 313 62.04 -5.65 -32.28
CA ASN M 313 62.63 -6.62 -33.20
C ASN M 313 62.44 -8.08 -32.77
N THR M 314 61.83 -8.34 -31.62
CA THR M 314 61.56 -9.70 -31.17
C THR M 314 60.11 -9.83 -30.69
N PRO M 315 59.14 -9.76 -31.60
CA PRO M 315 57.75 -9.99 -31.21
C PRO M 315 57.43 -11.48 -31.14
N ALA M 316 56.42 -11.81 -30.33
CA ALA M 316 55.96 -13.18 -30.18
C ALA M 316 54.48 -13.23 -30.53
N THR M 317 54.13 -14.00 -31.55
CA THR M 317 52.74 -14.06 -31.99
C THR M 317 51.90 -14.81 -30.98
N ARG M 318 50.82 -14.17 -30.52
CA ARG M 318 49.90 -14.76 -29.55
C ARG M 318 48.75 -15.50 -30.23
N SER M 319 48.03 -14.81 -31.11
CA SER M 319 47.00 -15.41 -31.92
C SER M 319 47.23 -14.97 -33.36
N GLU M 320 46.70 -15.76 -34.30
CA GLU M 320 46.96 -15.49 -35.70
C GLU M 320 45.82 -16.03 -36.55
N TYR M 321 45.38 -15.24 -37.51
CA TYR M 321 44.41 -15.65 -38.52
C TYR M 321 45.00 -15.34 -39.89
N ALA M 322 44.81 -16.26 -40.83
CA ALA M 322 45.37 -16.10 -42.17
C ALA M 322 44.46 -16.77 -43.17
N LEU M 323 43.80 -15.97 -44.01
CA LEU M 323 42.96 -16.45 -45.09
C LEU M 323 43.64 -16.13 -46.41
N GLU M 324 43.76 -17.14 -47.28
CA GLU M 324 44.49 -17.01 -48.54
C GLU M 324 43.77 -17.84 -49.61
N ASP M 325 42.89 -17.21 -50.37
CA ASP M 325 42.14 -17.91 -51.41
C ASP M 325 42.53 -17.39 -52.79
N TYR M 326 42.43 -18.27 -53.78
CA TYR M 326 42.77 -17.97 -55.16
C TYR M 326 41.56 -18.29 -56.05
N ASN M 327 41.69 -17.97 -57.33
CA ASN M 327 40.66 -18.31 -58.32
C ASN M 327 41.29 -18.41 -59.70
N GLY M 365 44.53 -14.74 -61.88
CA GLY M 365 43.18 -14.57 -61.39
C GLY M 365 43.10 -13.86 -60.04
N SER M 366 41.95 -13.97 -59.39
CA SER M 366 41.77 -13.34 -58.09
C SER M 366 42.69 -13.97 -57.06
N VAL M 367 43.33 -13.13 -56.25
CA VAL M 367 44.20 -13.57 -55.17
C VAL M 367 43.92 -12.67 -53.97
N ARG M 368 43.26 -13.21 -52.96
CA ARG M 368 42.90 -12.47 -51.75
C ARG M 368 43.71 -13.01 -50.58
N LYS M 369 44.43 -12.14 -49.90
CA LYS M 369 45.31 -12.52 -48.79
C LYS M 369 44.96 -11.69 -47.57
N GLU M 370 43.99 -12.16 -46.80
CA GLU M 370 43.65 -11.53 -45.53
C GLU M 370 44.52 -12.09 -44.43
N SER M 371 44.76 -11.28 -43.41
CA SER M 371 45.62 -11.68 -42.30
C SER M 371 45.34 -10.80 -41.10
N THR M 372 45.32 -11.42 -39.92
CA THR M 372 45.18 -10.73 -38.65
C THR M 372 46.17 -11.34 -37.69
N ARG M 373 46.84 -10.49 -36.90
CA ARG M 373 47.93 -10.97 -36.05
C ARG M 373 47.97 -10.16 -34.77
N ASN M 374 48.14 -10.84 -33.64
CA ASN M 374 48.31 -10.21 -32.35
C ASN M 374 49.68 -10.58 -31.79
N PHE M 375 50.35 -9.62 -31.16
CA PHE M 375 51.73 -9.81 -30.73
C PHE M 375 51.87 -9.55 -29.24
N GLU M 376 52.91 -10.15 -28.68
CA GLU M 376 53.38 -9.90 -27.32
C GLU M 376 54.83 -9.45 -27.41
N LEU M 377 55.17 -8.41 -26.64
CA LEU M 377 56.46 -7.75 -26.77
C LEU M 377 57.14 -7.67 -25.42
N ASP M 378 58.47 -7.66 -25.44
CA ASP M 378 59.24 -7.47 -24.21
C ASP M 378 58.97 -6.08 -23.67
N THR M 379 58.62 -6.00 -22.39
CA THR M 379 58.20 -4.74 -21.77
C THR M 379 59.03 -4.51 -20.52
N THR M 380 59.82 -3.45 -20.52
CA THR M 380 60.59 -3.03 -19.35
C THR M 380 60.01 -1.74 -18.83
N ILE M 381 59.74 -1.68 -17.52
CA ILE M 381 59.17 -0.51 -16.88
C ILE M 381 60.08 -0.17 -15.70
N SER M 382 60.86 0.89 -15.84
CA SER M 382 61.83 1.29 -14.83
C SER M 382 61.48 2.65 -14.26
N HIS M 383 61.36 2.72 -12.94
CA HIS M 383 61.07 3.96 -12.24
C HIS M 383 62.32 4.35 -11.45
N GLU M 384 62.93 5.47 -11.83
CA GLU M 384 64.16 5.96 -11.20
C GLU M 384 63.87 7.25 -10.47
N ARG M 385 64.53 7.44 -9.33
CA ARG M 385 64.39 8.67 -8.54
C ARG M 385 65.78 9.13 -8.15
N LYS M 386 66.27 10.18 -8.81
CA LYS M 386 67.63 10.63 -8.61
C LYS M 386 67.81 11.23 -7.21
N GLN M 387 69.02 11.11 -6.68
CA GLN M 387 69.34 11.78 -5.43
C GLN M 387 69.36 13.29 -5.65
N THR M 388 68.88 14.03 -4.64
CA THR M 388 68.71 15.47 -4.76
C THR M 388 70.03 16.19 -5.02
N GLY M 389 70.92 16.21 -4.03
CA GLY M 389 72.14 16.97 -4.16
C GLY M 389 73.27 16.20 -4.81
N THR M 390 73.63 16.58 -6.04
CA THR M 390 74.70 15.93 -6.77
C THR M 390 75.69 16.97 -7.25
N VAL M 391 76.98 16.66 -7.14
CA VAL M 391 78.03 17.58 -7.59
C VAL M 391 77.95 17.69 -9.11
N ALA M 392 77.50 18.85 -9.60
CA ALA M 392 77.36 19.06 -11.04
C ALA M 392 78.64 19.56 -11.68
N ARG M 393 79.47 20.27 -10.94
CA ARG M 393 80.74 20.77 -11.47
C ARG M 393 81.69 21.00 -10.30
N GLN M 394 82.96 20.69 -10.52
CA GLN M 394 83.98 20.83 -9.49
C GLN M 394 85.18 21.55 -10.06
N THR M 395 85.64 22.59 -9.36
CA THR M 395 86.77 23.40 -9.80
C THR M 395 87.81 23.41 -8.69
N VAL M 396 89.04 23.05 -9.04
CA VAL M 396 90.16 23.04 -8.09
C VAL M 396 91.32 23.80 -8.71
N SER M 397 91.92 24.70 -7.94
CA SER M 397 93.11 25.43 -8.37
C SER M 397 94.17 25.33 -7.28
N VAL M 398 95.39 25.02 -7.68
CA VAL M 398 96.53 24.90 -6.77
C VAL M 398 97.65 25.77 -7.29
N ALA M 399 98.22 26.58 -6.41
CA ALA M 399 99.34 27.45 -6.73
C ALA M 399 100.54 27.05 -5.88
N ILE M 400 101.68 26.84 -6.54
CA ILE M 400 102.90 26.37 -5.89
C ILE M 400 103.89 27.52 -5.83
N LYS M 401 104.48 27.73 -4.66
CA LYS M 401 105.46 28.79 -4.49
C LYS M 401 106.71 28.51 -5.30
N ASP M 402 107.21 29.52 -5.98
CA ASP M 402 108.45 29.39 -6.74
C ASP M 402 109.65 29.40 -5.81
N ARG M 403 110.74 28.79 -6.27
CA ARG M 403 111.98 28.73 -5.52
C ARG M 403 111.79 28.14 -4.12
N PRO M 417 110.97 28.67 -9.77
CA PRO M 417 109.78 27.99 -10.32
C PRO M 417 109.87 26.48 -10.22
N MET M 418 108.89 25.79 -10.78
CA MET M 418 108.83 24.33 -10.77
C MET M 418 108.75 23.81 -12.20
N SER M 419 109.48 22.73 -12.47
CA SER M 419 109.56 22.20 -13.82
C SER M 419 108.21 21.64 -14.27
N GLU M 420 108.06 21.54 -15.59
CA GLU M 420 106.82 21.03 -16.16
C GLU M 420 106.55 19.59 -15.75
N SER M 421 107.61 18.78 -15.67
CA SER M 421 107.43 17.37 -15.31
C SER M 421 106.83 17.23 -13.92
N GLU M 422 107.37 17.97 -12.95
CA GLU M 422 106.84 17.87 -11.59
C GLU M 422 105.45 18.49 -11.48
N ILE M 423 105.18 19.54 -12.26
CA ILE M 423 103.83 20.11 -12.29
C ILE M 423 102.83 19.06 -12.78
N ASN M 424 103.18 18.35 -13.85
CA ASN M 424 102.29 17.32 -14.36
C ASN M 424 102.18 16.15 -13.41
N ALA M 425 103.25 15.81 -12.69
CA ALA M 425 103.16 14.75 -11.69
C ALA M 425 102.23 15.14 -10.55
N ILE M 426 102.31 16.39 -10.09
CA ILE M 426 101.39 16.86 -9.06
C ILE M 426 99.96 16.84 -9.59
N ARG M 427 99.77 17.23 -10.84
CA ARG M 427 98.45 17.17 -11.44
C ARG M 427 97.92 15.75 -11.48
N GLN M 428 98.79 14.78 -11.80
CA GLN M 428 98.39 13.38 -11.82
C GLN M 428 97.99 12.89 -10.44
N VAL M 429 98.73 13.30 -9.40
CA VAL M 429 98.36 12.93 -8.04
C VAL M 429 97.01 13.51 -7.67
N LEU M 430 96.81 14.79 -7.99
CA LEU M 430 95.52 15.43 -7.68
C LEU M 430 94.38 14.73 -8.40
N ILE M 431 94.61 14.31 -9.65
CA ILE M 431 93.64 13.50 -10.37
C ILE M 431 93.60 12.14 -9.70
N GLY M 432 92.59 11.91 -8.87
CA GLY M 432 92.58 10.75 -8.01
C GLY M 432 92.58 11.16 -6.56
N THR M 433 93.37 12.19 -6.22
CA THR M 433 93.20 12.80 -4.91
C THR M 433 91.83 13.45 -4.78
N VAL M 434 91.39 14.15 -5.82
CA VAL M 434 90.10 14.84 -5.79
C VAL M 434 88.99 14.06 -6.49
N GLY M 435 89.35 13.17 -7.42
CA GLY M 435 88.34 12.49 -8.21
C GLY M 435 87.99 13.30 -9.44
N PHE M 436 89.02 13.74 -10.18
CA PHE M 436 88.80 14.58 -11.34
C PHE M 436 87.94 13.87 -12.38
N ASP M 437 86.91 14.58 -12.87
CA ASP M 437 85.94 14.02 -13.82
C ASP M 437 85.72 15.08 -14.90
N GLN M 438 86.50 14.99 -15.99
CA GLN M 438 86.40 15.97 -17.06
C GLN M 438 85.04 15.92 -17.74
N GLY M 439 84.49 14.73 -17.91
CA GLY M 439 83.19 14.59 -18.56
C GLY M 439 82.07 15.28 -17.80
N ARG M 440 82.25 15.51 -16.51
CA ARG M 440 81.30 16.26 -15.71
C ARG M 440 81.45 17.76 -15.87
N GLY M 441 82.52 18.21 -16.52
CA GLY M 441 82.82 19.61 -16.64
C GLY M 441 83.78 20.14 -15.59
N ASP M 442 84.40 19.25 -14.81
CA ASP M 442 85.32 19.68 -13.77
C ASP M 442 86.58 20.29 -14.38
N LEU M 443 87.25 21.11 -13.57
CA LEU M 443 88.43 21.83 -14.01
C LEU M 443 89.48 21.80 -12.92
N LEU M 444 90.73 21.59 -13.32
CA LEU M 444 91.84 21.48 -12.39
C LEU M 444 93.00 22.29 -12.93
N ASN M 445 93.34 23.37 -12.25
CA ASN M 445 94.46 24.23 -12.62
C ASN M 445 95.58 24.04 -11.61
N VAL M 446 96.80 23.84 -12.10
CA VAL M 446 97.99 23.79 -11.27
C VAL M 446 98.99 24.78 -11.84
N LEU M 447 99.36 25.79 -11.05
CA LEU M 447 100.24 26.86 -11.51
C LEU M 447 101.40 27.00 -10.56
N SER M 448 102.49 27.57 -11.05
CA SER M 448 103.66 27.91 -10.25
C SER M 448 103.76 29.43 -10.20
N VAL M 449 103.48 30.01 -9.03
CA VAL M 449 103.42 31.45 -8.87
C VAL M 449 104.45 31.88 -7.82
N LYS M 450 104.68 33.18 -7.76
CA LYS M 450 105.66 33.77 -6.84
C LYS M 450 104.93 34.29 -5.61
N PHE M 451 105.11 33.61 -4.48
CA PHE M 451 104.54 34.07 -3.23
C PHE M 451 105.30 35.29 -2.72
N ALA M 452 104.57 36.22 -2.11
CA ALA M 452 105.17 37.42 -1.56
C ALA M 452 105.50 37.23 -0.08
N ALA N 255 55.53 37.56 2.91
CA ALA N 255 56.48 37.13 1.90
C ALA N 255 57.68 38.07 1.83
N SER N 256 57.51 39.33 2.27
CA SER N 256 58.62 40.26 2.24
C SER N 256 59.72 39.83 3.21
N ALA N 257 59.35 39.16 4.30
CA ALA N 257 60.38 38.54 5.15
C ALA N 257 61.16 37.50 4.38
N ALA N 258 60.49 36.73 3.53
CA ALA N 258 61.19 35.78 2.67
C ALA N 258 62.14 36.49 1.74
N ARG N 259 61.72 37.62 1.18
CA ARG N 259 62.62 38.39 0.31
C ARG N 259 63.83 38.91 1.07
N ARG N 260 63.61 39.36 2.31
CA ARG N 260 64.72 39.79 3.16
C ARG N 260 65.71 38.66 3.37
N LYS N 261 65.21 37.46 3.68
CA LYS N 261 66.12 36.34 3.89
C LYS N 261 66.80 35.92 2.60
N GLU N 262 66.17 36.13 1.45
CA GLU N 262 66.85 35.90 0.18
C GLU N 262 68.02 36.85 -0.01
N GLN N 263 67.82 38.13 0.34
CA GLN N 263 68.92 39.08 0.32
C GLN N 263 70.04 38.64 1.25
N GLU N 264 69.67 38.12 2.43
CA GLU N 264 70.66 37.62 3.38
C GLU N 264 71.45 36.46 2.77
N LEU N 265 70.76 35.56 2.08
CA LEU N 265 71.44 34.43 1.42
C LEU N 265 72.44 34.93 0.39
N GLU N 266 72.02 35.89 -0.43
CA GLU N 266 72.94 36.42 -1.45
C GLU N 266 74.17 37.05 -0.80
N ARG N 267 73.95 37.84 0.25
CA ARG N 267 75.07 38.49 0.93
C ARG N 267 76.00 37.46 1.57
N SER N 268 75.44 36.39 2.13
CA SER N 268 76.24 35.33 2.73
C SER N 268 77.11 34.64 1.68
N GLN N 269 76.53 34.37 0.51
CA GLN N 269 77.30 33.77 -0.58
C GLN N 269 78.46 34.69 -0.99
N GLU N 270 78.17 35.98 -1.13
CA GLU N 270 79.22 36.93 -1.49
C GLU N 270 80.32 36.95 -0.45
N GLN N 271 79.94 36.92 0.83
CA GLN N 271 80.93 36.93 1.90
C GLN N 271 81.80 35.69 1.86
N ALA N 272 81.20 34.53 1.62
CA ALA N 272 81.97 33.29 1.54
C ALA N 272 82.96 33.32 0.39
N LEU N 273 82.51 33.81 -0.76
CA LEU N 273 83.42 33.91 -1.91
C LEU N 273 84.55 34.88 -1.62
N ARG N 274 84.25 36.00 -0.95
CA ARG N 274 85.31 36.93 -0.56
C ARG N 274 86.29 36.28 0.39
N GLU N 275 85.81 35.47 1.32
CA GLU N 275 86.70 34.77 2.25
C GLU N 275 87.63 33.85 1.48
N LYS N 276 87.10 33.10 0.51
CA LYS N 276 87.95 32.22 -0.28
C LYS N 276 88.98 33.02 -1.08
N ILE N 277 88.56 34.15 -1.66
CA ILE N 277 89.48 35.00 -2.40
C ILE N 277 90.62 35.46 -1.50
N ASP N 278 90.29 35.88 -0.29
CA ASP N 278 91.32 36.28 0.66
C ASP N 278 92.24 35.11 0.99
N SER N 279 91.66 33.92 1.24
CA SER N 279 92.47 32.77 1.62
C SER N 279 93.45 32.40 0.53
N VAL N 280 93.13 32.70 -0.72
CA VAL N 280 94.04 32.43 -1.82
C VAL N 280 95.05 33.56 -2.02
N LEU N 281 94.61 34.82 -1.96
CA LEU N 281 95.47 35.92 -2.38
C LEU N 281 96.35 36.46 -1.26
N LEU N 282 95.94 36.30 0.00
CA LEU N 282 96.73 36.81 1.11
C LEU N 282 98.14 36.23 1.16
N PRO N 283 98.35 34.90 1.02
CA PRO N 283 99.72 34.41 0.91
C PRO N 283 100.44 34.87 -0.34
N ILE N 284 99.75 34.82 -1.49
CA ILE N 284 100.39 35.09 -2.76
C ILE N 284 100.82 36.55 -2.86
N LEU N 285 99.90 37.47 -2.56
CA LEU N 285 100.17 38.89 -2.75
C LEU N 285 100.61 39.59 -1.49
N GLY N 286 100.01 39.26 -0.36
CA GLY N 286 100.32 39.89 0.91
C GLY N 286 99.11 40.65 1.46
N TYR N 287 99.33 41.27 2.60
CA TYR N 287 98.28 41.98 3.31
C TYR N 287 98.23 43.43 2.82
N GLY N 288 97.08 43.85 2.30
CA GLY N 288 96.90 45.20 1.85
C GLY N 288 97.42 45.50 0.46
N ASN N 289 97.92 44.51 -0.25
CA ASN N 289 98.39 44.71 -1.62
C ASN N 289 97.32 44.45 -2.66
N TYR N 290 96.10 44.13 -2.25
CA TYR N 290 95.03 43.81 -3.19
C TYR N 290 93.70 44.24 -2.58
N THR N 291 92.70 44.39 -3.44
CA THR N 291 91.33 44.57 -3.01
C THR N 291 90.43 43.83 -3.98
N ALA N 292 89.39 43.19 -3.46
CA ALA N 292 88.50 42.39 -4.29
C ALA N 292 87.08 42.46 -3.75
N GLN N 293 86.11 42.54 -4.66
CA GLN N 293 84.71 42.51 -4.30
C GLN N 293 83.97 41.57 -5.23
N VAL N 294 82.90 40.98 -4.72
CA VAL N 294 82.16 39.93 -5.42
C VAL N 294 80.69 40.29 -5.45
N ASP N 295 80.07 40.19 -6.62
CA ASP N 295 78.64 40.34 -6.78
C ASP N 295 78.03 39.02 -7.21
N ILE N 296 77.03 38.55 -6.48
CA ILE N 296 76.34 37.31 -6.78
C ILE N 296 74.86 37.61 -6.94
N GLN N 297 74.32 37.29 -8.11
CA GLN N 297 72.89 37.41 -8.39
C GLN N 297 72.26 36.03 -8.39
N MET N 298 71.23 35.84 -7.58
CA MET N 298 70.60 34.55 -7.40
C MET N 298 69.14 34.62 -7.81
N ASP N 299 68.71 33.68 -8.65
CA ASP N 299 67.32 33.55 -9.04
C ASP N 299 66.60 32.69 -8.01
N PHE N 300 65.35 33.08 -7.73
CA PHE N 300 64.53 32.37 -6.74
C PHE N 300 63.19 32.00 -7.33
N SER N 301 63.19 31.59 -8.60
CA SER N 301 61.95 31.14 -9.23
C SER N 301 61.54 29.79 -8.65
N ALA N 302 60.38 29.30 -9.09
CA ALA N 302 59.80 28.06 -8.61
C ALA N 302 59.43 27.17 -9.78
N VAL N 303 60.39 26.95 -10.69
CA VAL N 303 60.14 26.13 -11.87
C VAL N 303 59.80 24.71 -11.46
N GLU N 304 58.87 24.10 -12.20
CA GLU N 304 58.43 22.73 -11.95
C GLU N 304 57.94 22.17 -13.27
N GLN N 305 58.72 21.27 -13.87
CA GLN N 305 58.53 20.85 -15.24
C GLN N 305 58.15 19.37 -15.30
N THR N 306 57.29 19.02 -16.27
CA THR N 306 56.91 17.64 -16.53
C THR N 306 57.06 17.38 -18.02
N ARG N 307 57.89 16.40 -18.37
CA ARG N 307 58.20 16.09 -19.75
C ARG N 307 57.73 14.68 -20.06
N LYS N 308 57.03 14.52 -21.19
CA LYS N 308 56.57 13.22 -21.67
C LYS N 308 57.11 13.04 -23.07
N ARG N 309 58.12 12.19 -23.20
CA ARG N 309 58.85 12.00 -24.45
C ARG N 309 58.63 10.61 -24.99
N PHE N 310 58.55 10.51 -26.31
CA PHE N 310 58.36 9.26 -27.03
C PHE N 310 59.56 8.97 -27.91
N ASP N 311 59.54 7.83 -28.58
CA ASP N 311 60.61 7.41 -29.48
C ASP N 311 60.00 7.04 -30.82
N PRO N 312 59.92 7.99 -31.76
CA PRO N 312 59.21 7.72 -33.02
C PRO N 312 59.84 6.63 -33.86
N ASN N 313 61.16 6.44 -33.78
CA ASN N 313 61.88 5.62 -34.74
C ASN N 313 61.98 4.14 -34.35
N THR N 314 61.45 3.75 -33.20
CA THR N 314 61.44 2.34 -32.78
C THR N 314 60.05 1.95 -32.27
N PRO N 315 59.07 1.86 -33.16
CA PRO N 315 57.74 1.38 -32.74
C PRO N 315 57.71 -0.14 -32.72
N ALA N 316 56.80 -0.67 -31.89
CA ALA N 316 56.58 -2.11 -31.77
C ALA N 316 55.14 -2.41 -32.09
N THR N 317 54.91 -3.21 -33.13
CA THR N 317 53.54 -3.51 -33.54
C THR N 317 52.85 -4.43 -32.53
N ARG N 318 51.70 -4.00 -32.03
CA ARG N 318 50.93 -4.77 -31.06
C ARG N 318 49.91 -5.68 -31.73
N SER N 319 49.05 -5.11 -32.57
CA SER N 319 48.12 -5.86 -33.39
C SER N 319 48.23 -5.37 -34.82
N GLU N 320 47.84 -6.21 -35.76
CA GLU N 320 48.00 -5.86 -37.16
C GLU N 320 46.96 -6.58 -38.00
N TYR N 321 46.36 -5.86 -38.92
CA TYR N 321 45.45 -6.42 -39.93
C TYR N 321 45.94 -5.98 -41.29
N ALA N 322 45.88 -6.88 -42.27
CA ALA N 322 46.38 -6.58 -43.61
C ALA N 322 45.56 -7.38 -44.61
N LEU N 323 44.76 -6.69 -45.41
CA LEU N 323 43.99 -7.28 -46.49
C LEU N 323 44.57 -6.82 -47.81
N GLU N 324 44.85 -7.77 -48.71
CA GLU N 324 45.50 -7.48 -49.98
C GLU N 324 44.92 -8.40 -51.06
N ASP N 325 43.92 -7.92 -51.79
CA ASP N 325 43.28 -8.70 -52.83
C ASP N 325 43.53 -8.10 -54.20
N TYR N 326 43.57 -8.96 -55.22
CA TYR N 326 43.81 -8.57 -56.59
C TYR N 326 42.66 -9.07 -57.46
N ASN N 327 42.68 -8.72 -58.74
CA ASN N 327 41.72 -9.20 -59.71
C ASN N 327 42.31 -9.16 -61.11
N GLY N 365 44.78 -4.91 -63.23
CA GLY N 365 43.43 -5.00 -62.72
C GLY N 365 43.27 -4.34 -61.36
N SER N 366 42.17 -4.68 -60.69
CA SER N 366 41.91 -4.13 -59.36
C SER N 366 42.96 -4.61 -58.37
N VAL N 367 43.46 -3.68 -57.55
CA VAL N 367 44.42 -3.98 -56.50
C VAL N 367 44.02 -3.18 -55.27
N ARG N 368 43.49 -3.86 -54.26
CA ARG N 368 43.04 -3.22 -53.02
C ARG N 368 43.97 -3.64 -51.88
N LYS N 369 44.53 -2.66 -51.19
CA LYS N 369 45.50 -2.91 -50.12
C LYS N 369 45.03 -2.19 -48.86
N GLU N 370 44.18 -2.85 -48.09
CA GLU N 370 43.77 -2.32 -46.80
C GLU N 370 44.76 -2.74 -45.73
N SER N 371 44.87 -1.92 -44.69
CA SER N 371 45.82 -2.19 -43.62
C SER N 371 45.42 -1.41 -42.37
N THR N 372 45.53 -2.05 -41.22
CA THR N 372 45.31 -1.43 -39.93
C THR N 372 46.43 -1.88 -39.00
N ARG N 373 46.96 -0.95 -38.21
CA ARG N 373 48.13 -1.24 -37.40
C ARG N 373 48.07 -0.46 -36.10
N ASN N 374 48.38 -1.13 -34.99
CA ASN N 374 48.48 -0.51 -33.68
C ASN N 374 49.90 -0.64 -33.17
N PHE N 375 50.41 0.41 -32.53
CA PHE N 375 51.80 0.46 -32.13
C PHE N 375 51.94 0.70 -30.64
N GLU N 376 53.09 0.29 -30.11
CA GLU N 376 53.54 0.58 -28.76
C GLU N 376 54.88 1.29 -28.87
N LEU N 377 55.05 2.35 -28.08
CA LEU N 377 56.19 3.24 -28.22
C LEU N 377 56.89 3.41 -26.88
N ASP N 378 58.19 3.66 -26.93
CA ASP N 378 58.94 3.96 -25.71
C ASP N 378 58.44 5.26 -25.12
N THR N 379 58.12 5.24 -23.83
CA THR N 379 57.50 6.39 -23.17
C THR N 379 58.30 6.72 -21.93
N THR N 380 58.90 7.92 -21.92
CA THR N 380 59.61 8.43 -20.76
C THR N 380 58.82 9.59 -20.17
N ILE N 381 58.58 9.56 -18.86
CA ILE N 381 57.83 10.59 -18.18
C ILE N 381 58.69 11.07 -17.01
N SER N 382 59.27 12.25 -17.14
CA SER N 382 60.18 12.79 -16.14
C SER N 382 59.59 14.05 -15.51
N HIS N 383 59.49 14.07 -14.19
CA HIS N 383 59.01 15.22 -13.45
C HIS N 383 60.20 15.81 -12.68
N GLU N 384 60.58 17.03 -13.04
CA GLU N 384 61.71 17.72 -12.42
C GLU N 384 61.22 18.92 -11.64
N ARG N 385 61.87 19.19 -10.51
CA ARG N 385 61.52 20.36 -9.69
C ARG N 385 62.82 21.05 -9.32
N LYS N 386 63.10 22.18 -9.95
CA LYS N 386 64.37 22.87 -9.77
C LYS N 386 64.46 23.46 -8.36
N GLN N 387 65.69 23.55 -7.86
CA GLN N 387 65.92 24.24 -6.60
C GLN N 387 65.66 25.73 -6.77
N THR N 388 65.09 26.34 -5.73
CA THR N 388 64.66 27.73 -5.80
C THR N 388 65.81 28.68 -6.07
N GLY N 389 66.71 28.84 -5.10
CA GLY N 389 67.78 29.80 -5.23
C GLY N 389 69.01 29.27 -5.93
N THR N 390 69.26 29.73 -7.15
CA THR N 390 70.42 29.31 -7.93
C THR N 390 71.19 30.53 -8.40
N VAL N 391 72.51 30.46 -8.32
CA VAL N 391 73.36 31.55 -8.77
C VAL N 391 73.23 31.68 -10.28
N ALA N 392 72.57 32.75 -10.74
CA ALA N 392 72.35 32.98 -12.15
C ALA N 392 73.51 33.71 -12.81
N ARG N 393 74.21 34.54 -12.07
CA ARG N 393 75.36 35.28 -12.60
C ARG N 393 76.28 35.65 -11.46
N GLN N 394 77.58 35.57 -11.71
CA GLN N 394 78.58 35.87 -10.69
C GLN N 394 79.62 36.81 -11.28
N THR N 395 79.90 37.90 -10.56
CA THR N 395 80.85 38.91 -11.00
C THR N 395 81.91 39.07 -9.92
N VAL N 396 83.18 38.95 -10.30
CA VAL N 396 84.29 39.13 -9.38
C VAL N 396 85.29 40.09 -10.00
N SER N 397 85.74 41.07 -9.22
CA SER N 397 86.77 42.01 -9.65
C SER N 397 87.85 42.08 -8.59
N VAL N 398 89.11 42.00 -9.03
CA VAL N 398 90.26 42.06 -8.14
C VAL N 398 91.20 43.14 -8.66
N ALA N 399 91.63 44.01 -7.76
CA ALA N 399 92.58 45.08 -8.09
C ALA N 399 93.85 44.88 -7.28
N ILE N 400 94.99 44.90 -7.97
CA ILE N 400 96.29 44.64 -7.36
C ILE N 400 97.06 45.95 -7.29
N LYS N 401 97.63 46.23 -6.13
CA LYS N 401 98.41 47.45 -5.94
C LYS N 401 99.67 47.41 -6.79
N ASP N 402 99.96 48.53 -7.45
CA ASP N 402 101.18 48.63 -8.25
C ASP N 402 102.38 48.84 -7.33
N ARG N 403 103.55 48.45 -7.84
CA ARG N 403 104.82 48.59 -7.12
C ARG N 403 104.76 47.94 -5.74
N PRO N 417 103.70 48.45 -11.35
CA PRO N 417 102.64 47.59 -11.89
C PRO N 417 103.01 46.11 -11.83
N MET N 418 102.15 45.27 -12.40
CA MET N 418 102.36 43.83 -12.43
C MET N 418 102.33 43.35 -13.87
N SER N 419 103.23 42.42 -14.18
CA SER N 419 103.38 41.94 -15.55
C SER N 419 102.14 41.15 -15.99
N GLU N 420 101.97 41.06 -17.31
CA GLU N 420 100.82 40.36 -17.87
C GLU N 420 100.83 38.88 -17.50
N SER N 421 102.01 38.27 -17.46
CA SER N 421 102.11 36.84 -17.14
C SER N 421 101.59 36.56 -15.74
N GLU N 422 102.01 37.37 -14.76
CA GLU N 422 101.54 37.15 -13.39
C GLU N 422 100.07 37.50 -13.23
N ILE N 423 99.58 38.49 -13.98
CA ILE N 423 98.16 38.81 -13.96
C ILE N 423 97.35 37.62 -14.46
N ASN N 424 97.79 37.00 -15.55
CA ASN N 424 97.09 35.84 -16.08
C ASN N 424 97.21 34.64 -15.16
N ALA N 425 98.34 34.49 -14.47
CA ALA N 425 98.48 33.41 -13.50
C ALA N 425 97.52 33.59 -12.33
N ILE N 426 97.39 34.82 -11.83
CA ILE N 426 96.43 35.09 -10.77
C ILE N 426 95.01 34.83 -11.27
N ARG N 427 94.72 35.21 -12.51
CA ARG N 427 93.42 34.93 -13.08
C ARG N 427 93.15 33.43 -13.14
N GLN N 428 94.17 32.65 -13.52
CA GLN N 428 94.02 31.20 -13.57
C GLN N 428 93.77 30.62 -12.18
N VAL N 429 94.44 31.13 -11.16
CA VAL N 429 94.19 30.66 -9.80
C VAL N 429 92.76 30.98 -9.39
N LEU N 430 92.32 32.21 -9.67
CA LEU N 430 90.96 32.61 -9.31
C LEU N 430 89.94 31.73 -10.03
N ILE N 431 90.20 31.39 -11.28
CA ILE N 431 89.37 30.42 -12.01
C ILE N 431 89.59 29.06 -11.38
N GLY N 432 88.66 28.64 -10.54
CA GLY N 432 88.90 27.47 -9.71
C GLY N 432 88.86 27.84 -8.25
N THR N 433 89.45 28.99 -7.90
CA THR N 433 89.22 29.52 -6.57
C THR N 433 87.76 29.92 -6.39
N VAL N 434 87.16 30.55 -7.40
CA VAL N 434 85.77 30.99 -7.32
C VAL N 434 84.82 30.05 -8.02
N GLY N 435 85.29 29.25 -8.98
CA GLY N 435 84.40 28.43 -9.77
C GLY N 435 83.88 29.19 -10.97
N PHE N 436 84.78 29.82 -11.71
CA PHE N 436 84.40 30.64 -12.85
C PHE N 436 83.64 29.81 -13.88
N ASP N 437 82.51 30.33 -14.34
CA ASP N 437 81.62 29.64 -15.28
C ASP N 437 81.18 30.66 -16.32
N GLN N 438 81.93 30.74 -17.43
CA GLN N 438 81.63 31.73 -18.46
C GLN N 438 80.30 31.45 -19.12
N GLY N 439 79.96 30.17 -19.31
CA GLY N 439 78.69 29.82 -19.93
C GLY N 439 77.49 30.28 -19.14
N ARG N 440 77.65 30.50 -17.84
CA ARG N 440 76.60 31.04 -16.99
C ARG N 440 76.48 32.56 -17.12
N GLY N 441 77.43 33.20 -17.78
CA GLY N 441 77.47 34.64 -17.86
C GLY N 441 78.34 35.30 -16.81
N ASP N 442 79.13 34.53 -16.07
CA ASP N 442 79.99 35.09 -15.05
C ASP N 442 81.09 35.93 -15.66
N LEU N 443 81.63 36.83 -14.85
CA LEU N 443 82.65 37.78 -15.29
C LEU N 443 83.72 37.90 -14.23
N LEU N 444 84.98 37.92 -14.66
CA LEU N 444 86.12 37.99 -13.76
C LEU N 444 87.10 39.01 -14.30
N ASN N 445 87.25 40.13 -13.59
CA ASN N 445 88.19 41.18 -13.96
C ASN N 445 89.36 41.18 -12.98
N VAL N 446 90.58 41.20 -13.51
CA VAL N 446 91.78 41.35 -12.70
C VAL N 446 92.58 42.53 -13.27
N LEU N 447 92.77 43.56 -12.46
CA LEU N 447 93.43 44.78 -12.91
C LEU N 447 94.58 45.10 -11.97
N SER N 448 95.54 45.88 -12.48
CA SER N 448 96.64 46.41 -11.68
C SER N 448 96.46 47.91 -11.60
N VAL N 449 96.12 48.40 -10.41
CA VAL N 449 95.81 49.81 -10.19
C VAL N 449 96.77 50.38 -9.16
N LYS N 450 96.76 51.71 -9.06
CA LYS N 450 97.64 52.44 -8.15
C LYS N 450 96.87 52.78 -6.89
N PHE N 451 97.21 52.12 -5.79
CA PHE N 451 96.59 52.44 -4.51
C PHE N 451 97.13 53.76 -3.98
N ALA N 452 96.26 54.53 -3.33
CA ALA N 452 96.65 55.81 -2.75
C ALA N 452 97.05 55.65 -1.29
N ALA O 255 47.93 46.88 2.81
CA ALA O 255 48.92 46.65 1.76
C ALA O 255 49.93 47.79 1.69
N SER O 256 49.54 48.98 2.18
CA SER O 256 50.47 50.10 2.15
C SER O 256 51.65 49.86 3.07
N ALA O 257 51.45 49.10 4.16
CA ALA O 257 52.58 48.67 4.96
C ALA O 257 53.52 47.79 4.15
N ALA O 258 52.97 46.94 3.29
CA ALA O 258 53.80 46.15 2.39
C ALA O 258 54.60 47.05 1.46
N ARG O 259 53.96 48.10 0.94
CA ARG O 259 54.68 49.03 0.07
C ARG O 259 55.80 49.75 0.83
N ARG O 260 55.54 50.12 2.08
CA ARG O 260 56.58 50.73 2.91
C ARG O 260 57.76 49.78 3.07
N LYS O 261 57.49 48.51 3.36
CA LYS O 261 58.58 47.56 3.52
C LYS O 261 59.31 47.30 2.20
N GLU O 262 58.62 47.42 1.07
CA GLU O 262 59.29 47.35 -0.23
C GLU O 262 60.26 48.50 -0.41
N GLN O 263 59.84 49.71 -0.02
CA GLN O 263 60.76 50.85 -0.04
C GLN O 263 61.96 50.58 0.86
N GLU O 264 61.72 49.99 2.03
CA GLU O 264 62.81 49.65 2.94
C GLU O 264 63.78 48.67 2.28
N LEU O 265 63.25 47.67 1.58
CA LEU O 265 64.10 46.71 0.88
C LEU O 265 64.97 47.40 -0.17
N GLU O 266 64.37 48.29 -0.95
CA GLU O 266 65.13 49.01 -1.97
C GLU O 266 66.25 49.83 -1.33
N ARG O 267 65.92 50.55 -0.25
CA ARG O 267 66.93 51.37 0.42
C ARG O 267 68.04 50.51 1.01
N SER O 268 67.70 49.33 1.56
CA SER O 268 68.69 48.43 2.10
C SER O 268 69.64 47.93 1.01
N GLN O 269 69.09 47.59 -0.15
CA GLN O 269 69.93 47.18 -1.28
C GLN O 269 70.89 48.28 -1.68
N GLU O 270 70.37 49.51 -1.78
CA GLU O 270 71.22 50.64 -2.13
C GLU O 270 72.33 50.83 -1.11
N GLN O 271 72.00 50.70 0.17
CA GLN O 271 72.99 50.87 1.22
C GLN O 271 74.08 49.81 1.13
N ALA O 272 73.69 48.55 0.87
CA ALA O 272 74.67 47.48 0.73
C ALA O 272 75.60 47.72 -0.44
N LEU O 273 75.04 48.16 -1.57
CA LEU O 273 75.88 48.44 -2.73
C LEU O 273 76.83 49.59 -2.44
N ARG O 274 76.35 50.62 -1.73
CA ARG O 274 77.23 51.72 -1.34
C ARG O 274 78.35 51.24 -0.43
N GLU O 275 78.03 50.32 0.49
CA GLU O 275 79.06 49.77 1.37
C GLU O 275 80.13 49.05 0.57
N LYS O 276 79.71 48.25 -0.42
CA LYS O 276 80.68 47.56 -1.26
C LYS O 276 81.54 48.55 -2.05
N ILE O 277 80.90 49.60 -2.58
CA ILE O 277 81.64 50.61 -3.32
C ILE O 277 82.69 51.25 -2.44
N ASP O 278 82.33 51.57 -1.20
CA ASP O 278 83.29 52.12 -0.27
C ASP O 278 84.42 51.13 0.01
N SER O 279 84.07 49.87 0.24
CA SER O 279 85.08 48.87 0.56
C SER O 279 86.09 48.70 -0.56
N VAL O 280 85.68 48.97 -1.79
CA VAL O 280 86.60 48.90 -2.92
C VAL O 280 87.39 50.19 -3.11
N LEU O 281 86.72 51.35 -3.00
CA LEU O 281 87.37 52.60 -3.41
C LEU O 281 88.16 53.26 -2.28
N LEU O 282 87.82 52.99 -1.02
CA LEU O 282 88.53 53.62 0.08
C LEU O 282 90.02 53.30 0.08
N PRO O 283 90.46 52.04 -0.10
CA PRO O 283 91.90 51.80 -0.26
C PRO O 283 92.50 52.41 -1.51
N ILE O 284 91.79 52.26 -2.64
CA ILE O 284 92.34 52.69 -3.92
C ILE O 284 92.49 54.20 -3.98
N LEU O 285 91.43 54.93 -3.63
CA LEU O 285 91.44 56.38 -3.79
C LEU O 285 91.78 57.12 -2.52
N GLY O 286 91.28 56.66 -1.39
CA GLY O 286 91.50 57.30 -0.11
C GLY O 286 90.19 57.81 0.49
N TYR O 287 90.33 58.44 1.65
CA TYR O 287 89.17 58.93 2.40
C TYR O 287 88.86 60.36 1.96
N GLY O 288 87.64 60.57 1.47
CA GLY O 288 87.21 61.89 1.06
C GLY O 288 87.64 62.31 -0.33
N ASN O 289 88.28 61.44 -1.08
CA ASN O 289 88.69 61.75 -2.45
C ASN O 289 87.64 61.32 -3.48
N TYR O 290 86.52 60.78 -3.05
CA TYR O 290 85.49 60.31 -3.96
C TYR O 290 84.13 60.47 -3.32
N THR O 291 83.09 60.46 -4.15
CA THR O 291 81.72 60.37 -3.69
C THR O 291 80.95 59.51 -4.67
N ALA O 292 80.05 58.68 -4.14
CA ALA O 292 79.30 57.76 -4.98
C ALA O 292 77.91 57.56 -4.40
N GLN O 293 76.91 57.49 -5.28
CA GLN O 293 75.54 57.19 -4.89
C GLN O 293 74.96 56.15 -5.84
N VAL O 294 74.03 55.36 -5.32
CA VAL O 294 73.48 54.22 -6.03
C VAL O 294 71.96 54.30 -6.02
N ASP O 295 71.34 54.12 -7.19
CA ASP O 295 69.90 54.02 -7.30
C ASP O 295 69.53 52.62 -7.76
N ILE O 296 68.64 51.97 -7.03
CA ILE O 296 68.18 50.62 -7.34
C ILE O 296 66.67 50.65 -7.47
N GLN O 297 66.16 50.28 -8.63
CA GLN O 297 64.72 50.15 -8.88
C GLN O 297 64.36 48.68 -8.90
N MET O 298 63.39 48.29 -8.08
CA MET O 298 63.01 46.90 -7.92
C MET O 298 61.56 46.71 -8.30
N ASP O 299 61.29 45.73 -9.16
CA ASP O 299 59.93 45.35 -9.51
C ASP O 299 59.40 44.36 -8.49
N PHE O 300 58.12 44.50 -8.17
CA PHE O 300 57.45 43.65 -7.19
C PHE O 300 56.19 43.05 -7.77
N SER O 301 56.22 42.68 -9.05
CA SER O 301 55.08 42.03 -9.66
C SER O 301 54.93 40.61 -9.11
N ALA O 302 53.87 39.93 -9.54
CA ALA O 302 53.54 38.59 -9.09
C ALA O 302 53.30 37.68 -10.28
N VAL O 303 54.26 37.66 -11.20
CA VAL O 303 54.13 36.84 -12.40
C VAL O 303 54.05 35.38 -12.04
N GLU O 304 53.23 34.63 -12.77
CA GLU O 304 53.06 33.20 -12.54
C GLU O 304 52.64 32.58 -13.87
N GLN O 305 53.55 31.86 -14.52
CA GLN O 305 53.40 31.43 -15.89
C GLN O 305 53.29 29.92 -15.99
N THR O 306 52.49 29.45 -16.95
CA THR O 306 52.35 28.02 -17.24
C THR O 306 52.51 27.84 -18.74
N ARG O 307 53.49 27.03 -19.14
CA ARG O 307 53.81 26.81 -20.54
C ARG O 307 53.59 25.35 -20.88
N LYS O 308 52.90 25.10 -21.98
CA LYS O 308 52.66 23.75 -22.50
C LYS O 308 53.20 23.70 -23.92
N ARG O 309 54.35 23.05 -24.10
CA ARG O 309 55.06 23.04 -25.37
C ARG O 309 55.08 21.63 -25.95
N PHE O 310 54.98 21.55 -27.27
CA PHE O 310 55.00 20.30 -28.01
C PHE O 310 56.21 20.27 -28.93
N ASP O 311 56.37 19.15 -29.63
CA ASP O 311 57.48 18.96 -30.57
C ASP O 311 56.91 18.52 -31.91
N PRO O 312 56.63 19.47 -32.81
CA PRO O 312 55.96 19.10 -34.06
C PRO O 312 56.75 18.16 -34.95
N ASN O 313 58.07 18.22 -34.91
CA ASN O 313 58.91 17.56 -35.91
C ASN O 313 59.28 16.12 -35.56
N THR O 314 58.87 15.60 -34.41
CA THR O 314 59.12 14.21 -34.03
C THR O 314 57.84 13.56 -33.51
N PRO O 315 56.86 13.32 -34.38
CA PRO O 315 55.66 12.60 -33.95
C PRO O 315 55.89 11.09 -33.96
N ALA O 316 55.11 10.39 -33.14
CA ALA O 316 55.17 8.93 -33.05
C ALA O 316 53.79 8.37 -33.35
N THR O 317 53.68 7.58 -34.40
CA THR O 317 52.38 7.06 -34.79
C THR O 317 51.90 6.01 -33.80
N ARG O 318 50.70 6.20 -33.26
CA ARG O 318 50.10 5.29 -32.30
C ARG O 318 49.25 4.22 -32.97
N SER O 319 48.29 4.64 -33.77
CA SER O 319 47.48 3.75 -34.59
C SER O 319 47.46 4.29 -36.01
N GLU O 320 47.19 3.42 -36.97
CA GLU O 320 47.26 3.83 -38.36
C GLU O 320 46.34 2.95 -39.20
N TYR O 321 45.59 3.58 -40.09
CA TYR O 321 44.78 2.90 -41.09
C TYR O 321 45.14 3.45 -42.45
N ALA O 322 45.22 2.57 -43.44
CA ALA O 322 45.62 2.99 -44.79
C ALA O 322 44.94 2.09 -45.80
N LEU O 323 44.00 2.64 -46.55
CA LEU O 323 43.32 1.94 -47.63
C LEU O 323 43.77 2.53 -48.95
N GLU O 324 44.18 1.67 -49.89
CA GLU O 324 44.75 2.11 -51.17
C GLU O 324 44.31 1.12 -52.25
N ASP O 325 43.22 1.44 -52.95
CA ASP O 325 42.70 0.57 -54.00
C ASP O 325 42.80 1.25 -55.36
N TYR O 326 42.98 0.44 -56.40
CA TYR O 326 43.10 0.90 -57.76
C TYR O 326 42.03 0.21 -58.62
N ASN O 327 41.97 0.61 -59.89
CA ASN O 327 41.08 -0.03 -60.85
C ASN O 327 41.61 0.16 -62.26
N GLY O 365 43.22 4.84 -64.32
CA GLY O 365 41.92 4.49 -63.78
C GLY O 365 41.68 5.08 -62.39
N SER O 366 40.69 4.53 -61.71
CA SER O 366 40.36 4.99 -60.36
C SER O 366 41.51 4.69 -59.40
N VAL O 367 41.85 5.67 -58.57
CA VAL O 367 42.88 5.52 -57.55
C VAL O 367 42.37 6.20 -56.29
N ARG O 368 42.00 5.42 -55.29
CA ARG O 368 41.48 5.93 -54.03
C ARG O 368 42.50 5.65 -52.92
N LYS O 369 42.90 6.71 -52.21
CA LYS O 369 43.93 6.61 -51.17
C LYS O 369 43.37 7.19 -49.88
N GLU O 370 42.67 6.37 -49.11
CA GLU O 370 42.20 6.79 -47.79
C GLU O 370 43.28 6.52 -46.76
N SER O 371 43.27 7.33 -45.70
CA SER O 371 44.29 7.21 -44.66
C SER O 371 43.78 7.87 -43.38
N THR O 372 44.04 7.24 -42.25
CA THR O 372 43.75 7.78 -40.94
C THR O 372 44.95 7.51 -40.04
N ARG O 373 45.32 8.50 -39.24
CA ARG O 373 46.55 8.40 -38.46
C ARG O 373 46.38 9.12 -37.14
N ASN O 374 46.84 8.50 -36.06
CA ASN O 374 46.86 9.09 -34.74
C ASN O 374 48.29 9.20 -34.26
N PHE O 375 48.62 10.31 -33.60
CA PHE O 375 50.00 10.61 -33.23
C PHE O 375 50.12 10.83 -31.73
N GLU O 376 51.34 10.61 -31.25
CA GLU O 376 51.77 10.95 -29.90
C GLU O 376 52.95 11.89 -30.01
N LEU O 377 52.95 12.94 -29.19
CA LEU O 377 53.91 14.03 -29.33
C LEU O 377 54.61 14.28 -28.00
N ASP O 378 55.84 14.78 -28.07
CA ASP O 378 56.56 15.17 -26.87
C ASP O 378 55.86 16.34 -26.23
N THR O 379 55.57 16.23 -24.93
CA THR O 379 54.77 17.23 -24.22
C THR O 379 55.54 17.68 -22.99
N THR O 380 55.90 18.96 -22.95
CA THR O 380 56.54 19.56 -21.80
C THR O 380 55.56 20.55 -21.16
N ILE O 381 55.38 20.44 -19.85
CA ILE O 381 54.47 21.31 -19.12
C ILE O 381 55.27 21.90 -17.96
N SER O 382 55.63 23.17 -18.06
CA SER O 382 56.44 23.83 -17.06
C SER O 382 55.65 24.96 -16.39
N HIS O 383 55.60 24.91 -15.07
CA HIS O 383 54.93 25.95 -14.28
C HIS O 383 56.01 26.72 -13.52
N GLU O 384 56.16 28.00 -13.85
CA GLU O 384 57.17 28.86 -13.24
C GLU O 384 56.49 29.94 -12.42
N ARG O 385 57.10 30.30 -11.29
CA ARG O 385 56.58 31.36 -10.43
C ARG O 385 57.74 32.26 -10.06
N LYS O 386 57.79 33.44 -10.67
CA LYS O 386 58.93 34.34 -10.49
C LYS O 386 58.95 34.90 -9.07
N GLN O 387 60.15 35.20 -8.59
CA GLN O 387 60.29 35.90 -7.32
C GLN O 387 59.76 37.31 -7.44
N THR O 388 59.12 37.79 -6.38
CA THR O 388 58.44 39.07 -6.39
C THR O 388 59.40 40.22 -6.66
N GLY O 389 60.28 40.52 -5.71
CA GLY O 389 61.15 41.67 -5.82
C GLY O 389 62.44 41.38 -6.57
N THR O 390 62.57 41.91 -7.78
CA THR O 390 63.76 41.72 -8.60
C THR O 390 64.29 43.07 -9.05
N VAL O 391 65.60 43.24 -9.01
CA VAL O 391 66.24 44.48 -9.44
C VAL O 391 66.04 44.63 -10.94
N ALA O 392 65.18 45.57 -11.35
CA ALA O 392 64.90 45.78 -12.75
C ALA O 392 65.88 46.72 -13.42
N ARG O 393 66.45 47.65 -12.67
CA ARG O 393 67.42 48.60 -13.20
C ARG O 393 68.28 49.09 -12.06
N GLN O 394 69.58 49.27 -12.34
CA GLN O 394 70.54 49.72 -11.34
C GLN O 394 71.37 50.84 -11.93
N THR O 395 71.48 51.95 -11.19
CA THR O 395 72.22 53.12 -11.61
C THR O 395 73.26 53.45 -10.55
N VAL O 396 74.52 53.57 -10.96
CA VAL O 396 75.61 53.91 -10.06
C VAL O 396 76.41 55.05 -10.67
N SER O 397 76.69 56.08 -9.87
CA SER O 397 77.51 57.21 -10.30
C SER O 397 78.60 57.44 -9.27
N VAL O 398 79.83 57.60 -9.73
CA VAL O 398 80.98 57.85 -8.87
C VAL O 398 81.70 59.09 -9.38
N ALA O 399 82.00 60.01 -8.47
CA ALA O 399 82.72 61.23 -8.78
C ALA O 399 84.02 61.25 -8.00
N ILE O 400 85.12 61.49 -8.71
CA ILE O 400 86.46 61.45 -8.14
C ILE O 400 87.00 62.87 -8.05
N LYS O 401 87.53 63.22 -6.89
CA LYS O 401 88.08 64.55 -6.69
C LYS O 401 89.30 64.76 -7.56
N ASP O 402 89.38 65.93 -8.20
CA ASP O 402 90.54 66.27 -9.02
C ASP O 402 91.70 66.68 -8.13
N ARG O 403 92.91 66.51 -8.66
CA ARG O 403 94.14 66.86 -7.97
C ARG O 403 94.24 66.17 -6.61
N PRO O 417 92.96 66.64 -12.18
CA PRO O 417 92.07 65.61 -12.72
C PRO O 417 92.69 64.22 -12.71
N MET O 418 91.98 63.25 -13.29
CA MET O 418 92.44 61.87 -13.36
C MET O 418 92.47 61.43 -14.82
N SER O 419 93.51 60.69 -15.18
CA SER O 419 93.70 60.28 -16.56
C SER O 419 92.61 59.30 -17.00
N GLU O 420 92.43 59.21 -18.32
CA GLU O 420 91.40 58.32 -18.87
C GLU O 420 91.69 56.86 -18.54
N SER O 421 92.97 56.47 -18.55
CA SER O 421 93.33 55.08 -18.27
C SER O 421 92.91 54.68 -16.87
N GLU O 422 93.19 55.51 -15.87
CA GLU O 422 92.82 55.18 -14.50
C GLU O 422 91.31 55.25 -14.31
N ILE O 423 90.63 56.16 -15.01
CA ILE O 423 89.17 56.22 -14.95
C ILE O 423 88.58 54.91 -15.47
N ASN O 424 89.10 54.42 -16.58
CA ASN O 424 88.60 53.16 -17.13
C ASN O 424 88.96 51.98 -16.25
N ALA O 425 90.12 52.02 -15.60
CA ALA O 425 90.47 50.96 -14.66
C ALA O 425 89.53 50.93 -13.46
N ILE O 426 89.20 52.11 -12.93
CA ILE O 426 88.23 52.17 -11.84
C ILE O 426 86.87 51.67 -12.31
N ARG O 427 86.49 52.03 -13.54
CA ARG O 427 85.22 51.53 -14.08
C ARG O 427 85.24 50.01 -14.19
N GLN O 428 86.37 49.44 -14.61
CA GLN O 428 86.49 47.98 -14.69
C GLN O 428 86.37 47.32 -13.32
N VAL O 429 86.97 47.93 -12.30
CA VAL O 429 86.85 47.38 -10.95
C VAL O 429 85.40 47.43 -10.49
N LEU O 430 84.73 48.57 -10.73
CA LEU O 430 83.34 48.70 -10.33
C LEU O 430 82.47 47.67 -11.05
N ILE O 431 82.75 47.41 -12.32
CA ILE O 431 82.09 46.34 -13.06
C ILE O 431 82.57 45.02 -12.47
N GLY O 432 81.76 44.42 -11.63
CA GLY O 432 82.21 43.29 -10.84
C GLY O 432 82.15 43.62 -9.36
N THR O 433 82.54 44.84 -9.00
CA THR O 433 82.25 45.30 -7.65
C THR O 433 80.74 45.40 -7.42
N VAL O 434 80.02 45.94 -8.40
CA VAL O 434 78.58 46.13 -8.27
C VAL O 434 77.79 45.05 -8.99
N GLY O 435 78.37 44.37 -9.97
CA GLY O 435 77.63 43.42 -10.77
C GLY O 435 76.95 44.11 -11.94
N PHE O 436 77.70 44.91 -12.68
CA PHE O 436 77.14 45.68 -13.78
C PHE O 436 76.52 44.75 -14.83
N ASP O 437 75.30 45.08 -15.24
CA ASP O 437 74.53 44.26 -16.18
C ASP O 437 73.88 45.21 -17.18
N GLN O 438 74.58 45.45 -18.30
CA GLN O 438 74.07 46.39 -19.30
C GLN O 438 72.79 45.88 -19.93
N GLY O 439 72.69 44.58 -20.16
CA GLY O 439 71.48 44.01 -20.76
C GLY O 439 70.24 44.24 -19.93
N ARG O 440 70.40 44.45 -18.62
CA ARG O 440 69.29 44.77 -17.74
C ARG O 440 68.89 46.24 -17.82
N GLY O 441 69.70 47.06 -18.48
CA GLY O 441 69.47 48.49 -18.52
C GLY O 441 70.25 49.26 -17.47
N ASP O 442 71.18 48.63 -16.78
CA ASP O 442 71.95 49.31 -15.75
C ASP O 442 72.87 50.35 -16.37
N LEU O 443 73.25 51.32 -15.53
CA LEU O 443 74.08 52.43 -15.97
C LEU O 443 75.13 52.73 -14.93
N LEU O 444 76.36 52.99 -15.39
CA LEU O 444 77.49 53.24 -14.50
C LEU O 444 78.25 54.44 -15.04
N ASN O 445 78.23 55.54 -14.31
CA ASN O 445 78.95 56.75 -14.66
C ASN O 445 80.12 56.94 -13.71
N VAL O 446 81.30 57.20 -14.27
CA VAL O 446 82.48 57.54 -13.48
C VAL O 446 83.03 58.85 -14.03
N LEU O 447 83.06 59.88 -13.19
CA LEU O 447 83.48 61.21 -13.62
C LEU O 447 84.58 61.71 -12.70
N SER O 448 85.36 62.66 -13.20
CA SER O 448 86.37 63.35 -12.42
C SER O 448 85.94 64.81 -12.28
N VAL O 449 85.54 65.20 -11.07
CA VAL O 449 84.99 66.51 -10.81
C VAL O 449 85.86 67.23 -9.78
N LYS O 450 85.62 68.53 -9.65
CA LYS O 450 86.37 69.38 -8.73
C LYS O 450 85.58 69.55 -7.44
N PHE O 451 86.06 68.94 -6.37
CA PHE O 451 85.43 69.10 -5.07
C PHE O 451 85.74 70.49 -4.51
N ALA O 452 84.77 71.07 -3.82
CA ALA O 452 84.93 72.38 -3.22
C ALA O 452 85.40 72.25 -1.77
N ALA P 255 38.79 54.66 3.14
CA ALA P 255 39.78 54.65 2.06
C ALA P 255 40.56 55.96 2.00
N SER P 256 39.97 57.04 2.54
CA SER P 256 40.67 58.32 2.52
C SER P 256 41.91 58.27 3.41
N ALA P 257 41.87 57.46 4.48
CA ALA P 257 43.09 57.21 5.25
C ALA P 257 44.16 56.55 4.39
N ALA P 258 43.75 55.63 3.51
CA ALA P 258 44.68 55.02 2.57
C ALA P 258 45.27 56.08 1.65
N ARG P 259 44.45 57.01 1.18
CA ARG P 259 44.97 58.08 0.32
C ARG P 259 45.96 58.97 1.07
N ARG P 260 45.66 59.25 2.34
CA ARG P 260 46.60 60.01 3.17
C ARG P 260 47.94 59.29 3.28
N LYS P 261 47.91 57.98 3.53
CA LYS P 261 49.15 57.24 3.64
C LYS P 261 49.88 57.16 2.29
N GLU P 262 49.15 57.18 1.19
CA GLU P 262 49.79 57.26 -0.12
C GLU P 262 50.54 58.58 -0.29
N GLN P 263 49.91 59.68 0.14
CA GLN P 263 50.60 60.96 0.14
C GLN P 263 51.86 60.90 1.00
N GLU P 264 51.77 60.24 2.15
CA GLU P 264 52.92 60.07 3.03
C GLU P 264 54.03 59.30 2.32
N LEU P 265 53.67 58.24 1.60
CA LEU P 265 54.65 57.47 0.85
C LEU P 265 55.36 58.33 -0.19
N GLU P 266 54.58 59.13 -0.93
CA GLU P 266 55.19 59.99 -1.95
C GLU P 266 56.15 60.98 -1.31
N ARG P 267 55.74 61.60 -0.20
CA ARG P 267 56.59 62.57 0.47
C ARG P 267 57.86 61.91 1.01
N SER P 268 57.74 60.68 1.53
CA SER P 268 58.91 59.95 2.02
C SER P 268 59.90 59.67 0.90
N GLN P 269 59.38 59.26 -0.26
CA GLN P 269 60.25 59.04 -1.41
C GLN P 269 60.98 60.30 -1.81
N GLU P 270 60.25 61.43 -1.86
CA GLU P 270 60.87 62.70 -2.20
C GLU P 270 61.97 63.06 -1.20
N GLN P 271 61.69 62.83 0.09
CA GLN P 271 62.67 63.16 1.12
C GLN P 271 63.93 62.30 0.98
N ALA P 272 63.75 61.01 0.69
CA ALA P 272 64.90 60.13 0.50
C ALA P 272 65.75 60.57 -0.69
N LEU P 273 65.09 60.92 -1.79
CA LEU P 273 65.84 61.39 -2.96
C LEU P 273 66.57 62.68 -2.65
N ARG P 274 65.94 63.59 -1.90
CA ARG P 274 66.61 64.82 -1.50
C ARG P 274 67.82 64.53 -0.63
N GLU P 275 67.70 63.55 0.26
CA GLU P 275 68.84 63.17 1.11
C GLU P 275 69.99 62.67 0.26
N LYS P 276 69.70 61.83 -0.73
CA LYS P 276 70.76 61.35 -1.62
C LYS P 276 71.39 62.49 -2.40
N ILE P 277 70.57 63.42 -2.89
CA ILE P 277 71.09 64.58 -3.61
C ILE P 277 72.04 65.37 -2.73
N ASP P 278 71.66 65.59 -1.48
CA ASP P 278 72.54 66.28 -0.55
C ASP P 278 73.82 65.50 -0.33
N SER P 279 73.71 64.19 -0.13
CA SER P 279 74.89 63.38 0.15
C SER P 279 75.88 63.43 -1.00
N VAL P 280 75.40 63.65 -2.21
CA VAL P 280 76.29 63.77 -3.36
C VAL P 280 76.83 65.19 -3.54
N LEU P 281 75.97 66.21 -3.38
CA LEU P 281 76.36 67.56 -3.77
C LEU P 281 77.05 68.33 -2.64
N LEU P 282 76.80 67.99 -1.38
CA LEU P 282 77.43 68.70 -0.27
C LEU P 282 78.95 68.65 -0.31
N PRO P 283 79.60 67.49 -0.54
CA PRO P 283 81.06 67.51 -0.73
C PRO P 283 81.49 68.26 -1.98
N ILE P 284 80.79 68.02 -3.10
CA ILE P 284 81.23 68.56 -4.38
C ILE P 284 81.10 70.08 -4.40
N LEU P 285 79.94 70.60 -4.00
CA LEU P 285 79.68 72.02 -4.13
C LEU P 285 79.93 72.78 -2.84
N GLY P 286 79.53 72.21 -1.70
CA GLY P 286 79.67 72.86 -0.42
C GLY P 286 78.32 73.10 0.22
N TYR P 287 78.37 73.72 1.39
CA TYR P 287 77.17 73.97 2.19
C TYR P 287 76.59 75.33 1.79
N GLY P 288 75.34 75.33 1.34
CA GLY P 288 74.67 76.55 0.98
C GLY P 288 74.96 77.09 -0.40
N ASN P 289 75.74 76.37 -1.20
CA ASN P 289 76.04 76.78 -2.56
C ASN P 289 75.07 76.19 -3.58
N TYR P 290 74.07 75.45 -3.15
CA TYR P 290 73.12 74.82 -4.05
C TYR P 290 71.76 74.72 -3.37
N THR P 291 70.73 74.55 -4.18
CA THR P 291 69.41 74.20 -3.69
C THR P 291 68.77 73.23 -4.68
N ALA P 292 68.06 72.24 -4.16
CA ALA P 292 67.46 71.22 -5.00
C ALA P 292 66.14 70.76 -4.40
N GLN P 293 65.16 70.53 -5.26
CA GLN P 293 63.87 69.99 -4.85
C GLN P 293 63.47 68.89 -5.81
N VAL P 294 62.70 67.93 -5.30
CA VAL P 294 62.35 66.72 -6.03
C VAL P 294 60.84 66.53 -5.98
N ASP P 295 60.23 66.27 -7.14
CA ASP P 295 58.83 65.91 -7.23
C ASP P 295 58.70 64.48 -7.72
N ILE P 296 57.97 63.65 -6.99
CA ILE P 296 57.76 62.26 -7.34
C ILE P 296 56.25 62.03 -7.42
N GLN P 297 55.79 61.58 -8.59
CA GLN P 297 54.39 61.22 -8.81
C GLN P 297 54.31 59.69 -8.86
N MET P 298 53.44 59.12 -8.03
CA MET P 298 53.33 57.67 -7.91
C MET P 298 51.91 57.24 -8.26
N ASP P 299 51.80 56.26 -9.14
CA ASP P 299 50.53 55.65 -9.48
C ASP P 299 50.20 54.55 -8.48
N PHE P 300 48.93 54.45 -8.12
CA PHE P 300 48.47 53.46 -7.16
C PHE P 300 47.31 52.65 -7.72
N SER P 301 47.37 52.34 -9.01
CA SER P 301 46.35 51.50 -9.62
C SER P 301 46.47 50.08 -9.11
N ALA P 302 45.53 49.23 -9.54
CA ALA P 302 45.47 47.83 -9.11
C ALA P 302 45.37 46.92 -10.32
N VAL P 303 46.28 47.10 -11.27
CA VAL P 303 46.26 46.30 -12.50
C VAL P 303 46.47 44.83 -12.16
N GLU P 304 45.78 43.98 -12.90
CA GLU P 304 45.87 42.53 -12.71
C GLU P 304 45.54 41.88 -14.05
N GLN P 305 46.54 41.35 -14.74
CA GLN P 305 46.43 40.95 -16.12
C GLN P 305 46.60 39.43 -16.26
N THR P 306 45.86 38.85 -17.21
CA THR P 306 45.98 37.43 -17.55
C THR P 306 46.13 37.31 -19.06
N ARG P 307 47.22 36.70 -19.50
CA ARG P 307 47.54 36.59 -20.91
C ARG P 307 47.58 35.12 -21.29
N LYS P 308 46.91 34.77 -22.39
CA LYS P 308 46.91 33.42 -22.93
C LYS P 308 47.41 33.49 -24.37
N ARG P 309 48.65 33.08 -24.59
CA ARG P 309 49.32 33.22 -25.87
C ARG P 309 49.58 31.86 -26.49
N PHE P 310 49.46 31.80 -27.82
CA PHE P 310 49.68 30.59 -28.59
C PHE P 310 50.86 30.79 -29.54
N ASP P 311 51.19 29.75 -30.28
CA ASP P 311 52.30 29.78 -31.24
C ASP P 311 51.78 29.28 -32.58
N PRO P 312 51.31 30.18 -33.45
CA PRO P 312 50.67 29.73 -34.70
C PRO P 312 51.60 28.97 -35.64
N ASN P 313 52.89 29.26 -35.62
CA ASN P 313 53.81 28.79 -36.65
C ASN P 313 54.44 27.43 -36.36
N THR P 314 54.16 26.83 -35.21
CA THR P 314 54.66 25.49 -34.89
C THR P 314 53.54 24.61 -34.35
N PRO P 315 52.59 24.21 -35.20
CA PRO P 315 51.56 23.28 -34.77
C PRO P 315 52.05 21.84 -34.83
N ALA P 316 51.45 20.99 -34.01
CA ALA P 316 51.76 19.57 -33.97
C ALA P 316 50.50 18.78 -34.25
N THR P 317 50.49 18.01 -35.33
CA THR P 317 49.30 17.26 -35.70
C THR P 317 49.05 16.11 -34.73
N ARG P 318 47.85 16.08 -34.16
CA ARG P 318 47.46 15.04 -33.21
C ARG P 318 46.78 13.86 -33.90
N SER P 319 45.74 14.12 -34.67
CA SER P 319 45.09 13.12 -35.49
C SER P 319 44.93 13.69 -36.89
N GLU P 320 44.80 12.81 -37.88
CA GLU P 320 44.75 13.25 -39.26
C GLU P 320 43.98 12.25 -40.10
N TYR P 321 43.11 12.75 -40.95
CA TYR P 321 42.41 11.96 -41.95
C TYR P 321 42.63 12.60 -43.31
N ALA P 322 42.84 11.78 -44.33
CA ALA P 322 43.12 12.30 -45.67
C ALA P 322 42.59 11.30 -46.68
N LEU P 323 41.54 11.70 -47.41
CA LEU P 323 40.97 10.92 -48.49
C LEU P 323 41.27 11.62 -49.80
N GLU P 324 41.81 10.87 -50.77
CA GLU P 324 42.25 11.43 -52.05
C GLU P 324 41.97 10.40 -53.15
N ASP P 325 40.82 10.55 -53.82
CA ASP P 325 40.44 9.62 -54.88
C ASP P 325 40.39 10.34 -56.21
N TYR P 326 40.67 9.59 -57.29
CA TYR P 326 40.66 10.11 -58.64
C TYR P 326 39.72 9.27 -59.50
N ASN P 327 39.55 9.67 -60.75
CA ASN P 327 38.76 8.91 -61.71
C ASN P 327 39.22 9.23 -63.13
N GLY P 365 39.91 14.17 -65.08
CA GLY P 365 38.71 13.58 -64.52
C GLY P 365 38.40 14.08 -63.11
N SER P 366 37.53 13.35 -62.42
CA SER P 366 37.17 13.71 -61.06
C SER P 366 38.38 13.59 -60.13
N VAL P 367 38.56 14.59 -59.27
CA VAL P 367 39.64 14.61 -58.29
C VAL P 367 39.05 15.16 -57.00
N ARG P 368 38.84 14.29 -56.01
CA ARG P 368 38.27 14.67 -54.72
C ARG P 368 39.35 14.56 -53.64
N LYS P 369 39.58 15.64 -52.92
CA LYS P 369 40.63 15.71 -51.90
C LYS P 369 40.02 16.15 -50.57
N GLU P 370 39.49 15.19 -49.82
CA GLU P 370 39.00 15.49 -48.48
C GLU P 370 40.13 15.39 -47.48
N SER P 371 40.00 16.15 -46.40
CA SER P 371 41.05 16.20 -45.38
C SER P 371 40.47 16.73 -44.08
N THR P 372 40.88 16.12 -42.98
CA THR P 372 40.52 16.56 -41.63
C THR P 372 41.77 16.50 -40.77
N ARG P 373 41.99 17.52 -39.96
CA ARG P 373 43.23 17.62 -39.21
C ARG P 373 42.97 18.27 -37.86
N ASN P 374 43.56 17.71 -36.81
CA ASN P 374 43.51 18.27 -35.47
C ASN P 374 44.92 18.62 -35.02
N PHE P 375 45.05 19.76 -34.34
CA PHE P 375 46.37 20.28 -33.98
C PHE P 375 46.49 20.48 -32.49
N GLU P 376 47.74 20.48 -32.03
CA GLU P 376 48.14 20.86 -30.69
C GLU P 376 49.13 22.00 -30.80
N LEU P 377 48.96 23.01 -29.95
CA LEU P 377 49.71 24.26 -30.08
C LEU P 377 50.38 24.61 -28.76
N ASP P 378 51.51 25.31 -28.84
CA ASP P 378 52.17 25.79 -27.64
C ASP P 378 51.29 26.81 -26.95
N THR P 379 51.05 26.61 -25.65
CA THR P 379 50.12 27.43 -24.90
C THR P 379 50.82 27.98 -23.67
N THR P 380 50.95 29.30 -23.60
CA THR P 380 51.49 29.98 -22.44
C THR P 380 50.39 30.76 -21.75
N ILE P 381 50.25 30.58 -20.45
CA ILE P 381 49.22 31.26 -19.67
C ILE P 381 49.93 31.95 -18.51
N SER P 382 50.05 33.27 -18.58
CA SER P 382 50.77 34.05 -17.58
C SER P 382 49.80 34.99 -16.86
N HIS P 383 49.79 34.91 -15.54
CA HIS P 383 48.98 35.78 -14.70
C HIS P 383 49.91 36.72 -13.95
N GLU P 384 49.83 38.01 -14.24
CA GLU P 384 50.67 39.03 -13.63
C GLU P 384 49.83 39.94 -12.76
N ARG P 385 50.41 40.38 -11.64
CA ARG P 385 49.73 41.30 -10.73
C ARG P 385 50.72 42.40 -10.37
N LYS P 386 50.53 43.58 -10.94
CA LYS P 386 51.49 44.65 -10.76
C LYS P 386 51.46 45.18 -9.33
N GLN P 387 52.60 45.68 -8.86
CA GLN P 387 52.64 46.35 -7.57
C GLN P 387 51.86 47.65 -7.64
N THR P 388 51.17 47.98 -6.55
CA THR P 388 50.28 49.12 -6.51
C THR P 388 51.00 50.43 -6.76
N GLY P 389 51.85 50.86 -5.83
CA GLY P 389 52.50 52.15 -5.93
C GLY P 389 53.79 52.12 -6.71
N THR P 390 53.79 52.69 -7.91
CA THR P 390 54.97 52.74 -8.76
C THR P 390 55.23 54.18 -9.18
N VAL P 391 56.51 54.58 -9.16
CA VAL P 391 56.89 55.92 -9.57
C VAL P 391 56.62 56.06 -11.06
N ALA P 392 55.60 56.85 -11.42
CA ALA P 392 55.24 57.05 -12.82
C ALA P 392 56.03 58.16 -13.47
N ARG P 393 56.44 59.17 -12.71
CA ARG P 393 57.21 60.28 -13.23
C ARG P 393 58.01 60.90 -12.10
N GLN P 394 59.23 61.30 -12.40
CA GLN P 394 60.12 61.90 -11.41
C GLN P 394 60.73 63.17 -11.98
N THR P 395 60.65 64.25 -11.21
CA THR P 395 61.16 65.56 -11.62
C THR P 395 62.15 66.03 -10.56
N VAL P 396 63.35 66.40 -11.00
CA VAL P 396 64.39 66.90 -10.11
C VAL P 396 64.95 68.18 -10.71
N SER P 397 65.06 69.23 -9.89
CA SER P 397 65.66 70.49 -10.30
C SER P 397 66.71 70.90 -9.28
N VAL P 398 67.89 71.28 -9.77
CA VAL P 398 69.00 71.71 -8.92
C VAL P 398 69.46 73.07 -9.41
N ALA P 399 69.62 74.01 -8.48
CA ALA P 399 70.10 75.34 -8.78
C ALA P 399 71.40 75.59 -8.03
N ILE P 400 72.42 76.03 -8.75
CA ILE P 400 73.76 76.22 -8.22
C ILE P 400 74.03 77.72 -8.09
N LYS P 401 74.53 78.13 -6.94
CA LYS P 401 74.83 79.53 -6.70
C LYS P 401 75.97 79.99 -7.60
N ASP P 402 75.82 81.16 -8.21
CA ASP P 402 76.87 81.73 -9.03
C ASP P 402 77.97 82.31 -8.16
N ARG P 403 79.17 82.38 -8.73
CA ARG P 403 80.34 82.92 -8.05
C ARG P 403 80.60 82.24 -6.71
N PRO P 417 79.12 82.59 -12.24
CA PRO P 417 78.40 81.44 -12.79
C PRO P 417 79.27 80.18 -12.83
N MET P 418 78.72 79.12 -13.42
CA MET P 418 79.42 77.85 -13.55
C MET P 418 79.49 77.45 -15.02
N SER P 419 80.64 76.92 -15.43
CA SER P 419 80.86 76.58 -16.82
C SER P 419 79.95 75.44 -17.26
N GLU P 420 79.76 75.35 -18.58
CA GLU P 420 78.90 74.31 -19.13
C GLU P 420 79.45 72.92 -18.86
N SER P 421 80.78 72.76 -18.90
CA SER P 421 81.38 71.45 -18.68
C SER P 421 81.08 70.94 -17.27
N GLU P 422 81.24 71.79 -16.26
CA GLU P 422 80.97 71.36 -14.90
C GLU P 422 79.47 71.16 -14.66
N ILE P 423 78.63 71.95 -15.32
CA ILE P 423 77.19 71.74 -15.23
C ILE P 423 76.81 70.36 -15.76
N ASN P 424 77.40 70.00 -16.92
CA ASN P 424 77.11 68.69 -17.49
C ASN P 424 77.70 67.56 -16.65
N ALA P 425 78.86 67.80 -16.02
CA ALA P 425 79.42 66.79 -15.12
C ALA P 425 78.52 66.57 -13.91
N ILE P 426 78.00 67.64 -13.33
CA ILE P 426 77.06 67.52 -12.22
C ILE P 426 75.81 66.79 -12.67
N ARG P 427 75.33 67.09 -13.88
CA ARG P 427 74.17 66.40 -14.42
C ARG P 427 74.45 64.91 -14.57
N GLN P 428 75.66 64.56 -15.03
CA GLN P 428 76.03 63.15 -15.16
C GLN P 428 76.06 62.45 -13.80
N VAL P 429 76.58 63.13 -12.78
CA VAL P 429 76.60 62.53 -11.45
C VAL P 429 75.17 62.31 -10.95
N LEU P 430 74.31 63.31 -11.13
CA LEU P 430 72.92 63.18 -10.71
C LEU P 430 72.23 62.03 -11.44
N ILE P 431 72.53 61.86 -12.72
CA ILE P 431 72.04 60.71 -13.48
C ILE P 431 72.77 59.47 -12.94
N GLY P 432 72.11 58.72 -12.10
CA GLY P 432 72.77 57.67 -11.35
C GLY P 432 72.70 57.94 -9.87
N THR P 433 72.87 59.20 -9.47
CA THR P 433 72.54 59.57 -8.10
C THR P 433 71.04 59.40 -7.84
N VAL P 434 70.21 59.82 -8.78
CA VAL P 434 68.76 59.74 -8.62
C VAL P 434 68.15 58.55 -9.35
N GLY P 435 68.82 58.01 -10.37
CA GLY P 435 68.25 56.97 -11.18
C GLY P 435 67.41 57.55 -12.31
N PHE P 436 68.00 58.50 -13.05
CA PHE P 436 67.27 59.18 -14.11
C PHE P 436 66.81 58.19 -15.16
N ASP P 437 65.53 58.29 -15.54
CA ASP P 437 64.90 57.36 -16.49
C ASP P 437 64.06 58.21 -17.45
N GLN P 438 64.68 58.60 -18.58
CA GLN P 438 63.98 59.46 -19.54
C GLN P 438 62.80 58.75 -20.16
N GLY P 439 62.92 57.44 -20.42
CA GLY P 439 61.83 56.70 -21.01
C GLY P 439 60.59 56.66 -20.14
N ARG P 440 60.75 56.87 -18.84
CA ARG P 440 59.61 56.97 -17.92
C ARG P 440 58.96 58.34 -17.95
N GLY P 441 59.58 59.31 -18.60
CA GLY P 441 59.11 60.68 -18.59
C GLY P 441 59.75 61.56 -17.54
N ASP P 442 60.81 61.08 -16.89
CA ASP P 442 61.46 61.86 -15.86
C ASP P 442 62.16 63.07 -16.46
N LEU P 443 62.39 64.07 -15.61
CA LEU P 443 62.99 65.33 -16.04
C LEU P 443 64.00 65.78 -15.01
N LEU P 444 65.15 66.27 -15.48
CA LEU P 444 66.24 66.69 -14.61
C LEU P 444 66.76 68.02 -15.14
N ASN P 445 66.55 69.08 -14.37
CA ASN P 445 67.04 70.42 -14.71
C ASN P 445 68.18 70.79 -13.78
N VAL P 446 69.29 71.26 -14.35
CA VAL P 446 70.41 71.80 -13.58
C VAL P 446 70.69 73.19 -14.10
N LEU P 447 70.56 74.19 -13.23
CA LEU P 447 70.72 75.58 -13.63
C LEU P 447 71.74 76.25 -12.72
N SER P 448 72.32 77.34 -13.21
CA SER P 448 73.22 78.19 -12.43
C SER P 448 72.53 79.53 -12.24
N VAL P 449 72.10 79.81 -11.01
CA VAL P 449 71.33 81.01 -10.70
C VAL P 449 72.08 81.84 -9.67
N LYS P 450 71.62 83.08 -9.49
CA LYS P 450 72.24 84.02 -8.57
C LYS P 450 71.46 84.01 -7.26
N PHE P 451 72.07 83.46 -6.21
CA PHE P 451 71.46 83.48 -4.90
C PHE P 451 71.52 84.89 -4.30
N ALA P 452 70.48 85.26 -3.57
CA ALA P 452 70.42 86.57 -2.93
C ALA P 452 70.94 86.50 -1.50
N ALA Q 255 28.40 60.67 3.90
CA ALA Q 255 29.34 60.86 2.81
C ALA Q 255 29.86 62.29 2.77
N SER Q 256 29.12 63.23 3.35
CA SER Q 256 29.58 64.62 3.35
C SER Q 256 30.84 64.77 4.21
N ALA Q 257 30.97 63.94 5.25
CA ALA Q 257 32.23 63.90 5.99
C ALA Q 257 33.37 63.46 5.09
N ALA Q 258 33.10 62.50 4.20
CA ALA Q 258 34.11 62.10 3.22
C ALA Q 258 34.48 63.26 2.31
N ARG Q 259 33.49 64.05 1.89
CA ARG Q 259 33.79 65.21 1.05
C ARG Q 259 34.62 66.23 1.81
N ARG Q 260 34.32 66.44 3.09
CA ARG Q 260 35.12 67.33 3.92
C ARG Q 260 36.56 66.87 3.98
N LYS Q 261 36.79 65.57 4.19
CA LYS Q 261 38.14 65.06 4.25
C LYS Q 261 38.83 65.14 2.89
N GLU Q 262 38.08 65.05 1.80
CA GLU Q 262 38.66 65.29 0.48
C GLU Q 262 39.15 66.72 0.33
N GLN Q 263 38.36 67.69 0.81
CA GLN Q 263 38.81 69.07 0.83
C GLN Q 263 40.08 69.22 1.66
N GLU Q 264 40.13 68.51 2.80
CA GLU Q 264 41.33 68.54 3.64
C GLU Q 264 42.54 68.00 2.89
N LEU Q 265 42.35 66.91 2.15
CA LEU Q 265 43.44 66.35 1.35
C LEU Q 265 43.95 67.35 0.33
N GLU Q 266 43.03 68.00 -0.38
CA GLU Q 266 43.44 68.99 -1.38
C GLU Q 266 44.22 70.13 -0.74
N ARG Q 267 43.73 70.63 0.40
CA ARG Q 267 44.42 71.72 1.08
C ARG Q 267 45.80 71.29 1.57
N SER Q 268 45.91 70.04 2.06
CA SER Q 268 47.20 69.53 2.51
C SER Q 268 48.20 69.46 1.35
N GLN Q 269 47.74 68.99 0.19
CA GLN Q 269 48.60 68.95 -0.98
C GLN Q 269 49.08 70.34 -1.36
N GLU Q 270 48.15 71.31 -1.36
CA GLU Q 270 48.53 72.68 -1.67
C GLU Q 270 49.56 73.21 -0.69
N GLN Q 271 49.37 72.91 0.60
CA GLN Q 271 50.31 73.38 1.61
C GLN Q 271 51.69 72.77 1.42
N ALA Q 272 51.74 71.48 1.09
CA ALA Q 272 53.03 70.83 0.85
C ALA Q 272 53.75 71.44 -0.34
N LEU Q 273 53.01 71.69 -1.41
CA LEU Q 273 53.63 72.32 -2.58
C LEU Q 273 54.12 73.72 -2.25
N ARG Q 274 53.36 74.47 -1.46
CA ARG Q 274 53.81 75.79 -1.04
C ARG Q 274 55.08 75.70 -0.21
N GLU Q 275 55.16 74.69 0.66
CA GLU Q 275 56.37 74.51 1.47
C GLU Q 275 57.57 74.24 0.58
N LYS Q 276 57.41 73.38 -0.43
CA LYS Q 276 58.52 73.13 -1.35
C LYS Q 276 58.91 74.39 -2.11
N ILE Q 277 57.92 75.17 -2.56
CA ILE Q 277 58.21 76.42 -3.26
C ILE Q 277 59.03 77.34 -2.38
N ASP Q 278 58.63 77.46 -1.11
CA ASP Q 278 59.40 78.28 -0.17
C ASP Q 278 60.81 77.74 -0.01
N SER Q 279 60.95 76.42 0.15
CA SER Q 279 62.26 75.82 0.38
C SER Q 279 63.20 76.09 -0.79
N VAL Q 280 62.65 76.25 -1.98
CA VAL Q 280 63.47 76.55 -3.15
C VAL Q 280 63.73 78.06 -3.29
N LEU Q 281 62.72 78.90 -3.09
CA LEU Q 281 62.85 80.30 -3.44
C LEU Q 281 63.43 81.15 -2.30
N LEU Q 282 63.27 80.73 -1.05
CA LEU Q 282 63.78 81.52 0.06
C LEU Q 282 65.29 81.75 -0.01
N PRO Q 283 66.13 80.74 -0.29
CA PRO Q 283 67.56 81.03 -0.51
C PRO Q 283 67.81 81.87 -1.75
N ILE Q 284 67.14 81.54 -2.86
CA ILE Q 284 67.44 82.18 -4.13
C ILE Q 284 67.04 83.65 -4.11
N LEU Q 285 65.82 83.94 -3.67
CA LEU Q 285 65.30 85.30 -3.74
C LEU Q 285 65.43 86.05 -2.43
N GLY Q 286 65.20 85.39 -1.32
CA GLY Q 286 65.24 86.02 -0.01
C GLY Q 286 63.88 86.00 0.67
N TYR Q 287 63.85 86.58 1.87
CA TYR Q 287 62.64 86.60 2.68
C TYR Q 287 61.82 87.84 2.34
N GLY Q 288 60.58 87.63 1.92
CA GLY Q 288 59.69 88.72 1.61
C GLY Q 288 59.85 89.33 0.23
N ASN Q 289 60.72 88.77 -0.60
CA ASN Q 289 60.90 89.27 -1.96
C ASN Q 289 60.03 88.56 -2.97
N TYR Q 290 59.18 87.63 -2.54
CA TYR Q 290 58.34 86.86 -3.44
C TYR Q 290 57.06 86.50 -2.73
N THR Q 291 56.04 86.17 -3.53
CA THR Q 291 54.82 85.57 -3.01
C THR Q 291 54.35 84.53 -4.02
N ALA Q 292 53.83 83.42 -3.51
CA ALA Q 292 53.40 82.32 -4.37
C ALA Q 292 52.21 81.62 -3.76
N GLN Q 293 51.25 81.24 -4.60
CA GLN Q 293 50.10 80.46 -4.18
C GLN Q 293 49.87 79.33 -5.16
N VAL Q 294 49.30 78.24 -4.66
CA VAL Q 294 49.15 77.00 -5.42
C VAL Q 294 47.71 76.55 -5.35
N ASP Q 295 47.13 76.21 -6.50
CA ASP Q 295 45.80 75.60 -6.56
C ASP Q 295 45.94 74.18 -7.10
N ILE Q 296 45.37 73.22 -6.37
CA ILE Q 296 45.41 71.82 -6.76
C ILE Q 296 43.98 71.32 -6.82
N GLN Q 297 43.56 70.83 -7.98
CA GLN Q 297 42.25 70.23 -8.19
C GLN Q 297 42.43 68.72 -8.28
N MET Q 298 41.72 67.98 -7.45
CA MET Q 298 41.86 66.53 -7.37
C MET Q 298 40.54 65.85 -7.70
N ASP Q 299 40.58 64.88 -8.61
CA ASP Q 299 39.43 64.07 -8.93
C ASP Q 299 39.34 62.91 -7.96
N PHE Q 300 38.11 62.57 -7.58
CA PHE Q 300 37.86 61.49 -6.63
C PHE Q 300 36.85 60.51 -7.19
N SER Q 301 36.94 60.24 -8.50
CA SER Q 301 36.06 59.25 -9.11
C SER Q 301 36.45 57.85 -8.64
N ALA Q 302 35.67 56.86 -9.07
CA ALA Q 302 35.87 55.47 -8.69
C ALA Q 302 35.90 54.59 -9.92
N VAL Q 303 36.74 54.95 -10.88
CA VAL Q 303 36.84 54.19 -12.13
C VAL Q 303 37.31 52.77 -11.85
N GLU Q 304 36.77 51.82 -12.60
CA GLU Q 304 37.13 50.41 -12.45
C GLU Q 304 36.87 49.75 -13.80
N GLN Q 305 37.94 49.42 -14.52
CA GLN Q 305 37.87 49.04 -15.92
C GLN Q 305 38.29 47.59 -16.10
N THR Q 306 37.65 46.91 -17.06
CA THR Q 306 38.01 45.54 -17.44
C THR Q 306 38.14 45.49 -18.95
N ARG Q 307 39.32 45.10 -19.43
CA ARG Q 307 39.61 45.08 -20.85
C ARG Q 307 39.90 43.65 -21.27
N LYS Q 308 39.28 43.22 -22.37
CA LYS Q 308 39.51 41.90 -22.96
C LYS Q 308 39.94 42.10 -24.40
N ARG Q 309 41.24 41.92 -24.66
CA ARG Q 309 41.83 42.21 -25.94
C ARG Q 309 42.32 40.94 -26.62
N PHE Q 310 42.18 40.89 -27.94
CA PHE Q 310 42.59 39.76 -28.76
C PHE Q 310 43.68 40.19 -29.73
N ASP Q 311 44.19 39.24 -30.50
CA ASP Q 311 45.23 39.50 -31.49
C ASP Q 311 44.78 38.95 -32.83
N PRO Q 312 44.14 39.77 -33.66
CA PRO Q 312 43.56 39.24 -34.91
C PRO Q 312 44.57 38.69 -35.89
N ASN Q 313 45.80 39.21 -35.89
CA ASN Q 313 46.76 38.94 -36.95
C ASN Q 313 47.63 37.71 -36.72
N THR Q 314 47.49 37.03 -35.58
CA THR Q 314 48.24 35.80 -35.31
C THR Q 314 47.30 34.72 -34.77
N PRO Q 315 46.42 34.19 -35.62
CA PRO Q 315 45.58 33.06 -35.18
C PRO Q 315 46.32 31.74 -35.30
N ALA Q 316 45.90 30.78 -34.49
CA ALA Q 316 46.46 29.43 -34.50
C ALA Q 316 45.36 28.43 -34.78
N THR Q 317 45.47 27.70 -35.88
CA THR Q 317 44.42 26.76 -36.25
C THR Q 317 44.41 25.56 -35.31
N ARG Q 318 43.25 25.29 -34.71
CA ARG Q 318 43.07 24.18 -33.79
C ARG Q 318 42.61 22.92 -34.49
N SER Q 319 41.51 23.00 -35.23
CA SER Q 319 41.03 21.92 -36.07
C SER Q 319 40.73 22.50 -37.45
N GLU Q 320 40.74 21.62 -38.45
CA GLU Q 320 40.58 22.09 -39.82
C GLU Q 320 39.98 20.98 -40.67
N TYR Q 321 39.00 21.34 -41.49
CA TYR Q 321 38.43 20.46 -42.50
C TYR Q 321 38.48 21.17 -43.84
N ALA Q 322 38.83 20.43 -44.89
CA ALA Q 322 38.97 21.01 -46.21
C ALA Q 322 38.59 19.97 -47.25
N LEU Q 323 37.47 20.19 -47.94
CA LEU Q 323 37.03 19.34 -49.03
C LEU Q 323 37.17 20.12 -50.33
N GLU Q 324 37.80 19.50 -51.33
CA GLU Q 324 38.10 20.16 -52.60
C GLU Q 324 37.97 19.13 -53.73
N ASP Q 325 36.81 19.07 -54.36
CA ASP Q 325 36.57 18.14 -55.44
C ASP Q 325 36.35 18.87 -56.75
N TYR Q 326 36.73 18.21 -57.85
CA TYR Q 326 36.61 18.75 -59.19
C TYR Q 326 35.80 17.77 -60.05
N ASN Q 327 35.52 18.17 -61.29
CA ASN Q 327 34.85 17.31 -62.25
C ASN Q 327 35.21 17.74 -63.67
N GLY Q 365 34.95 22.77 -65.49
CA GLY Q 365 33.89 21.96 -64.92
C GLY Q 365 33.54 22.35 -63.49
N SER Q 366 32.83 21.46 -62.80
CA SER Q 366 32.45 21.71 -61.42
C SER Q 366 33.69 21.80 -60.53
N VAL Q 367 33.71 22.79 -59.65
CA VAL Q 367 34.78 22.98 -58.68
C VAL Q 367 34.14 23.38 -57.36
N ARG Q 368 34.13 22.47 -56.39
CA ARG Q 368 33.53 22.70 -55.09
C ARG Q 368 34.64 22.76 -54.04
N LYS Q 369 34.69 23.85 -53.29
CA LYS Q 369 35.74 24.07 -52.29
C LYS Q 369 35.09 24.36 -50.94
N GLU Q 370 34.76 23.32 -50.20
CA GLU Q 370 34.26 23.48 -48.85
C GLU Q 370 35.43 23.57 -47.87
N SER Q 371 35.19 24.27 -46.77
CA SER Q 371 36.23 24.47 -45.77
C SER Q 371 35.61 24.86 -44.44
N THR Q 372 36.14 24.30 -43.36
CA THR Q 372 35.75 24.64 -42.00
C THR Q 372 37.02 24.78 -41.17
N ARG Q 373 37.07 25.80 -40.33
CA ARG Q 373 38.29 26.11 -39.61
C ARG Q 373 37.96 26.67 -38.23
N ASN Q 374 38.67 26.20 -37.22
CA ASN Q 374 38.55 26.69 -35.86
C ASN Q 374 39.88 27.29 -35.43
N PHE Q 375 39.83 28.42 -34.71
CA PHE Q 375 41.04 29.16 -34.37
C PHE Q 375 41.17 29.34 -32.88
N GLU Q 376 42.40 29.56 -32.45
CA GLU Q 376 42.76 29.96 -31.10
C GLU Q 376 43.53 31.27 -31.20
N LEU Q 377 43.21 32.22 -30.32
CA LEU Q 377 43.71 33.58 -30.43
C LEU Q 377 44.34 34.00 -29.11
N ASP Q 378 45.33 34.90 -29.20
CA ASP Q 378 45.93 35.46 -28.00
C ASP Q 378 44.89 36.29 -27.26
N THR Q 379 44.74 36.02 -25.97
CA THR Q 379 43.68 36.64 -25.16
C THR Q 379 44.31 37.27 -23.94
N THR Q 380 44.20 38.59 -23.84
CA THR Q 380 44.65 39.33 -22.67
C THR Q 380 43.43 39.88 -21.93
N ILE Q 381 43.37 39.66 -20.63
CA ILE Q 381 42.25 40.11 -19.81
C ILE Q 381 42.86 40.88 -18.64
N SER Q 382 42.73 42.21 -18.68
CA SER Q 382 43.33 43.08 -17.68
C SER Q 382 42.23 43.81 -16.91
N HIS Q 383 42.26 43.70 -15.59
CA HIS Q 383 41.33 44.39 -14.71
C HIS Q 383 42.11 45.46 -13.95
N GLU Q 384 41.78 46.72 -14.20
CA GLU Q 384 42.45 47.85 -13.58
C GLU Q 384 41.48 48.59 -12.66
N ARG Q 385 42.00 49.08 -11.54
CA ARG Q 385 41.19 49.85 -10.59
C ARG Q 385 41.98 51.10 -10.22
N LYS Q 386 41.57 52.24 -10.75
CA LYS Q 386 42.32 53.47 -10.56
C LYS Q 386 42.23 53.94 -9.11
N GLN Q 387 43.28 54.62 -8.66
CA GLN Q 387 43.24 55.26 -7.35
C GLN Q 387 42.22 56.40 -7.36
N THR Q 388 41.52 56.56 -6.25
CA THR Q 388 40.44 57.54 -6.15
C THR Q 388 40.91 58.96 -6.39
N GLY Q 389 41.68 59.51 -5.45
CA GLY Q 389 42.09 60.90 -5.53
C GLY Q 389 43.34 61.12 -6.34
N THR Q 390 43.21 61.72 -7.53
CA THR Q 390 44.34 61.99 -8.40
C THR Q 390 44.33 63.47 -8.78
N VAL Q 391 45.51 64.08 -8.78
CA VAL Q 391 45.63 65.49 -9.16
C VAL Q 391 45.30 65.63 -10.64
N ALA Q 392 44.15 66.22 -10.95
CA ALA Q 392 43.73 66.37 -12.33
C ALA Q 392 44.28 67.64 -12.97
N ARG Q 393 44.52 68.68 -12.19
CA ARG Q 393 45.06 69.93 -12.69
C ARG Q 393 45.77 70.65 -11.56
N GLN Q 394 46.89 71.28 -11.88
CA GLN Q 394 47.69 71.99 -10.89
C GLN Q 394 48.04 73.37 -11.44
N THR Q 395 47.79 74.40 -10.63
CA THR Q 395 48.04 75.78 -11.01
C THR Q 395 48.96 76.40 -9.97
N VAL Q 396 50.07 76.99 -10.42
CA VAL Q 396 51.02 77.65 -9.54
C VAL Q 396 51.32 79.04 -10.11
N SER Q 397 51.27 80.05 -9.26
CA SER Q 397 51.63 81.41 -9.65
C SER Q 397 52.61 81.98 -8.64
N VAL Q 398 53.68 82.58 -9.14
CA VAL Q 398 54.72 83.18 -8.31
C VAL Q 398 54.92 84.61 -8.77
N ALA Q 399 54.93 85.54 -7.81
CA ALA Q 399 55.16 86.96 -8.08
C ALA Q 399 56.41 87.40 -7.35
N ILE Q 400 57.32 88.05 -8.09
CA ILE Q 400 58.61 88.46 -7.57
C ILE Q 400 58.61 89.98 -7.41
N LYS Q 401 59.06 90.44 -6.25
CA LYS Q 401 59.11 91.87 -5.99
C LYS Q 401 60.13 92.54 -6.90
N ASP Q 402 59.75 93.68 -7.46
CA ASP Q 402 60.66 94.45 -8.29
C ASP Q 402 61.66 95.21 -7.43
N ARG Q 403 62.82 95.51 -8.02
CA ARG Q 403 63.89 96.24 -7.35
C ARG Q 403 64.30 95.57 -6.04
N PRO Q 417 62.62 95.79 -11.52
CA PRO Q 417 62.11 94.54 -12.09
C PRO Q 417 63.19 93.47 -12.19
N MET Q 418 62.83 92.34 -12.80
CA MET Q 418 63.75 91.21 -12.98
C MET Q 418 63.85 90.87 -14.46
N SER Q 419 65.06 90.56 -14.91
CA SER Q 419 65.30 90.31 -16.32
C SER Q 419 64.60 89.03 -16.77
N GLU Q 420 64.39 88.94 -18.09
CA GLU Q 420 63.72 87.78 -18.65
C GLU Q 420 64.51 86.50 -18.43
N SER Q 421 65.85 86.60 -18.51
CA SER Q 421 66.69 85.41 -18.33
C SER Q 421 66.52 84.82 -16.94
N GLU Q 422 66.54 85.66 -15.91
CA GLU Q 422 66.39 85.15 -14.55
C GLU Q 422 64.97 84.68 -14.29
N ILE Q 423 63.97 85.31 -14.91
CA ILE Q 423 62.59 84.85 -14.79
C ILE Q 423 62.47 83.44 -15.36
N ASN Q 424 63.07 83.22 -16.53
CA ASN Q 424 63.01 81.89 -17.14
C ASN Q 424 63.82 80.87 -16.35
N ALA Q 425 64.93 81.29 -15.73
CA ALA Q 425 65.69 80.38 -14.88
C ALA Q 425 64.88 79.97 -13.65
N ILE Q 426 64.19 80.92 -13.03
CA ILE Q 426 63.32 80.59 -11.91
C ILE Q 426 62.20 79.66 -12.35
N ARG Q 427 61.65 79.92 -13.54
CA ARG Q 427 60.61 79.03 -14.07
C ARG Q 427 61.16 77.62 -14.27
N GLN Q 428 62.40 77.51 -14.77
CA GLN Q 428 63.00 76.19 -14.95
C GLN Q 428 63.21 75.47 -13.61
N VAL Q 429 63.62 76.21 -12.58
CA VAL Q 429 63.77 75.59 -11.27
C VAL Q 429 62.43 75.10 -10.75
N LEU Q 430 61.39 75.94 -10.88
CA LEU Q 430 60.06 75.55 -10.43
C LEU Q 430 59.57 74.32 -11.17
N ILE Q 431 59.86 74.23 -12.47
CA ILE Q 431 59.57 73.03 -13.25
C ILE Q 431 60.52 71.94 -12.77
N GLY Q 432 60.02 71.05 -11.93
CA GLY Q 432 60.90 70.12 -11.23
C GLY Q 432 60.81 70.33 -9.74
N THR Q 433 60.76 71.59 -9.31
CA THR Q 433 60.40 71.86 -7.93
C THR Q 433 58.98 71.42 -7.64
N VAL Q 434 58.05 71.71 -8.55
CA VAL Q 434 56.65 71.36 -8.36
C VAL Q 434 56.25 70.10 -9.11
N GLY Q 435 56.97 69.73 -10.16
CA GLY Q 435 56.57 68.61 -10.99
C GLY Q 435 55.62 69.06 -12.08
N PHE Q 436 56.00 70.12 -12.80
CA PHE Q 436 55.14 70.67 -13.82
C PHE Q 436 54.83 69.64 -14.89
N ASP Q 437 53.55 69.53 -15.24
CA ASP Q 437 53.06 68.53 -16.21
C ASP Q 437 52.07 69.24 -17.12
N GLN Q 438 52.56 69.76 -18.25
CA GLN Q 438 51.71 70.50 -19.17
C GLN Q 438 50.65 69.61 -19.78
N GLY Q 439 51.00 68.35 -20.09
CA GLY Q 439 50.05 67.43 -20.67
C GLY Q 439 48.85 67.15 -19.78
N ARG Q 440 49.01 67.35 -18.47
CA ARG Q 440 47.90 67.22 -17.53
C ARG Q 440 47.01 68.45 -17.50
N GLY Q 441 47.43 69.53 -18.14
CA GLY Q 441 46.72 70.80 -18.07
C GLY Q 441 47.22 71.75 -17.02
N ASP Q 442 48.36 71.45 -16.40
CA ASP Q 442 48.90 72.31 -15.36
C ASP Q 442 49.35 73.64 -15.95
N LEU Q 443 49.42 74.64 -15.07
CA LEU Q 443 49.77 75.99 -15.47
C LEU Q 443 50.72 76.60 -14.45
N LEU Q 444 51.73 77.30 -14.94
CA LEU Q 444 52.76 77.90 -14.08
C LEU Q 444 53.02 79.31 -14.58
N ASN Q 445 52.64 80.29 -13.78
CA ASN Q 445 52.88 81.70 -14.08
C ASN Q 445 53.96 82.24 -13.17
N VAL Q 446 54.94 82.93 -13.75
CA VAL Q 446 55.96 83.63 -12.99
C VAL Q 446 55.98 85.07 -13.47
N LEU Q 447 55.70 86.02 -12.58
CA LEU Q 447 55.59 87.42 -12.93
C LEU Q 447 56.50 88.24 -12.03
N SER Q 448 56.86 89.42 -12.50
CA SER Q 448 57.62 90.40 -11.71
C SER Q 448 56.70 91.59 -11.47
N VAL Q 449 56.26 91.76 -10.22
CA VAL Q 449 55.29 92.79 -9.86
C VAL Q 449 55.92 93.72 -8.82
N LYS Q 450 55.24 94.84 -8.59
CA LYS Q 450 55.70 95.86 -7.66
C LYS Q 450 54.98 95.68 -6.33
N PHE Q 451 55.70 95.23 -5.32
CA PHE Q 451 55.13 95.10 -3.99
C PHE Q 451 54.96 96.48 -3.36
N ALA Q 452 53.89 96.65 -2.60
CA ALA Q 452 53.61 97.91 -1.92
C ALA Q 452 54.17 97.88 -0.50
N ALA R 255 17.13 64.68 5.07
CA ALA R 255 17.99 65.07 3.96
C ALA R 255 18.25 66.57 3.95
N SER R 256 17.36 67.34 4.57
CA SER R 256 17.57 68.79 4.61
C SER R 256 18.79 69.13 5.45
N ALA R 257 19.10 68.32 6.46
CA ALA R 257 20.37 68.49 7.17
C ALA R 257 21.55 68.30 6.23
N ALA R 258 21.44 67.32 5.32
CA ALA R 258 22.47 67.14 4.31
C ALA R 258 22.60 68.37 3.43
N ARG R 259 21.47 68.97 3.05
CA ARG R 259 21.53 70.19 2.24
C ARG R 259 22.18 71.33 3.01
N ARG R 260 21.89 71.44 4.30
CA ARG R 260 22.54 72.45 5.14
C ARG R 260 24.05 72.25 5.15
N LYS R 261 24.50 71.00 5.32
CA LYS R 261 25.93 70.75 5.33
C LYS R 261 26.56 70.98 3.96
N GLU R 262 25.80 70.80 2.89
CA GLU R 262 26.29 71.16 1.56
C GLU R 262 26.52 72.66 1.44
N GLN R 263 25.57 73.45 1.97
CA GLN R 263 25.77 74.89 2.02
C GLN R 263 27.02 75.24 2.83
N GLU R 264 27.22 74.54 3.94
CA GLU R 264 28.41 74.76 4.76
C GLU R 264 29.68 74.46 3.97
N LEU R 265 29.67 73.38 3.20
CA LEU R 265 30.83 73.04 2.36
C LEU R 265 31.12 74.14 1.35
N GLU R 266 30.08 74.64 0.69
CA GLU R 266 30.28 75.71 -0.29
C GLU R 266 30.86 76.95 0.37
N ARG R 267 30.32 77.33 1.53
CA ARG R 267 30.82 78.50 2.23
C ARG R 267 32.26 78.31 2.68
N SER R 268 32.61 77.11 3.12
CA SER R 268 33.99 76.82 3.52
C SER R 268 34.94 76.96 2.35
N GLN R 269 34.55 76.44 1.18
CA GLN R 269 35.37 76.59 -0.01
C GLN R 269 35.58 78.05 -0.35
N GLU R 270 34.50 78.84 -0.31
CA GLU R 270 34.61 80.27 -0.59
C GLU R 270 35.56 80.94 0.39
N GLN R 271 35.46 80.59 1.67
CA GLN R 271 36.33 81.19 2.68
C GLN R 271 37.79 80.85 2.43
N ALA R 272 38.07 79.59 2.07
CA ALA R 272 39.43 79.18 1.79
C ALA R 272 40.01 79.95 0.60
N LEU R 273 39.20 80.09 -0.45
CA LEU R 273 39.67 80.84 -1.62
C LEU R 273 39.91 82.30 -1.26
N ARG R 274 39.04 82.88 -0.43
CA ARG R 274 39.26 84.26 0.02
C ARG R 274 40.55 84.37 0.82
N GLU R 275 40.84 83.37 1.66
CA GLU R 275 42.07 83.39 2.44
C GLU R 275 43.29 83.36 1.51
N LYS R 276 43.25 82.53 0.48
CA LYS R 276 44.36 82.50 -0.47
C LYS R 276 44.50 83.83 -1.20
N ILE R 277 43.38 84.43 -1.60
CA ILE R 277 43.41 85.72 -2.27
C ILE R 277 44.08 86.76 -1.38
N ASP R 278 43.70 86.77 -0.10
CA ASP R 278 44.34 87.69 0.84
C ASP R 278 45.82 87.41 0.96
N SER R 279 46.20 86.13 1.08
CA SER R 279 47.61 85.78 1.26
C SER R 279 48.45 86.24 0.08
N VAL R 280 47.85 86.32 -1.10
CA VAL R 280 48.57 86.81 -2.27
C VAL R 280 48.56 88.33 -2.38
N LEU R 281 47.41 88.97 -2.13
CA LEU R 281 47.28 90.38 -2.44
C LEU R 281 47.72 91.30 -1.29
N LEU R 282 47.67 90.82 -0.05
CA LEU R 282 48.07 91.66 1.07
C LEU R 282 49.51 92.15 0.97
N PRO R 283 50.51 91.32 0.65
CA PRO R 283 51.86 91.88 0.41
C PRO R 283 51.92 92.78 -0.81
N ILE R 284 51.29 92.35 -1.92
CA ILE R 284 51.44 93.07 -3.18
C ILE R 284 50.78 94.44 -3.10
N LEU R 285 49.53 94.50 -2.62
CA LEU R 285 48.78 95.74 -2.65
C LEU R 285 48.82 96.48 -1.32
N GLY R 286 48.73 95.75 -0.21
CA GLY R 286 48.69 96.36 1.10
C GLY R 286 47.38 96.07 1.81
N TYR R 287 47.27 96.61 3.03
CA TYR R 287 46.10 96.39 3.87
C TYR R 287 45.07 97.46 3.58
N GLY R 288 43.87 97.04 3.18
CA GLY R 288 42.79 97.96 2.92
C GLY R 288 42.81 98.63 1.56
N ASN R 289 43.74 98.27 0.69
CA ASN R 289 43.79 98.81 -0.65
C ASN R 289 43.03 97.97 -1.67
N TYR R 290 42.38 96.90 -1.24
CA TYR R 290 41.67 96.02 -2.15
C TYR R 290 40.48 95.41 -1.42
N THR R 291 39.52 94.92 -2.20
CA THR R 291 38.45 94.11 -1.68
C THR R 291 38.14 93.02 -2.71
N ALA R 292 37.84 91.82 -2.22
CA ALA R 292 37.59 90.69 -3.10
C ALA R 292 36.56 89.76 -2.48
N GLN R 293 35.68 89.24 -3.32
CA GLN R 293 34.69 88.26 -2.89
C GLN R 293 34.64 87.13 -3.91
N VAL R 294 34.30 85.94 -3.43
CA VAL R 294 34.35 84.71 -4.22
C VAL R 294 33.01 84.00 -4.13
N ASP R 295 32.47 83.61 -5.28
CA ASP R 295 31.28 82.77 -5.33
C ASP R 295 31.65 81.41 -5.90
N ILE R 296 31.28 80.35 -5.20
CA ILE R 296 31.56 78.98 -5.62
C ILE R 296 30.24 78.23 -5.67
N GLN R 297 29.89 77.70 -6.84
CA GLN R 297 28.70 76.88 -7.03
C GLN R 297 29.15 75.43 -7.18
N MET R 298 28.60 74.55 -6.35
CA MET R 298 29.01 73.15 -6.32
C MET R 298 27.81 72.26 -6.64
N ASP R 299 28.02 71.34 -7.57
CA ASP R 299 27.02 70.33 -7.90
C ASP R 299 27.16 69.15 -6.95
N PHE R 300 26.03 68.59 -6.56
CA PHE R 300 26.00 67.46 -5.64
C PHE R 300 25.17 66.32 -6.21
N SER R 301 25.26 66.10 -7.52
CA SER R 301 24.57 64.99 -8.14
C SER R 301 25.22 63.67 -7.73
N ALA R 302 24.61 62.58 -8.17
CA ALA R 302 25.07 61.22 -7.83
C ALA R 302 25.23 60.40 -9.09
N VAL R 303 25.96 60.93 -10.06
CA VAL R 303 26.16 60.24 -11.33
C VAL R 303 26.89 58.92 -11.10
N GLU R 304 26.50 57.90 -11.86
CA GLU R 304 27.12 56.58 -11.77
C GLU R 304 26.94 55.92 -13.13
N GLN R 305 28.04 55.81 -13.88
CA GLN R 305 27.99 55.45 -15.29
C GLN R 305 28.67 54.11 -15.53
N THR R 306 28.14 53.34 -16.49
CA THR R 306 28.72 52.08 -16.91
C THR R 306 28.82 52.08 -18.43
N ARG R 307 30.04 51.93 -18.95
CA ARG R 307 30.29 51.99 -20.37
C ARG R 307 30.83 50.65 -20.84
N LYS R 308 30.26 50.15 -21.94
CA LYS R 308 30.71 48.90 -22.57
C LYS R 308 31.06 49.21 -24.01
N ARG R 309 32.35 49.27 -24.31
CA ARG R 309 32.85 49.71 -25.60
C ARG R 309 33.53 48.55 -26.32
N PHE R 310 33.38 48.51 -27.64
CA PHE R 310 33.96 47.50 -28.50
C PHE R 310 34.93 48.15 -29.48
N ASP R 311 35.58 47.32 -30.29
CA ASP R 311 36.54 47.79 -31.28
C ASP R 311 36.15 47.20 -32.64
N PRO R 312 35.35 47.91 -33.43
CA PRO R 312 34.84 47.33 -34.68
C PRO R 312 35.91 46.99 -35.69
N ASN R 313 37.03 47.72 -35.71
CA ASN R 313 37.99 47.65 -36.80
C ASN R 313 39.07 46.60 -36.62
N THR R 314 39.09 45.87 -35.50
CA THR R 314 40.05 44.79 -35.28
C THR R 314 39.34 43.54 -34.76
N PRO R 315 38.55 42.88 -35.60
CA PRO R 315 37.93 41.61 -35.18
C PRO R 315 38.91 40.45 -35.36
N ALA R 316 38.68 39.41 -34.57
CA ALA R 316 39.48 38.19 -34.63
C ALA R 316 38.56 37.02 -34.91
N THR R 317 38.77 36.34 -36.03
CA THR R 317 37.89 35.24 -36.40
C THR R 317 38.12 34.03 -35.50
N ARG R 318 37.04 33.55 -34.88
CA ARG R 318 37.09 32.40 -33.99
C ARG R 318 36.86 31.09 -34.73
N SER R 319 35.73 30.99 -35.43
CA SER R 319 35.43 29.87 -36.29
C SER R 319 35.01 30.40 -37.65
N GLU R 320 35.15 29.58 -38.68
CA GLU R 320 34.86 30.04 -40.03
C GLU R 320 34.45 28.87 -40.90
N TYR R 321 33.40 29.07 -41.68
CA TYR R 321 32.97 28.12 -42.70
C TYR R 321 32.86 28.86 -44.02
N ALA R 322 33.30 28.21 -45.10
CA ALA R 322 33.30 28.85 -46.42
C ALA R 322 33.10 27.79 -47.48
N LEU R 323 31.94 27.81 -48.13
CA LEU R 323 31.62 26.93 -49.24
C LEU R 323 31.57 27.75 -50.51
N GLU R 324 32.29 27.29 -51.55
CA GLU R 324 32.42 28.02 -52.80
C GLU R 324 32.47 27.01 -53.95
N ASP R 325 31.30 26.77 -54.57
CA ASP R 325 31.21 25.82 -55.67
C ASP R 325 30.83 26.53 -56.95
N TYR R 326 31.29 25.99 -58.08
CA TYR R 326 31.03 26.53 -59.40
C TYR R 326 30.39 25.43 -60.27
N ASN R 327 30.03 25.81 -61.49
CA ASN R 327 29.49 24.87 -62.46
C ASN R 327 29.73 25.39 -63.88
N GLY R 365 28.52 30.33 -65.53
CA GLY R 365 27.63 29.33 -64.97
C GLY R 365 27.26 29.62 -63.52
N SER R 366 26.75 28.60 -62.85
CA SER R 366 26.35 28.75 -61.45
C SER R 366 27.58 29.03 -60.58
N VAL R 367 27.45 30.00 -59.67
CA VAL R 367 28.50 30.35 -58.73
C VAL R 367 27.83 30.59 -57.38
N ARG R 368 28.01 29.66 -56.44
CA ARG R 368 27.42 29.75 -55.11
C ARG R 368 28.53 29.98 -54.09
N LYS R 369 28.39 31.04 -53.30
CA LYS R 369 29.42 31.43 -52.33
C LYS R 369 28.77 31.57 -50.95
N GLU R 370 28.65 30.46 -50.24
CA GLU R 370 28.16 30.49 -48.87
C GLU R 370 29.31 30.77 -47.92
N SER R 371 28.99 31.38 -46.78
CA SER R 371 30.01 31.75 -45.81
C SER R 371 29.35 31.98 -44.45
N THR R 372 30.01 31.51 -43.41
CA THR R 372 29.60 31.74 -42.03
C THR R 372 30.84 32.08 -41.22
N ARG R 373 30.73 33.08 -40.35
CA ARG R 373 31.90 33.58 -39.65
C ARG R 373 31.51 34.03 -38.25
N ASN R 374 32.32 33.68 -37.27
CA ASN R 374 32.15 34.11 -35.89
C ASN R 374 33.36 34.92 -35.47
N PHE R 375 33.13 36.00 -34.72
CA PHE R 375 34.20 36.94 -34.39
C PHE R 375 34.32 37.11 -32.89
N GLU R 376 35.52 37.53 -32.49
CA GLU R 376 35.83 37.95 -31.13
C GLU R 376 36.36 39.39 -31.21
N LEU R 377 35.89 40.24 -30.30
CA LEU R 377 36.13 41.67 -30.37
C LEU R 377 36.71 42.16 -29.06
N ASP R 378 37.51 43.23 -29.14
CA ASP R 378 38.03 43.86 -27.94
C ASP R 378 36.88 44.46 -27.15
N THR R 379 36.82 44.14 -25.86
CA THR R 379 35.69 44.53 -25.02
C THR R 379 36.22 45.25 -23.79
N THR R 380 35.89 46.52 -23.65
CA THR R 380 36.23 47.30 -22.47
C THR R 380 34.95 47.60 -21.69
N ILE R 381 34.97 47.33 -20.39
CA ILE R 381 33.81 47.56 -19.53
C ILE R 381 34.29 48.40 -18.36
N SER R 382 33.94 49.68 -18.36
CA SER R 382 34.39 50.62 -17.34
C SER R 382 33.20 51.12 -16.52
N HIS R 383 33.30 50.99 -15.21
CA HIS R 383 32.28 51.48 -14.29
C HIS R 383 32.86 52.64 -13.51
N GLU R 384 32.30 53.83 -13.72
CA GLU R 384 32.78 55.06 -13.08
C GLU R 384 31.72 55.57 -12.12
N ARG R 385 32.16 56.13 -11.00
CA ARG R 385 31.25 56.72 -10.02
C ARG R 385 31.82 58.07 -9.62
N LYS R 386 31.19 59.13 -10.11
CA LYS R 386 31.72 60.48 -9.90
C LYS R 386 31.58 60.88 -8.43
N GLN R 387 32.50 61.73 -7.99
CA GLN R 387 32.39 62.32 -6.66
C GLN R 387 31.19 63.26 -6.62
N THR R 388 30.50 63.27 -5.48
CA THR R 388 29.26 64.03 -5.33
C THR R 388 29.46 65.52 -5.53
N GLY R 389 30.15 66.17 -4.61
CA GLY R 389 30.29 67.61 -4.65
C GLY R 389 31.47 68.08 -5.48
N THR R 390 31.19 68.67 -6.64
CA THR R 390 32.24 69.17 -7.53
C THR R 390 31.95 70.61 -7.87
N VAL R 391 32.99 71.44 -7.87
CA VAL R 391 32.86 72.86 -8.22
C VAL R 391 32.47 72.96 -9.68
N ALA R 392 31.22 73.35 -9.95
CA ALA R 392 30.74 73.46 -11.31
C ALA R 392 31.03 74.82 -11.93
N ARG R 393 31.11 75.87 -11.13
CA ARG R 393 31.41 77.20 -11.61
C ARG R 393 32.00 78.02 -10.47
N GLN R 394 32.98 78.84 -10.79
CA GLN R 394 33.66 79.67 -9.80
C GLN R 394 33.75 81.10 -10.31
N THR R 395 33.34 82.04 -9.47
CA THR R 395 33.34 83.46 -9.82
C THR R 395 34.15 84.21 -8.78
N VAL R 396 35.12 84.99 -9.23
CA VAL R 396 35.96 85.80 -8.36
C VAL R 396 35.99 87.22 -8.89
N SER R 397 35.78 88.20 -8.01
CA SER R 397 35.87 89.60 -8.37
C SER R 397 36.77 90.31 -7.37
N VAL R 398 37.70 91.12 -7.87
CA VAL R 398 38.64 91.87 -7.04
C VAL R 398 38.56 93.33 -7.46
N ALA R 399 38.43 94.22 -6.48
CA ALA R 399 38.39 95.65 -6.71
C ALA R 399 39.57 96.30 -6.00
N ILE R 400 40.32 97.12 -6.73
CA ILE R 400 41.53 97.75 -6.24
C ILE R 400 41.26 99.23 -6.03
N LYS R 401 41.65 99.74 -4.86
CA LYS R 401 41.45 101.15 -4.56
C LYS R 401 42.31 102.01 -5.47
N ASP R 402 41.72 103.08 -6.00
CA ASP R 402 42.45 104.02 -6.83
C ASP R 402 43.33 104.92 -5.96
N ARG R 403 44.39 105.45 -6.57
CA ARG R 403 45.33 106.34 -5.90
C ARG R 403 45.89 105.73 -4.62
N PRO R 417 44.06 105.78 -10.05
CA PRO R 417 43.77 104.47 -10.65
C PRO R 417 45.01 103.61 -10.80
N MET R 418 44.85 102.45 -11.44
CA MET R 418 45.94 101.52 -11.67
C MET R 418 46.05 101.23 -13.16
N SER R 419 47.29 101.17 -13.65
CA SER R 419 47.54 100.99 -15.07
C SER R 419 47.08 99.62 -15.55
N GLU R 420 46.85 99.53 -16.86
CA GLU R 420 46.38 98.28 -17.44
C GLU R 420 47.41 97.16 -17.27
N SER R 421 48.68 97.49 -17.38
CA SER R 421 49.73 96.47 -17.26
C SER R 421 49.71 95.82 -15.88
N GLU R 422 49.61 96.63 -14.82
CA GLU R 422 49.59 96.06 -13.48
C GLU R 422 48.29 95.34 -13.20
N ILE R 423 47.17 95.81 -13.78
CA ILE R 423 45.91 95.08 -13.64
C ILE R 423 46.02 93.70 -14.25
N ASN R 424 46.61 93.61 -15.44
CA ASN R 424 46.78 92.32 -16.08
C ASN R 424 47.78 91.44 -15.34
N ALA R 425 48.81 92.04 -14.74
CA ALA R 425 49.75 91.26 -13.93
C ALA R 425 49.06 90.68 -12.70
N ILE R 426 48.22 91.47 -12.04
CA ILE R 426 47.45 90.97 -10.90
C ILE R 426 46.52 89.86 -11.35
N ARG R 427 45.89 90.04 -12.52
CA ARG R 427 45.02 88.99 -13.05
C ARG R 427 45.81 87.71 -13.30
N GLN R 428 47.03 87.84 -13.83
CA GLN R 428 47.86 86.65 -14.06
C GLN R 428 48.22 85.96 -12.76
N VAL R 429 48.53 86.73 -11.72
CA VAL R 429 48.82 86.11 -10.42
C VAL R 429 47.59 85.38 -9.89
N LEU R 430 46.43 86.01 -9.97
CA LEU R 430 45.20 85.38 -9.51
C LEU R 430 44.92 84.09 -10.27
N ILE R 431 45.19 84.10 -11.58
CA ILE R 431 45.10 82.88 -12.39
C ILE R 431 46.24 81.98 -11.96
N GLY R 432 45.93 80.98 -11.14
CA GLY R 432 46.97 80.22 -10.49
C GLY R 432 46.89 80.38 -8.99
N THR R 433 46.63 81.59 -8.52
CA THR R 433 46.27 81.75 -7.12
C THR R 433 44.95 81.05 -6.80
N VAL R 434 43.96 81.20 -7.69
CA VAL R 434 42.66 80.60 -7.48
C VAL R 434 42.46 79.30 -8.26
N GLY R 435 43.22 79.09 -9.34
CA GLY R 435 43.00 77.95 -10.19
C GLY R 435 41.96 78.24 -11.25
N PHE R 436 42.13 79.36 -11.94
CA PHE R 436 41.15 79.79 -12.93
C PHE R 436 41.00 78.74 -14.02
N ASP R 437 39.75 78.41 -14.35
CA ASP R 437 39.43 77.37 -15.33
C ASP R 437 38.30 77.90 -16.21
N GLN R 438 38.66 78.54 -17.33
CA GLN R 438 37.66 79.13 -18.20
C GLN R 438 36.77 78.08 -18.82
N GLY R 439 37.33 76.91 -19.17
CA GLY R 439 36.54 75.85 -19.76
C GLY R 439 35.44 75.34 -18.85
N ARG R 440 35.59 75.53 -17.55
CA ARG R 440 34.55 75.17 -16.58
C ARG R 440 33.45 76.23 -16.50
N GLY R 441 33.66 77.39 -17.12
CA GLY R 441 32.73 78.49 -17.00
C GLY R 441 33.08 79.49 -15.93
N ASP R 442 34.27 79.39 -15.34
CA ASP R 442 34.67 80.31 -14.29
C ASP R 442 34.87 81.72 -14.84
N LEU R 443 34.78 82.70 -13.94
CA LEU R 443 34.87 84.09 -14.31
C LEU R 443 35.72 84.83 -13.29
N LEU R 444 36.58 85.72 -13.78
CA LEU R 444 37.50 86.46 -12.93
C LEU R 444 37.49 87.91 -13.39
N ASN R 445 36.96 88.80 -12.55
CA ASN R 445 36.94 90.23 -12.82
C ASN R 445 37.93 90.93 -11.91
N VAL R 446 38.75 91.80 -12.49
CA VAL R 446 39.65 92.66 -11.73
C VAL R 446 39.40 94.09 -12.17
N LEU R 447 38.97 94.93 -11.24
CA LEU R 447 38.61 96.31 -11.56
C LEU R 447 39.37 97.26 -10.65
N SER R 448 39.51 98.50 -11.09
CA SER R 448 40.09 99.58 -10.30
C SER R 448 38.98 100.58 -10.00
N VAL R 449 38.56 100.63 -8.74
CA VAL R 449 37.44 101.46 -8.32
C VAL R 449 37.90 102.46 -7.27
N LYS R 450 37.04 103.44 -6.99
CA LYS R 450 37.34 104.50 -6.05
C LYS R 450 36.69 104.16 -4.71
N PHE R 451 37.51 103.82 -3.72
CA PHE R 451 37.01 103.56 -2.39
C PHE R 451 36.61 104.86 -1.71
N ALA R 452 35.55 104.81 -0.92
CA ALA R 452 35.07 105.99 -0.20
C ALA R 452 35.66 106.03 1.21
N ALA S 255 5.35 66.57 6.60
CA ALA S 255 6.11 67.13 5.48
C ALA S 255 6.09 68.65 5.52
N SER S 256 5.09 69.24 6.18
CA SER S 256 5.04 70.69 6.26
C SER S 256 6.20 71.24 7.08
N ALA S 257 6.68 70.46 8.06
CA ALA S 257 7.92 70.84 8.74
C ALA S 257 9.08 70.88 7.77
N ALA S 258 9.12 69.93 6.83
CA ALA S 258 10.15 69.96 5.79
C ALA S 258 10.03 71.21 4.95
N ARG S 259 8.80 71.61 4.61
CA ARG S 259 8.61 72.85 3.84
C ARG S 259 9.08 74.06 4.63
N ARG S 260 8.80 74.09 5.93
CA ARG S 260 9.28 75.17 6.78
C ARG S 260 10.80 75.25 6.76
N LYS S 261 11.47 74.10 6.88
CA LYS S 261 12.93 74.11 6.85
C LYS S 261 13.47 74.48 5.47
N GLU S 262 12.72 74.19 4.41
CA GLU S 262 13.11 74.67 3.08
C GLU S 262 13.06 76.20 3.01
N GLN S 263 12.00 76.78 3.58
CA GLN S 263 11.94 78.24 3.67
C GLN S 263 13.12 78.79 4.45
N GLU S 264 13.48 78.10 5.54
CA GLU S 264 14.63 78.51 6.34
C GLU S 264 15.92 78.47 5.51
N LEU S 265 16.08 77.42 4.71
CA LEU S 265 17.25 77.33 3.84
C LEU S 265 17.31 78.49 2.86
N GLU S 266 16.18 78.80 2.23
CA GLU S 266 16.16 79.90 1.28
C GLU S 266 16.53 81.22 1.97
N ARG S 267 15.96 81.46 3.15
CA ARG S 267 16.26 82.70 3.87
C ARG S 267 17.72 82.76 4.29
N SER S 268 18.30 81.63 4.68
CA SER S 268 19.71 81.58 5.05
C SER S 268 20.60 81.92 3.86
N GLN S 269 20.26 81.37 2.68
CA GLN S 269 21.02 81.69 1.48
C GLN S 269 20.95 83.18 1.17
N GLU S 270 19.75 83.75 1.27
CA GLU S 270 19.60 85.18 1.02
C GLU S 270 20.43 85.99 2.00
N GLN S 271 20.43 85.60 3.27
CA GLN S 271 21.20 86.32 4.28
C GLN S 271 22.69 86.25 3.99
N ALA S 272 23.19 85.07 3.59
CA ALA S 272 24.60 84.93 3.26
C ALA S 272 24.99 85.81 2.08
N LEU S 273 24.15 85.84 1.05
CA LEU S 273 24.44 86.68 -0.10
C LEU S 273 24.42 88.15 0.30
N ARG S 274 23.49 88.55 1.16
CA ARG S 274 23.47 89.93 1.65
C ARG S 274 24.73 90.26 2.43
N GLU S 275 25.22 89.31 3.23
CA GLU S 275 26.45 89.52 3.98
C GLU S 275 27.63 89.75 3.03
N LYS S 276 27.71 88.94 1.97
CA LYS S 276 28.78 89.12 1.00
C LYS S 276 28.66 90.49 0.30
N ILE S 277 27.44 90.87 -0.06
CA ILE S 277 27.22 92.18 -0.69
C ILE S 277 27.71 93.28 0.22
N ASP S 278 27.38 93.20 1.51
CA ASP S 278 27.86 94.20 2.45
C ASP S 278 29.38 94.18 2.54
N SER S 279 29.98 92.99 2.61
CA SER S 279 31.42 92.90 2.75
C SER S 279 32.14 93.53 1.56
N VAL S 280 31.51 93.54 0.40
CA VAL S 280 32.10 94.18 -0.77
C VAL S 280 31.81 95.67 -0.83
N LEU S 281 30.57 96.08 -0.53
CA LEU S 281 30.18 97.46 -0.80
C LEU S 281 30.48 98.41 0.36
N LEU S 282 30.56 97.91 1.59
CA LEU S 282 30.82 98.77 2.73
C LEU S 282 32.15 99.53 2.61
N PRO S 283 33.28 98.89 2.24
CA PRO S 283 34.49 99.68 1.99
C PRO S 283 34.36 100.61 0.79
N ILE S 284 33.79 100.11 -0.31
CA ILE S 284 33.76 100.88 -1.55
C ILE S 284 32.88 102.10 -1.42
N LEU S 285 31.66 101.92 -0.92
CA LEU S 285 30.69 103.01 -0.89
C LEU S 285 30.62 103.70 0.46
N GLY S 286 30.70 102.95 1.55
CA GLY S 286 30.60 103.50 2.88
C GLY S 286 29.37 102.97 3.61
N TYR S 287 29.21 103.45 4.84
CA TYR S 287 28.12 103.00 5.70
C TYR S 287 26.89 103.87 5.47
N GLY S 288 25.79 103.26 5.08
CA GLY S 288 24.55 103.97 4.88
C GLY S 288 24.41 104.66 3.54
N ASN S 289 25.37 104.49 2.64
CA ASN S 289 25.29 105.08 1.31
C ASN S 289 24.66 104.14 0.28
N TYR S 290 24.23 102.96 0.69
CA TYR S 290 23.65 101.99 -0.22
C TYR S 290 22.62 101.16 0.51
N THR S 291 21.75 100.52 -0.26
CA THR S 291 20.85 99.51 0.26
C THR S 291 20.71 98.41 -0.79
N ALA S 292 20.65 97.17 -0.34
CA ALA S 292 20.58 96.03 -1.24
C ALA S 292 19.76 94.92 -0.63
N GLN S 293 18.95 94.27 -1.46
CA GLN S 293 18.17 93.11 -1.05
C GLN S 293 18.31 92.02 -2.09
N VAL S 294 18.19 90.77 -1.64
CA VAL S 294 18.44 89.60 -2.47
C VAL S 294 17.26 88.66 -2.37
N ASP S 295 16.76 88.19 -3.51
CA ASP S 295 15.74 87.16 -3.57
C ASP S 295 16.33 85.90 -4.19
N ILE S 296 16.18 84.78 -3.50
CA ILE S 296 16.68 83.49 -3.98
C ILE S 296 15.52 82.52 -4.02
N GLN S 297 15.24 81.97 -5.20
CA GLN S 297 14.22 80.94 -5.38
C GLN S 297 14.92 79.61 -5.58
N MET S 298 14.56 78.62 -4.77
CA MET S 298 15.20 77.32 -4.79
C MET S 298 14.19 76.23 -5.11
N ASP S 299 14.52 75.39 -6.07
CA ASP S 299 13.72 74.23 -6.41
C ASP S 299 14.09 73.07 -5.50
N PHE S 300 13.09 72.30 -5.10
CA PHE S 300 13.29 71.17 -4.21
C PHE S 300 12.66 69.91 -4.80
N SER S 301 12.77 69.74 -6.12
CA SER S 301 12.26 68.54 -6.75
C SER S 301 13.15 67.36 -6.39
N ALA S 302 12.74 66.17 -6.85
CA ALA S 302 13.44 64.92 -6.56
C ALA S 302 13.70 64.16 -7.85
N VAL S 303 14.31 64.85 -8.82
CA VAL S 303 14.60 64.23 -10.12
C VAL S 303 15.55 63.06 -9.94
N GLU S 304 15.33 62.01 -10.72
CA GLU S 304 16.18 60.81 -10.68
C GLU S 304 16.09 60.17 -12.06
N GLN S 305 17.16 60.28 -12.84
CA GLN S 305 17.15 59.96 -14.25
C GLN S 305 18.05 58.76 -14.54
N THR S 306 17.65 57.94 -15.51
CA THR S 306 18.43 56.81 -15.99
C THR S 306 18.48 56.87 -17.51
N ARG S 307 19.69 56.95 -18.06
CA ARG S 307 19.89 57.10 -19.49
C ARG S 307 20.65 55.88 -20.01
N LYS S 308 20.16 55.31 -21.10
CA LYS S 308 20.80 54.20 -21.78
C LYS S 308 21.05 54.59 -23.22
N ARG S 309 22.30 54.90 -23.55
CA ARG S 309 22.68 55.45 -24.83
C ARG S 309 23.55 54.45 -25.60
N PHE S 310 23.36 54.41 -26.92
CA PHE S 310 24.10 53.54 -27.82
C PHE S 310 24.91 54.39 -28.80
N ASP S 311 25.66 53.70 -29.65
CA ASP S 311 26.50 54.37 -30.65
C ASP S 311 26.19 53.76 -32.01
N PRO S 312 25.26 54.33 -32.76
CA PRO S 312 24.82 53.69 -34.02
C PRO S 312 25.91 53.58 -35.07
N ASN S 313 26.88 54.50 -35.08
CA ASN S 313 27.80 54.63 -36.20
C ASN S 313 29.06 53.78 -36.07
N THR S 314 29.24 53.05 -34.97
CA THR S 314 30.38 52.15 -34.81
C THR S 314 29.93 50.78 -34.31
N PRO S 315 29.25 50.01 -35.15
CA PRO S 315 28.89 48.64 -34.76
C PRO S 315 30.03 47.68 -34.99
N ALA S 316 30.02 46.59 -34.23
CA ALA S 316 31.03 45.54 -34.34
C ALA S 316 30.33 44.23 -34.64
N THR S 317 30.63 43.63 -35.78
CA THR S 317 29.95 42.40 -36.17
C THR S 317 30.41 41.24 -35.31
N ARG S 318 29.47 40.54 -34.68
CA ARG S 318 29.75 39.40 -33.82
C ARG S 318 29.72 38.09 -34.59
N SER S 319 28.62 37.81 -35.27
CA SER S 319 28.50 36.68 -36.16
C SER S 319 27.95 37.15 -37.49
N GLU S 320 28.20 36.39 -38.55
CA GLU S 320 27.81 36.83 -39.88
C GLU S 320 27.59 35.62 -40.77
N TYR S 321 26.51 35.65 -41.53
CA TYR S 321 26.22 34.67 -42.57
C TYR S 321 25.95 35.41 -43.86
N ALA S 322 26.46 34.88 -44.97
CA ALA S 322 26.32 35.54 -46.26
C ALA S 322 26.27 34.48 -47.35
N LEU S 323 25.11 34.32 -47.97
CA LEU S 323 24.93 33.42 -49.10
C LEU S 323 24.71 34.25 -50.35
N GLU S 324 25.46 33.95 -51.42
CA GLU S 324 25.44 34.73 -52.65
C GLU S 324 25.61 33.78 -53.83
N ASP S 325 24.51 33.33 -54.42
CA ASP S 325 24.56 32.42 -55.55
C ASP S 325 24.02 33.08 -56.80
N TYR S 326 24.54 32.66 -57.96
CA TYR S 326 24.15 33.17 -59.26
C TYR S 326 23.70 32.01 -60.14
N ASN S 327 23.23 32.35 -61.34
CA ASN S 327 22.86 31.34 -62.33
C ASN S 327 22.95 31.93 -63.73
N GLY S 365 20.84 36.62 -65.22
CA GLY S 365 20.16 35.46 -64.66
C GLY S 365 19.78 35.64 -63.20
N SER S 366 19.47 34.53 -62.55
CA SER S 366 19.10 34.57 -61.14
C SER S 366 20.28 35.04 -60.29
N VAL S 367 20.00 35.94 -59.35
CA VAL S 367 20.99 36.45 -58.41
C VAL S 367 20.33 36.54 -57.05
N ARG S 368 20.69 35.63 -56.13
CA ARG S 368 20.13 35.59 -54.80
C ARG S 368 21.20 35.99 -53.79
N LYS S 369 20.91 36.98 -52.97
CA LYS S 369 21.87 37.52 -52.01
C LYS S 369 21.24 37.51 -50.61
N GLU S 370 21.35 36.38 -49.94
CA GLU S 370 20.90 36.29 -48.55
C GLU S 370 22.01 36.75 -47.62
N SER S 371 21.61 37.27 -46.45
CA SER S 371 22.57 37.79 -45.50
C SER S 371 21.93 37.86 -44.12
N THR S 372 22.68 37.48 -43.10
CA THR S 372 22.27 37.60 -41.71
C THR S 372 23.45 38.14 -40.92
N ARG S 373 23.19 39.07 -40.02
CA ARG S 373 24.26 39.76 -39.33
C ARG S 373 23.84 40.10 -37.91
N ASN S 374 24.73 39.88 -36.95
CA ASN S 374 24.52 40.24 -35.56
C ASN S 374 25.58 41.25 -35.14
N PHE S 375 25.18 42.25 -34.36
CA PHE S 375 26.06 43.35 -34.02
C PHE S 375 26.19 43.50 -32.52
N GLU S 376 27.30 44.12 -32.13
CA GLU S 376 27.57 44.57 -30.77
C GLU S 376 27.83 46.07 -30.82
N LEU S 377 27.25 46.80 -29.87
CA LEU S 377 27.23 48.25 -29.91
C LEU S 377 27.75 48.81 -28.60
N ASP S 378 28.34 50.00 -28.67
CA ASP S 378 28.77 50.69 -27.46
C ASP S 378 27.55 51.06 -26.63
N THR S 379 27.58 50.69 -25.35
CA THR S 379 26.42 50.86 -24.47
C THR S 379 26.85 51.62 -23.23
N THR S 380 26.30 52.81 -23.04
CA THR S 380 26.51 53.61 -21.85
C THR S 380 25.23 53.65 -21.04
N ILE S 381 25.33 53.36 -19.75
CA ILE S 381 24.18 53.36 -18.86
C ILE S 381 24.53 54.25 -17.67
N SER S 382 23.94 55.43 -17.62
CA SER S 382 24.25 56.41 -16.59
C SER S 382 23.02 56.68 -15.73
N HIS S 383 23.16 56.52 -14.42
CA HIS S 383 22.10 56.80 -13.47
C HIS S 383 22.48 58.03 -12.67
N GLU S 384 21.72 59.11 -12.83
CA GLU S 384 21.98 60.38 -12.17
C GLU S 384 20.88 60.67 -11.17
N ARG S 385 21.24 61.27 -10.04
CA ARG S 385 20.28 61.65 -9.02
C ARG S 385 20.59 63.08 -8.60
N LYS S 386 19.78 64.03 -9.04
CA LYS S 386 20.06 65.43 -8.80
C LYS S 386 19.89 65.77 -7.32
N GLN S 387 20.65 66.77 -6.87
CA GLN S 387 20.46 67.29 -5.52
C GLN S 387 19.12 68.00 -5.43
N THR S 388 18.47 67.86 -4.28
CA THR S 388 17.11 68.36 -4.08
C THR S 388 17.05 69.88 -4.24
N GLY S 389 17.63 70.62 -3.31
CA GLY S 389 17.51 72.06 -3.31
C GLY S 389 18.56 72.75 -4.16
N THR S 390 18.15 73.32 -5.29
CA THR S 390 19.06 74.02 -6.19
C THR S 390 18.51 75.40 -6.48
N VAL S 391 19.40 76.40 -6.48
CA VAL S 391 19.00 77.76 -6.78
C VAL S 391 18.56 77.85 -8.23
N ALA S 392 17.25 78.00 -8.46
CA ALA S 392 16.71 78.06 -9.82
C ALA S 392 16.75 79.47 -10.39
N ARG S 393 16.65 80.49 -9.56
CA ARG S 393 16.71 81.87 -10.01
C ARG S 393 17.17 82.74 -8.86
N GLN S 394 17.97 83.74 -9.18
CA GLN S 394 18.52 84.66 -8.18
C GLN S 394 18.33 86.08 -8.65
N THR S 395 17.78 86.92 -7.77
CA THR S 395 17.51 88.32 -8.07
C THR S 395 18.21 89.18 -7.03
N VAL S 396 19.01 90.14 -7.49
CA VAL S 396 19.72 91.06 -6.61
C VAL S 396 19.48 92.48 -7.10
N SER S 397 19.12 93.38 -6.18
CA SER S 397 18.95 94.79 -6.50
C SER S 397 19.73 95.61 -5.50
N VAL S 398 20.48 96.59 -6.00
CA VAL S 398 21.29 97.48 -5.17
C VAL S 398 20.95 98.91 -5.55
N ALA S 399 20.69 99.73 -4.54
CA ALA S 399 20.38 101.15 -4.72
C ALA S 399 21.44 101.98 -4.02
N ILE S 400 22.01 102.94 -4.74
CA ILE S 400 23.10 103.76 -4.25
C ILE S 400 22.58 105.17 -4.00
N LYS S 401 22.90 105.70 -2.83
CA LYS S 401 22.46 107.05 -2.48
C LYS S 401 23.13 108.08 -3.38
N ASP S 402 22.34 109.04 -3.86
CA ASP S 402 22.87 110.11 -4.68
C ASP S 402 23.59 111.14 -3.81
N ARG S 403 24.52 111.85 -4.42
CA ARG S 403 25.30 112.88 -3.75
C ARG S 403 26.01 112.35 -2.50
N PRO S 417 24.04 112.21 -7.89
CA PRO S 417 23.97 110.89 -8.51
C PRO S 417 25.35 110.26 -8.72
N MET S 418 25.38 109.11 -9.39
CA MET S 418 26.62 108.40 -9.67
C MET S 418 26.75 108.18 -11.17
N SER S 419 27.96 108.34 -11.68
CA SER S 419 28.20 108.25 -13.12
C SER S 419 27.97 106.84 -13.62
N GLU S 420 27.73 106.73 -14.93
CA GLU S 420 27.47 105.43 -15.54
C GLU S 420 28.68 104.52 -15.43
N SER S 421 29.90 105.08 -15.56
CA SER S 421 31.10 104.27 -15.49
C SER S 421 31.24 103.59 -14.13
N GLU S 422 31.02 104.34 -13.04
CA GLU S 422 31.13 103.75 -11.72
C GLU S 422 29.99 102.79 -11.43
N ILE S 423 28.80 103.06 -11.97
CA ILE S 423 27.68 102.12 -11.83
C ILE S 423 28.03 100.79 -12.49
N ASN S 424 28.60 100.85 -13.69
CA ASN S 424 28.98 99.62 -14.37
C ASN S 424 30.13 98.92 -13.68
N ALA S 425 31.06 99.68 -13.08
CA ALA S 425 32.14 99.06 -12.32
C ALA S 425 31.60 98.33 -11.09
N ILE S 426 30.66 98.95 -10.38
CA ILE S 426 30.02 98.28 -9.25
C ILE S 426 29.28 97.04 -9.70
N ARG S 427 28.61 97.13 -10.86
CA ARG S 427 27.93 95.95 -11.40
C ARG S 427 28.92 94.84 -11.71
N GLN S 428 30.09 95.19 -12.26
CA GLN S 428 31.11 94.20 -12.54
C GLN S 428 31.63 93.55 -11.27
N VAL S 429 31.81 94.32 -10.21
CA VAL S 429 32.25 93.74 -8.94
C VAL S 429 31.19 92.78 -8.41
N LEU S 430 29.93 93.20 -8.44
CA LEU S 430 28.84 92.34 -7.97
C LEU S 430 28.78 91.05 -8.77
N ILE S 431 29.01 91.13 -10.08
CA ILE S 431 29.12 89.94 -10.92
C ILE S 431 30.41 89.24 -10.54
N GLY S 432 30.32 88.20 -9.74
CA GLY S 432 31.50 87.61 -9.14
C GLY S 432 31.43 87.71 -7.63
N THR S 433 30.96 88.85 -7.12
CA THR S 433 30.61 88.91 -5.71
C THR S 433 29.46 87.98 -5.39
N VAL S 434 28.43 87.97 -6.25
CA VAL S 434 27.25 87.13 -6.02
C VAL S 434 27.28 85.85 -6.84
N GLY S 435 28.03 85.80 -7.94
CA GLY S 435 28.01 84.66 -8.82
C GLY S 435 26.90 84.78 -9.84
N PHE S 436 26.84 85.94 -10.51
CA PHE S 436 25.78 86.21 -11.47
C PHE S 436 25.79 85.18 -12.59
N ASP S 437 24.61 84.63 -12.90
CA ASP S 437 24.46 83.56 -13.90
C ASP S 437 23.22 83.91 -14.73
N GLN S 438 23.44 84.62 -15.84
CA GLN S 438 22.32 85.05 -16.68
C GLN S 438 21.62 83.87 -17.31
N GLY S 439 22.37 82.84 -17.70
CA GLY S 439 21.77 81.67 -18.31
C GLY S 439 20.81 80.95 -17.39
N ARG S 440 20.95 81.12 -16.08
CA ARG S 440 20.01 80.57 -15.11
C ARG S 440 18.76 81.40 -14.97
N GLY S 441 18.73 82.59 -15.55
CA GLY S 441 17.62 83.51 -15.39
C GLY S 441 17.82 84.53 -14.29
N ASP S 442 19.03 84.63 -13.73
CA ASP S 442 19.28 85.58 -12.66
C ASP S 442 19.20 87.01 -13.18
N LEU S 443 18.96 87.93 -12.25
CA LEU S 443 18.79 89.33 -12.58
C LEU S 443 19.51 90.18 -11.56
N LEU S 444 20.20 91.23 -12.04
CA LEU S 444 20.99 92.11 -11.19
C LEU S 444 20.71 93.54 -11.60
N ASN S 445 20.06 94.29 -10.73
CA ASN S 445 19.76 95.70 -10.95
C ASN S 445 20.63 96.55 -10.05
N VAL S 446 21.27 97.57 -10.62
CA VAL S 446 22.02 98.56 -9.86
C VAL S 446 21.50 99.94 -10.25
N LEU S 447 20.96 100.66 -9.29
CA LEU S 447 20.34 101.96 -9.55
C LEU S 447 20.95 103.01 -8.62
N SER S 448 20.85 104.26 -9.04
CA SER S 448 21.25 105.40 -8.23
C SER S 448 19.99 106.18 -7.87
N VAL S 449 19.59 106.13 -6.60
CA VAL S 449 18.35 106.72 -6.14
C VAL S 449 18.66 107.77 -5.07
N LYS S 450 17.65 108.57 -4.75
CA LYS S 450 17.77 109.63 -3.77
C LYS S 450 17.23 109.15 -2.43
N PHE S 451 18.14 108.95 -1.48
CA PHE S 451 17.72 108.57 -0.14
C PHE S 451 17.11 109.76 0.59
N ALA S 452 16.09 109.50 1.40
CA ALA S 452 15.43 110.55 2.16
C ALA S 452 16.04 110.66 3.56
N ALA T 255 -6.53 66.25 8.45
CA ALA T 255 -5.92 66.96 7.33
C ALA T 255 -6.20 68.46 7.41
N SER T 256 -7.27 68.85 8.11
CA SER T 256 -7.59 70.26 8.23
C SER T 256 -6.51 70.98 9.04
N ALA T 257 -5.88 70.29 9.99
CA ALA T 257 -4.72 70.87 10.65
C ALA T 257 -3.60 71.13 9.66
N ALA T 258 -3.41 70.24 8.69
CA ALA T 258 -2.44 70.47 7.63
C ALA T 258 -2.81 71.72 6.83
N ARG T 259 -4.09 71.89 6.53
CA ARG T 259 -4.52 73.08 5.80
C ARG T 259 -4.26 74.34 6.61
N ARG T 260 -4.50 74.29 7.92
CA ARG T 260 -4.20 75.41 8.80
C ARG T 260 -2.72 75.77 8.74
N LYS T 261 -1.85 74.76 8.81
CA LYS T 261 -0.42 75.04 8.75
C LYS T 261 0.00 75.53 7.38
N GLU T 262 -0.71 75.14 6.32
CA GLU T 262 -0.44 75.71 5.00
C GLU T 262 -0.78 77.20 4.97
N GLN T 263 -1.90 77.58 5.58
CA GLN T 263 -2.23 79.00 5.71
C GLN T 263 -1.14 79.72 6.49
N GLU T 264 -0.64 79.09 7.55
CA GLU T 264 0.44 79.68 8.34
C GLU T 264 1.69 79.89 7.48
N LEU T 265 2.02 78.91 6.64
CA LEU T 265 3.17 79.05 5.75
C LEU T 265 2.99 80.22 4.80
N GLU T 266 1.80 80.34 4.21
CA GLU T 266 1.56 81.46 3.29
C GLU T 266 1.70 82.79 4.00
N ARG T 267 1.13 82.91 5.21
CA ARG T 267 1.23 84.15 5.95
C ARG T 267 2.67 84.46 6.33
N SER T 268 3.44 83.44 6.69
CA SER T 268 4.86 83.64 7.02
C SER T 268 5.64 84.16 5.82
N GLN T 269 5.38 83.59 4.64
CA GLN T 269 6.02 84.07 3.43
C GLN T 269 5.68 85.53 3.17
N GLU T 270 4.40 85.88 3.31
CA GLU T 270 3.98 87.27 3.11
C GLU T 270 4.69 88.19 4.09
N GLN T 271 4.79 87.76 5.35
CA GLN T 271 5.45 88.59 6.36
C GLN T 271 6.92 88.80 6.04
N ALA T 272 7.61 87.74 5.59
CA ALA T 272 9.01 87.87 5.23
C ALA T 272 9.20 88.83 4.07
N LEU T 273 8.35 88.73 3.06
CA LEU T 273 8.45 89.65 1.93
C LEU T 273 8.18 91.08 2.37
N ARG T 274 7.20 91.28 3.26
CA ARG T 274 6.96 92.61 3.79
C ARG T 274 8.17 93.15 4.55
N GLU T 275 8.83 92.29 5.31
CA GLU T 275 10.03 92.70 6.04
C GLU T 275 11.11 93.15 5.07
N LYS T 276 11.32 92.40 3.99
CA LYS T 276 12.31 92.81 3.00
C LYS T 276 11.93 94.13 2.35
N ILE T 277 10.64 94.31 2.03
CA ILE T 277 10.18 95.56 1.44
C ILE T 277 10.49 96.73 2.37
N ASP T 278 10.21 96.54 3.66
CA ASP T 278 10.53 97.59 4.62
C ASP T 278 12.03 97.85 4.67
N SER T 279 12.84 96.78 4.70
CA SER T 279 14.28 96.94 4.80
C SER T 279 14.84 97.73 3.62
N VAL T 280 14.19 97.65 2.48
CA VAL T 280 14.62 98.40 1.31
C VAL T 280 14.06 99.83 1.30
N LEU T 281 12.78 100.01 1.64
CA LEU T 281 12.14 101.30 1.41
C LEU T 281 12.30 102.26 2.60
N LEU T 282 12.50 101.73 3.81
CA LEU T 282 12.63 102.61 4.97
C LEU T 282 13.80 103.60 4.84
N PRO T 283 15.01 103.18 4.43
CA PRO T 283 16.05 104.18 4.18
C PRO T 283 15.72 105.11 3.01
N ILE T 284 15.22 104.54 1.91
CA ILE T 284 15.03 105.32 0.69
C ILE T 284 13.94 106.36 0.88
N LEU T 285 12.78 105.95 1.40
CA LEU T 285 11.64 106.84 1.49
C LEU T 285 11.49 107.48 2.85
N GLY T 286 11.72 106.73 3.92
CA GLY T 286 11.56 107.22 5.26
C GLY T 286 10.47 106.45 6.00
N TYR T 287 10.26 106.87 7.25
CA TYR T 287 9.30 106.20 8.12
C TYR T 287 7.93 106.85 7.95
N GLY T 288 6.94 106.05 7.56
CA GLY T 288 5.59 106.53 7.41
C GLY T 288 5.29 107.23 6.09
N ASN T 289 6.24 107.25 5.17
CA ASN T 289 6.01 107.85 3.86
C ASN T 289 5.55 106.85 2.82
N TYR T 290 5.34 105.59 3.20
CA TYR T 290 4.93 104.56 2.27
C TYR T 290 4.08 103.53 3.00
N THR T 291 3.32 102.77 2.23
CA THR T 291 2.61 101.60 2.74
C THR T 291 2.66 100.52 1.66
N ALA T 292 2.84 99.28 2.08
CA ALA T 292 2.95 98.17 1.14
C ALA T 292 2.35 96.92 1.74
N GLN T 293 1.66 96.15 0.91
CA GLN T 293 1.10 94.86 1.31
C GLN T 293 1.41 93.83 0.23
N VAL T 294 1.52 92.58 0.64
CA VAL T 294 1.96 91.50 -0.22
C VAL T 294 0.97 90.35 -0.12
N ASP T 295 0.54 89.83 -1.27
CA ASP T 295 -0.28 88.63 -1.33
C ASP T 295 0.50 87.52 -2.01
N ILE T 296 0.58 86.36 -1.35
CA ILE T 296 1.29 85.21 -1.87
C ILE T 296 0.33 84.04 -1.92
N GLN T 297 0.12 83.48 -3.11
CA GLN T 297 -0.71 82.30 -3.30
C GLN T 297 0.21 81.11 -3.55
N MET T 298 0.05 80.06 -2.76
CA MET T 298 0.93 78.89 -2.83
C MET T 298 0.11 77.65 -3.16
N ASP T 299 0.57 76.90 -4.16
CA ASP T 299 -0.03 75.63 -4.51
C ASP T 299 0.58 74.53 -3.65
N PHE T 300 -0.26 73.58 -3.25
CA PHE T 300 0.16 72.48 -2.40
C PHE T 300 -0.24 71.15 -3.00
N SER T 301 -0.15 71.03 -4.33
CA SER T 301 -0.44 69.77 -4.99
C SER T 301 0.65 68.76 -4.69
N ALA T 302 0.45 67.54 -5.17
CA ALA T 302 1.37 66.42 -4.94
C ALA T 302 1.73 65.76 -6.25
N VAL T 303 2.18 66.56 -7.21
CA VAL T 303 2.54 66.05 -8.53
C VAL T 303 3.69 65.06 -8.41
N GLU T 304 3.65 64.01 -9.22
CA GLU T 304 4.69 62.99 -9.23
C GLU T 304 4.69 62.37 -10.63
N GLN T 305 5.70 62.68 -11.43
CA GLN T 305 5.71 62.41 -12.85
C GLN T 305 6.80 61.40 -13.19
N THR T 306 6.52 60.54 -14.18
CA THR T 306 7.49 59.58 -14.71
C THR T 306 7.49 59.70 -16.22
N ARG T 307 8.65 60.01 -16.80
CA ARG T 307 8.78 60.22 -18.22
C ARG T 307 9.72 59.18 -18.80
N LYS T 308 9.31 58.56 -19.90
CA LYS T 308 10.13 57.59 -20.62
C LYS T 308 10.26 58.07 -22.06
N ARG T 309 11.44 58.59 -22.40
CA ARG T 309 11.67 59.23 -23.68
C ARG T 309 12.68 58.43 -24.49
N PHE T 310 12.47 58.40 -25.80
CA PHE T 310 13.33 57.70 -26.75
C PHE T 310 13.94 58.69 -27.72
N ASP T 311 14.79 58.18 -28.60
CA ASP T 311 15.46 59.01 -29.60
C ASP T 311 15.23 58.38 -30.97
N PRO T 312 14.19 58.79 -31.69
CA PRO T 312 13.85 58.12 -32.95
C PRO T 312 14.91 58.24 -34.03
N ASN T 313 15.70 59.32 -34.04
CA ASN T 313 16.55 59.64 -35.17
C ASN T 313 17.94 59.03 -35.10
N THR T 314 18.28 58.31 -34.03
CA THR T 314 19.57 57.63 -33.91
C THR T 314 19.38 56.19 -33.44
N PRO T 315 18.82 55.33 -34.29
CA PRO T 315 18.73 53.91 -33.93
C PRO T 315 20.03 53.18 -34.21
N ALA T 316 20.23 52.08 -33.48
CA ALA T 316 21.40 51.23 -33.65
C ALA T 316 20.94 49.83 -33.97
N THR T 317 21.32 49.32 -35.13
CA THR T 317 20.86 48.00 -35.55
C THR T 317 21.55 46.91 -34.73
N ARG T 318 20.76 46.05 -34.10
CA ARG T 318 21.27 44.96 -33.29
C ARG T 318 21.46 43.69 -34.09
N SER T 319 20.40 43.23 -34.76
CA SER T 319 20.47 42.10 -35.68
C SER T 319 19.80 42.52 -36.98
N GLU T 320 20.16 41.83 -38.07
CA GLU T 320 19.65 42.24 -39.37
C GLU T 320 19.64 41.03 -40.30
N TYR T 321 18.54 40.88 -41.03
CA TYR T 321 18.41 39.89 -42.09
C TYR T 321 17.98 40.60 -43.35
N ALA T 322 18.55 40.20 -44.49
CA ALA T 322 18.25 40.85 -45.76
C ALA T 322 18.37 39.83 -46.87
N LEU T 323 17.24 39.48 -47.48
CA LEU T 323 17.19 38.59 -48.63
C LEU T 323 16.78 39.40 -49.85
N GLU T 324 17.55 39.26 -50.93
CA GLU T 324 17.35 40.06 -52.15
C GLU T 324 17.67 39.18 -53.36
N ASP T 325 16.65 38.56 -53.94
CA ASP T 325 16.83 37.70 -55.09
C ASP T 325 16.14 38.29 -56.31
N TYR T 326 16.71 37.99 -57.49
CA TYR T 326 16.20 38.46 -58.77
C TYR T 326 15.93 37.26 -59.67
N ASN T 327 15.39 37.53 -60.85
CA ASN T 327 15.17 36.51 -61.86
C ASN T 327 15.12 37.14 -63.25
N GLY T 365 12.15 41.40 -64.55
CA GLY T 365 11.71 40.13 -64.01
C GLY T 365 11.35 40.20 -62.54
N SER T 366 11.26 39.04 -61.90
CA SER T 366 10.94 38.97 -60.48
C SER T 366 12.02 39.63 -59.66
N VAL T 367 11.61 40.43 -58.68
CA VAL T 367 12.52 41.09 -57.76
C VAL T 367 11.90 41.02 -56.38
N ARG T 368 12.44 40.17 -55.50
CA ARG T 368 11.93 39.99 -54.15
C ARG T 368 12.94 40.55 -53.15
N LYS T 369 12.49 41.47 -52.30
CA LYS T 369 13.36 42.16 -51.34
C LYS T 369 12.79 41.98 -49.94
N GLU T 370 13.12 40.87 -49.30
CA GLU T 370 12.73 40.68 -47.90
C GLU T 370 13.76 41.30 -46.98
N SER T 371 13.30 41.70 -45.80
CA SER T 371 14.18 42.37 -44.84
C SER T 371 13.57 42.29 -43.45
N THR T 372 14.41 42.03 -42.47
CA THR T 372 14.03 42.04 -41.06
C THR T 372 15.11 42.77 -40.28
N ARG T 373 14.71 43.62 -39.35
CA ARG T 373 15.66 44.47 -38.66
C ARG T 373 15.21 44.68 -37.22
N ASN T 374 16.16 44.59 -36.29
CA ASN T 374 15.93 44.88 -34.89
C ASN T 374 16.79 46.06 -34.46
N PHE T 375 16.25 46.95 -33.64
CA PHE T 375 16.93 48.18 -33.29
C PHE T 375 17.07 48.32 -31.79
N GLU T 376 18.06 49.12 -31.41
CA GLU T 376 18.28 49.57 -30.04
C GLU T 376 18.26 51.09 -30.05
N LEU T 377 17.58 51.68 -29.07
CA LEU T 377 17.30 53.11 -29.06
C LEU T 377 17.74 53.72 -27.74
N ASP T 378 18.11 54.99 -27.79
CA ASP T 378 18.44 55.73 -26.57
C ASP T 378 17.20 55.84 -25.70
N THR T 379 17.32 55.46 -24.44
CA THR T 379 16.19 55.38 -23.53
C THR T 379 16.51 56.19 -22.28
N THR T 380 15.74 57.25 -22.04
CA THR T 380 15.86 58.05 -20.83
C THR T 380 14.60 57.83 -19.99
N ILE T 381 14.79 57.53 -18.71
CA ILE T 381 13.68 57.30 -17.80
C ILE T 381 13.90 58.20 -16.59
N SER T 382 13.11 59.27 -16.50
CA SER T 382 13.26 60.26 -15.44
C SER T 382 12.03 60.27 -14.55
N HIS T 383 12.23 60.11 -13.25
CA HIS T 383 11.16 60.17 -12.26
C HIS T 383 11.34 61.43 -11.44
N GLU T 384 10.40 62.36 -11.55
CA GLU T 384 10.44 63.64 -10.86
C GLU T 384 9.33 63.71 -9.83
N ARG T 385 9.61 64.33 -8.69
CA ARG T 385 8.61 64.51 -7.63
C ARG T 385 8.68 65.95 -7.18
N LYS T 386 7.70 66.75 -7.58
CA LYS T 386 7.72 68.18 -7.30
C LYS T 386 7.54 68.45 -5.81
N GLN T 387 8.12 69.54 -5.34
CA GLN T 387 7.88 69.99 -3.98
C GLN T 387 6.43 70.45 -3.83
N THR T 388 5.85 70.15 -2.67
CA THR T 388 4.44 70.41 -2.43
C THR T 388 4.09 71.88 -2.55
N GLY T 389 4.55 72.69 -1.60
CA GLY T 389 4.18 74.09 -1.56
C GLY T 389 5.07 74.99 -2.41
N THR T 390 4.54 75.49 -3.52
CA THR T 390 5.28 76.37 -4.42
C THR T 390 4.48 77.64 -4.65
N VAL T 391 5.17 78.78 -4.64
CA VAL T 391 4.53 80.07 -4.89
C VAL T 391 4.03 80.10 -6.33
N ALA T 392 2.72 80.02 -6.53
CA ALA T 392 2.14 80.02 -7.87
C ALA T 392 1.91 81.42 -8.40
N ARG T 393 1.65 82.38 -7.54
CA ARG T 393 1.44 83.77 -7.95
C ARG T 393 1.76 84.67 -6.78
N GLN T 394 2.37 85.82 -7.09
CA GLN T 394 2.77 86.78 -6.08
C GLN T 394 2.32 88.17 -6.50
N THR T 395 1.65 88.87 -5.59
CA THR T 395 1.13 90.21 -5.84
C THR T 395 1.69 91.15 -4.79
N VAL T 396 2.29 92.25 -5.23
CA VAL T 396 2.84 93.26 -4.34
C VAL T 396 2.35 94.62 -4.79
N SER T 397 1.85 95.42 -3.84
CA SER T 397 1.42 96.78 -4.11
C SER T 397 2.07 97.72 -3.10
N VAL T 398 2.62 98.82 -3.59
CA VAL T 398 3.28 99.82 -2.76
C VAL T 398 2.67 101.17 -3.08
N ALA T 399 2.29 101.91 -2.04
CA ALA T 399 1.74 103.25 -2.18
C ALA T 399 2.64 104.24 -1.47
N ILE T 400 3.01 105.30 -2.18
CA ILE T 400 3.95 106.30 -1.69
C ILE T 400 3.20 107.58 -1.38
N LYS T 401 3.45 108.14 -0.21
CA LYS T 401 2.78 109.37 0.19
C LYS T 401 3.23 110.53 -0.69
N ASP T 402 2.26 111.33 -1.13
CA ASP T 402 2.57 112.51 -1.91
C ASP T 402 3.12 113.63 -1.04
N ARG T 403 3.90 114.51 -1.65
CA ARG T 403 4.49 115.66 -0.97
C ARG T 403 5.31 115.22 0.25
N PRO T 417 3.26 114.87 -5.09
CA PRO T 417 3.42 113.57 -5.76
C PRO T 417 4.88 113.21 -6.01
N MET T 418 5.10 112.10 -6.71
CA MET T 418 6.44 111.63 -7.05
C MET T 418 6.55 111.47 -8.55
N SER T 419 7.71 111.87 -9.09
CA SER T 419 7.91 111.86 -10.53
C SER T 419 7.94 110.43 -11.07
N GLU T 420 7.68 110.32 -12.37
CA GLU T 420 7.65 109.01 -13.02
C GLU T 420 9.01 108.33 -12.96
N SER T 421 10.09 109.10 -13.09
CA SER T 421 11.43 108.52 -13.08
C SER T 421 11.71 107.85 -11.74
N GLU T 422 11.40 108.51 -10.63
CA GLU T 422 11.66 107.92 -9.33
C GLU T 422 10.70 106.76 -9.04
N ILE T 423 9.47 106.83 -9.55
CA ILE T 423 8.55 105.71 -9.41
C ILE T 423 9.12 104.48 -10.11
N ASN T 424 9.63 104.66 -11.32
CA ASN T 424 10.21 103.54 -12.06
C ASN T 424 11.49 103.04 -11.41
N ALA T 425 12.28 103.94 -10.81
CA ALA T 425 13.47 103.51 -10.09
C ALA T 425 13.10 102.67 -8.87
N ILE T 426 12.08 103.08 -8.12
CA ILE T 426 11.61 102.29 -7.00
C ILE T 426 11.09 100.94 -7.47
N ARG T 427 10.38 100.93 -8.61
CA ARG T 427 9.91 99.67 -9.17
C ARG T 427 11.08 98.77 -9.53
N GLN T 428 12.15 99.34 -10.10
CA GLN T 428 13.33 98.55 -10.43
C GLN T 428 13.98 97.97 -9.19
N VAL T 429 14.06 98.74 -8.11
CA VAL T 429 14.62 98.22 -6.87
C VAL T 429 13.77 97.07 -6.34
N LEU T 430 12.45 97.26 -6.34
CA LEU T 430 11.56 96.21 -5.87
C LEU T 430 11.71 94.94 -6.70
N ILE T 431 11.87 95.10 -8.01
CA ILE T 431 12.17 93.97 -8.89
C ILE T 431 13.59 93.51 -8.57
N GLY T 432 13.69 92.43 -7.79
CA GLY T 432 14.98 92.06 -7.24
C GLY T 432 14.93 92.11 -5.72
N THR T 433 14.28 93.14 -5.17
CA THR T 433 13.97 93.09 -3.75
C THR T 433 13.00 91.95 -3.44
N VAL T 434 11.98 91.78 -4.27
CA VAL T 434 10.98 90.75 -4.05
C VAL T 434 11.22 89.51 -4.90
N GLY T 435 11.94 89.62 -6.02
CA GLY T 435 12.08 88.51 -6.93
C GLY T 435 10.94 88.47 -7.92
N PHE T 436 10.66 89.60 -8.55
CA PHE T 436 9.54 89.70 -9.48
C PHE T 436 9.72 88.72 -10.63
N ASP T 437 8.65 87.98 -10.93
CA ASP T 437 8.65 86.93 -11.96
C ASP T 437 7.36 87.07 -12.75
N GLN T 438 7.42 87.84 -13.84
CA GLN T 438 6.22 88.08 -14.64
C GLN T 438 5.72 86.81 -15.29
N GLY T 439 6.64 85.94 -15.73
CA GLY T 439 6.23 84.69 -16.36
C GLY T 439 5.44 83.78 -15.44
N ARG T 440 5.59 83.95 -14.13
CA ARG T 440 4.80 83.21 -13.16
C ARG T 440 3.41 83.80 -12.96
N GLY T 441 3.15 84.98 -13.51
CA GLY T 441 1.90 85.67 -13.30
C GLY T 441 1.95 86.69 -12.17
N ASP T 442 3.13 87.00 -11.64
CA ASP T 442 3.24 87.94 -10.55
C ASP T 442 2.89 89.35 -11.02
N LEU T 443 2.51 90.19 -10.06
CA LEU T 443 2.08 91.55 -10.34
C LEU T 443 2.67 92.49 -9.31
N LEU T 444 3.15 93.64 -9.78
CA LEU T 444 3.79 94.63 -8.92
C LEU T 444 3.24 96.01 -9.28
N ASN T 445 2.49 96.60 -8.37
CA ASN T 445 1.93 97.94 -8.55
C ASN T 445 2.66 98.91 -7.64
N VAL T 446 3.09 100.04 -8.19
CA VAL T 446 3.68 101.13 -7.42
C VAL T 446 2.92 102.40 -7.76
N LEU T 447 2.27 102.99 -6.76
CA LEU T 447 1.43 104.16 -6.98
C LEU T 447 1.86 105.28 -6.04
N SER T 448 1.53 106.51 -6.41
CA SER T 448 1.73 107.68 -5.57
C SER T 448 0.36 108.21 -5.17
N VAL T 449 0.02 108.05 -3.89
CA VAL T 449 -1.30 108.40 -3.38
C VAL T 449 -1.16 109.46 -2.29
N LYS T 450 -2.29 110.05 -1.93
CA LYS T 450 -2.33 111.11 -0.92
C LYS T 450 -2.73 110.49 0.42
N PHE T 451 -1.79 110.43 1.35
CA PHE T 451 -2.10 109.95 2.68
C PHE T 451 -2.88 111.00 3.45
N ALA T 452 -3.81 110.53 4.28
CA ALA T 452 -4.63 111.43 5.09
C ALA T 452 -4.02 111.61 6.47
N ALA U 255 -18.10 63.75 10.54
CA ALA U 255 -17.65 64.60 9.43
C ALA U 255 -18.20 66.01 9.56
N SER U 256 -19.31 66.17 10.30
CA SER U 256 -19.87 67.51 10.47
C SER U 256 -18.92 68.39 11.27
N ALA U 257 -18.15 67.80 12.19
CA ALA U 257 -17.09 68.56 12.84
C ALA U 257 -16.07 69.05 11.83
N ALA U 258 -15.75 68.22 10.84
CA ALA U 258 -14.87 68.66 9.76
C ALA U 258 -15.47 69.83 9.00
N ARG U 259 -16.77 69.78 8.74
CA ARG U 259 -17.42 70.90 8.05
C ARG U 259 -17.37 72.17 8.89
N ARG U 260 -17.56 72.03 10.21
CA ARG U 260 -17.45 73.17 11.11
C ARG U 260 -16.06 73.79 11.03
N LYS U 261 -15.02 72.95 11.06
CA LYS U 261 -13.66 73.48 10.97
C LYS U 261 -13.38 74.08 9.60
N GLU U 262 -14.02 73.59 8.55
CA GLU U 262 -13.91 74.24 7.24
C GLU U 262 -14.50 75.65 7.26
N GLN U 263 -15.66 75.79 7.91
CA GLN U 263 -16.23 77.13 8.09
C GLN U 263 -15.27 78.02 8.87
N GLU U 264 -14.64 77.46 9.90
CA GLU U 264 -13.66 78.22 10.68
C GLU U 264 -12.49 78.68 9.79
N LEU U 265 -12.02 77.79 8.92
CA LEU U 265 -10.94 78.15 8.01
C LEU U 265 -11.35 79.30 7.10
N GLU U 266 -12.55 79.22 6.54
CA GLU U 266 -13.02 80.29 5.66
C GLU U 266 -13.10 81.61 6.41
N ARG U 267 -13.64 81.59 7.63
CA ARG U 267 -13.76 82.82 8.41
C ARG U 267 -12.39 83.37 8.77
N SER U 268 -11.43 82.49 9.08
CA SER U 268 -10.07 82.95 9.38
C SER U 268 -9.43 83.63 8.18
N GLN U 269 -9.61 83.04 6.99
CA GLN U 269 -9.09 83.67 5.78
C GLN U 269 -9.70 85.05 5.57
N GLU U 270 -11.02 85.16 5.75
CA GLU U 270 -11.68 86.45 5.60
C GLU U 270 -11.13 87.46 6.59
N GLN U 271 -10.92 87.02 7.83
CA GLN U 271 -10.39 87.92 8.86
C GLN U 271 -8.99 88.41 8.51
N ALA U 272 -8.14 87.51 8.01
CA ALA U 272 -6.79 87.89 7.62
C ALA U 272 -6.81 88.91 6.49
N LEU U 273 -7.66 88.68 5.49
CA LEU U 273 -7.76 89.62 4.39
C LEU U 273 -8.27 90.97 4.88
N ARG U 274 -9.23 90.98 5.80
CA ARG U 274 -9.70 92.23 6.38
C ARG U 274 -8.59 92.95 7.12
N GLU U 275 -7.76 92.19 7.84
CA GLU U 275 -6.64 92.80 8.56
C GLU U 275 -5.68 93.47 7.58
N LYS U 276 -5.37 92.80 6.47
CA LYS U 276 -4.49 93.40 5.47
C LYS U 276 -5.12 94.65 4.86
N ILE U 277 -6.43 94.60 4.58
CA ILE U 277 -7.13 95.76 4.04
C ILE U 277 -7.01 96.94 4.99
N ASP U 278 -7.22 96.68 6.28
CA ASP U 278 -7.06 97.75 7.27
C ASP U 278 -5.64 98.27 7.30
N SER U 279 -4.65 97.36 7.27
CA SER U 279 -3.25 97.78 7.35
C SER U 279 -2.87 98.67 6.18
N VAL U 280 -3.54 98.52 5.05
CA VAL U 280 -3.28 99.36 3.89
C VAL U 280 -4.08 100.66 3.94
N LEU U 281 -5.36 100.60 4.31
CA LEU U 281 -6.23 101.76 4.14
C LEU U 281 -6.22 102.70 5.35
N LEU U 282 -5.89 102.20 6.54
CA LEU U 282 -5.89 103.05 7.72
C LEU U 282 -4.92 104.23 7.60
N PRO U 283 -3.67 104.06 7.15
CA PRO U 283 -2.83 105.24 6.90
C PRO U 283 -3.34 106.11 5.77
N ILE U 284 -3.77 105.49 4.66
CA ILE U 284 -4.13 106.25 3.47
C ILE U 284 -5.39 107.08 3.71
N LEU U 285 -6.43 106.44 4.25
CA LEU U 285 -7.72 107.12 4.39
C LEU U 285 -7.95 107.69 5.77
N GLY U 286 -7.55 106.96 6.81
CA GLY U 286 -7.76 107.37 8.18
C GLY U 286 -8.67 106.41 8.91
N TYR U 287 -8.93 106.75 10.18
CA TYR U 287 -9.73 105.90 11.05
C TYR U 287 -11.19 106.30 10.92
N GLY U 288 -12.03 105.33 10.54
CA GLY U 288 -13.46 105.58 10.42
C GLY U 288 -13.91 106.23 9.14
N ASN U 289 -13.01 106.46 8.20
CA ASN U 289 -13.36 107.04 6.91
C ASN U 289 -13.68 105.99 5.85
N TYR U 290 -13.64 104.71 6.20
CA TYR U 290 -13.88 103.64 5.25
C TYR U 290 -14.52 102.46 5.97
N THR U 291 -15.15 101.59 5.19
CA THR U 291 -15.61 100.30 5.68
C THR U 291 -15.41 99.28 4.57
N ALA U 292 -15.00 98.07 4.95
CA ALA U 292 -14.71 97.04 3.97
C ALA U 292 -15.06 95.67 4.55
N GLN U 293 -15.63 94.81 3.71
CA GLN U 293 -15.92 93.44 4.08
C GLN U 293 -15.48 92.51 2.97
N VAL U 294 -15.12 91.29 3.34
CA VAL U 294 -14.52 90.32 2.44
C VAL U 294 -15.29 89.02 2.52
N ASP U 295 -15.65 88.45 1.37
CA ASP U 295 -16.25 87.13 1.29
C ASP U 295 -15.29 86.20 0.57
N ILE U 296 -14.98 85.06 1.19
CA ILE U 296 -14.10 84.06 0.62
C ILE U 296 -14.84 82.74 0.56
N GLN U 297 -14.97 82.18 -0.64
CA GLN U 297 -15.57 80.87 -0.85
C GLN U 297 -14.47 79.88 -1.16
N MET U 298 -14.41 78.79 -0.40
CA MET U 298 -13.34 77.81 -0.52
C MET U 298 -13.92 76.44 -0.87
N ASP U 299 -13.37 75.82 -1.90
CA ASP U 299 -13.74 74.47 -2.27
C ASP U 299 -12.93 73.48 -1.46
N PHE U 300 -13.57 72.38 -1.07
CA PHE U 300 -12.93 71.35 -0.26
C PHE U 300 -13.11 69.99 -0.90
N SER U 301 -13.03 69.92 -2.23
CA SER U 301 -13.11 68.65 -2.92
C SER U 301 -11.84 67.84 -2.67
N ALA U 302 -11.83 66.61 -3.18
CA ALA U 302 -10.73 65.68 -3.00
C ALA U 302 -10.28 65.13 -4.34
N VAL U 303 -10.01 66.03 -5.29
CA VAL U 303 -9.60 65.61 -6.63
C VAL U 303 -8.29 64.84 -6.56
N GLU U 304 -8.17 63.83 -7.40
CA GLU U 304 -6.96 63.01 -7.48
C GLU U 304 -6.88 62.44 -8.88
N GLN U 305 -5.97 62.95 -9.69
CA GLN U 305 -5.95 62.72 -11.12
C GLN U 305 -4.70 61.94 -11.52
N THR U 306 -4.85 61.07 -12.52
CA THR U 306 -3.75 60.31 -13.10
C THR U 306 -3.80 60.45 -14.61
N ARG U 307 -2.74 60.98 -15.20
CA ARG U 307 -2.68 61.26 -16.62
C ARG U 307 -1.58 60.42 -17.25
N LYS U 308 -1.90 59.76 -18.36
CA LYS U 308 -0.94 58.97 -19.13
C LYS U 308 -0.93 59.50 -20.55
N ARG U 309 0.11 60.24 -20.90
CA ARG U 309 0.20 60.94 -22.16
C ARG U 309 1.31 60.35 -23.03
N PHE U 310 1.08 60.32 -24.33
CA PHE U 310 2.02 59.80 -25.31
C PHE U 310 2.42 60.92 -26.27
N ASP U 311 3.32 60.59 -27.19
CA ASP U 311 3.80 61.55 -28.18
C ASP U 311 3.65 60.93 -29.56
N PRO U 312 2.53 61.17 -30.24
CA PRO U 312 2.28 60.48 -31.52
C PRO U 312 3.29 60.81 -32.61
N ASN U 313 3.85 62.01 -32.61
CA ASN U 313 4.61 62.52 -33.75
C ASN U 313 6.10 62.16 -33.72
N THR U 314 6.58 61.48 -32.68
CA THR U 314 7.97 61.05 -32.61
C THR U 314 8.06 59.59 -32.18
N PRO U 315 7.64 58.66 -33.04
CA PRO U 315 7.81 57.25 -32.73
C PRO U 315 9.22 56.77 -33.06
N ALA U 316 9.64 55.71 -32.37
CA ALA U 316 10.94 55.09 -32.58
C ALA U 316 10.73 53.63 -32.93
N THR U 317 11.16 53.22 -34.13
CA THR U 317 10.94 51.85 -34.56
C THR U 317 11.83 50.89 -33.78
N ARG U 318 11.22 49.89 -33.18
CA ARG U 318 11.93 48.88 -32.40
C ARG U 318 12.33 47.68 -33.25
N SER U 319 11.36 47.06 -33.91
CA SER U 319 11.60 45.99 -34.86
C SER U 319 10.83 46.31 -36.13
N GLU U 320 11.28 45.73 -37.24
CA GLU U 320 10.68 46.06 -38.53
C GLU U 320 10.85 44.90 -39.49
N TYR U 321 9.78 44.57 -40.20
CA TYR U 321 9.80 43.60 -41.28
C TYR U 321 9.22 44.26 -42.52
N ALA U 322 9.82 44.00 -43.68
CA ALA U 322 9.37 44.61 -44.92
C ALA U 322 9.64 43.66 -46.06
N LEU U 323 8.58 43.12 -46.66
CA LEU U 323 8.66 42.26 -47.83
C LEU U 323 8.09 43.02 -49.02
N GLU U 324 8.84 43.06 -50.13
CA GLU U 324 8.47 43.83 -51.31
C GLU U 324 8.91 43.05 -52.54
N ASP U 325 7.99 42.27 -53.13
CA ASP U 325 8.29 41.49 -54.31
C ASP U 325 7.48 41.97 -55.50
N TYR U 326 8.06 41.81 -56.70
CA TYR U 326 7.45 42.21 -57.94
C TYR U 326 7.37 41.02 -58.88
N ASN U 327 6.75 41.21 -60.04
CA ASN U 327 6.69 40.19 -61.08
C ASN U 327 6.50 40.83 -62.44
N GLY U 365 2.78 44.52 -63.55
CA GLY U 365 2.59 43.18 -63.03
C GLY U 365 2.25 43.14 -61.56
N SER U 366 2.40 41.97 -60.95
CA SER U 366 2.13 41.81 -59.54
C SER U 366 3.10 42.63 -58.71
N VAL U 367 2.58 43.33 -57.70
CA VAL U 367 3.38 44.12 -56.78
C VAL U 367 2.81 43.90 -55.39
N ARG U 368 3.52 43.14 -54.54
CA ARG U 368 3.09 42.84 -53.19
C ARG U 368 4.01 43.55 -52.20
N LYS U 369 3.43 44.35 -51.32
CA LYS U 369 4.19 45.14 -50.36
C LYS U 369 3.69 44.84 -48.94
N GLU U 370 4.23 43.79 -48.34
CA GLU U 370 3.92 43.49 -46.95
C GLU U 370 4.85 44.26 -46.03
N SER U 371 4.36 44.56 -44.82
CA SER U 371 5.12 45.34 -43.87
C SER U 371 4.57 45.12 -42.47
N THR U 372 5.48 44.99 -41.51
CA THR U 372 5.14 44.89 -40.10
C THR U 372 6.10 45.78 -39.32
N ARG U 373 5.57 46.52 -38.35
CA ARG U 373 6.37 47.52 -37.66
C ARG U 373 5.93 47.61 -36.21
N ASN U 374 6.90 47.68 -35.30
CA ASN U 374 6.66 47.88 -33.89
C ASN U 374 7.32 49.18 -33.45
N PHE U 375 6.63 49.93 -32.59
CA PHE U 375 7.08 51.26 -32.21
C PHE U 375 7.25 51.38 -30.71
N GLU U 376 8.08 52.34 -30.33
CA GLU U 376 8.26 52.79 -28.96
C GLU U 376 7.97 54.29 -28.92
N LEU U 377 7.22 54.71 -27.90
CA LEU U 377 6.69 56.07 -27.86
C LEU U 377 7.05 56.72 -26.52
N ASP U 378 7.18 58.04 -26.54
CA ASP U 378 7.41 58.78 -25.31
C ASP U 378 6.19 58.65 -24.41
N THR U 379 6.41 58.27 -23.16
CA THR U 379 5.33 57.98 -22.23
C THR U 379 5.54 58.78 -20.97
N THR U 380 4.60 59.69 -20.68
CA THR U 380 4.60 60.46 -19.45
C THR U 380 3.43 60.00 -18.59
N ILE U 381 3.70 59.71 -17.32
CA ILE U 381 2.68 59.25 -16.39
C ILE U 381 2.76 60.15 -15.17
N SER U 382 1.80 61.05 -15.02
CA SER U 382 1.80 62.03 -13.94
C SER U 382 0.61 61.80 -13.02
N HIS U 383 0.86 61.65 -11.74
CA HIS U 383 -0.17 61.49 -10.73
C HIS U 383 -0.20 62.74 -9.86
N GLU U 384 -1.29 63.49 -9.93
CA GLU U 384 -1.46 64.73 -9.20
C GLU U 384 -2.55 64.57 -8.14
N ARG U 385 -2.34 65.20 -6.99
CA ARG U 385 -3.33 65.18 -5.91
C ARG U 385 -3.51 66.60 -5.41
N LYS U 386 -4.63 67.22 -5.77
CA LYS U 386 -4.85 68.62 -5.45
C LYS U 386 -5.05 68.81 -3.95
N GLN U 387 -4.66 69.98 -3.46
CA GLN U 387 -4.93 70.34 -2.08
C GLN U 387 -6.44 70.53 -1.89
N THR U 388 -6.93 70.10 -0.73
CA THR U 388 -8.35 70.10 -0.45
C THR U 388 -8.97 71.49 -0.51
N GLY U 389 -8.63 72.35 0.44
CA GLY U 389 -9.25 73.65 0.52
C GLY U 389 -8.56 74.70 -0.31
N THR U 390 -9.21 75.13 -1.39
CA THR U 390 -8.65 76.16 -2.27
C THR U 390 -9.67 77.27 -2.45
N VAL U 391 -9.21 78.51 -2.43
CA VAL U 391 -10.07 79.66 -2.62
C VAL U 391 -10.60 79.65 -4.05
N ALA U 392 -11.89 79.33 -4.22
CA ALA U 392 -12.49 79.27 -5.54
C ALA U 392 -12.98 80.61 -6.04
N ARG U 393 -13.38 81.50 -5.14
CA ARG U 393 -13.86 82.82 -5.50
C ARG U 393 -13.66 83.75 -4.32
N GLN U 394 -13.28 84.99 -4.60
CA GLN U 394 -13.04 85.98 -3.57
C GLN U 394 -13.74 87.28 -3.95
N THR U 395 -14.50 87.82 -3.00
CA THR U 395 -15.26 89.04 -3.20
C THR U 395 -14.85 90.05 -2.13
N VAL U 396 -14.46 91.25 -2.56
CA VAL U 396 -14.08 92.32 -1.65
C VAL U 396 -14.82 93.59 -2.04
N SER U 397 -15.43 94.26 -1.06
CA SER U 397 -16.11 95.52 -1.28
C SER U 397 -15.62 96.53 -0.26
N VAL U 398 -15.28 97.72 -0.73
CA VAL U 398 -14.79 98.81 0.12
C VAL U 398 -15.64 100.05 -0.15
N ALA U 399 -16.12 100.68 0.92
CA ALA U 399 -16.91 101.89 0.83
C ALA U 399 -16.18 103.01 1.55
N ILE U 400 -16.02 104.13 0.87
CA ILE U 400 -15.26 105.28 1.36
C ILE U 400 -16.23 106.40 1.72
N LYS U 401 -16.06 106.96 2.91
CA LYS U 401 -16.92 108.04 3.36
C LYS U 401 -16.71 109.27 2.50
N ASP U 402 -17.82 109.91 2.11
CA ASP U 402 -17.75 111.14 1.34
C ASP U 402 -17.38 112.31 2.25
N ARG U 403 -16.80 113.35 1.65
CA ARG U 403 -16.40 114.55 2.35
C ARG U 403 -15.49 114.25 3.54
N PRO U 417 -17.58 113.66 -1.77
CA PRO U 417 -17.21 112.42 -2.47
C PRO U 417 -15.71 112.35 -2.77
N MET U 418 -15.32 111.32 -3.51
CA MET U 418 -13.92 111.10 -3.88
C MET U 418 -13.82 111.00 -5.40
N SER U 419 -12.78 111.61 -5.95
CA SER U 419 -12.61 111.69 -7.39
C SER U 419 -12.35 110.31 -7.98
N GLU U 420 -12.61 110.18 -9.28
CA GLU U 420 -12.42 108.90 -9.96
C GLU U 420 -10.96 108.47 -9.95
N SER U 421 -10.03 109.42 -10.09
CA SER U 421 -8.62 109.10 -10.11
C SER U 421 -8.17 108.44 -8.81
N GLU U 422 -8.58 109.03 -7.67
CA GLU U 422 -8.19 108.45 -6.39
C GLU U 422 -8.90 107.14 -6.12
N ILE U 423 -10.14 107.00 -6.60
CA ILE U 423 -10.84 105.71 -6.47
C ILE U 423 -10.08 104.63 -7.21
N ASN U 424 -9.64 104.94 -8.44
CA ASN U 424 -8.90 103.95 -9.21
C ASN U 424 -7.52 103.68 -8.61
N ALA U 425 -6.90 104.68 -8.00
CA ALA U 425 -5.63 104.46 -7.32
C ALA U 425 -5.80 103.53 -6.11
N ILE U 426 -6.87 103.75 -5.34
CA ILE U 426 -7.15 102.85 -4.22
C ILE U 426 -7.44 101.44 -4.73
N ARG U 427 -8.16 101.34 -5.85
CA ARG U 427 -8.41 100.02 -6.44
C ARG U 427 -7.12 99.35 -6.85
N GLN U 428 -6.18 100.13 -7.42
CA GLN U 428 -4.88 99.57 -7.81
C GLN U 428 -4.10 99.08 -6.60
N VAL U 429 -4.14 99.83 -5.50
CA VAL U 429 -3.45 99.38 -4.29
C VAL U 429 -4.07 98.09 -3.77
N LEU U 430 -5.40 98.03 -3.74
CA LEU U 430 -6.08 96.82 -3.28
C LEU U 430 -5.74 95.63 -4.16
N ILE U 431 -5.63 95.85 -5.46
CA ILE U 431 -5.16 94.81 -6.38
C ILE U 431 -3.68 94.60 -6.10
N GLY U 432 -3.36 93.55 -5.36
CA GLY U 432 -2.01 93.40 -4.84
C GLY U 432 -2.02 93.40 -3.33
N THR U 433 -2.83 94.28 -2.73
CA THR U 433 -3.09 94.15 -1.31
C THR U 433 -3.83 92.86 -1.00
N VAL U 434 -4.82 92.51 -1.82
CA VAL U 434 -5.62 91.31 -1.61
C VAL U 434 -5.19 90.15 -2.50
N GLY U 435 -4.54 90.42 -3.62
CA GLY U 435 -4.21 89.38 -4.57
C GLY U 435 -5.35 89.16 -5.54
N PHE U 436 -5.85 90.24 -6.13
CA PHE U 436 -6.99 90.16 -7.03
C PHE U 436 -6.68 89.25 -8.21
N ASP U 437 -7.61 88.34 -8.51
CA ASP U 437 -7.44 87.33 -9.57
C ASP U 437 -8.76 87.26 -10.33
N GLN U 438 -8.86 88.06 -11.40
CA GLN U 438 -10.10 88.10 -12.17
C GLN U 438 -10.39 86.77 -12.84
N GLY U 439 -9.35 86.09 -13.33
CA GLY U 439 -9.54 84.81 -13.98
C GLY U 439 -10.12 83.75 -13.08
N ARG U 440 -9.97 83.91 -11.77
CA ARG U 440 -10.60 83.01 -10.79
C ARG U 440 -12.05 83.34 -10.56
N GLY U 441 -12.54 84.47 -11.06
CA GLY U 441 -13.88 84.92 -10.80
C GLY U 441 -13.99 85.89 -9.65
N ASP U 442 -12.87 86.39 -9.13
CA ASP U 442 -12.91 87.32 -8.02
C ASP U 442 -13.51 88.65 -8.44
N LEU U 443 -14.01 89.39 -7.45
CA LEU U 443 -14.68 90.65 -7.68
C LEU U 443 -14.25 91.66 -6.64
N LEU U 444 -14.00 92.89 -7.07
CA LEU U 444 -13.52 93.95 -6.20
C LEU U 444 -14.32 95.21 -6.51
N ASN U 445 -15.14 95.64 -5.57
CA ASN U 445 -15.93 96.86 -5.70
C ASN U 445 -15.36 97.93 -4.77
N VAL U 446 -15.16 99.13 -5.30
CA VAL U 446 -14.76 100.29 -4.51
C VAL U 446 -15.75 101.40 -4.80
N LEU U 447 -16.46 101.85 -3.77
CA LEU U 447 -17.51 102.85 -3.93
C LEU U 447 -17.26 104.00 -2.97
N SER U 448 -17.82 105.16 -3.30
CA SER U 448 -17.80 106.33 -2.43
C SER U 448 -19.23 106.60 -1.98
N VAL U 449 -19.51 106.34 -0.70
CA VAL U 449 -20.86 106.45 -0.15
C VAL U 449 -20.87 107.48 0.97
N LYS U 450 -22.08 107.84 1.37
CA LYS U 450 -22.29 108.85 2.41
C LYS U 450 -22.54 108.14 3.74
N PHE U 451 -21.57 108.22 4.64
CA PHE U 451 -21.75 107.66 5.97
C PHE U 451 -22.69 108.53 6.79
N ALA U 452 -23.50 107.89 7.62
CA ALA U 452 -24.44 108.60 8.48
C ALA U 452 -23.84 108.86 9.85
N ALA V 255 -28.97 59.16 12.81
CA ALA V 255 -28.72 60.10 11.72
C ALA V 255 -29.51 61.38 11.90
N SER V 256 -30.61 61.32 12.67
CA SER V 256 -31.39 62.53 12.89
C SER V 256 -30.60 63.56 13.70
N ALA V 257 -29.71 63.09 14.58
CA ALA V 257 -28.79 64.01 15.23
C ALA V 257 -27.89 64.71 14.21
N ALA V 258 -27.46 63.97 13.19
CA ALA V 258 -26.69 64.59 12.11
C ALA V 258 -27.52 65.65 11.40
N ARG V 259 -28.80 65.37 11.16
CA ARG V 259 -29.66 66.37 10.52
C ARG V 259 -29.82 67.61 11.40
N ARG V 260 -29.94 67.40 12.71
CA ARG V 260 -30.02 68.52 13.64
C ARG V 260 -28.77 69.38 13.55
N LYS V 261 -27.59 68.74 13.53
CA LYS V 261 -26.35 69.51 13.43
C LYS V 261 -26.21 70.19 12.08
N GLU V 262 -26.79 69.61 11.03
CA GLU V 262 -26.82 70.31 9.73
C GLU V 262 -27.67 71.58 9.81
N GLN V 263 -28.81 71.50 10.49
CA GLN V 263 -29.61 72.70 10.72
C GLN V 263 -28.81 73.74 11.50
N GLU V 264 -28.05 73.28 12.50
CA GLU V 264 -27.20 74.18 13.28
C GLU V 264 -26.16 74.86 12.39
N LEU V 265 -25.56 74.10 11.48
CA LEU V 265 -24.59 74.67 10.55
C LEU V 265 -25.22 75.75 9.68
N GLU V 266 -26.41 75.47 9.15
CA GLU V 266 -27.08 76.46 8.31
C GLU V 266 -27.38 77.73 9.10
N ARG V 267 -27.88 77.58 10.33
CA ARG V 267 -28.19 78.73 11.15
C ARG V 267 -26.93 79.52 11.49
N SER V 268 -25.83 78.83 11.76
CA SER V 268 -24.56 79.50 12.04
C SER V 268 -24.08 80.32 10.85
N GLN V 269 -24.19 79.74 9.65
CA GLN V 269 -23.82 80.49 8.44
C GLN V 269 -24.68 81.73 8.29
N GLU V 270 -25.98 81.60 8.50
CA GLU V 270 -26.87 82.75 8.40
C GLU V 270 -26.48 83.83 9.41
N GLN V 271 -26.16 83.40 10.64
CA GLN V 271 -25.79 84.36 11.68
C GLN V 271 -24.50 85.10 11.31
N ALA V 272 -23.52 84.37 10.77
CA ALA V 272 -22.26 85.00 10.36
C ALA V 272 -22.50 86.03 9.26
N LEU V 273 -23.32 85.67 8.28
CA LEU V 273 -23.62 86.62 7.20
C LEU V 273 -24.35 87.84 7.74
N ARG V 274 -25.27 87.64 8.68
CA ARG V 274 -25.95 88.78 9.31
C ARG V 274 -24.97 89.67 10.05
N GLU V 275 -23.99 89.05 10.73
CA GLU V 275 -22.98 89.84 11.44
C GLU V 275 -22.18 90.69 10.46
N LYS V 276 -21.79 90.11 9.32
CA LYS V 276 -21.06 90.89 8.32
C LYS V 276 -21.92 92.02 7.77
N ILE V 277 -23.20 91.74 7.51
CA ILE V 277 -24.10 92.77 7.02
C ILE V 277 -24.18 93.93 8.00
N ASP V 278 -24.30 93.61 9.29
CA ASP V 278 -24.32 94.65 10.31
C ASP V 278 -23.01 95.42 10.32
N SER V 279 -21.87 94.71 10.24
CA SER V 279 -20.58 95.37 10.30
C SER V 279 -20.40 96.35 9.15
N VAL V 280 -21.04 96.11 8.03
CA VAL V 280 -20.98 97.01 6.90
C VAL V 280 -22.00 98.15 7.00
N LEU V 281 -23.24 97.84 7.39
CA LEU V 281 -24.31 98.83 7.28
C LEU V 281 -24.43 99.72 8.51
N LEU V 282 -23.99 99.26 9.68
CA LEU V 282 -24.10 100.07 10.89
C LEU V 282 -23.38 101.40 10.78
N PRO V 283 -22.11 101.47 10.29
CA PRO V 283 -21.51 102.78 10.05
C PRO V 283 -22.21 103.58 8.97
N ILE V 284 -22.54 102.92 7.86
CA ILE V 284 -23.06 103.64 6.69
C ILE V 284 -24.45 104.22 6.99
N LEU V 285 -25.34 103.40 7.53
CA LEU V 285 -26.73 103.82 7.72
C LEU V 285 -27.02 104.30 9.12
N GLY V 286 -26.47 103.63 10.12
CA GLY V 286 -26.71 103.98 11.51
C GLY V 286 -27.42 102.84 12.24
N TYR V 287 -27.69 103.10 13.52
CA TYR V 287 -28.31 102.09 14.38
C TYR V 287 -29.82 102.23 14.30
N GLY V 288 -30.49 101.15 13.90
CA GLY V 288 -31.93 101.12 13.83
C GLY V 288 -32.53 101.72 12.57
N ASN V 289 -31.71 102.13 11.62
CA ASN V 289 -32.20 102.67 10.36
C ASN V 289 -32.34 101.60 9.28
N TYR V 290 -32.06 100.34 9.59
CA TYR V 290 -32.14 99.27 8.61
C TYR V 290 -32.53 97.97 9.31
N THR V 291 -33.02 97.03 8.52
CA THR V 291 -33.23 95.66 8.98
C THR V 291 -32.87 94.72 7.84
N ALA V 292 -32.25 93.60 8.17
CA ALA V 292 -31.80 92.65 7.16
C ALA V 292 -31.88 91.24 7.70
N GLN V 293 -32.32 90.31 6.85
CA GLN V 293 -32.34 88.90 7.19
C GLN V 293 -31.77 88.10 6.04
N VAL V 294 -31.18 86.95 6.37
CA VAL V 294 -30.45 86.13 5.42
C VAL V 294 -30.97 84.70 5.49
N ASP V 295 -31.25 84.12 4.32
CA ASP V 295 -31.59 82.71 4.22
C ASP V 295 -30.51 81.98 3.45
N ILE V 296 -29.99 80.90 4.03
CA ILE V 296 -28.95 80.09 3.41
C ILE V 296 -29.45 78.66 3.33
N GLN V 297 -29.51 78.12 2.11
CA GLN V 297 -29.87 76.73 1.88
C GLN V 297 -28.62 75.97 1.52
N MET V 298 -28.34 74.88 2.24
CA MET V 298 -27.12 74.12 2.07
C MET V 298 -27.46 72.68 1.69
N ASP V 299 -26.83 72.19 0.63
CA ASP V 299 -26.95 70.80 0.23
C ASP V 299 -25.95 69.96 1.00
N PHE V 300 -26.37 68.75 1.37
CA PHE V 300 -25.55 67.83 2.13
C PHE V 300 -25.49 66.48 1.46
N SER V 301 -25.44 66.46 0.13
CA SER V 301 -25.31 65.22 -0.60
C SER V 301 -23.91 64.63 -0.40
N ALA V 302 -23.69 63.44 -0.96
CA ALA V 302 -22.43 62.72 -0.83
C ALA V 302 -21.93 62.29 -2.19
N VAL V 303 -21.86 63.25 -3.12
CA VAL V 303 -21.42 62.95 -4.48
C VAL V 303 -19.99 62.43 -4.46
N GLU V 304 -19.71 61.48 -5.34
CA GLU V 304 -18.37 60.89 -5.45
C GLU V 304 -18.23 60.37 -6.88
N GLN V 305 -17.44 61.07 -7.70
CA GLN V 305 -17.42 60.87 -9.13
C GLN V 305 -16.06 60.34 -9.58
N THR V 306 -16.08 59.48 -10.61
CA THR V 306 -14.87 58.96 -11.23
C THR V 306 -15.00 59.13 -12.73
N ARG V 307 -14.06 59.85 -13.33
CA ARG V 307 -14.09 60.16 -14.74
C ARG V 307 -12.88 59.56 -15.42
N LYS V 308 -13.09 58.88 -16.54
CA LYS V 308 -12.04 58.29 -17.35
C LYS V 308 -12.16 58.85 -18.76
N ARG V 309 -11.28 59.77 -19.11
CA ARG V 309 -11.35 60.52 -20.35
C ARG V 309 -10.17 60.16 -21.26
N PHE V 310 -10.44 60.11 -22.56
CA PHE V 310 -9.45 59.80 -23.57
C PHE V 310 -9.28 60.99 -24.51
N ASP V 311 -8.36 60.86 -25.45
CA ASP V 311 -8.08 61.92 -26.43
C ASP V 311 -8.15 61.32 -27.82
N PRO V 312 -9.32 61.36 -28.47
CA PRO V 312 -9.47 60.66 -29.76
C PRO V 312 -8.58 61.20 -30.87
N ASN V 313 -8.23 62.48 -30.84
CA ASN V 313 -7.61 63.15 -31.98
C ASN V 313 -6.08 63.07 -32.00
N THR V 314 -5.45 62.47 -30.98
CA THR V 314 -4.01 62.29 -30.96
C THR V 314 -3.65 60.86 -30.58
N PRO V 315 -3.91 59.89 -31.46
CA PRO V 315 -3.48 58.52 -31.18
C PRO V 315 -2.02 58.30 -31.56
N ALA V 316 -1.41 57.33 -30.91
CA ALA V 316 -0.02 56.95 -31.17
C ALA V 316 0.02 55.49 -31.56
N THR V 317 0.49 55.21 -32.78
CA THR V 317 0.51 53.83 -33.25
C THR V 317 1.58 53.03 -32.53
N ARG V 318 1.17 51.90 -31.92
CA ARG V 318 2.08 51.03 -31.20
C ARG V 318 2.66 49.94 -32.09
N SER V 319 1.80 49.17 -32.74
CA SER V 319 2.21 48.19 -33.73
C SER V 319 1.37 48.40 -34.98
N GLU V 320 1.87 47.94 -36.12
CA GLU V 320 1.19 48.19 -37.37
C GLU V 320 1.54 47.09 -38.37
N TYR V 321 0.53 46.60 -39.07
CA TYR V 321 0.70 45.68 -40.18
C TYR V 321 -0.04 46.24 -41.38
N ALA V 322 0.57 46.13 -42.56
CA ALA V 322 0.00 46.69 -43.78
C ALA V 322 0.41 45.83 -44.96
N LEU V 323 -0.56 45.12 -45.54
CA LEU V 323 -0.36 44.33 -46.74
C LEU V 323 -1.09 44.99 -47.89
N GLU V 324 -0.39 45.19 -49.01
CA GLU V 324 -0.94 45.91 -50.16
C GLU V 324 -0.39 45.27 -51.44
N ASP V 325 -1.16 44.35 -52.02
CA ASP V 325 -0.76 43.66 -53.23
C ASP V 325 -1.67 44.02 -54.39
N TYR V 326 -1.11 43.99 -55.60
CA TYR V 326 -1.82 44.31 -56.82
C TYR V 326 -1.70 43.13 -57.79
N ASN V 327 -2.37 43.25 -58.93
CA ASN V 327 -2.28 42.25 -59.99
C ASN V 327 -2.62 42.89 -61.34
N GLY V 365 -6.98 45.87 -62.25
CA GLY V 365 -6.91 44.50 -61.78
C GLY V 365 -7.20 44.37 -60.29
N SER V 366 -6.82 43.22 -59.73
CA SER V 366 -7.02 42.99 -58.31
C SER V 366 -6.19 43.95 -57.48
N VAL V 367 -6.80 44.52 -56.44
CA VAL V 367 -6.13 45.42 -55.51
C VAL V 367 -6.61 45.06 -54.11
N ARG V 368 -5.76 44.42 -53.31
CA ARG V 368 -6.09 44.02 -51.96
C ARG V 368 -5.28 44.85 -50.97
N LYS V 369 -5.97 45.51 -50.05
CA LYS V 369 -5.35 46.41 -49.08
C LYS V 369 -5.74 45.99 -47.68
N GLU V 370 -5.01 45.04 -47.11
CA GLU V 370 -5.22 44.65 -45.72
C GLU V 370 -4.42 45.55 -44.80
N SER V 371 -4.93 45.73 -43.57
CA SER V 371 -4.28 46.61 -42.62
C SER V 371 -4.74 46.25 -41.21
N THR V 372 -3.81 46.27 -40.27
CA THR V 372 -4.10 46.07 -38.86
C THR V 372 -3.29 47.11 -38.08
N ARG V 373 -3.92 47.71 -37.07
CA ARG V 373 -3.29 48.82 -36.37
C ARG V 373 -3.70 48.80 -34.91
N ASN V 374 -2.74 49.01 -34.02
CA ASN V 374 -2.97 49.13 -32.59
C ASN V 374 -2.54 50.51 -32.13
N PHE V 375 -3.32 51.12 -31.24
CA PHE V 375 -3.11 52.50 -30.83
C PHE V 375 -2.94 52.60 -29.33
N GLU V 376 -2.27 53.68 -28.94
CA GLU V 376 -2.14 54.13 -27.56
C GLU V 376 -2.70 55.54 -27.47
N LEU V 377 -3.49 55.81 -26.43
CA LEU V 377 -4.25 57.04 -26.33
C LEU V 377 -3.97 57.70 -24.99
N ASP V 378 -4.08 59.04 -24.97
CA ASP V 378 -3.96 59.77 -23.72
C ASP V 378 -5.11 59.40 -22.80
N THR V 379 -4.78 59.04 -21.57
CA THR V 379 -5.78 58.52 -20.62
C THR V 379 -5.68 59.32 -19.34
N THR V 380 -6.75 60.04 -19.01
CA THR V 380 -6.87 60.76 -17.75
C THR V 380 -7.91 60.08 -16.88
N ILE V 381 -7.56 59.81 -15.63
CA ILE V 381 -8.46 59.15 -14.69
C ILE V 381 -8.51 60.02 -13.44
N SER V 382 -9.61 60.74 -13.25
CA SER V 382 -9.76 61.67 -12.14
C SER V 382 -10.86 61.21 -11.20
N HIS V 383 -10.54 61.07 -9.93
CA HIS V 383 -11.51 60.70 -8.90
C HIS V 383 -11.74 61.91 -8.00
N GLU V 384 -12.95 62.43 -8.02
CA GLU V 384 -13.31 63.62 -7.25
C GLU V 384 -14.32 63.23 -6.18
N ARG V 385 -14.22 63.86 -5.01
CA ARG V 385 -15.15 63.63 -3.91
C ARG V 385 -15.57 64.99 -3.37
N LYS V 386 -16.79 65.40 -3.68
CA LYS V 386 -17.25 66.73 -3.32
C LYS V 386 -17.43 66.85 -1.81
N GLN V 387 -17.25 68.06 -1.29
CA GLN V 387 -17.55 68.32 0.10
C GLN V 387 -19.05 68.23 0.33
N THR V 388 -19.43 67.71 1.49
CA THR V 388 -20.83 67.43 1.81
C THR V 388 -21.69 68.68 1.80
N GLY V 389 -21.47 69.56 2.77
CA GLY V 389 -22.32 70.73 2.91
C GLY V 389 -21.85 71.92 2.09
N THR V 390 -22.60 72.26 1.03
CA THR V 390 -22.26 73.38 0.17
C THR V 390 -23.46 74.29 0.04
N VAL V 391 -23.22 75.60 0.09
CA VAL V 391 -24.30 76.58 -0.05
C VAL V 391 -24.85 76.50 -1.47
N ALA V 392 -26.06 75.97 -1.62
CA ALA V 392 -26.67 75.82 -2.93
C ALA V 392 -27.41 77.08 -3.37
N ARG V 393 -27.95 77.85 -2.43
CA ARG V 393 -28.66 79.08 -2.75
C ARG V 393 -28.60 80.00 -1.54
N GLN V 394 -28.46 81.29 -1.81
CA GLN V 394 -28.37 82.29 -0.75
C GLN V 394 -29.30 83.44 -1.06
N THR V 395 -30.12 83.81 -0.08
CA THR V 395 -31.10 84.89 -0.23
C THR V 395 -30.85 85.92 0.85
N VAL V 396 -30.70 87.18 0.46
CA VAL V 396 -30.48 88.28 1.39
C VAL V 396 -31.46 89.39 1.05
N SER V 397 -32.15 89.92 2.06
CA SER V 397 -33.05 91.05 1.89
C SER V 397 -32.72 92.11 2.93
N VAL V 398 -32.61 93.36 2.49
CA VAL V 398 -32.30 94.48 3.37
C VAL V 398 -33.37 95.55 3.15
N ALA V 399 -33.92 96.06 4.25
CA ALA V 399 -34.92 97.12 4.21
C ALA V 399 -34.37 98.33 4.95
N ILE V 400 -34.45 99.49 4.29
CA ILE V 400 -33.89 100.73 4.80
C ILE V 400 -35.04 101.64 5.22
N LYS V 401 -34.94 102.20 6.42
CA LYS V 401 -35.96 103.10 6.92
C LYS V 401 -36.01 104.37 6.09
N ASP V 402 -37.21 104.80 5.75
CA ASP V 402 -37.39 106.04 5.01
C ASP V 402 -37.22 107.24 5.95
N ARG V 403 -36.85 108.37 5.36
CA ARG V 403 -36.65 109.62 6.09
C ARG V 403 -35.67 109.46 7.25
N PRO V 417 -37.76 108.63 1.97
CA PRO V 417 -37.20 107.51 1.22
C PRO V 417 -35.73 107.70 0.89
N MET V 418 -35.16 106.78 0.12
CA MET V 418 -33.76 106.83 -0.30
C MET V 418 -33.69 106.80 -1.81
N SER V 419 -32.77 107.60 -2.37
CA SER V 419 -32.67 107.73 -3.81
C SER V 419 -32.18 106.43 -4.44
N GLU V 420 -32.45 106.29 -5.74
CA GLU V 420 -32.05 105.09 -6.46
C GLU V 420 -30.54 104.93 -6.50
N SER V 421 -29.81 106.04 -6.63
CA SER V 421 -28.35 105.96 -6.70
C SER V 421 -27.77 105.38 -5.42
N GLU V 422 -28.23 105.85 -4.26
CA GLU V 422 -27.71 105.32 -3.00
C GLU V 422 -28.17 103.89 -2.76
N ILE V 423 -29.38 103.54 -3.21
CA ILE V 423 -29.84 102.16 -3.11
C ILE V 423 -28.92 101.24 -3.91
N ASN V 424 -28.57 101.65 -5.13
CA ASN V 424 -27.68 100.84 -5.94
C ASN V 424 -26.27 100.80 -5.37
N ALA V 425 -25.82 101.89 -4.75
CA ALA V 425 -24.51 101.88 -4.10
C ALA V 425 -24.48 100.91 -2.93
N ILE V 426 -25.53 100.90 -2.12
CA ILE V 426 -25.63 99.94 -1.03
C ILE V 426 -25.67 98.53 -1.58
N ARG V 427 -26.39 98.32 -2.67
CA ARG V 427 -26.42 97.00 -3.30
C ARG V 427 -25.04 96.58 -3.76
N GLN V 428 -24.27 97.52 -4.32
CA GLN V 428 -22.91 97.21 -4.76
C GLN V 428 -22.02 96.85 -3.58
N VAL V 429 -22.16 97.55 -2.46
CA VAL V 429 -21.37 97.21 -1.27
C VAL V 429 -21.74 95.80 -0.78
N LEU V 430 -23.03 95.51 -0.73
CA LEU V 430 -23.48 94.19 -0.28
C LEU V 430 -22.94 93.10 -1.20
N ILE V 431 -22.90 93.37 -2.51
CA ILE V 431 -22.29 92.46 -3.46
C ILE V 431 -20.78 92.51 -3.22
N GLY V 432 -20.26 91.52 -2.52
CA GLY V 432 -18.90 91.60 -2.03
C GLY V 432 -18.87 91.56 -0.52
N THR V 433 -19.81 92.26 0.12
CA THR V 433 -19.99 92.05 1.54
C THR V 433 -20.48 90.63 1.82
N VAL V 434 -21.43 90.14 1.02
CA VAL V 434 -21.98 88.80 1.21
C VAL V 434 -21.37 87.77 0.28
N GLY V 435 -20.81 88.19 -0.85
CA GLY V 435 -20.33 87.25 -1.84
C GLY V 435 -21.43 86.84 -2.79
N PHE V 436 -22.13 87.83 -3.34
CA PHE V 436 -23.27 87.57 -4.21
C PHE V 436 -22.83 86.76 -5.43
N ASP V 437 -23.59 85.70 -5.73
CA ASP V 437 -23.26 84.78 -6.83
C ASP V 437 -24.57 84.48 -7.56
N GLN V 438 -24.85 85.27 -8.60
CA GLN V 438 -26.10 85.11 -9.34
C GLN V 438 -26.15 83.77 -10.05
N GLY V 439 -25.02 83.30 -10.57
CA GLY V 439 -25.00 82.02 -11.26
C GLY V 439 -25.36 80.85 -10.37
N ARG V 440 -25.21 81.00 -9.06
CA ARG V 440 -25.62 79.99 -8.11
C ARG V 440 -27.12 80.04 -7.82
N GLY V 441 -27.80 81.07 -8.29
CA GLY V 441 -29.20 81.26 -7.98
C GLY V 441 -29.46 82.17 -6.80
N ASP V 442 -28.43 82.85 -6.29
CA ASP V 442 -28.61 83.73 -5.15
C ASP V 442 -29.45 84.95 -5.52
N LEU V 443 -30.04 85.55 -4.49
CA LEU V 443 -30.94 86.68 -4.67
C LEU V 443 -30.66 87.73 -3.61
N LEU V 444 -30.66 88.98 -4.02
CA LEU V 444 -30.36 90.10 -3.12
C LEU V 444 -31.37 91.20 -3.38
N ASN V 445 -32.23 91.45 -2.41
CA ASN V 445 -33.23 92.51 -2.48
C ASN V 445 -32.84 93.64 -1.54
N VAL V 446 -32.87 94.87 -2.04
CA VAL V 446 -32.66 96.06 -1.22
C VAL V 446 -33.84 96.98 -1.45
N LEU V 447 -34.60 97.26 -0.40
CA LEU V 447 -35.81 98.08 -0.51
C LEU V 447 -35.74 99.22 0.48
N SER V 448 -36.51 100.27 0.20
CA SER V 448 -36.68 101.40 1.10
C SER V 448 -38.13 101.39 1.59
N VAL V 449 -38.32 101.06 2.87
CA VAL V 449 -39.64 100.90 3.44
C VAL V 449 -39.81 101.89 4.60
N LYS V 450 -41.06 102.02 5.04
CA LYS V 450 -41.41 102.95 6.11
C LYS V 450 -41.49 102.17 7.42
N PHE V 451 -40.54 102.41 8.31
CA PHE V 451 -40.58 101.79 9.62
C PHE V 451 -41.64 102.45 10.49
N ALA V 452 -42.29 101.65 11.32
CA ALA V 452 -43.33 102.16 12.21
C ALA V 452 -42.74 102.49 13.58
N ALA W 255 -38.77 52.62 15.19
CA ALA W 255 -38.72 53.61 14.11
C ALA W 255 -39.73 54.73 14.35
N SER W 256 -40.78 54.46 15.13
CA SER W 256 -41.76 55.51 15.41
C SER W 256 -41.14 56.62 16.24
N ALA W 257 -40.15 56.31 17.08
CA ALA W 257 -39.40 57.36 17.74
C ALA W 257 -38.67 58.24 16.73
N ALA W 258 -38.15 57.62 15.67
CA ALA W 258 -37.54 58.39 14.59
C ALA W 258 -38.55 59.31 13.93
N ARG W 259 -39.76 58.80 13.70
CA ARG W 259 -40.81 59.65 13.12
C ARG W 259 -41.17 60.81 14.04
N ARG W 260 -41.22 60.55 15.35
CA ARG W 260 -41.46 61.62 16.31
C ARG W 260 -40.39 62.69 16.22
N LYS W 261 -39.12 62.27 16.16
CA LYS W 261 -38.04 63.26 16.05
C LYS W 261 -38.06 63.98 14.71
N GLU W 262 -38.56 63.34 13.66
CA GLU W 262 -38.76 64.05 12.39
C GLU W 262 -39.80 65.14 12.52
N GLN W 263 -40.90 64.85 13.22
CA GLN W 263 -41.90 65.87 13.51
C GLN W 263 -41.27 67.02 14.30
N GLU W 264 -40.42 66.68 15.27
CA GLU W 264 -39.73 67.69 16.05
C GLU W 264 -38.85 68.57 15.16
N LEU W 265 -38.14 67.96 14.22
CA LEU W 265 -37.32 68.73 13.28
C LEU W 265 -38.15 69.69 12.46
N GLU W 266 -39.28 69.21 11.95
CA GLU W 266 -40.14 70.08 11.15
C GLU W 266 -40.65 71.26 11.99
N ARG W 267 -41.08 70.99 13.22
CA ARG W 267 -41.57 72.05 14.08
C ARG W 267 -40.46 73.05 14.42
N SER W 268 -39.24 72.56 14.64
CA SER W 268 -38.11 73.44 14.92
C SER W 268 -37.83 74.36 13.74
N GLN W 269 -37.86 73.81 12.53
CA GLN W 269 -37.67 74.63 11.34
C GLN W 269 -38.74 75.71 11.24
N GLU W 270 -40.00 75.33 11.47
CA GLU W 270 -41.07 76.32 11.43
C GLU W 270 -40.86 77.41 12.46
N GLN W 271 -40.43 77.03 13.67
CA GLN W 271 -40.21 78.01 14.72
C GLN W 271 -39.09 78.96 14.35
N ALA W 272 -38.01 78.45 13.77
CA ALA W 272 -36.90 79.31 13.35
C ALA W 272 -37.34 80.30 12.28
N LEU W 273 -38.10 79.82 11.31
CA LEU W 273 -38.60 80.73 10.27
C LEU W 273 -39.52 81.79 10.86
N ARG W 274 -40.37 81.39 11.82
CA ARG W 274 -41.22 82.38 12.49
C ARG W 274 -40.39 83.41 13.23
N GLU W 275 -39.31 82.97 13.87
CA GLU W 275 -38.43 83.90 14.58
C GLU W 275 -37.84 84.91 13.61
N LYS W 276 -37.37 84.45 12.45
CA LYS W 276 -36.82 85.36 11.46
C LYS W 276 -37.88 86.33 10.96
N ILE W 277 -39.10 85.84 10.72
CA ILE W 277 -40.19 86.70 10.28
C ILE W 277 -40.44 87.79 11.30
N ASP W 278 -40.47 87.43 12.58
CA ASP W 278 -40.65 88.42 13.63
C ASP W 278 -39.50 89.42 13.63
N SER W 279 -38.26 88.92 13.51
CA SER W 279 -37.10 89.81 13.56
C SER W 279 -37.13 90.83 12.44
N VAL W 280 -37.75 90.50 11.32
CA VAL W 280 -37.88 91.43 10.22
C VAL W 280 -39.09 92.36 10.38
N LEU W 281 -40.24 91.82 10.79
CA LEU W 281 -41.47 92.61 10.73
C LEU W 281 -41.72 93.44 11.99
N LEU W 282 -41.18 93.03 13.13
CA LEU W 282 -41.39 93.78 14.36
C LEU W 282 -40.92 95.22 14.28
N PRO W 283 -39.71 95.53 13.77
CA PRO W 283 -39.36 96.94 13.56
C PRO W 283 -40.22 97.62 12.51
N ILE W 284 -40.45 96.94 11.38
CA ILE W 284 -41.13 97.57 10.26
C ILE W 284 -42.58 97.88 10.60
N LEU W 285 -43.31 96.91 11.14
CA LEU W 285 -44.74 97.08 11.36
C LEU W 285 -45.07 97.46 12.79
N GLY W 286 -44.38 96.88 13.75
CA GLY W 286 -44.64 97.12 15.16
C GLY W 286 -45.11 95.87 15.87
N TYR W 287 -45.39 96.03 17.15
CA TYR W 287 -45.80 94.92 18.01
C TYR W 287 -47.31 94.77 17.96
N GLY W 288 -47.78 93.60 17.55
CA GLY W 288 -49.20 93.32 17.51
C GLY W 288 -49.92 93.83 16.28
N ASN W 289 -49.22 94.40 15.32
CA ASN W 289 -49.83 94.88 14.08
C ASN W 289 -49.81 93.83 12.98
N TYR W 290 -49.31 92.63 13.25
CA TYR W 290 -49.22 91.60 12.23
C TYR W 290 -49.35 90.24 12.90
N THR W 291 -49.68 89.24 12.10
CA THR W 291 -49.63 87.85 12.52
C THR W 291 -49.14 87.01 11.35
N ALA W 292 -48.31 86.02 11.63
CA ALA W 292 -47.73 85.19 10.59
C ALA W 292 -47.54 83.77 11.09
N GLN W 293 -47.82 82.81 10.22
CA GLN W 293 -47.59 81.40 10.52
C GLN W 293 -46.91 80.74 9.33
N VAL W 294 -46.13 79.71 9.61
CA VAL W 294 -45.28 79.06 8.61
C VAL W 294 -45.52 77.56 8.66
N ASP W 295 -45.73 76.96 7.49
CA ASP W 295 -45.82 75.52 7.35
C ASP W 295 -44.64 75.02 6.53
N ILE W 296 -43.92 74.04 7.07
CA ILE W 296 -42.78 73.45 6.40
C ILE W 296 -43.01 71.95 6.29
N GLN W 297 -43.01 71.44 5.07
CA GLN W 297 -43.12 70.01 4.80
C GLN W 297 -41.75 69.49 4.38
N MET W 298 -41.27 68.47 5.07
CA MET W 298 -39.93 67.93 4.85
C MET W 298 -40.02 66.47 4.44
N ASP W 299 -39.35 66.13 3.35
CA ASP W 299 -39.23 64.75 2.91
C ASP W 299 -38.07 64.07 3.63
N PHE W 300 -38.26 62.81 3.97
CA PHE W 300 -37.26 62.03 4.69
C PHE W 300 -36.98 60.73 3.98
N SER W 301 -36.96 60.76 2.65
CA SER W 301 -36.63 59.57 1.88
C SER W 301 -35.14 59.25 2.03
N ALA W 302 -34.73 58.13 1.44
CA ALA W 302 -33.36 57.65 1.52
C ALA W 302 -32.82 57.35 0.13
N VAL W 303 -32.95 58.33 -0.77
CA VAL W 303 -32.49 58.15 -2.15
C VAL W 303 -30.99 57.89 -2.18
N GLU W 304 -30.56 57.02 -3.09
CA GLU W 304 -29.16 56.69 -3.24
C GLU W 304 -28.97 56.25 -4.69
N GLN W 305 -28.34 57.10 -5.51
CA GLN W 305 -28.32 56.94 -6.95
C GLN W 305 -26.89 56.68 -7.44
N THR W 306 -26.79 55.86 -8.49
CA THR W 306 -25.52 55.57 -9.16
C THR W 306 -25.71 55.76 -10.65
N ARG W 307 -24.94 56.65 -11.25
CA ARG W 307 -25.06 56.98 -12.65
C ARG W 307 -23.78 56.62 -13.37
N LYS W 308 -23.91 55.94 -14.50
CA LYS W 308 -22.77 55.58 -15.36
C LYS W 308 -23.05 56.14 -16.74
N ARG W 309 -22.35 57.22 -17.08
CA ARG W 309 -22.59 57.97 -18.31
C ARG W 309 -21.39 57.85 -19.24
N PHE W 310 -21.68 57.79 -20.54
CA PHE W 310 -20.67 57.69 -21.59
C PHE W 310 -20.74 58.91 -22.49
N ASP W 311 -19.84 58.98 -23.46
CA ASP W 311 -19.78 60.09 -24.40
C ASP W 311 -19.78 59.51 -25.81
N PRO W 312 -20.95 59.37 -26.44
CA PRO W 312 -21.02 58.70 -27.74
C PRO W 312 -20.26 59.41 -28.85
N ASN W 313 -20.15 60.73 -28.79
CA ASN W 313 -19.68 61.52 -29.93
C ASN W 313 -18.18 61.72 -29.98
N THR W 314 -17.43 61.22 -29.00
CA THR W 314 -15.97 61.30 -29.01
C THR W 314 -15.34 59.95 -28.68
N PRO W 315 -15.45 58.97 -29.58
CA PRO W 315 -14.77 57.69 -29.36
C PRO W 315 -13.32 57.76 -29.77
N ALA W 316 -12.52 56.89 -29.16
CA ALA W 316 -11.09 56.78 -29.47
C ALA W 316 -10.79 55.36 -29.90
N THR W 317 -10.32 55.19 -31.14
CA THR W 317 -10.07 53.85 -31.65
C THR W 317 -8.85 53.24 -30.97
N ARG W 318 -9.03 52.05 -30.40
CA ARG W 318 -7.96 51.33 -29.72
C ARG W 318 -7.22 50.39 -30.65
N SER W 319 -7.94 49.50 -31.31
CA SER W 319 -7.40 48.63 -32.33
C SER W 319 -8.30 48.71 -33.56
N GLU W 320 -7.74 48.38 -34.72
CA GLU W 320 -8.50 48.53 -35.95
C GLU W 320 -7.98 47.55 -36.99
N TYR W 321 -8.90 46.89 -37.68
CA TYR W 321 -8.60 46.05 -38.82
C TYR W 321 -9.45 46.50 -39.99
N ALA W 322 -8.86 46.52 -41.18
CA ALA W 322 -9.57 47.00 -42.37
C ALA W 322 -9.05 46.25 -43.58
N LEU W 323 -9.88 45.41 -44.16
CA LEU W 323 -9.58 44.70 -45.39
C LEU W 323 -10.44 45.24 -46.51
N GLU W 324 -9.82 45.60 -47.64
CA GLU W 324 -10.51 46.24 -48.75
C GLU W 324 -9.90 45.72 -50.06
N ASP W 325 -10.51 44.70 -50.65
CA ASP W 325 -10.02 44.13 -51.89
C ASP W 325 -11.02 44.34 -53.01
N TYR W 326 -10.50 44.45 -54.24
CA TYR W 326 -11.28 44.66 -55.43
C TYR W 326 -10.97 43.56 -56.44
N ASN W 327 -11.69 43.57 -57.56
CA ASN W 327 -11.45 42.64 -58.66
C ASN W 327 -11.93 43.24 -59.97
N GLY W 365 -16.77 45.41 -60.70
CA GLY W 365 -16.45 44.07 -60.27
C GLY W 365 -16.67 43.85 -58.78
N SER W 366 -16.08 42.78 -58.27
CA SER W 366 -16.20 42.46 -56.85
C SER W 366 -15.52 43.54 -56.01
N VAL W 367 -16.20 43.96 -54.94
CA VAL W 367 -15.68 44.94 -54.00
C VAL W 367 -16.05 44.47 -52.60
N ARG W 368 -15.08 43.99 -51.84
CA ARG W 368 -15.29 43.48 -50.49
C ARG W 368 -14.62 44.42 -49.50
N LYS W 369 -15.40 44.92 -48.54
CA LYS W 369 -14.91 45.90 -47.56
C LYS W 369 -15.19 45.38 -46.15
N GLU W 370 -14.28 44.57 -45.64
CA GLU W 370 -14.39 44.11 -44.25
C GLU W 370 -13.74 45.12 -43.33
N SER W 371 -14.23 45.17 -42.09
CA SER W 371 -13.73 46.13 -41.12
C SER W 371 -14.09 45.66 -39.71
N THR W 372 -13.14 45.82 -38.80
CA THR W 372 -13.35 45.55 -37.38
C THR W 372 -12.73 46.68 -36.59
N ARG W 373 -13.43 47.14 -35.55
CA ARG W 373 -12.98 48.32 -34.83
C ARG W 373 -13.35 48.19 -33.36
N ASN W 374 -12.41 48.55 -32.49
CA ASN W 374 -12.63 48.60 -31.06
C ASN W 374 -12.44 50.02 -30.56
N PHE W 375 -13.29 50.44 -29.63
CA PHE W 375 -13.32 51.83 -29.19
C PHE W 375 -13.13 51.93 -27.70
N GLU W 376 -12.66 53.11 -27.28
CA GLU W 376 -12.57 53.52 -25.89
C GLU W 376 -13.38 54.82 -25.75
N LEU W 377 -14.17 54.90 -24.69
CA LEU W 377 -15.14 55.98 -24.53
C LEU W 377 -14.95 56.65 -23.18
N ASP W 378 -15.30 57.93 -23.12
CA ASP W 378 -15.27 58.65 -21.85
C ASP W 378 -16.31 58.06 -20.92
N THR W 379 -15.90 57.73 -19.70
CA THR W 379 -16.76 57.02 -18.75
C THR W 379 -16.77 57.79 -17.45
N THR W 380 -17.95 58.30 -17.07
CA THR W 380 -18.15 58.96 -15.79
C THR W 380 -19.03 58.08 -14.92
N ILE W 381 -18.61 57.84 -13.69
CA ILE W 381 -19.34 57.01 -12.75
C ILE W 381 -19.51 57.83 -11.47
N SER W 382 -20.72 58.32 -11.24
CA SER W 382 -21.00 59.18 -10.09
C SER W 382 -21.98 58.50 -9.15
N HIS W 383 -21.61 58.40 -7.89
CA HIS W 383 -22.46 57.83 -6.85
C HIS W 383 -22.88 58.95 -5.91
N GLU W 384 -24.18 59.26 -5.89
CA GLU W 384 -24.73 60.33 -5.07
C GLU W 384 -25.62 59.74 -3.99
N ARG W 385 -25.59 60.36 -2.81
CA ARG W 385 -26.44 59.93 -1.70
C ARG W 385 -27.07 61.18 -1.11
N LYS W 386 -28.36 61.37 -1.38
CA LYS W 386 -29.05 62.58 -0.97
C LYS W 386 -29.20 62.62 0.55
N GLN W 387 -29.23 63.84 1.10
CA GLN W 387 -29.54 64.01 2.51
C GLN W 387 -31.00 63.64 2.77
N THR W 388 -31.23 63.03 3.92
CA THR W 388 -32.55 62.49 4.25
C THR W 388 -33.62 63.58 4.30
N GLY W 389 -33.55 64.45 5.29
CA GLY W 389 -34.58 65.45 5.48
C GLY W 389 -34.36 66.72 4.69
N THR W 390 -35.18 66.94 3.66
CA THR W 390 -35.08 68.13 2.82
C THR W 390 -36.42 68.82 2.75
N VAL W 391 -36.43 70.14 2.84
CA VAL W 391 -37.65 70.92 2.74
C VAL W 391 -38.23 70.78 1.34
N ALA W 392 -39.33 70.04 1.20
CA ALA W 392 -39.94 69.81 -0.11
C ALA W 392 -40.90 70.92 -0.49
N ARG W 393 -41.54 71.57 0.48
CA ARG W 393 -42.47 72.65 0.21
C ARG W 393 -42.55 73.53 1.45
N GLN W 394 -42.64 74.84 1.21
CA GLN W 394 -42.70 75.81 2.31
C GLN W 394 -43.84 76.78 2.04
N THR W 395 -44.69 76.99 3.05
CA THR W 395 -45.84 77.86 2.95
C THR W 395 -45.75 78.89 4.07
N VAL W 396 -45.84 80.18 3.70
CA VAL W 396 -45.80 81.27 4.66
C VAL W 396 -46.97 82.20 4.38
N SER W 397 -47.72 82.56 5.42
CA SER W 397 -48.81 83.51 5.30
C SER W 397 -48.64 84.59 6.37
N VAL W 398 -48.78 85.85 5.96
CA VAL W 398 -48.65 86.99 6.86
C VAL W 398 -49.90 87.85 6.70
N ALA W 399 -50.51 88.22 7.82
CA ALA W 399 -51.68 89.09 7.84
C ALA W 399 -51.35 90.36 8.60
N ILE W 400 -51.64 91.50 7.98
CA ILE W 400 -51.30 92.81 8.52
C ILE W 400 -52.58 93.49 8.98
N LYS W 401 -52.55 94.02 10.19
CA LYS W 401 -53.71 94.71 10.75
C LYS W 401 -54.01 95.97 9.96
N ASP W 402 -55.28 96.19 9.65
CA ASP W 402 -55.70 97.40 8.96
C ASP W 402 -55.72 98.58 9.92
N ARG W 403 -55.57 99.78 9.36
CA ARG W 403 -55.58 101.03 10.12
C ARG W 403 -54.55 101.01 11.26
N PRO W 417 -56.60 99.96 6.01
CA PRO W 417 -55.86 98.97 5.21
C PRO W 417 -54.47 99.43 4.84
N MET W 418 -53.77 98.65 4.04
CA MET W 418 -52.41 98.95 3.60
C MET W 418 -52.37 98.97 2.08
N SER W 419 -51.64 99.94 1.53
CA SER W 419 -51.59 100.13 0.09
C SER W 419 -50.89 98.95 -0.59
N GLU W 420 -51.16 98.81 -1.89
CA GLU W 420 -50.58 97.71 -2.66
C GLU W 420 -49.07 97.83 -2.73
N SER W 421 -48.55 99.05 -2.84
CA SER W 421 -47.10 99.24 -2.94
C SER W 421 -46.39 98.74 -1.70
N GLU W 422 -46.90 99.10 -0.51
CA GLU W 422 -46.26 98.64 0.72
C GLU W 422 -46.45 97.14 0.93
N ILE W 423 -47.59 96.59 0.49
CA ILE W 423 -47.79 95.14 0.56
C ILE W 423 -46.74 94.42 -0.28
N ASN W 424 -46.50 94.92 -1.49
CA ASN W 424 -45.50 94.31 -2.35
C ASN W 424 -44.09 94.51 -1.82
N ALA W 425 -43.82 95.65 -1.18
CA ALA W 425 -42.52 95.86 -0.56
C ALA W 425 -42.29 94.88 0.59
N ILE W 426 -43.31 94.66 1.42
CA ILE W 426 -43.20 93.67 2.49
C ILE W 426 -42.99 92.28 1.90
N ARG W 427 -43.70 91.97 0.81
CA ARG W 427 -43.51 90.69 0.15
C ARG W 427 -42.08 90.54 -0.35
N GLN W 428 -41.51 91.62 -0.91
CA GLN W 428 -40.13 91.57 -1.38
C GLN W 428 -39.15 91.35 -0.23
N VAL W 429 -39.39 91.98 0.91
CA VAL W 429 -38.52 91.75 2.07
C VAL W 429 -38.62 90.30 2.52
N LEU W 430 -39.84 89.78 2.60
CA LEU W 430 -40.02 88.39 3.01
C LEU W 430 -39.32 87.44 2.05
N ILE W 431 -39.38 87.73 0.75
CA ILE W 431 -38.62 86.98 -0.24
C ILE W 431 -37.14 87.29 -0.03
N GLY W 432 -36.44 86.40 0.63
CA GLY W 432 -35.10 86.71 1.09
C GLY W 432 -35.03 86.64 2.60
N THR W 433 -36.06 87.14 3.28
CA THR W 433 -36.17 86.86 4.70
C THR W 433 -36.39 85.37 4.94
N VAL W 434 -37.24 84.74 4.15
CA VAL W 434 -37.54 83.32 4.31
C VAL W 434 -36.79 82.44 3.34
N GLY W 435 -36.33 82.97 2.21
CA GLY W 435 -35.72 82.17 1.18
C GLY W 435 -36.76 81.59 0.25
N PHE W 436 -37.64 82.45 -0.26
CA PHE W 436 -38.73 82.01 -1.12
C PHE W 436 -38.19 81.32 -2.36
N ASP W 437 -38.74 80.15 -2.68
CA ASP W 437 -38.30 79.33 -3.81
C ASP W 437 -39.55 78.83 -4.52
N GLN W 438 -39.99 79.57 -5.53
CA GLN W 438 -41.21 79.21 -6.25
C GLN W 438 -41.05 77.90 -6.99
N GLY W 439 -39.86 77.66 -7.56
CA GLY W 439 -39.61 76.42 -8.29
C GLY W 439 -39.74 75.18 -7.43
N ARG W 440 -39.58 75.32 -6.11
CA ARG W 440 -39.79 74.23 -5.18
C ARG W 440 -41.26 74.00 -4.86
N GLY W 441 -42.13 74.90 -5.28
CA GLY W 441 -43.53 74.84 -4.94
C GLY W 441 -43.92 75.66 -3.72
N ASP W 442 -43.02 76.50 -3.22
CA ASP W 442 -43.31 77.30 -2.05
C ASP W 442 -44.38 78.35 -2.36
N LEU W 443 -45.03 78.82 -1.31
CA LEU W 443 -46.13 79.76 -1.43
C LEU W 443 -46.02 80.81 -0.35
N LEU W 444 -46.24 82.07 -0.72
CA LEU W 444 -46.13 83.20 0.19
C LEU W 444 -47.33 84.10 0.00
N ASN W 445 -48.19 84.17 1.00
CA ASN W 445 -49.37 85.03 0.98
C ASN W 445 -49.17 86.19 1.94
N VAL W 446 -49.43 87.40 1.48
CA VAL W 446 -49.41 88.59 2.33
C VAL W 446 -50.75 89.29 2.15
N LEU W 447 -51.51 89.41 3.23
CA LEU W 447 -52.85 89.98 3.17
C LEU W 447 -52.97 91.11 4.19
N SER W 448 -53.92 92.00 3.96
CA SER W 448 -54.26 93.06 4.90
C SER W 448 -55.67 92.78 5.42
N VAL W 449 -55.76 92.39 6.69
CA VAL W 449 -57.02 91.97 7.28
C VAL W 449 -57.34 92.89 8.47
N LYS W 450 -58.58 92.78 8.95
CA LYS W 450 -59.07 93.60 10.06
C LYS W 450 -58.97 92.79 11.34
N PHE W 451 -58.05 93.17 12.22
CA PHE W 451 -57.94 92.52 13.51
C PHE W 451 -59.08 92.97 14.42
N ALA W 452 -59.56 92.04 15.24
CA ALA W 452 -60.64 92.33 16.17
C ALA W 452 -60.09 92.73 17.53
N ALA X 255 -47.18 44.36 17.58
CA ALA X 255 -47.34 45.37 16.54
C ALA X 255 -48.52 46.29 16.83
N SER X 256 -49.48 45.81 17.62
CA SER X 256 -50.63 46.66 17.95
C SER X 256 -50.21 47.85 18.80
N ALA X 257 -49.15 47.69 19.61
CA ALA X 257 -48.58 48.85 20.28
C ALA X 257 -48.05 49.86 19.28
N ALA X 258 -47.45 49.38 18.19
CA ALA X 258 -47.01 50.28 17.13
C ALA X 258 -48.19 51.00 16.52
N ARG X 259 -49.31 50.30 16.30
CA ARG X 259 -50.50 50.95 15.77
C ARG X 259 -51.04 52.01 16.73
N ARG X 260 -51.00 51.72 18.03
CA ARG X 260 -51.41 52.70 19.03
C ARG X 260 -50.55 53.95 18.94
N LYS X 261 -49.23 53.77 18.84
CA LYS X 261 -48.35 54.94 18.74
C LYS X 261 -48.54 55.68 17.42
N GLU X 262 -48.94 54.99 16.37
CA GLU X 262 -49.29 55.67 15.12
C GLU X 262 -50.52 56.56 15.31
N GLN X 263 -51.52 56.05 16.02
CA GLN X 263 -52.67 56.88 16.36
C GLN X 263 -52.24 58.09 17.17
N GLU X 264 -51.32 57.89 18.11
CA GLU X 264 -50.81 59.00 18.90
C GLU X 264 -50.12 60.04 18.03
N LEU X 265 -49.34 59.58 17.05
CA LEU X 265 -48.68 60.51 16.12
C LEU X 265 -49.71 61.32 15.35
N GLU X 266 -50.75 60.67 14.84
CA GLU X 266 -51.77 61.39 14.09
C GLU X 266 -52.45 62.43 14.97
N ARG X 267 -52.80 62.06 16.21
CA ARG X 267 -53.45 63.00 17.11
C ARG X 267 -52.53 64.16 17.46
N SER X 268 -51.24 63.90 17.63
CA SER X 268 -50.28 64.96 17.91
C SER X 268 -50.19 65.94 16.76
N GLN X 269 -50.17 65.43 15.53
CA GLN X 269 -50.15 66.30 14.36
C GLN X 269 -51.40 67.17 14.32
N GLU X 270 -52.55 66.57 14.56
CA GLU X 270 -53.80 67.34 14.57
C GLU X 270 -53.75 68.42 15.64
N GLN X 271 -53.24 68.09 16.82
CA GLN X 271 -53.15 69.08 17.90
C GLN X 271 -52.25 70.23 17.53
N ALA X 272 -51.10 69.93 16.91
CA ALA X 272 -50.18 70.99 16.49
C ALA X 272 -50.82 71.91 15.46
N LEU X 273 -51.52 71.33 14.50
CA LEU X 273 -52.19 72.15 13.50
C LEU X 273 -53.27 73.01 14.14
N ARG X 274 -54.01 72.46 15.10
CA ARG X 274 -55.01 73.25 15.82
C ARG X 274 -54.35 74.40 16.57
N GLU X 275 -53.20 74.15 17.18
CA GLU X 275 -52.49 75.20 17.88
C GLU X 275 -52.10 76.33 16.94
N LYS X 276 -51.59 75.97 15.75
CA LYS X 276 -51.24 77.00 14.78
C LYS X 276 -52.47 77.78 14.33
N ILE X 277 -53.59 77.08 14.10
CA ILE X 277 -54.83 77.74 13.71
C ILE X 277 -55.25 78.74 14.77
N ASP X 278 -55.17 78.34 16.04
CA ASP X 278 -55.50 79.26 17.12
C ASP X 278 -54.54 80.45 17.13
N SER X 279 -53.24 80.19 16.97
CA SER X 279 -52.26 81.28 17.02
C SER X 279 -52.50 82.30 15.92
N VAL X 280 -53.09 81.88 14.82
CA VAL X 280 -53.41 82.81 13.73
C VAL X 280 -54.76 83.50 13.95
N LEU X 281 -55.78 82.76 14.37
CA LEU X 281 -57.14 83.31 14.36
C LEU X 281 -57.50 84.04 15.64
N LEU X 282 -56.86 83.71 16.76
CA LEU X 282 -57.18 84.38 18.03
C LEU X 282 -56.97 85.89 17.98
N PRO X 283 -55.85 86.41 17.45
CA PRO X 283 -55.76 87.87 17.27
C PRO X 283 -56.75 88.42 16.26
N ILE X 284 -56.90 87.73 15.12
CA ILE X 284 -57.70 88.27 14.03
C ILE X 284 -59.18 88.30 14.41
N LEU X 285 -59.70 87.19 14.93
CA LEU X 285 -61.13 87.09 15.19
C LEU X 285 -61.49 87.38 16.64
N GLY X 286 -60.68 86.90 17.58
CA GLY X 286 -60.95 87.07 18.99
C GLY X 286 -61.17 85.73 19.67
N TYR X 287 -61.44 85.81 20.97
CA TYR X 287 -61.61 84.62 21.80
C TYR X 287 -63.08 84.20 21.78
N GLY X 288 -63.34 82.98 21.35
CA GLY X 288 -64.69 82.45 21.33
C GLY X 288 -65.52 82.85 20.13
N ASN X 289 -64.96 83.56 19.18
CA ASN X 289 -65.68 83.94 17.97
C ASN X 289 -65.50 82.95 16.83
N TYR X 290 -64.79 81.85 17.05
CA TYR X 290 -64.53 80.88 16.00
C TYR X 290 -64.40 79.50 16.64
N THR X 291 -64.57 78.47 15.81
CA THR X 291 -64.25 77.11 16.20
C THR X 291 -63.65 76.41 14.99
N ALA X 292 -62.66 75.57 15.22
CA ALA X 292 -61.97 74.89 14.14
C ALA X 292 -61.51 73.51 14.59
N GLN X 293 -61.63 72.53 13.70
CA GLN X 293 -61.14 71.19 13.95
C GLN X 293 -60.39 70.69 12.73
N VAL X 294 -59.43 69.81 12.97
CA VAL X 294 -58.50 69.35 11.93
C VAL X 294 -58.48 67.83 11.93
N ASP X 295 -58.60 67.24 10.76
CA ASP X 295 -58.44 65.80 10.58
C ASP X 295 -57.21 65.55 9.72
N ILE X 296 -56.31 64.70 10.21
CA ILE X 296 -55.09 64.34 9.50
C ILE X 296 -55.05 62.83 9.35
N GLN X 297 -54.99 62.36 8.11
CA GLN X 297 -54.86 60.94 7.80
C GLN X 297 -53.42 60.69 7.35
N MET X 298 -52.75 59.75 7.99
CA MET X 298 -51.35 59.47 7.73
C MET X 298 -51.18 58.02 7.27
N ASP X 299 -50.48 57.84 6.16
CA ASP X 299 -50.13 56.52 5.68
C ASP X 299 -48.86 56.05 6.35
N PHE X 300 -48.81 54.75 6.66
CA PHE X 300 -47.65 54.16 7.33
C PHE X 300 -47.16 52.95 6.58
N SER X 301 -47.19 53.01 5.25
CA SER X 301 -46.68 51.93 4.44
C SER X 301 -45.15 51.87 4.55
N ALA X 302 -44.56 50.86 3.91
CA ALA X 302 -43.12 50.63 3.95
C ALA X 302 -42.58 50.46 2.53
N VAL X 303 -42.90 51.42 1.68
CA VAL X 303 -42.46 51.36 0.28
C VAL X 303 -40.94 51.39 0.21
N GLU X 304 -40.39 50.64 -0.73
CA GLU X 304 -38.94 50.57 -0.94
C GLU X 304 -38.72 50.20 -2.40
N GLN X 305 -38.27 51.17 -3.20
CA GLN X 305 -38.26 51.06 -4.64
C GLN X 305 -36.84 51.06 -5.18
N THR X 306 -36.61 50.30 -6.25
CA THR X 306 -35.33 50.27 -6.95
C THR X 306 -35.59 50.44 -8.43
N ARG X 307 -35.00 51.48 -9.02
CA ARG X 307 -35.23 51.83 -10.41
C ARG X 307 -33.91 51.72 -11.17
N LYS X 308 -33.95 51.05 -12.33
CA LYS X 308 -32.80 50.92 -13.21
C LYS X 308 -33.19 51.47 -14.57
N ARG X 309 -32.72 52.66 -14.89
CA ARG X 309 -33.12 53.38 -16.09
C ARG X 309 -31.95 53.51 -17.05
N PHE X 310 -32.25 53.43 -18.34
CA PHE X 310 -31.27 53.53 -19.42
C PHE X 310 -31.59 54.76 -20.28
N ASP X 311 -30.75 55.00 -21.26
CA ASP X 311 -30.91 56.13 -22.19
C ASP X 311 -30.84 55.60 -23.61
N PRO X 312 -31.98 55.26 -24.20
CA PRO X 312 -31.96 54.62 -25.53
C PRO X 312 -31.38 55.49 -26.63
N ASN X 313 -31.50 56.80 -26.54
CA ASN X 313 -31.22 57.69 -27.66
C ASN X 313 -29.77 58.15 -27.74
N THR X 314 -28.92 57.78 -26.80
CA THR X 314 -27.49 58.12 -26.83
C THR X 314 -26.63 56.89 -26.55
N PRO X 315 -26.59 55.94 -27.48
CA PRO X 315 -25.69 54.80 -27.31
C PRO X 315 -24.27 55.13 -27.76
N ALA X 316 -23.31 54.41 -27.19
CA ALA X 316 -21.90 54.57 -27.53
C ALA X 316 -21.37 53.23 -28.01
N THR X 317 -20.90 53.19 -29.26
CA THR X 317 -20.43 51.94 -29.81
C THR X 317 -19.10 51.53 -29.19
N ARG X 318 -19.05 50.31 -28.64
CA ARG X 318 -17.86 49.78 -28.00
C ARG X 318 -16.97 49.01 -28.98
N SER X 319 -17.54 48.02 -29.65
CA SER X 319 -16.88 47.29 -30.71
C SER X 319 -17.81 47.24 -31.91
N GLU X 320 -17.24 47.04 -33.10
CA GLU X 320 -18.04 47.09 -34.31
C GLU X 320 -17.38 46.24 -35.38
N TYR X 321 -18.19 45.46 -36.07
CA TYR X 321 -17.78 44.70 -37.25
C TYR X 321 -18.73 45.02 -38.38
N ALA X 322 -18.19 45.18 -39.59
CA ALA X 322 -19.00 45.56 -40.74
C ALA X 322 -18.38 44.95 -41.99
N LEU X 323 -19.07 43.97 -42.58
CA LEU X 323 -18.67 43.36 -43.83
C LEU X 323 -19.65 43.77 -44.91
N GLU X 324 -19.13 44.25 -46.04
CA GLU X 324 -19.96 44.79 -47.12
C GLU X 324 -19.30 44.43 -48.46
N ASP X 325 -19.73 43.32 -49.06
CA ASP X 325 -19.17 42.88 -50.33
C ASP X 325 -20.22 42.95 -51.43
N TYR X 326 -19.76 43.18 -52.66
CA TYR X 326 -20.61 43.27 -53.83
C TYR X 326 -20.14 42.26 -54.88
N ASN X 327 -20.87 42.18 -55.98
CA ASN X 327 -20.49 41.34 -57.11
C ASN X 327 -21.11 41.87 -58.39
N GLY X 365 -26.29 43.15 -58.95
CA GLY X 365 -25.71 41.88 -58.57
C GLY X 365 -25.85 41.59 -57.08
N SER X 366 -25.06 40.62 -56.61
CA SER X 366 -25.09 40.26 -55.20
C SER X 366 -24.60 41.42 -54.34
N VAL X 367 -25.31 41.68 -53.25
CA VAL X 367 -24.94 42.72 -52.29
C VAL X 367 -25.19 42.16 -50.90
N ARG X 368 -24.12 41.83 -50.18
CA ARG X 368 -24.20 41.27 -48.84
C ARG X 368 -23.69 42.29 -47.83
N LYS X 369 -24.52 42.61 -46.84
CA LYS X 369 -24.19 43.64 -45.85
C LYS X 369 -24.33 43.04 -44.45
N GLU X 370 -23.28 42.39 -43.98
CA GLU X 370 -23.26 41.89 -42.61
C GLU X 370 -22.78 42.97 -41.66
N SER X 371 -23.24 42.89 -40.42
CA SER X 371 -22.90 43.91 -39.43
C SER X 371 -23.13 43.35 -38.03
N THR X 372 -22.21 43.65 -37.13
CA THR X 372 -22.31 43.31 -35.72
C THR X 372 -21.89 44.53 -34.91
N ARG X 373 -22.62 44.82 -33.85
CA ARG X 373 -22.38 46.04 -33.10
C ARG X 373 -22.68 45.81 -31.62
N ASN X 374 -21.80 46.32 -30.76
CA ASN X 374 -21.98 46.29 -29.33
C ASN X 374 -22.04 47.70 -28.79
N PHE X 375 -22.93 47.94 -27.83
CA PHE X 375 -23.20 49.29 -27.35
C PHE X 375 -22.98 49.39 -25.86
N GLU X 376 -22.73 50.62 -25.42
CA GLU X 376 -22.69 51.01 -24.02
C GLU X 376 -23.70 52.13 -23.82
N LEU X 377 -24.46 52.05 -22.74
CA LEU X 377 -25.60 52.93 -22.53
C LEU X 377 -25.50 53.59 -21.17
N ASP X 378 -26.07 54.79 -21.06
CA ASP X 378 -26.15 55.47 -19.77
C ASP X 378 -27.04 54.67 -18.83
N THR X 379 -26.54 54.39 -17.64
CA THR X 379 -27.22 53.51 -16.69
C THR X 379 -27.35 54.24 -15.36
N THR X 380 -28.58 54.51 -14.95
CA THR X 380 -28.87 55.09 -13.64
C THR X 380 -29.55 54.04 -12.78
N ILE X 381 -29.06 53.86 -11.56
CA ILE X 381 -29.60 52.89 -10.63
C ILE X 381 -29.89 53.63 -9.33
N SER X 382 -31.16 53.89 -9.05
CA SER X 382 -31.55 54.66 -7.88
C SER X 382 -32.38 53.79 -6.93
N HIS X 383 -31.95 53.72 -5.68
CA HIS X 383 -32.67 52.98 -4.65
C HIS X 383 -33.25 53.99 -3.67
N GLU X 384 -34.57 54.05 -3.61
CA GLU X 384 -35.30 54.99 -2.75
C GLU X 384 -36.04 54.22 -1.66
N ARG X 385 -36.09 54.80 -0.47
CA ARG X 385 -36.82 54.21 0.65
C ARG X 385 -37.66 55.30 1.30
N LYS X 386 -38.96 55.26 1.06
CA LYS X 386 -39.83 56.32 1.52
C LYS X 386 -39.95 56.30 3.04
N GLN X 387 -40.19 57.47 3.62
CA GLN X 387 -40.48 57.55 5.04
C GLN X 387 -41.84 56.92 5.32
N THR X 388 -41.94 56.24 6.46
CA THR X 388 -43.13 55.47 6.80
C THR X 388 -44.37 56.34 6.91
N GLY X 389 -44.43 57.19 7.92
CA GLY X 389 -45.62 57.98 8.16
C GLY X 389 -45.65 59.29 7.41
N THR X 390 -46.52 59.38 6.40
CA THR X 390 -46.66 60.59 5.60
C THR X 390 -48.12 61.03 5.58
N VAL X 391 -48.35 62.32 5.70
CA VAL X 391 -49.70 62.87 5.66
C VAL X 391 -50.27 62.66 4.26
N ALA X 392 -51.23 61.74 4.12
CA ALA X 392 -51.82 61.45 2.83
C ALA X 392 -52.99 62.37 2.50
N ARG X 393 -53.69 62.86 3.50
CA ARG X 393 -54.81 63.77 3.28
C ARG X 393 -55.02 64.60 4.55
N GLN X 394 -55.36 65.86 4.36
CA GLN X 394 -55.56 66.78 5.47
C GLN X 394 -56.85 67.54 5.27
N THR X 395 -57.69 67.56 6.30
CA THR X 395 -59.00 68.21 6.25
C THR X 395 -59.07 69.22 7.39
N VAL X 396 -59.38 70.47 7.07
CA VAL X 396 -59.53 71.53 8.06
C VAL X 396 -60.85 72.24 7.83
N SER X 397 -61.62 72.43 8.90
CA SER X 397 -62.87 73.18 8.83
C SER X 397 -62.87 74.24 9.93
N VAL X 398 -63.24 75.46 9.56
CA VAL X 398 -63.29 76.59 10.49
C VAL X 398 -64.67 77.21 10.38
N ALA X 399 -65.32 77.44 11.53
CA ALA X 399 -66.62 78.07 11.60
C ALA X 399 -66.50 79.37 12.39
N ILE X 400 -67.01 80.45 11.80
CA ILE X 400 -66.90 81.79 12.37
C ILE X 400 -68.27 82.22 12.88
N LYS X 401 -68.30 82.72 14.11
CA LYS X 401 -69.55 83.17 14.71
C LYS X 401 -70.09 84.38 13.97
N ASP X 402 -71.40 84.36 13.70
CA ASP X 402 -72.04 85.50 13.05
C ASP X 402 -72.24 86.64 14.05
N ARG X 403 -72.32 87.85 13.52
CA ARG X 403 -72.54 89.05 14.32
C ARG X 403 -71.49 89.20 15.43
N PRO X 417 -73.46 87.92 10.19
CA PRO X 417 -72.58 87.10 9.35
C PRO X 417 -71.30 87.83 8.97
N MET X 418 -70.49 87.20 8.13
CA MET X 418 -69.23 87.76 7.66
C MET X 418 -69.23 87.82 6.15
N SER X 419 -68.69 88.92 5.61
CA SER X 419 -68.73 89.14 4.18
C SER X 419 -67.84 88.13 3.44
N GLU X 420 -68.12 87.96 2.15
CA GLU X 420 -67.37 87.01 1.34
C GLU X 420 -65.90 87.41 1.24
N SER X 421 -65.62 88.71 1.15
CA SER X 421 -64.24 89.16 1.02
C SER X 421 -63.41 88.77 2.24
N GLU X 422 -63.95 88.99 3.44
CA GLU X 422 -63.20 88.62 4.64
C GLU X 422 -63.11 87.11 4.81
N ILE X 423 -64.13 86.37 4.38
CA ILE X 423 -64.07 84.91 4.42
C ILE X 423 -62.94 84.42 3.53
N ASN X 424 -62.83 84.99 2.32
CA ASN X 424 -61.76 84.59 1.43
C ASN X 424 -60.39 85.02 1.94
N ALA X 425 -60.32 86.18 2.61
CA ALA X 425 -59.06 86.60 3.21
C ALA X 425 -58.61 85.65 4.32
N ILE X 426 -59.56 85.23 5.16
CA ILE X 426 -59.25 84.25 6.19
C ILE X 426 -58.82 82.94 5.56
N ARG X 427 -59.48 82.54 4.48
CA ARG X 427 -59.08 81.32 3.78
C ARG X 427 -57.66 81.45 3.24
N GLN X 428 -57.31 82.62 2.70
CA GLN X 428 -55.96 82.83 2.20
C GLN X 428 -54.92 82.76 3.32
N VAL X 429 -55.25 83.32 4.49
CA VAL X 429 -54.32 83.22 5.62
C VAL X 429 -54.13 81.76 6.03
N LEU X 430 -55.24 81.02 6.12
CA LEU X 430 -55.16 79.62 6.50
C LEU X 430 -54.33 78.82 5.49
N ILE X 431 -54.47 79.14 4.20
CA ILE X 431 -53.62 78.56 3.17
C ILE X 431 -52.22 79.14 3.36
N GLY X 432 -51.34 78.36 3.98
CA GLY X 432 -50.07 78.90 4.41
C GLY X 432 -49.95 78.80 5.92
N THR X 433 -51.03 79.10 6.63
CA THR X 433 -51.06 78.76 8.05
C THR X 433 -50.99 77.26 8.26
N VAL X 434 -51.74 76.50 7.46
CA VAL X 434 -51.78 75.04 7.59
C VAL X 434 -50.90 74.34 6.58
N GLY X 435 -50.58 74.97 5.45
CA GLY X 435 -49.86 74.31 4.39
C GLY X 435 -50.81 73.59 3.46
N PHE X 436 -51.84 74.29 3.00
CA PHE X 436 -52.86 73.68 2.16
C PHE X 436 -52.24 73.14 0.88
N ASP X 437 -52.58 71.89 0.54
CA ASP X 437 -52.02 71.19 -0.62
C ASP X 437 -53.18 70.49 -1.33
N GLN X 438 -53.78 71.17 -2.30
CA GLN X 438 -54.94 70.60 -3.00
C GLN X 438 -54.55 69.37 -3.79
N GLY X 439 -53.36 69.36 -4.39
CA GLY X 439 -52.92 68.20 -5.16
C GLY X 439 -52.80 66.95 -4.33
N ARG X 440 -52.63 67.08 -3.02
CA ARG X 440 -52.60 65.94 -2.11
C ARG X 440 -54.01 65.44 -1.77
N GLY X 441 -55.04 66.18 -2.14
CA GLY X 441 -56.39 65.86 -1.77
C GLY X 441 -56.89 66.56 -0.53
N ASP X 442 -56.15 67.54 -0.01
CA ASP X 442 -56.54 68.25 1.18
C ASP X 442 -57.78 69.09 0.92
N LEU X 443 -58.49 69.40 2.01
CA LEU X 443 -59.74 70.14 1.93
C LEU X 443 -59.78 71.17 3.05
N LEU X 444 -60.25 72.37 2.72
CA LEU X 444 -60.30 73.48 3.66
C LEU X 444 -61.66 74.15 3.52
N ASN X 445 -62.50 74.04 4.54
CA ASN X 445 -63.80 74.68 4.57
C ASN X 445 -63.78 75.83 5.56
N VAL X 446 -64.27 76.99 5.14
CA VAL X 446 -64.45 78.14 6.03
C VAL X 446 -65.89 78.59 5.90
N LEU X 447 -66.64 78.55 7.00
CA LEU X 447 -68.06 78.86 6.98
C LEU X 447 -68.34 79.92 8.04
N SER X 448 -69.45 80.64 7.85
CA SER X 448 -69.96 81.59 8.83
C SER X 448 -71.27 81.04 9.37
N VAL X 449 -71.26 80.61 10.63
CA VAL X 449 -72.41 79.96 11.24
C VAL X 449 -72.85 80.78 12.45
N LYS X 450 -74.04 80.44 12.96
CA LYS X 450 -74.63 81.13 14.11
C LYS X 450 -74.36 80.31 15.37
N PHE X 451 -73.50 80.84 16.23
CA PHE X 451 -73.24 80.18 17.50
C PHE X 451 -74.41 80.38 18.45
N ALA X 452 -74.70 79.37 19.25
CA ALA X 452 -75.78 79.44 20.21
C ALA X 452 -75.28 79.89 21.58
N ALA Y 255 -53.90 34.67 19.91
CA ALA Y 255 -54.26 35.66 18.90
C ALA Y 255 -55.59 36.34 19.24
N SER Y 256 -56.42 35.67 20.04
CA SER Y 256 -57.69 36.29 20.43
C SER Y 256 -57.47 37.52 21.30
N ALA Y 257 -56.38 37.54 22.08
CA ALA Y 257 -56.00 38.76 22.78
C ALA Y 257 -55.70 39.88 21.79
N ALA Y 258 -55.04 39.54 20.68
CA ALA Y 258 -54.81 40.52 19.63
C ALA Y 258 -56.12 41.05 19.07
N ARG Y 259 -57.09 40.15 18.85
CA ARG Y 259 -58.39 40.60 18.37
C ARG Y 259 -59.08 41.51 19.37
N ARG Y 260 -58.97 41.20 20.66
CA ARG Y 260 -59.51 42.06 21.70
C ARG Y 260 -58.90 43.46 21.63
N LYS Y 261 -57.57 43.52 21.49
CA LYS Y 261 -56.91 44.83 21.41
C LYS Y 261 -57.27 45.55 20.12
N GLU Y 262 -57.57 44.82 19.05
CA GLU Y 262 -58.07 45.47 17.83
C GLU Y 262 -59.43 46.11 18.08
N GLN Y 263 -60.31 45.41 18.79
CA GLN Y 263 -61.58 46.02 19.18
C GLN Y 263 -61.35 47.26 20.02
N GLU Y 264 -60.39 47.21 20.93
CA GLU Y 264 -60.06 48.37 21.75
C GLU Y 264 -59.59 49.53 20.88
N LEU Y 265 -58.77 49.26 19.88
CA LEU Y 265 -58.32 50.31 18.96
C LEU Y 265 -59.50 50.95 18.24
N GLU Y 266 -60.41 50.13 17.73
CA GLU Y 266 -61.57 50.67 17.03
C GLU Y 266 -62.40 51.55 17.95
N ARG Y 267 -62.64 51.09 19.19
CA ARG Y 267 -63.43 51.87 20.13
C ARG Y 267 -62.72 53.17 20.49
N SER Y 268 -61.40 53.14 20.63
CA SER Y 268 -60.64 54.35 20.92
C SER Y 268 -60.76 55.37 19.79
N GLN Y 269 -60.67 54.89 18.55
CA GLN Y 269 -60.84 55.79 17.40
C GLN Y 269 -62.23 56.42 17.41
N GLU Y 270 -63.26 55.61 17.67
CA GLU Y 270 -64.62 56.15 17.73
C GLU Y 270 -64.74 57.19 18.82
N GLN Y 271 -64.14 56.93 19.98
CA GLN Y 271 -64.21 57.88 21.09
C GLN Y 271 -63.53 59.20 20.73
N ALA Y 272 -62.37 59.12 20.08
CA ALA Y 272 -61.66 60.33 19.67
C ALA Y 272 -62.48 61.15 18.69
N LEU Y 273 -63.09 60.48 17.72
CA LEU Y 273 -63.93 61.19 16.76
C LEU Y 273 -65.13 61.82 17.45
N ARG Y 274 -65.72 61.12 18.41
CA ARG Y 274 -66.83 61.70 19.16
C ARG Y 274 -66.38 62.93 19.95
N GLU Y 275 -65.17 62.88 20.52
CA GLU Y 275 -64.65 64.02 21.24
C GLU Y 275 -64.49 65.22 20.32
N LYS Y 276 -63.96 65.01 19.12
CA LYS Y 276 -63.83 66.10 18.16
C LYS Y 276 -65.19 66.65 17.76
N ILE Y 277 -66.17 65.77 17.54
CA ILE Y 277 -67.52 66.21 17.20
C ILE Y 277 -68.09 67.09 18.30
N ASP Y 278 -67.90 66.68 19.55
CA ASP Y 278 -68.36 67.50 20.66
C ASP Y 278 -67.63 68.84 20.69
N SER Y 279 -66.32 68.83 20.49
CA SER Y 279 -65.54 70.06 20.55
C SER Y 279 -65.99 71.05 19.49
N VAL Y 280 -66.53 70.57 18.39
CA VAL Y 280 -67.04 71.45 17.33
C VAL Y 280 -68.48 71.88 17.61
N LEU Y 281 -69.35 70.95 18.03
CA LEU Y 281 -70.77 71.24 18.06
C LEU Y 281 -71.22 71.86 19.37
N LEU Y 282 -70.50 71.64 20.48
CA LEU Y 282 -70.91 72.20 21.76
C LEU Y 282 -70.97 73.72 21.75
N PRO Y 283 -69.98 74.46 21.21
CA PRO Y 283 -70.16 75.91 21.07
C PRO Y 283 -71.26 76.29 20.11
N ILE Y 284 -71.31 75.63 18.95
CA ILE Y 284 -72.23 76.03 17.89
C ILE Y 284 -73.68 75.79 18.31
N LEU Y 285 -73.98 74.59 18.80
CA LEU Y 285 -75.36 74.23 19.09
C LEU Y 285 -75.73 74.41 20.56
N GLY Y 286 -74.82 74.07 21.46
CA GLY Y 286 -75.07 74.14 22.88
C GLY Y 286 -75.03 72.77 23.53
N TYR Y 287 -75.27 72.76 24.83
CA TYR Y 287 -75.21 71.54 25.63
C TYR Y 287 -76.58 70.87 25.64
N GLY Y 288 -76.62 69.62 25.17
CA GLY Y 288 -77.86 68.87 25.16
C GLY Y 288 -78.78 69.14 24.00
N ASN Y 289 -78.37 69.96 23.04
CA ASN Y 289 -79.19 70.24 21.87
C ASN Y 289 -78.87 69.33 20.70
N TYR Y 290 -77.96 68.37 20.88
CA TYR Y 290 -77.56 67.48 19.79
C TYR Y 290 -77.17 66.14 20.39
N THR Y 291 -77.18 65.12 19.53
CA THR Y 291 -76.60 63.82 19.87
C THR Y 291 -75.92 63.27 18.62
N ALA Y 292 -74.78 62.62 18.82
CA ALA Y 292 -74.01 62.10 17.70
C ALA Y 292 -73.31 60.82 18.10
N GLN Y 293 -73.27 59.86 17.18
CA GLN Y 293 -72.55 58.62 17.39
C GLN Y 293 -71.75 58.30 16.13
N VAL Y 294 -70.63 57.60 16.32
CA VAL Y 294 -69.67 57.34 15.25
C VAL Y 294 -69.38 55.85 15.22
N ASP Y 295 -69.42 55.27 14.02
CA ASP Y 295 -69.01 53.90 13.79
C ASP Y 295 -67.78 53.88 12.89
N ILE Y 296 -66.73 53.20 13.35
CA ILE Y 296 -65.48 53.09 12.60
C ILE Y 296 -65.18 51.61 12.41
N GLN Y 297 -65.07 51.19 11.15
CA GLN Y 297 -64.68 49.83 10.80
C GLN Y 297 -63.25 49.85 10.30
N MET Y 298 -62.40 49.03 10.91
CA MET Y 298 -60.98 49.01 10.59
C MET Y 298 -60.56 47.64 10.10
N ASP Y 299 -59.87 47.61 8.97
CA ASP Y 299 -59.30 46.38 8.44
C ASP Y 299 -57.94 46.13 9.07
N PHE Y 300 -57.66 44.87 9.34
CA PHE Y 300 -56.40 44.47 9.97
C PHE Y 300 -55.72 43.39 9.17
N SER Y 301 -55.80 43.48 7.84
CA SER Y 301 -55.12 42.52 6.99
C SER Y 301 -53.60 42.74 7.07
N ALA Y 302 -52.85 41.88 6.39
CA ALA Y 302 -51.39 41.90 6.39
C ALA Y 302 -50.88 41.87 4.95
N VAL Y 303 -51.38 42.79 4.13
CA VAL Y 303 -50.97 42.84 2.73
C VAL Y 303 -49.49 43.15 2.62
N GLU Y 304 -48.83 42.52 1.65
CA GLU Y 304 -47.41 42.72 1.40
C GLU Y 304 -47.16 42.44 -0.07
N GLN Y 305 -46.92 43.48 -0.84
CA GLN Y 305 -46.93 43.42 -2.29
C GLN Y 305 -45.53 43.69 -2.86
N THR Y 306 -45.20 43.01 -3.96
CA THR Y 306 -43.96 43.22 -4.69
C THR Y 306 -44.30 43.39 -6.16
N ARG Y 307 -43.92 44.53 -6.73
CA ARG Y 307 -44.24 44.87 -8.10
C ARG Y 307 -42.94 45.02 -8.89
N LYS Y 308 -42.90 44.38 -10.07
CA LYS Y 308 -41.76 44.48 -10.98
C LYS Y 308 -42.29 44.99 -12.31
N ARG Y 309 -42.03 46.25 -12.61
CA ARG Y 309 -42.60 46.92 -13.78
C ARG Y 309 -41.49 47.28 -14.76
N PHE Y 310 -41.81 47.17 -16.05
CA PHE Y 310 -40.89 47.49 -17.14
C PHE Y 310 -41.45 48.65 -17.96
N ASP Y 311 -40.69 49.07 -18.95
CA ASP Y 311 -41.07 50.17 -19.84
C ASP Y 311 -40.96 49.70 -21.27
N PRO Y 312 -42.04 49.17 -21.86
CA PRO Y 312 -41.93 48.58 -23.20
C PRO Y 312 -41.54 49.57 -24.29
N ASN Y 313 -41.90 50.84 -24.15
CA ASN Y 313 -41.81 51.78 -25.25
C ASN Y 313 -40.48 52.51 -25.35
N THR Y 314 -39.53 52.26 -24.44
CA THR Y 314 -38.21 52.86 -24.50
C THR Y 314 -37.14 51.81 -24.27
N PRO Y 315 -36.94 50.90 -25.23
CA PRO Y 315 -35.85 49.93 -25.11
C PRO Y 315 -34.53 50.53 -25.58
N ALA Y 316 -33.44 49.97 -25.05
CA ALA Y 316 -32.09 50.40 -25.42
C ALA Y 316 -31.33 49.19 -25.95
N THR Y 317 -30.90 49.26 -27.21
CA THR Y 317 -30.23 48.12 -27.81
C THR Y 317 -28.83 47.95 -27.22
N ARG Y 318 -28.55 46.76 -26.72
CA ARG Y 318 -27.25 46.43 -26.13
C ARG Y 318 -26.28 45.86 -27.15
N SER Y 319 -26.68 44.80 -27.83
CA SER Y 319 -25.92 44.23 -28.93
C SER Y 319 -26.87 44.04 -30.11
N GLU Y 320 -26.30 43.98 -31.31
CA GLU Y 320 -27.13 43.91 -32.50
C GLU Y 320 -26.36 43.22 -33.61
N TYR Y 321 -27.03 42.32 -34.31
CA TYR Y 321 -26.51 41.68 -35.51
C TYR Y 321 -27.54 41.86 -36.62
N ALA Y 322 -27.07 42.14 -37.83
CA ALA Y 322 -27.96 42.38 -38.95
C ALA Y 322 -27.28 41.93 -40.23
N LEU Y 323 -27.79 40.87 -40.83
CA LEU Y 323 -27.32 40.36 -42.11
C LEU Y 323 -28.39 40.62 -43.16
N GLU Y 324 -28.00 41.22 -44.29
CA GLU Y 324 -28.94 41.62 -45.33
C GLU Y 324 -28.26 41.43 -46.70
N ASP Y 325 -28.51 40.27 -47.32
CA ASP Y 325 -27.92 39.97 -48.61
C ASP Y 325 -28.99 39.87 -49.68
N TYR Y 326 -28.61 40.21 -50.92
CA TYR Y 326 -29.49 40.18 -52.07
C TYR Y 326 -28.87 39.30 -53.15
N ASN Y 327 -29.61 39.11 -54.24
CA ASN Y 327 -29.12 38.38 -55.40
C ASN Y 327 -29.85 38.82 -56.65
N GLY Y 365 -35.19 39.17 -57.06
CA GLY Y 365 -34.38 38.01 -56.73
C GLY Y 365 -34.42 37.66 -55.25
N SER Y 366 -33.46 36.84 -54.83
CA SER Y 366 -33.38 36.44 -53.43
C SER Y 366 -33.09 37.65 -52.54
N VAL Y 367 -33.81 37.75 -51.43
CA VAL Y 367 -33.61 38.82 -50.45
C VAL Y 367 -33.71 38.19 -49.07
N ARG Y 368 -32.59 38.04 -48.38
CA ARG Y 368 -32.53 37.43 -47.06
C ARG Y 368 -32.18 38.51 -46.03
N LYS Y 369 -33.03 38.66 -45.01
CA LYS Y 369 -32.86 39.70 -44.00
C LYS Y 369 -32.86 39.05 -42.62
N GLU Y 370 -31.70 38.58 -42.19
CA GLU Y 370 -31.54 38.06 -40.83
C GLU Y 370 -31.25 39.19 -39.87
N SER Y 371 -31.65 39.00 -38.62
CA SER Y 371 -31.46 40.03 -37.60
C SER Y 371 -31.55 39.41 -36.22
N THR Y 372 -30.67 39.86 -35.33
CA THR Y 372 -30.69 39.46 -33.93
C THR Y 372 -30.46 40.71 -33.09
N ARG Y 373 -31.21 40.84 -32.00
CA ARG Y 373 -31.18 42.07 -31.23
C ARG Y 373 -31.38 41.75 -29.75
N ASN Y 374 -30.58 42.39 -28.90
CA ASN Y 374 -30.72 42.28 -27.46
C ASN Y 374 -31.03 43.66 -26.88
N PHE Y 375 -31.92 43.70 -25.90
CA PHE Y 375 -32.40 44.97 -25.37
C PHE Y 375 -32.17 45.07 -23.88
N GLU Y 376 -32.13 46.31 -23.41
CA GLU Y 376 -32.12 46.68 -22.00
C GLU Y 376 -33.30 47.59 -21.75
N LEU Y 377 -34.02 47.34 -20.65
CA LEU Y 377 -35.29 47.99 -20.39
C LEU Y 377 -35.28 48.62 -19.01
N ASP Y 378 -36.05 49.69 -18.86
CA ASP Y 378 -36.21 50.32 -17.55
C ASP Y 378 -36.92 49.35 -16.61
N THR Y 379 -36.34 49.13 -15.44
CA THR Y 379 -36.84 48.12 -14.50
C THR Y 379 -37.06 48.78 -13.15
N THR Y 380 -38.31 48.82 -12.70
CA THR Y 380 -38.65 49.31 -11.38
C THR Y 380 -39.11 48.13 -10.54
N ILE Y 381 -38.56 48.01 -9.33
CA ILE Y 381 -38.91 46.93 -8.41
C ILE Y 381 -39.28 47.57 -7.09
N SER Y 382 -40.57 47.59 -6.77
CA SER Y 382 -41.07 48.24 -5.57
C SER Y 382 -41.70 47.22 -4.63
N HIS Y 383 -41.23 47.20 -3.39
CA HIS Y 383 -41.77 46.32 -2.37
C HIS Y 383 -42.50 47.18 -1.34
N GLU Y 384 -43.81 47.00 -1.25
CA GLU Y 384 -44.66 47.77 -0.35
C GLU Y 384 -45.23 46.86 0.73
N ARG Y 385 -45.35 47.39 1.94
CA ARG Y 385 -45.93 46.64 3.06
C ARG Y 385 -46.93 47.54 3.75
N LYS Y 386 -48.21 47.29 3.54
CA LYS Y 386 -49.25 48.15 4.05
C LYS Y 386 -49.33 48.07 5.57
N GLN Y 387 -49.75 49.17 6.19
CA GLN Y 387 -50.03 49.16 7.62
C GLN Y 387 -51.23 48.29 7.91
N THR Y 388 -51.18 47.57 9.03
CA THR Y 388 -52.20 46.59 9.37
C THR Y 388 -53.57 47.23 9.54
N GLY Y 389 -53.76 48.02 10.58
CA GLY Y 389 -55.06 48.58 10.87
C GLY Y 389 -55.35 49.87 10.15
N THR Y 390 -56.25 49.84 9.17
CA THR Y 390 -56.62 51.02 8.40
C THR Y 390 -58.13 51.18 8.43
N VAL Y 391 -58.59 52.42 8.60
CA VAL Y 391 -60.02 52.71 8.60
C VAL Y 391 -60.58 52.44 7.21
N ALA Y 392 -61.36 51.37 7.07
CA ALA Y 392 -61.93 51.00 5.77
C ALA Y 392 -63.24 51.70 5.50
N ARG Y 393 -64.01 52.04 6.53
CA ARG Y 393 -65.27 52.73 6.36
C ARG Y 393 -65.58 53.47 7.66
N GLN Y 394 -66.15 54.66 7.51
CA GLN Y 394 -66.49 55.50 8.65
C GLN Y 394 -67.90 56.02 8.50
N THR Y 395 -68.71 55.86 9.55
CA THR Y 395 -70.10 56.28 9.55
C THR Y 395 -70.32 57.22 10.73
N VAL Y 396 -70.87 58.40 10.45
CA VAL Y 396 -71.18 59.39 11.47
C VAL Y 396 -72.60 59.86 11.29
N SER Y 397 -73.37 59.89 12.38
CA SER Y 397 -74.74 60.40 12.36
C SER Y 397 -74.90 61.41 13.49
N VAL Y 398 -75.49 62.56 13.17
CA VAL Y 398 -75.73 63.63 14.13
C VAL Y 398 -77.20 63.99 14.07
N ALA Y 399 -77.83 64.07 15.24
CA ALA Y 399 -79.23 64.45 15.35
C ALA Y 399 -79.33 65.74 16.17
N ILE Y 400 -80.04 66.73 15.64
CA ILE Y 400 -80.15 68.04 16.24
C ILE Y 400 -81.56 68.20 16.79
N LYS Y 401 -81.65 68.66 18.04
CA LYS Y 401 -82.95 68.86 18.68
C LYS Y 401 -83.72 69.98 17.98
N ASP Y 402 -85.00 69.74 17.74
CA ASP Y 402 -85.85 70.75 17.14
C ASP Y 402 -86.23 71.80 18.18
N ARG Y 403 -86.55 72.99 17.69
CA ARG Y 403 -86.95 74.12 18.53
C ARG Y 403 -85.92 74.41 19.61
N PRO Y 417 -87.77 72.94 14.39
CA PRO Y 417 -86.77 72.32 13.51
C PRO Y 417 -85.66 73.27 13.12
N MET Y 418 -84.77 72.82 12.24
CA MET Y 418 -83.64 73.60 11.76
C MET Y 418 -83.70 73.71 10.25
N SER Y 419 -83.38 74.89 9.73
CA SER Y 419 -83.49 75.15 8.31
C SER Y 419 -82.46 74.34 7.53
N GLU Y 420 -82.75 74.15 6.24
CA GLU Y 420 -81.86 73.37 5.38
C GLU Y 420 -80.48 74.02 5.26
N SER Y 421 -80.44 75.36 5.21
CA SER Y 421 -79.16 76.06 5.06
C SER Y 421 -78.25 75.78 6.24
N GLU Y 422 -78.78 75.88 7.46
CA GLU Y 422 -77.95 75.63 8.64
C GLU Y 422 -77.59 74.15 8.76
N ILE Y 423 -78.47 73.25 8.34
CA ILE Y 423 -78.15 71.83 8.32
C ILE Y 423 -76.97 71.57 7.40
N ASN Y 424 -76.99 72.17 6.21
CA ASN Y 424 -75.89 72.00 5.28
C ASN Y 424 -74.61 72.66 5.77
N ALA Y 425 -74.73 73.78 6.47
CA ALA Y 425 -73.56 74.41 7.05
C ALA Y 425 -72.92 73.53 8.13
N ILE Y 426 -73.75 72.93 8.98
CA ILE Y 426 -73.23 71.99 9.97
C ILE Y 426 -72.59 70.80 9.29
N ARG Y 427 -73.20 70.31 8.22
CA ARG Y 427 -72.61 69.20 7.47
C ARG Y 427 -71.25 69.60 6.90
N GLN Y 428 -71.13 70.83 6.40
CA GLN Y 428 -69.86 71.30 5.87
C GLN Y 428 -68.80 71.39 6.96
N VAL Y 429 -69.17 71.84 8.16
CA VAL Y 429 -68.22 71.89 9.26
C VAL Y 429 -67.77 70.48 9.63
N LEU Y 430 -68.72 69.55 9.71
CA LEU Y 430 -68.38 68.17 10.05
C LEU Y 430 -67.44 67.57 9.00
N ILE Y 431 -67.68 67.89 7.73
CA ILE Y 431 -66.76 67.50 6.66
C ILE Y 431 -65.49 68.30 6.83
N GLY Y 432 -64.46 67.69 7.41
CA GLY Y 432 -63.30 68.43 7.84
C GLY Y 432 -63.11 68.32 9.33
N THR Y 433 -64.21 68.40 10.08
CA THR Y 433 -64.14 68.04 11.49
C THR Y 433 -63.80 66.56 11.65
N VAL Y 434 -64.44 65.70 10.85
CA VAL Y 434 -64.21 64.26 10.94
C VAL Y 434 -63.23 63.75 9.88
N GLY Y 435 -63.07 64.46 8.77
CA GLY Y 435 -62.27 63.97 7.67
C GLY Y 435 -63.10 63.11 6.74
N PHE Y 436 -64.26 63.62 6.33
CA PHE Y 436 -65.16 62.85 5.49
C PHE Y 436 -64.49 62.47 4.17
N ASP Y 437 -64.61 61.19 3.81
CA ASP Y 437 -63.97 60.63 2.62
C ASP Y 437 -65.00 59.74 1.92
N GLN Y 438 -65.73 60.33 0.98
CA GLN Y 438 -66.79 59.59 0.29
C GLN Y 438 -66.21 58.46 -0.55
N GLY Y 439 -65.05 58.68 -1.17
CA GLY Y 439 -64.43 57.65 -1.98
C GLY Y 439 -64.07 56.41 -1.20
N ARG Y 440 -63.89 56.54 0.12
CA ARG Y 440 -63.64 55.40 0.99
C ARG Y 440 -64.92 54.65 1.34
N GLY Y 441 -66.08 55.20 1.01
CA GLY Y 441 -67.35 54.62 1.41
C GLY Y 441 -67.92 55.20 2.68
N ASP Y 442 -67.34 56.28 3.21
CA ASP Y 442 -67.83 56.88 4.43
C ASP Y 442 -69.21 57.49 4.22
N LEU Y 443 -69.93 57.64 5.33
CA LEU Y 443 -71.30 58.15 5.31
C LEU Y 443 -71.49 59.12 6.45
N LEU Y 444 -72.18 60.22 6.17
CA LEU Y 444 -72.40 61.28 7.15
C LEU Y 444 -73.87 61.71 7.05
N ASN Y 445 -74.64 61.41 8.09
CA ASN Y 445 -76.04 61.81 8.17
C ASN Y 445 -76.19 62.92 9.19
N VAL Y 446 -76.90 63.98 8.82
CA VAL Y 446 -77.26 65.06 9.74
C VAL Y 446 -78.77 65.25 9.65
N LEU Y 447 -79.46 65.04 10.77
CA LEU Y 447 -80.91 65.09 10.80
C LEU Y 447 -81.35 66.05 11.89
N SER Y 448 -82.58 66.56 11.75
CA SER Y 448 -83.22 67.38 12.77
C SER Y 448 -84.40 66.59 13.32
N VAL Y 449 -84.28 66.14 14.57
CA VAL Y 449 -85.28 65.28 15.18
C VAL Y 449 -85.83 65.97 16.43
N LYS Y 450 -86.91 65.41 16.95
CA LYS Y 450 -87.60 65.95 18.12
C LYS Y 450 -87.15 65.17 19.36
N PHE Y 451 -86.37 65.81 20.21
CA PHE Y 451 -85.96 65.19 21.46
C PHE Y 451 -87.13 65.15 22.44
N ALA Y 452 -87.21 64.08 23.22
CA ALA Y 452 -88.27 63.93 24.20
C ALA Y 452 -87.81 64.43 25.57
N ALA Z 255 -58.70 23.86 22.10
CA ALA Z 255 -59.26 24.80 21.13
C ALA Z 255 -60.66 25.22 21.52
N SER Z 256 -61.36 24.40 22.32
CA SER Z 256 -62.70 24.77 22.75
C SER Z 256 -62.68 26.00 23.65
N ALA Z 257 -61.59 26.18 24.41
CA ALA Z 257 -61.42 27.44 25.13
C ALA Z 257 -61.35 28.62 24.17
N ALA Z 258 -60.67 28.42 23.04
CA ALA Z 258 -60.64 29.46 22.01
C ALA Z 258 -62.04 29.76 21.49
N ARG Z 259 -62.85 28.71 21.28
CA ARG Z 259 -64.23 28.92 20.83
C ARG Z 259 -65.04 29.67 21.88
N ARG Z 260 -64.84 29.35 23.15
CA ARG Z 260 -65.50 30.08 24.23
C ARG Z 260 -65.14 31.56 24.19
N LYS Z 261 -63.86 31.87 24.01
CA LYS Z 261 -63.45 33.27 23.97
C LYS Z 261 -63.96 33.95 22.70
N GLU Z 262 -64.16 33.21 21.62
CA GLU Z 262 -64.79 33.79 20.43
C GLU Z 262 -66.24 34.17 20.73
N GLN Z 263 -66.96 33.31 21.44
CA GLN Z 263 -68.31 33.65 21.87
C GLN Z 263 -68.30 34.90 22.74
N GLU Z 264 -67.31 35.00 23.63
CA GLU Z 264 -67.16 36.17 24.47
C GLU Z 264 -66.94 37.43 23.64
N LEU Z 265 -66.11 37.34 22.60
CA LEU Z 265 -65.88 38.47 21.71
C LEU Z 265 -67.18 38.90 21.03
N GLU Z 266 -67.94 37.94 20.52
CA GLU Z 266 -69.19 38.29 19.86
C GLU Z 266 -70.15 38.98 20.83
N ARG Z 267 -70.26 38.45 22.05
CA ARG Z 267 -71.15 39.05 23.03
C ARG Z 267 -70.69 40.45 23.42
N SER Z 268 -69.37 40.66 23.53
CA SER Z 268 -68.84 41.99 23.84
C SER Z 268 -69.17 42.98 22.74
N GLN Z 269 -69.03 42.57 21.48
CA GLN Z 269 -69.39 43.44 20.37
C GLN Z 269 -70.87 43.81 20.43
N GLU Z 270 -71.72 42.82 20.68
CA GLU Z 270 -73.15 43.10 20.79
C GLU Z 270 -73.44 44.08 21.92
N GLN Z 271 -72.77 43.90 23.05
CA GLN Z 271 -72.98 44.80 24.19
C GLN Z 271 -72.56 46.22 23.86
N ALA Z 272 -71.42 46.38 23.18
CA ALA Z 272 -70.95 47.71 22.79
C ALA Z 272 -71.94 48.38 21.85
N LEU Z 273 -72.43 47.64 20.87
CA LEU Z 273 -73.41 48.21 19.95
C LEU Z 273 -74.69 48.61 20.69
N ARG Z 274 -75.12 47.78 21.64
CA ARG Z 274 -76.30 48.13 22.43
C ARG Z 274 -76.05 49.41 23.24
N GLU Z 275 -74.84 49.55 23.79
CA GLU Z 275 -74.51 50.76 24.53
C GLU Z 275 -74.60 51.99 23.64
N LYS Z 276 -74.06 51.90 22.42
CA LYS Z 276 -74.16 53.02 21.50
C LYS Z 276 -75.62 53.33 21.15
N ILE Z 277 -76.42 52.29 20.92
CA ILE Z 277 -77.83 52.49 20.62
C ILE Z 277 -78.51 53.23 21.75
N ASP Z 278 -78.23 52.82 22.99
CA ASP Z 278 -78.80 53.52 24.13
C ASP Z 278 -78.33 54.96 24.18
N SER Z 279 -77.03 55.20 23.96
CA SER Z 279 -76.49 56.54 24.04
C SER Z 279 -77.14 57.47 23.02
N VAL Z 280 -77.61 56.93 21.91
CA VAL Z 280 -78.30 57.72 20.90
C VAL Z 280 -79.78 57.88 21.22
N LEU Z 281 -80.46 56.80 21.63
CA LEU Z 281 -81.92 56.83 21.70
C LEU Z 281 -82.43 57.33 23.04
N LEU Z 282 -81.66 57.20 24.11
CA LEU Z 282 -82.12 57.65 25.43
C LEU Z 282 -82.46 59.14 25.46
N PRO Z 283 -81.63 60.05 24.93
CA PRO Z 283 -82.07 61.45 24.83
C PRO Z 283 -83.25 61.66 23.90
N ILE Z 284 -83.21 61.02 22.73
CA ILE Z 284 -84.21 61.28 21.70
C ILE Z 284 -85.58 60.77 22.14
N LEU Z 285 -85.65 59.52 22.61
CA LEU Z 285 -86.94 58.91 22.92
C LEU Z 285 -87.28 58.99 24.40
N GLY Z 286 -86.31 58.78 25.27
CA GLY Z 286 -86.53 58.78 26.70
C GLY Z 286 -86.23 57.42 27.31
N TYR Z 287 -86.43 57.34 28.61
CA TYR Z 287 -86.13 56.13 29.38
C TYR Z 287 -87.36 55.22 29.39
N GLY Z 288 -87.18 54.00 28.88
CA GLY Z 288 -88.26 53.03 28.88
C GLY Z 288 -89.25 53.17 27.75
N ASN Z 289 -89.03 54.08 26.81
CA ASN Z 289 -89.91 54.23 25.66
C ASN Z 289 -89.46 53.42 24.46
N TYR Z 290 -88.39 52.64 24.59
CA TYR Z 290 -87.87 51.86 23.47
C TYR Z 290 -87.22 50.60 24.01
N THR Z 291 -87.07 49.62 23.13
CA THR Z 291 -86.27 48.43 23.41
C THR Z 291 -85.53 48.05 22.14
N ALA Z 292 -84.29 47.61 22.29
CA ALA Z 292 -83.47 47.26 21.14
C ALA Z 292 -82.53 46.12 21.49
N GLN Z 293 -82.35 45.21 20.54
CA GLN Z 293 -81.41 44.11 20.69
C GLN Z 293 -80.60 43.97 19.41
N VAL Z 294 -79.37 43.48 19.56
CA VAL Z 294 -78.41 43.43 18.46
C VAL Z 294 -77.85 42.02 18.36
N ASP Z 295 -77.82 41.47 17.16
CA ASP Z 295 -77.18 40.19 16.88
C ASP Z 295 -75.99 40.42 15.96
N ILE Z 296 -74.82 39.94 16.37
CA ILE Z 296 -73.59 40.07 15.59
C ILE Z 296 -73.04 38.68 15.35
N GLN Z 297 -72.89 38.32 14.08
CA GLN Z 297 -72.27 37.05 13.68
C GLN Z 297 -70.87 37.35 13.15
N MET Z 298 -69.88 36.68 13.71
CA MET Z 298 -68.48 36.93 13.37
C MET Z 298 -67.85 35.66 12.83
N ASP Z 299 -67.20 35.78 11.68
CA ASP Z 299 -66.43 34.70 11.10
C ASP Z 299 -65.03 34.68 11.70
N PHE Z 300 -64.50 33.48 11.92
CA PHE Z 300 -63.19 33.30 12.51
C PHE Z 300 -62.34 32.38 11.66
N SER Z 301 -62.47 32.48 10.34
CA SER Z 301 -61.64 31.69 9.44
C SER Z 301 -60.20 32.18 9.49
N ALA Z 302 -59.33 31.48 8.77
CA ALA Z 302 -57.90 31.77 8.74
C ALA Z 302 -57.42 31.87 7.30
N VAL Z 303 -58.11 32.69 6.51
CA VAL Z 303 -57.75 32.86 5.10
C VAL Z 303 -56.35 33.42 4.98
N GLU Z 304 -55.62 32.95 3.97
CA GLU Z 304 -54.26 33.42 3.70
C GLU Z 304 -54.00 33.22 2.22
N GLN Z 305 -53.98 34.32 1.47
CA GLN Z 305 -54.01 34.28 0.02
C GLN Z 305 -52.71 34.81 -0.57
N THR Z 306 -52.29 34.23 -1.70
CA THR Z 306 -51.12 34.69 -2.45
C THR Z 306 -51.52 34.84 -3.91
N ARG Z 307 -51.37 36.03 -4.45
CA ARG Z 307 -51.79 36.34 -5.80
C ARG Z 307 -50.56 36.74 -6.61
N LYS Z 308 -50.43 36.16 -7.81
CA LYS Z 308 -49.36 36.49 -8.74
C LYS Z 308 -50.00 36.91 -10.05
N ARG Z 309 -49.99 38.22 -10.32
CA ARG Z 309 -50.68 38.80 -11.46
C ARG Z 309 -49.69 39.37 -12.45
N PHE Z 310 -50.02 39.25 -13.73
CA PHE Z 310 -49.21 39.75 -14.83
C PHE Z 310 -49.99 40.81 -15.60
N ASP Z 311 -49.34 41.38 -16.60
CA ASP Z 311 -49.95 42.41 -17.45
C ASP Z 311 -49.78 42.01 -18.90
N PRO Z 312 -50.76 41.31 -19.48
CA PRO Z 312 -50.58 40.79 -20.83
C PRO Z 312 -50.41 41.85 -21.90
N ASN Z 313 -50.98 43.03 -21.72
CA ASN Z 313 -51.10 44.01 -22.79
C ASN Z 313 -49.92 44.97 -22.90
N THR Z 314 -48.93 44.88 -22.01
CA THR Z 314 -47.73 45.70 -22.08
C THR Z 314 -46.47 44.84 -21.91
N PRO Z 315 -46.16 44.02 -22.90
CA PRO Z 315 -44.90 43.26 -22.84
C PRO Z 315 -43.72 44.10 -23.31
N ALA Z 316 -42.53 43.74 -22.83
CA ALA Z 316 -41.29 44.40 -23.21
C ALA Z 316 -40.35 43.37 -23.80
N THR Z 317 -39.97 43.54 -25.06
CA THR Z 317 -39.12 42.56 -25.71
C THR Z 317 -37.70 42.64 -25.16
N ARG Z 318 -37.19 41.49 -24.69
CA ARG Z 318 -35.85 41.39 -24.14
C ARG Z 318 -34.81 41.03 -25.20
N SER Z 319 -35.03 39.94 -25.90
CA SER Z 319 -34.22 39.54 -27.04
C SER Z 319 -35.14 39.21 -28.20
N GLU Z 320 -34.61 39.29 -29.41
CA GLU Z 320 -35.44 39.10 -30.59
C GLU Z 320 -34.59 38.59 -31.74
N TYR Z 321 -35.11 37.59 -32.44
CA TYR Z 321 -34.51 37.09 -33.68
C TYR Z 321 -35.59 37.10 -34.75
N ALA Z 322 -35.20 37.50 -35.97
CA ALA Z 322 -36.16 37.61 -37.06
C ALA Z 322 -35.44 37.32 -38.37
N LEU Z 323 -35.78 36.19 -38.99
CA LEU Z 323 -35.26 35.82 -40.29
C LEU Z 323 -36.38 35.91 -41.31
N GLU Z 324 -36.13 36.59 -42.43
CA GLU Z 324 -37.16 36.85 -43.44
C GLU Z 324 -36.49 36.81 -44.82
N ASP Z 325 -36.54 35.65 -45.47
CA ASP Z 325 -35.93 35.49 -46.79
C ASP Z 325 -37.01 35.22 -47.84
N TYR Z 326 -36.73 35.66 -49.07
CA TYR Z 326 -37.62 35.50 -50.20
C TYR Z 326 -36.88 34.77 -51.32
N ASN Z 327 -37.60 34.48 -52.40
CA ASN Z 327 -37.02 33.88 -53.59
C ASN Z 327 -37.86 34.21 -54.81
N GLY Z 365 -43.17 33.59 -55.11
CA GLY Z 365 -42.16 32.59 -54.82
C GLY Z 365 -42.10 32.21 -53.35
N SER Z 366 -41.00 31.56 -52.97
CA SER Z 366 -40.81 31.15 -51.58
C SER Z 366 -40.71 32.38 -50.67
N VAL Z 367 -41.41 32.31 -49.54
CA VAL Z 367 -41.38 33.37 -48.53
C VAL Z 367 -41.33 32.70 -47.17
N ARG Z 368 -40.18 32.74 -46.52
CA ARG Z 368 -39.98 32.12 -45.21
C ARG Z 368 -39.81 33.21 -44.16
N LYS Z 369 -40.64 33.18 -43.12
CA LYS Z 369 -40.63 34.21 -42.08
C LYS Z 369 -40.47 33.53 -40.72
N GLU Z 370 -39.23 33.28 -40.33
CA GLU Z 370 -38.96 32.76 -38.99
C GLU Z 370 -38.84 33.90 -38.00
N SER Z 371 -39.17 33.61 -36.75
CA SER Z 371 -39.15 34.64 -35.71
C SER Z 371 -39.08 33.96 -34.34
N THR Z 372 -38.28 34.53 -33.46
CA THR Z 372 -38.18 34.11 -32.07
C THR Z 372 -38.16 35.36 -31.20
N ARG Z 373 -38.89 35.33 -30.09
CA ARG Z 373 -39.06 36.52 -29.28
C ARG Z 373 -39.17 36.14 -27.81
N ASN Z 374 -38.46 36.88 -26.96
CA ASN Z 374 -38.54 36.72 -25.52
C ASN Z 374 -39.08 38.00 -24.90
N PHE Z 375 -39.94 37.86 -23.89
CA PHE Z 375 -40.63 39.01 -23.32
C PHE Z 375 -40.38 39.11 -21.83
N GLU Z 376 -40.54 40.33 -21.33
CA GLU Z 376 -40.56 40.65 -19.91
C GLU Z 376 -41.89 41.32 -19.60
N LEU Z 377 -42.52 40.93 -18.49
CA LEU Z 377 -43.87 41.33 -18.19
C LEU Z 377 -43.94 41.92 -16.79
N ASP Z 378 -44.89 42.83 -16.59
CA ASP Z 378 -45.13 43.38 -15.26
C ASP Z 378 -45.62 42.29 -14.34
N THR Z 379 -44.98 42.14 -13.18
CA THR Z 379 -45.27 41.04 -12.26
C THR Z 379 -45.56 41.61 -10.89
N THR Z 380 -46.78 41.41 -10.41
CA THR Z 380 -47.18 41.79 -9.07
C THR Z 380 -47.40 40.53 -8.25
N ILE Z 381 -46.80 40.48 -7.06
CA ILE Z 381 -46.92 39.33 -6.17
C ILE Z 381 -47.36 39.87 -4.82
N SER Z 382 -48.63 39.64 -4.47
CA SER Z 382 -49.21 40.17 -3.24
C SER Z 382 -49.61 39.02 -2.32
N HIS Z 383 -49.12 39.05 -1.10
CA HIS Z 383 -49.46 38.07 -0.08
C HIS Z 383 -50.31 38.76 0.98
N GLU Z 384 -51.56 38.34 1.10
CA GLU Z 384 -52.52 38.92 2.04
C GLU Z 384 -52.87 37.90 3.10
N ARG Z 385 -53.06 38.36 4.33
CA ARG Z 385 -53.46 37.50 5.44
C ARG Z 385 -54.59 38.19 6.18
N LYS Z 386 -55.82 37.70 5.99
CA LYS Z 386 -56.98 38.37 6.55
C LYS Z 386 -57.01 38.23 8.07
N GLN Z 387 -57.59 39.22 8.73
CA GLN Z 387 -57.82 39.12 10.17
C GLN Z 387 -58.85 38.04 10.46
N THR Z 388 -58.63 37.31 11.55
CA THR Z 388 -59.45 36.16 11.88
C THR Z 388 -60.91 36.53 12.10
N GLY Z 389 -61.21 37.25 13.17
CA GLY Z 389 -62.59 37.55 13.50
C GLY Z 389 -63.12 38.80 12.83
N THR Z 390 -64.02 38.63 11.87
CA THR Z 390 -64.62 39.74 11.14
C THR Z 390 -66.14 39.62 11.21
N VAL Z 391 -66.80 40.76 11.42
CA VAL Z 391 -68.27 40.78 11.46
C VAL Z 391 -68.81 40.46 10.08
N ALA Z 392 -69.38 39.26 9.92
CA ALA Z 392 -69.91 38.83 8.63
C ALA Z 392 -71.34 39.29 8.40
N ARG Z 393 -72.11 39.46 9.46
CA ARG Z 393 -73.49 39.92 9.34
C ARG Z 393 -73.90 40.55 10.67
N GLN Z 394 -74.67 41.63 10.57
CA GLN Z 394 -75.12 42.36 11.74
C GLN Z 394 -76.61 42.62 11.63
N THR Z 395 -77.35 42.29 12.70
CA THR Z 395 -78.79 42.44 12.74
C THR Z 395 -79.15 43.31 13.95
N VAL Z 396 -79.91 44.37 13.71
CA VAL Z 396 -80.36 45.27 14.77
C VAL Z 396 -81.85 45.48 14.63
N SER Z 397 -82.58 45.34 15.74
CA SER Z 397 -84.01 45.60 15.77
C SER Z 397 -84.32 46.53 16.93
N VAL Z 398 -85.13 47.56 16.66
CA VAL Z 398 -85.52 48.55 17.65
C VAL Z 398 -87.04 48.65 17.64
N ALA Z 399 -87.65 48.58 18.82
CA ALA Z 399 -89.08 48.70 18.98
C ALA Z 399 -89.38 49.92 19.84
N ILE Z 400 -90.28 50.77 19.35
CA ILE Z 400 -90.61 52.03 20.00
C ILE Z 400 -92.01 51.92 20.58
N LYS Z 401 -92.15 52.33 21.84
CA LYS Z 401 -93.43 52.28 22.51
C LYS Z 401 -94.41 53.25 21.87
N ASP Z 402 -95.65 52.79 21.65
CA ASP Z 402 -96.68 53.65 21.10
C ASP Z 402 -97.21 54.59 22.17
N ARG Z 403 -97.75 55.72 21.72
CA ARG Z 403 -98.33 56.72 22.60
C ARG Z 403 -97.34 57.18 23.68
N PRO Z 417 -99.03 55.52 18.45
CA PRO Z 417 -97.96 55.11 17.53
C PRO Z 417 -97.05 56.26 17.15
N MET Z 418 -96.12 56.00 16.23
CA MET Z 418 -95.16 56.98 15.76
C MET Z 418 -95.28 57.12 14.25
N SER Z 419 -95.19 58.35 13.76
CA SER Z 419 -95.38 58.62 12.35
C SER Z 419 -94.24 58.03 11.52
N GLU Z 420 -94.53 57.83 10.23
CA GLU Z 420 -93.54 57.24 9.34
C GLU Z 420 -92.31 58.14 9.20
N SER Z 421 -92.50 59.46 9.19
CA SER Z 421 -91.39 60.38 9.04
C SER Z 421 -90.40 60.25 10.19
N GLU Z 422 -90.91 60.20 11.42
CA GLU Z 422 -90.01 60.08 12.57
C GLU Z 422 -89.39 58.70 12.64
N ILE Z 423 -90.11 57.66 12.21
CA ILE Z 423 -89.53 56.32 12.15
C ILE Z 423 -88.35 56.30 11.19
N ASN Z 424 -88.52 56.91 10.02
CA ASN Z 424 -87.43 56.96 9.06
C ASN Z 424 -86.27 57.84 9.54
N ALA Z 425 -86.58 58.90 10.28
CA ALA Z 425 -85.50 59.73 10.85
C ALA Z 425 -84.70 58.94 11.88
N ILE Z 426 -85.39 58.18 12.74
CA ILE Z 426 -84.68 57.33 13.70
C ILE Z 426 -83.86 56.29 12.97
N ARG Z 427 -84.40 55.72 11.89
CA ARG Z 427 -83.63 54.76 11.10
C ARG Z 427 -82.39 55.41 10.51
N GLN Z 428 -82.50 56.66 10.04
CA GLN Z 428 -81.35 57.36 9.50
C GLN Z 428 -80.29 57.60 10.56
N VAL Z 429 -80.72 57.96 11.79
CA VAL Z 429 -79.76 58.14 12.87
C VAL Z 429 -79.05 56.83 13.18
N LEU Z 430 -79.82 55.74 13.27
CA LEU Z 430 -79.23 54.44 13.56
C LEU Z 430 -78.22 54.04 12.47
N ILE Z 431 -78.54 54.36 11.21
CA ILE Z 431 -77.60 54.15 10.11
C ILE Z 431 -76.49 55.18 10.28
N GLY Z 432 -75.36 54.74 10.81
CA GLY Z 432 -74.33 55.67 11.24
C GLY Z 432 -74.09 55.57 12.73
N THR Z 433 -75.17 55.42 13.50
CA THR Z 433 -74.99 55.04 14.89
C THR Z 433 -74.39 53.64 15.00
N VAL Z 434 -74.87 52.70 14.19
CA VAL Z 434 -74.38 51.33 14.23
C VAL Z 434 -73.38 51.02 13.14
N GLY Z 435 -73.37 51.78 12.05
CA GLY Z 435 -72.53 51.46 10.92
C GLY Z 435 -73.20 50.50 9.98
N PHE Z 436 -74.45 50.80 9.61
CA PHE Z 436 -75.23 49.92 8.76
C PHE Z 436 -74.53 49.69 7.42
N ASP Z 437 -74.43 48.42 7.03
CA ASP Z 437 -73.73 48.01 5.81
C ASP Z 437 -74.60 46.96 5.10
N GLN Z 438 -75.46 47.44 4.19
CA GLN Z 438 -76.38 46.54 3.51
C GLN Z 438 -75.63 45.55 2.62
N GLY Z 439 -74.55 45.99 1.99
CA GLY Z 439 -73.77 45.11 1.13
C GLY Z 439 -73.17 43.94 1.87
N ARG Z 440 -72.98 44.06 3.18
CA ARG Z 440 -72.51 42.97 4.02
C ARG Z 440 -73.62 41.99 4.38
N GLY Z 441 -74.87 42.33 4.08
CA GLY Z 441 -76.00 41.53 4.49
C GLY Z 441 -76.63 41.95 5.80
N ASP Z 442 -76.26 43.11 6.34
CA ASP Z 442 -76.81 43.58 7.60
C ASP Z 442 -78.28 43.94 7.43
N LEU Z 443 -78.98 43.92 8.56
CA LEU Z 443 -80.42 44.18 8.57
C LEU Z 443 -80.76 45.07 9.76
N LEU Z 444 -81.64 46.04 9.53
CA LEU Z 444 -82.02 47.01 10.53
C LEU Z 444 -83.54 47.17 10.49
N ASN Z 445 -84.22 46.72 11.53
CA ASN Z 445 -85.67 46.85 11.65
C ASN Z 445 -85.99 47.88 12.71
N VAL Z 446 -86.88 48.81 12.39
CA VAL Z 446 -87.41 49.78 13.34
C VAL Z 446 -88.92 49.71 13.29
N LEU Z 447 -89.54 49.34 14.42
CA LEU Z 447 -90.97 49.13 14.48
C LEU Z 447 -91.55 49.97 15.61
N SER Z 448 -92.85 50.25 15.51
CA SER Z 448 -93.60 50.92 16.57
C SER Z 448 -94.61 49.92 17.12
N VAL Z 449 -94.37 49.47 18.35
CA VAL Z 449 -95.18 48.42 18.96
C VAL Z 449 -95.81 48.97 20.24
N LYS Z 450 -96.76 48.22 20.77
CA LYS Z 450 -97.51 48.59 21.98
C LYS Z 450 -96.89 47.87 23.16
N PHE Z 451 -96.22 48.63 24.03
CA PHE Z 451 -95.67 48.05 25.25
C PHE Z 451 -96.79 47.78 26.25
N ALA Z 452 -96.65 46.70 27.00
CA ALA Z 452 -97.64 46.33 28.01
C ALA Z 452 -97.24 46.88 29.37
N ALA AA 255 -61.42 12.32 24.07
CA ALA AA 255 -62.16 13.17 23.14
C ALA AA 255 -63.61 13.32 23.58
N SER AA 256 -64.12 12.36 24.36
CA SER AA 256 -65.49 12.46 24.83
C SER AA 256 -65.67 13.66 25.77
N ALA AA 257 -64.62 14.02 26.50
CA ALA AA 257 -64.66 15.26 27.27
C ALA AA 257 -64.82 16.46 26.34
N ALA AA 258 -64.15 16.42 25.19
CA ALA AA 258 -64.34 17.47 24.20
C ALA AA 258 -65.78 17.52 23.71
N ARG AA 259 -66.39 16.35 23.48
CA ARG AA 259 -67.79 16.33 23.08
C ARG AA 259 -68.70 16.89 24.16
N ARG AA 260 -68.41 16.58 25.42
CA ARG AA 260 -69.17 17.15 26.53
C ARG AA 260 -69.08 18.67 26.53
N LYS AA 261 -67.88 19.21 26.33
CA LYS AA 261 -67.73 20.66 26.32
C LYS AA 261 -68.39 21.28 25.09
N GLU AA 262 -68.48 20.54 23.98
CA GLU AA 262 -69.24 21.02 22.84
C GLU AA 262 -70.72 21.13 23.17
N GLN AA 263 -71.25 20.13 23.87
CA GLN AA 263 -72.63 20.21 24.35
C GLN AA 263 -72.82 21.43 25.25
N GLU AA 264 -71.83 21.68 26.12
CA GLU AA 264 -71.89 22.84 26.99
C GLU AA 264 -71.93 24.14 26.19
N LEU AA 265 -71.11 24.22 25.14
CA LEU AA 265 -71.12 25.39 24.27
C LEU AA 265 -72.48 25.61 23.64
N GLU AA 266 -73.08 24.54 23.12
CA GLU AA 266 -74.39 24.67 22.49
C GLU AA 266 -75.42 25.15 23.50
N ARG AA 267 -75.41 24.58 24.71
CA ARG AA 267 -76.36 24.99 25.73
C ARG AA 267 -76.15 26.44 26.14
N SER AA 268 -74.89 26.88 26.23
CA SER AA 268 -74.60 28.25 26.57
C SER AA 268 -75.13 29.22 25.51
N GLN AA 269 -74.95 28.86 24.23
CA GLN AA 269 -75.50 29.68 23.16
C GLN AA 269 -77.01 29.78 23.26
N GLU AA 270 -77.67 28.64 23.50
CA GLU AA 270 -79.13 28.66 23.65
C GLU AA 270 -79.55 29.55 24.81
N GLN AA 271 -78.83 29.46 25.92
CA GLN AA 271 -79.16 30.27 27.09
C GLN AA 271 -79.01 31.76 26.80
N ALA AA 272 -77.94 32.14 26.09
CA ALA AA 272 -77.73 33.54 25.74
C ALA AA 272 -78.85 34.05 24.84
N LEU AA 273 -79.23 33.26 23.84
CA LEU AA 273 -80.32 33.67 22.97
C LEU AA 273 -81.63 33.80 23.74
N ARG AA 274 -81.88 32.88 24.68
CA ARG AA 274 -83.08 33.00 25.51
C ARG AA 274 -83.04 34.27 26.35
N GLU AA 275 -81.87 34.62 26.87
CA GLU AA 275 -81.73 35.85 27.64
C GLU AA 275 -82.06 37.07 26.80
N LYS AA 276 -81.56 37.10 25.56
CA LYS AA 276 -81.88 38.22 24.67
C LYS AA 276 -83.38 38.27 24.36
N ILE AA 277 -83.98 37.10 24.12
CA ILE AA 277 -85.42 37.04 23.86
C ILE AA 277 -86.20 37.63 25.03
N ASP AA 278 -85.81 37.25 26.25
CA ASP AA 278 -86.46 37.81 27.42
C ASP AA 278 -86.25 39.31 27.51
N SER AA 279 -85.02 39.78 27.26
CA SER AA 279 -84.73 41.20 27.37
C SER AA 279 -85.56 42.02 26.39
N VAL AA 280 -85.96 41.42 25.27
CA VAL AA 280 -86.80 42.11 24.30
C VAL AA 280 -88.28 41.98 24.66
N LEU AA 281 -88.74 40.79 25.05
CA LEU AA 281 -90.18 40.56 25.16
C LEU AA 281 -90.75 40.92 26.52
N LEU AA 282 -89.93 40.90 27.57
CA LEU AA 282 -90.43 41.24 28.91
C LEU AA 282 -91.04 42.63 29.00
N PRO AA 283 -90.39 43.70 28.47
CA PRO AA 283 -91.08 45.00 28.43
C PRO AA 283 -92.31 45.01 27.53
N ILE AA 284 -92.18 44.41 26.34
CA ILE AA 284 -93.24 44.51 25.34
C ILE AA 284 -94.49 43.76 25.80
N LEU AA 285 -94.31 42.51 26.22
CA LEU AA 285 -95.46 41.67 26.54
C LEU AA 285 -95.77 41.64 28.03
N GLY AA 286 -94.76 41.59 28.87
CA GLY AA 286 -94.94 41.52 30.31
C GLY AA 286 -94.38 40.22 30.87
N TYR AA 287 -94.54 40.07 32.18
CA TYR AA 287 -94.00 38.92 32.90
C TYR AA 287 -95.04 37.81 32.91
N GLY AA 288 -94.66 36.64 32.37
CA GLY AA 288 -95.55 35.51 32.36
C GLY AA 288 -96.57 35.48 31.25
N ASN AA 289 -96.54 36.44 30.33
CA ASN AA 289 -97.48 36.46 29.22
C ASN AA 289 -96.91 35.77 27.98
N TYR AA 290 -95.72 35.19 28.06
CA TYR AA 290 -95.10 34.56 26.91
C TYR AA 290 -94.22 33.41 27.40
N THR AA 291 -93.92 32.50 26.49
CA THR AA 291 -92.91 31.47 26.71
C THR AA 291 -92.15 31.26 25.42
N ALA AA 292 -90.84 31.04 25.52
CA ALA AA 292 -90.00 30.89 24.35
C ALA AA 292 -88.87 29.92 24.64
N GLN AA 293 -88.55 29.08 23.67
CA GLN AA 293 -87.43 28.16 23.76
C GLN AA 293 -86.64 28.21 22.46
N VAL AA 294 -85.34 27.94 22.57
CA VAL AA 294 -84.41 28.09 21.45
C VAL AA 294 -83.61 26.81 21.29
N ASP AA 295 -83.53 26.31 20.07
CA ASP AA 295 -82.67 25.19 19.74
C ASP AA 295 -81.57 25.65 18.81
N ILE AA 296 -80.31 25.36 19.17
CA ILE AA 296 -79.16 25.73 18.38
C ILE AA 296 -78.36 24.47 18.08
N GLN AA 297 -78.18 24.17 16.80
CA GLN AA 297 -77.36 23.05 16.35
C GLN AA 297 -76.06 23.61 15.80
N MET AA 298 -74.94 23.12 16.32
CA MET AA 298 -73.62 23.62 15.95
C MET AA 298 -72.78 22.51 15.36
N ASP AA 299 -72.19 22.77 14.20
CA ASP AA 299 -71.26 21.85 13.57
C ASP AA 299 -69.87 22.08 14.14
N PHE AA 300 -69.14 20.98 14.32
CA PHE AA 300 -67.79 21.04 14.87
C PHE AA 300 -66.81 20.29 13.97
N SER AA 301 -66.99 20.41 12.66
CA SER AA 301 -66.07 19.81 11.72
C SER AA 301 -64.73 20.55 11.76
N ALA AA 302 -63.77 20.03 11.00
CA ALA AA 302 -62.41 20.58 10.94
C ALA AA 302 -62.00 20.79 9.49
N VAL AA 303 -62.84 21.50 8.74
CA VAL AA 303 -62.56 21.76 7.33
C VAL AA 303 -61.28 22.58 7.19
N GLU AA 304 -60.51 22.27 6.16
CA GLU AA 304 -59.27 22.97 5.88
C GLU AA 304 -59.01 22.87 4.38
N GLN AA 305 -59.20 23.97 3.66
CA GLN AA 305 -59.27 23.97 2.21
C GLN AA 305 -58.10 24.74 1.61
N THR AA 306 -57.62 24.27 0.46
CA THR AA 306 -56.57 24.95 -0.30
C THR AA 306 -57.03 25.05 -1.75
N ARG AA 307 -57.12 26.28 -2.26
CA ARG AA 307 -57.61 26.53 -3.59
C ARG AA 307 -56.51 27.17 -4.43
N LYS AA 308 -56.30 26.65 -5.63
CA LYS AA 308 -55.34 27.19 -6.58
C LYS AA 308 -56.07 27.53 -7.86
N ARG AA 309 -56.30 28.82 -8.09
CA ARG AA 309 -57.13 29.29 -9.19
C ARG AA 309 -56.28 30.06 -10.19
N PHE AA 310 -56.61 29.91 -11.47
CA PHE AA 310 -55.93 30.58 -12.57
C PHE AA 310 -56.90 31.50 -13.29
N ASP AA 311 -56.40 32.21 -14.29
CA ASP AA 311 -57.20 33.13 -15.09
C ASP AA 311 -57.00 32.81 -16.55
N PRO AA 312 -57.86 31.96 -17.14
CA PRO AA 312 -57.63 31.50 -18.51
C PRO AA 312 -57.68 32.61 -19.55
N ASN AA 313 -58.46 33.66 -19.32
CA ASN AA 313 -58.78 34.63 -20.36
C ASN AA 313 -57.79 35.79 -20.46
N THR AA 314 -56.77 35.85 -19.60
CA THR AA 314 -55.74 36.89 -19.68
C THR AA 314 -54.35 36.26 -19.56
N PRO AA 315 -53.91 35.53 -20.58
CA PRO AA 315 -52.54 35.01 -20.56
C PRO AA 315 -51.54 36.06 -21.04
N ALA AA 316 -50.30 35.90 -20.59
CA ALA AA 316 -49.21 36.80 -20.98
C ALA AA 316 -48.11 35.97 -21.62
N THR AA 317 -47.81 36.24 -22.88
CA THR AA 317 -46.80 35.44 -23.58
C THR AA 317 -45.41 35.75 -23.06
N ARG AA 318 -44.69 34.71 -22.64
CA ARG AA 318 -43.34 34.84 -22.12
C ARG AA 318 -42.28 34.70 -23.21
N SER AA 319 -42.32 33.60 -23.94
CA SER AA 319 -41.48 33.39 -25.10
C SER AA 319 -42.36 32.92 -26.25
N GLU AA 320 -41.88 33.12 -27.47
CA GLU AA 320 -42.69 32.82 -28.64
C GLU AA 320 -41.79 32.50 -29.82
N TYR AA 321 -42.15 31.45 -30.54
CA TYR AA 321 -41.52 31.10 -31.81
C TYR AA 321 -42.60 30.94 -32.86
N ALA AA 322 -42.32 31.43 -34.07
CA ALA AA 322 -43.32 31.39 -35.13
C ALA AA 322 -42.58 31.27 -36.46
N LEU AA 323 -42.73 30.11 -37.11
CA LEU AA 323 -42.19 29.87 -38.44
C LEU AA 323 -43.34 29.78 -39.42
N GLU AA 324 -43.25 30.52 -40.53
CA GLU AA 324 -44.33 30.62 -41.51
C GLU AA 324 -43.70 30.73 -42.91
N ASP AA 325 -43.56 29.60 -43.59
CA ASP AA 325 -42.97 29.58 -44.92
C ASP AA 325 -44.00 29.15 -45.96
N TYR AA 326 -43.84 29.67 -47.18
CA TYR AA 326 -44.72 29.38 -48.29
C TYR AA 326 -43.89 28.83 -49.46
N ASN AA 327 -44.58 28.43 -50.52
CA ASN AA 327 -43.92 27.98 -51.75
C ASN AA 327 -44.85 28.19 -52.94
N GLY AA 365 -49.97 26.63 -53.13
CA GLY AA 365 -48.79 25.81 -52.90
C GLY AA 365 -48.62 25.41 -51.44
N SER AA 366 -47.41 24.97 -51.11
CA SER AA 366 -47.12 24.57 -49.74
C SER AA 366 -47.22 25.76 -48.79
N VAL AA 367 -47.86 25.55 -47.64
CA VAL AA 367 -47.99 26.57 -46.61
C VAL AA 367 -47.78 25.88 -45.27
N ARG AA 368 -46.65 26.11 -44.64
CA ARG AA 368 -46.30 25.51 -43.36
C ARG AA 368 -46.30 26.59 -42.28
N LYS AA 369 -47.08 26.38 -41.22
CA LYS AA 369 -47.24 27.36 -40.15
C LYS AA 369 -46.92 26.69 -38.82
N GLU AA 370 -45.64 26.66 -38.46
CA GLU AA 370 -45.25 26.16 -37.14
C GLU AA 370 -45.31 27.29 -36.12
N SER AA 371 -45.55 26.90 -34.87
CA SER AA 371 -45.68 27.89 -33.80
C SER AA 371 -45.45 27.21 -32.46
N THR AA 372 -44.75 27.89 -31.58
CA THR AA 372 -44.53 27.46 -30.20
C THR AA 372 -44.72 28.67 -29.30
N ARG AA 373 -45.40 28.49 -28.18
CA ARG AA 373 -45.76 29.60 -27.33
C ARG AA 373 -45.75 29.17 -25.87
N ASN AA 374 -45.18 30.00 -25.01
CA ASN AA 374 -45.19 29.79 -23.57
C ASN AA 374 -45.93 30.94 -22.90
N PHE AA 375 -46.72 30.63 -21.88
CA PHE AA 375 -47.59 31.61 -21.26
C PHE AA 375 -47.32 31.72 -19.77
N GLU AA 376 -47.69 32.87 -19.23
CA GLU AA 376 -47.73 33.15 -17.81
C GLU AA 376 -49.15 33.57 -17.45
N LEU AA 377 -49.66 33.04 -16.35
CA LEU AA 377 -51.06 33.18 -16.00
C LEU AA 377 -51.20 33.71 -14.58
N ASP AA 378 -52.28 34.43 -14.33
CA ASP AA 378 -52.58 34.90 -12.98
C ASP AA 378 -52.85 33.70 -12.08
N THR AA 379 -52.16 33.65 -10.95
CA THR AA 379 -52.22 32.50 -10.06
C THR AA 379 -52.57 32.97 -8.66
N THR AA 380 -53.72 32.54 -8.16
CA THR AA 380 -54.14 32.81 -6.80
C THR AA 380 -54.12 31.51 -6.01
N ILE AA 381 -53.48 31.54 -4.84
CA ILE AA 381 -53.37 30.36 -3.98
C ILE AA 381 -53.87 30.77 -2.60
N SER AA 382 -55.06 30.32 -2.24
CA SER AA 382 -55.69 30.70 -0.98
C SER AA 382 -55.85 29.48 -0.09
N HIS AA 383 -55.34 29.57 1.13
CA HIS AA 383 -55.48 28.51 2.12
C HIS AA 383 -56.41 29.01 3.23
N GLU AA 384 -57.57 28.37 3.36
CA GLU AA 384 -58.58 28.74 4.33
C GLU AA 384 -58.72 27.64 5.38
N ARG AA 385 -58.96 28.04 6.62
CA ARG AA 385 -59.16 27.09 7.71
C ARG AA 385 -60.38 27.54 8.50
N LYS AA 386 -61.50 26.85 8.32
CA LYS AA 386 -62.75 27.27 8.92
C LYS AA 386 -62.71 27.10 10.44
N GLN AA 387 -63.45 27.95 11.13
CA GLN AA 387 -63.61 27.78 12.57
C GLN AA 387 -64.42 26.53 12.86
N THR AA 388 -64.05 25.83 13.93
CA THR AA 388 -64.64 24.54 14.24
C THR AA 388 -66.14 24.62 14.50
N GLY AA 389 -66.54 25.26 15.60
CA GLY AA 389 -67.94 25.30 15.97
C GLY AA 389 -68.70 26.44 15.35
N THR AA 390 -69.58 26.13 14.40
CA THR AA 390 -70.39 27.13 13.72
C THR AA 390 -71.86 26.75 13.81
N VAL AA 391 -72.72 27.74 14.08
CA VAL AA 391 -74.15 27.50 14.15
C VAL AA 391 -74.66 27.11 12.77
N ALA AA 392 -75.02 25.84 12.59
CA ALA AA 392 -75.49 25.35 11.30
C ALA AA 392 -76.99 25.56 11.11
N ARG AA 393 -77.75 25.55 12.20
CA ARG AA 393 -79.19 25.75 12.12
C ARG AA 393 -79.68 26.27 13.47
N GLN AA 394 -80.63 27.19 13.42
CA GLN AA 394 -81.17 27.81 14.63
C GLN AA 394 -82.69 27.80 14.56
N THR AA 395 -83.31 27.31 15.63
CA THR AA 395 -84.77 27.20 15.71
C THR AA 395 -85.24 27.95 16.95
N VAL AA 396 -86.19 28.88 16.76
CA VAL AA 396 -86.76 29.64 17.86
C VAL AA 396 -88.27 29.58 17.76
N SER AA 397 -88.94 29.29 18.87
CA SER AA 397 -90.38 29.28 18.95
C SER AA 397 -90.83 30.11 20.14
N VAL AA 398 -91.81 30.99 19.91
CA VAL AA 398 -92.35 31.87 20.95
C VAL AA 398 -93.86 31.68 20.97
N ALA AA 399 -94.41 31.48 22.16
CA ALA AA 399 -95.85 31.34 22.36
C ALA AA 399 -96.34 32.46 23.26
N ILE AA 400 -97.38 33.15 22.81
CA ILE AA 400 -97.93 34.31 23.50
C ILE AA 400 -99.26 33.94 24.11
N LYS AA 401 -99.43 34.28 25.39
CA LYS AA 401 -100.68 33.98 26.08
C LYS AA 401 -101.82 34.77 25.48
N ASP AA 402 -102.96 34.11 25.28
CA ASP AA 402 -104.15 34.78 24.78
C ASP AA 402 -104.81 35.58 25.90
N ARG AA 403 -105.55 36.60 25.49
CA ARG AA 403 -106.28 37.48 26.41
C ARG AA 403 -105.36 38.07 27.48
N PRO AA 417 -106.87 36.27 22.25
CA PRO AA 417 -105.77 36.08 21.29
C PRO AA 417 -105.08 37.39 20.92
N MET AA 418 -104.15 37.31 19.98
CA MET AA 418 -103.40 38.47 19.52
C MET AA 418 -103.58 38.61 18.01
N SER AA 419 -103.73 39.86 17.56
CA SER AA 419 -104.00 40.13 16.16
C SER AA 419 -102.80 39.77 15.29
N GLU AA 420 -103.07 39.55 14.00
CA GLU AA 420 -102.02 39.17 13.07
C GLU AA 420 -100.97 40.27 12.93
N SER AA 421 -101.41 41.55 12.96
CA SER AA 421 -100.47 42.66 12.81
C SER AA 421 -99.45 42.67 13.94
N GLU AA 422 -99.91 42.51 15.17
CA GLU AA 422 -98.97 42.52 16.30
C GLU AA 422 -98.11 41.27 16.32
N ILE AA 423 -98.65 40.13 15.88
CA ILE AA 423 -97.84 38.92 15.76
C ILE AA 423 -96.70 39.14 14.78
N ASN AA 424 -97.00 39.75 13.63
CA ASN AA 424 -95.97 40.01 12.65
C ASN AA 424 -94.98 41.06 13.13
N ALA AA 425 -95.44 42.05 13.91
CA ALA AA 425 -94.53 43.03 14.48
C ALA AA 425 -93.57 42.37 15.47
N ILE AA 426 -94.08 41.48 16.32
CA ILE AA 426 -93.22 40.75 17.23
C ILE AA 426 -92.23 39.90 16.45
N ARG AA 427 -92.69 39.26 15.38
CA ARG AA 427 -91.79 38.48 14.54
C ARG AA 427 -90.70 39.35 13.94
N GLN AA 428 -91.05 40.57 13.51
CA GLN AA 428 -90.05 41.48 12.97
C GLN AA 428 -89.03 41.89 14.01
N VAL AA 429 -89.47 42.13 15.25
CA VAL AA 429 -88.53 42.46 16.32
C VAL AA 429 -87.59 41.29 16.58
N LEU AA 430 -88.15 40.08 16.65
CA LEU AA 430 -87.33 38.90 16.89
C LEU AA 430 -86.30 38.72 15.77
N ILE AA 431 -86.70 38.99 14.52
CA ILE AA 431 -85.77 38.99 13.40
C ILE AA 431 -84.86 40.20 13.57
N GLY AA 432 -83.65 39.97 14.07
CA GLY AA 432 -82.80 41.05 14.50
C GLY AA 432 -82.50 40.95 15.98
N THR AA 433 -83.52 40.59 16.77
CA THR AA 433 -83.24 40.21 18.15
C THR AA 433 -82.39 38.95 18.20
N VAL AA 434 -82.72 37.96 17.38
CA VAL AA 434 -82.00 36.69 17.37
C VAL AA 434 -80.97 36.60 16.24
N GLY AA 435 -81.13 37.38 15.17
CA GLY AA 435 -80.28 37.25 14.02
C GLY AA 435 -80.80 36.20 13.07
N PHE AA 436 -82.08 36.28 12.73
CA PHE AA 436 -82.71 35.29 11.88
C PHE AA 436 -82.02 35.22 10.52
N ASP AA 437 -81.70 34.00 10.08
CA ASP AA 437 -80.97 33.76 8.83
C ASP AA 437 -81.66 32.60 8.11
N GLN AA 438 -82.61 32.93 7.24
CA GLN AA 438 -83.38 31.89 6.55
C GLN AA 438 -82.49 31.08 5.63
N GLY AA 439 -81.53 31.73 4.97
CA GLY AA 439 -80.62 31.02 4.08
C GLY AA 439 -79.80 29.96 4.77
N ARG AA 440 -79.61 30.08 6.08
CA ARG AA 440 -78.91 29.06 6.87
C ARG AA 440 -79.83 27.90 7.23
N GLY AA 441 -81.12 28.01 6.97
CA GLY AA 441 -82.08 27.01 7.38
C GLY AA 441 -82.74 27.28 8.71
N ASP AA 442 -82.56 28.47 9.28
CA ASP AA 442 -83.15 28.80 10.56
C ASP AA 442 -84.67 28.89 10.44
N LEU AA 443 -85.34 28.73 11.58
CA LEU AA 443 -86.79 28.71 11.63
C LEU AA 443 -87.25 29.50 12.85
N LEU AA 444 -88.30 30.30 12.67
CA LEU AA 444 -88.82 31.16 13.71
C LEU AA 444 -90.34 31.05 13.70
N ASN AA 445 -90.90 30.46 14.74
CA ASN AA 445 -92.35 30.32 14.90
C ASN AA 445 -92.83 31.25 16.00
N VAL AA 446 -93.88 32.01 15.72
CA VAL AA 446 -94.54 32.85 16.72
C VAL AA 446 -96.01 32.49 16.69
N LEU AA 447 -96.53 31.99 17.82
CA LEU AA 447 -97.90 31.53 17.92
C LEU AA 447 -98.59 32.23 19.08
N SER AA 448 -99.92 32.27 19.01
CA SER AA 448 -100.75 32.77 20.10
C SER AA 448 -101.55 31.59 20.65
N VAL AA 449 -101.20 31.15 21.87
CA VAL AA 449 -101.79 29.96 22.46
C VAL AA 449 -102.47 30.36 23.77
N LYS AA 450 -103.26 29.43 24.30
CA LYS AA 450 -104.02 29.64 25.53
C LYS AA 450 -103.26 29.01 26.68
N PHE AA 451 -102.71 29.85 27.56
CA PHE AA 451 -102.04 29.35 28.75
C PHE AA 451 -103.06 28.87 29.76
N ALA AA 452 -102.71 27.81 30.48
CA ALA AA 452 -103.59 27.24 31.49
C ALA AA 452 -103.26 27.81 32.87
N ALA BA 255 -61.97 0.43 25.76
CA ALA BA 255 -62.87 1.15 24.87
C ALA BA 255 -64.31 1.02 25.34
N SER BA 256 -64.62 -0.03 26.12
CA SER BA 256 -65.98 -0.18 26.62
C SER BA 256 -66.34 0.93 27.59
N ALA BA 257 -65.36 1.47 28.31
CA ALA BA 257 -65.60 2.66 29.12
C ALA BA 257 -66.00 3.83 28.23
N ALA BA 258 -65.36 3.95 27.06
CA ALA BA 258 -65.77 4.97 26.10
C ALA BA 258 -67.20 4.77 25.65
N ARG BA 259 -67.59 3.52 25.40
CA ARG BA 259 -68.98 3.25 25.03
C ARG BA 259 -69.95 3.61 26.15
N ARG BA 260 -69.57 3.33 27.39
CA ARG BA 260 -70.39 3.72 28.53
C ARG BA 260 -70.58 5.23 28.57
N LYS BA 261 -69.49 5.98 28.37
CA LYS BA 261 -69.61 7.44 28.39
C LYS BA 261 -70.40 7.95 27.20
N GLU BA 262 -70.39 7.24 26.07
CA GLU BA 262 -71.25 7.60 24.96
C GLU BA 262 -72.73 7.43 25.33
N GLN BA 263 -73.04 6.33 26.01
CA GLN BA 263 -74.41 6.16 26.52
C GLN BA 263 -74.78 7.30 27.46
N GLU BA 264 -73.83 7.69 28.32
CA GLU BA 264 -74.08 8.81 29.22
C GLU BA 264 -74.36 10.10 28.46
N LEU BA 265 -73.61 10.34 27.39
CA LEU BA 265 -73.84 11.53 26.56
C LEU BA 265 -75.24 11.51 25.96
N GLU BA 266 -75.64 10.36 25.42
CA GLU BA 266 -76.98 10.27 24.83
C GLU BA 266 -78.06 10.54 25.88
N ARG BA 267 -77.91 9.94 27.07
CA ARG BA 267 -78.89 10.15 28.12
C ARG BA 267 -78.93 11.60 28.57
N SER BA 268 -77.78 12.25 28.64
CA SER BA 268 -77.72 13.66 29.02
C SER BA 268 -78.44 14.53 28.00
N GLN BA 269 -78.24 14.25 26.71
CA GLN BA 269 -78.95 14.98 25.67
C GLN BA 269 -80.46 14.81 25.81
N GLU BA 270 -80.90 13.57 26.03
CA GLU BA 270 -82.32 13.31 26.21
C GLU BA 270 -82.87 14.08 27.40
N GLN BA 271 -82.12 14.11 28.50
CA GLN BA 271 -82.57 14.81 29.70
C GLN BA 271 -82.69 16.30 29.44
N ALA BA 272 -81.72 16.88 28.73
CA ALA BA 272 -81.77 18.30 28.41
C ALA BA 272 -82.99 18.63 27.55
N LEU BA 273 -83.25 17.80 26.54
CA LEU BA 273 -84.42 18.04 25.71
C LEU BA 273 -85.70 17.91 26.51
N ARG BA 274 -85.77 16.94 27.43
CA ARG BA 274 -86.93 16.82 28.28
C ARG BA 274 -87.11 18.06 29.15
N GLU BA 275 -86.01 18.60 29.67
CA GLU BA 275 -86.07 19.81 30.47
C GLU BA 275 -86.64 20.97 29.67
N LYS BA 276 -86.19 21.13 28.42
CA LYS BA 276 -86.73 22.19 27.57
C LYS BA 276 -88.21 21.97 27.29
N ILE BA 277 -88.60 20.73 27.04
CA ILE BA 277 -90.01 20.42 26.80
C ILE BA 277 -90.85 20.82 28.01
N ASP BA 278 -90.37 20.48 29.21
CA ASP BA 278 -91.07 20.88 30.41
C ASP BA 278 -91.14 22.40 30.53
N SER BA 279 -90.02 23.08 30.27
CA SER BA 279 -89.99 24.54 30.42
C SER BA 279 -90.99 25.21 29.49
N VAL BA 280 -91.29 24.58 28.35
CA VAL BA 280 -92.28 25.13 27.43
C VAL BA 280 -93.70 24.73 27.81
N LEU BA 281 -93.92 23.47 28.18
CA LEU BA 281 -95.30 22.98 28.31
C LEU BA 281 -95.88 23.21 29.69
N LEU BA 282 -95.04 23.31 30.73
CA LEU BA 282 -95.56 23.51 32.09
C LEU BA 282 -96.41 24.77 32.23
N PRO BA 283 -95.98 25.95 31.72
CA PRO BA 283 -96.90 27.10 31.73
C PRO BA 283 -98.12 26.91 30.86
N ILE BA 284 -97.92 26.38 29.65
CA ILE BA 284 -99.01 26.31 28.68
C ILE BA 284 -100.08 25.33 29.14
N LEU BA 285 -99.68 24.13 29.52
CA LEU BA 285 -100.65 23.08 29.84
C LEU BA 285 -100.92 22.96 31.34
N GLY BA 286 -99.89 23.08 32.16
CA GLY BA 286 -100.01 22.94 33.59
C GLY BA 286 -99.21 21.74 34.10
N TYR BA 287 -99.30 21.53 35.41
CA TYR BA 287 -98.54 20.48 36.07
C TYR BA 287 -99.36 19.20 36.08
N GLY BA 288 -98.81 18.14 35.50
CA GLY BA 288 -99.47 16.86 35.48
C GLY BA 288 -100.50 16.68 34.39
N ASN BA 289 -100.67 17.65 33.50
CA ASN BA 289 -101.61 17.53 32.39
C ASN BA 289 -100.98 16.99 31.13
N TYR BA 290 -99.70 16.63 31.17
CA TYR BA 290 -99.00 16.15 29.99
C TYR BA 290 -97.92 15.16 30.43
N THR BA 291 -97.48 14.35 29.48
CA THR BA 291 -96.31 13.51 29.65
C THR BA 291 -95.55 13.48 28.34
N ALA BA 292 -94.22 13.50 28.41
CA ALA BA 292 -93.40 13.52 27.21
C ALA BA 292 -92.11 12.77 27.45
N GLN BA 293 -91.67 12.02 26.45
CA GLN BA 293 -90.40 11.32 26.49
C GLN BA 293 -89.66 11.54 25.18
N VAL BA 294 -88.34 11.51 25.24
CA VAL BA 294 -87.48 11.85 24.11
C VAL BA 294 -86.47 10.74 23.90
N ASP BA 295 -86.33 10.30 22.67
CA ASP BA 295 -85.28 9.35 22.28
C ASP BA 295 -84.31 10.03 21.33
N ILE BA 296 -83.02 9.97 21.67
CA ILE BA 296 -81.97 10.57 20.86
C ILE BA 296 -80.97 9.48 20.50
N GLN BA 297 -80.77 9.24 19.21
CA GLN BA 297 -79.78 8.30 18.71
C GLN BA 297 -78.61 9.10 18.15
N MET BA 298 -77.41 8.81 18.63
CA MET BA 298 -76.22 9.54 18.24
C MET BA 298 -75.20 8.61 17.60
N ASP BA 299 -74.71 9.01 16.43
CA ASP BA 299 -73.63 8.29 15.76
C ASP BA 299 -72.29 8.75 16.31
N PHE BA 300 -71.37 7.80 16.44
CA PHE BA 300 -70.04 8.08 16.96
C PHE BA 300 -68.97 7.55 16.02
N SER BA 301 -69.20 7.67 14.72
CA SER BA 301 -68.21 7.26 13.75
C SER BA 301 -67.02 8.23 13.77
N ALA BA 302 -66.01 7.91 12.98
CA ALA BA 302 -64.78 8.70 12.91
C ALA BA 302 -64.45 9.03 11.46
N VAL BA 303 -65.42 9.59 10.74
CA VAL BA 303 -65.23 9.92 9.34
C VAL BA 303 -64.13 10.96 9.20
N GLU BA 304 -63.34 10.83 8.14
CA GLU BA 304 -62.25 11.76 7.85
C GLU BA 304 -62.03 11.73 6.35
N GLN BA 305 -62.43 12.79 5.66
CA GLN BA 305 -62.53 12.81 4.21
C GLN BA 305 -61.53 13.80 3.61
N THR BA 306 -61.01 13.46 2.44
CA THR BA 306 -60.12 14.33 1.67
C THR BA 306 -60.62 14.39 0.24
N ARG BA 307 -60.94 15.59 -0.23
CA ARG BA 307 -61.52 15.79 -1.55
C ARG BA 307 -60.57 16.63 -2.39
N LYS BA 308 -60.31 16.19 -3.61
CA LYS BA 308 -59.47 16.92 -4.56
C LYS BA 308 -60.30 17.15 -5.81
N ARG BA 309 -60.76 18.38 -6.00
CA ARG BA 309 -61.68 18.73 -7.07
C ARG BA 309 -61.01 19.66 -8.07
N PHE BA 310 -61.36 19.48 -9.34
CA PHE BA 310 -60.84 20.29 -10.43
C PHE BA 310 -61.98 21.04 -11.11
N ASP BA 311 -61.63 21.85 -12.10
CA ASP BA 311 -62.60 22.64 -12.85
C ASP BA 311 -62.40 22.39 -14.33
N PRO BA 312 -63.10 21.42 -14.91
CA PRO BA 312 -62.83 21.04 -16.30
C PRO BA 312 -63.10 22.14 -17.31
N ASN BA 313 -64.05 23.04 -17.03
CA ASN BA 313 -64.57 23.96 -18.04
C ASN BA 313 -63.81 25.27 -18.13
N THR BA 314 -62.80 25.50 -17.29
CA THR BA 314 -61.97 26.70 -17.35
C THR BA 314 -60.49 26.35 -17.29
N PRO BA 315 -59.95 25.73 -18.33
CA PRO BA 315 -58.51 25.46 -18.36
C PRO BA 315 -57.73 26.69 -18.83
N ALA BA 316 -56.47 26.75 -18.42
CA ALA BA 316 -55.57 27.82 -18.80
C ALA BA 316 -54.35 27.23 -19.49
N THR BA 317 -54.14 27.58 -20.75
CA THR BA 317 -53.03 27.00 -21.49
C THR BA 317 -51.69 27.54 -20.99
N ARG BA 318 -50.79 26.64 -20.62
CA ARG BA 318 -49.47 26.99 -20.13
C ARG BA 318 -48.44 27.07 -21.24
N SER BA 319 -48.30 26.00 -22.01
CA SER BA 319 -47.46 25.97 -23.19
C SER BA 319 -48.27 25.39 -24.34
N GLU BA 320 -47.87 25.70 -25.56
CA GLU BA 320 -48.65 25.29 -26.71
C GLU BA 320 -47.74 25.16 -27.93
N TYR BA 321 -47.92 24.09 -28.67
CA TYR BA 321 -47.26 23.88 -29.96
C TYR BA 321 -48.33 23.56 -30.99
N ALA BA 322 -48.18 24.13 -32.19
CA ALA BA 322 -49.18 23.93 -33.24
C ALA BA 322 -48.48 23.97 -34.58
N LEU BA 323 -48.42 22.83 -35.26
CA LEU BA 323 -47.89 22.72 -36.60
C LEU BA 323 -49.03 22.45 -37.57
N GLU BA 324 -49.10 23.23 -38.65
CA GLU BA 324 -50.20 23.14 -39.61
C GLU BA 324 -49.65 23.41 -41.01
N ASP BA 325 -49.32 22.34 -41.73
CA ASP BA 325 -48.77 22.46 -43.08
C ASP BA 325 -49.74 21.89 -44.11
N TYR BA 326 -49.70 22.45 -45.31
CA TYR BA 326 -50.55 22.04 -46.42
C TYR BA 326 -49.66 21.67 -47.61
N ASN BA 327 -50.30 21.19 -48.67
CA ASN BA 327 -49.61 20.89 -49.92
C ASN BA 327 -50.59 20.96 -51.09
N GLY BA 365 -55.35 18.50 -51.22
CA GLY BA 365 -54.04 17.91 -51.03
C GLY BA 365 -53.75 17.51 -49.59
N SER BA 366 -52.48 17.28 -49.29
CA SER BA 366 -52.09 16.90 -47.95
C SER BA 366 -52.37 18.03 -46.96
N VAL BA 367 -52.94 17.68 -45.81
CA VAL BA 367 -53.22 18.64 -44.74
C VAL BA 367 -52.85 17.96 -43.43
N ARG BA 368 -51.75 18.38 -42.82
CA ARG BA 368 -51.28 17.82 -41.56
C ARG BA 368 -51.44 18.85 -40.45
N LYS BA 369 -52.14 18.47 -39.39
CA LYS BA 369 -52.45 19.39 -38.28
C LYS BA 369 -51.97 18.75 -36.98
N GLU BA 370 -50.71 18.94 -36.65
CA GLU BA 370 -50.19 18.49 -35.36
C GLU BA 370 -50.42 19.56 -34.30
N SER BA 371 -50.56 19.12 -33.06
CA SER BA 371 -50.83 20.03 -31.96
C SER BA 371 -50.46 19.37 -30.65
N THR BA 372 -49.86 20.15 -29.75
CA THR BA 372 -49.54 19.73 -28.40
C THR BA 372 -49.91 20.86 -27.46
N ARG BA 373 -50.52 20.52 -26.33
CA ARG BA 373 -51.05 21.54 -25.43
C ARG BA 373 -50.93 21.08 -23.99
N ASN BA 374 -50.49 21.98 -23.12
CA ASN BA 374 -50.42 21.74 -21.69
C ASN BA 374 -51.33 22.71 -20.97
N PHE BA 375 -52.03 22.24 -19.94
CA PHE BA 375 -53.05 23.03 -19.27
C PHE BA 375 -52.76 23.14 -17.79
N GLU BA 376 -53.32 24.21 -17.21
CA GLU BA 376 -53.36 24.44 -15.77
C GLU BA 376 -54.83 24.58 -15.37
N LEU BA 377 -55.21 23.94 -14.28
CA LEU BA 377 -56.60 23.81 -13.89
C LEU BA 377 -56.80 24.28 -12.45
N ASP BA 378 -57.99 24.79 -12.16
CA ASP BA 378 -58.32 25.16 -10.79
C ASP BA 378 -58.35 23.90 -9.92
N THR BA 379 -57.64 23.96 -8.80
CA THR BA 379 -57.45 22.79 -7.95
C THR BA 379 -57.85 23.15 -6.53
N THR BA 380 -58.90 22.51 -6.02
CA THR BA 380 -59.32 22.67 -4.64
C THR BA 380 -59.04 21.37 -3.89
N ILE BA 381 -58.39 21.48 -2.73
CA ILE BA 381 -58.05 20.33 -1.91
C ILE BA 381 -58.57 20.61 -0.51
N SER BA 382 -59.66 19.94 -0.13
CA SER BA 382 -60.31 20.16 1.15
C SER BA 382 -60.22 18.91 2.01
N HIS BA 383 -59.71 19.06 3.22
CA HIS BA 383 -59.62 17.97 4.18
C HIS BA 383 -60.60 18.26 5.32
N GLU BA 384 -61.62 17.42 5.45
CA GLU BA 384 -62.65 17.59 6.46
C GLU BA 384 -62.56 16.45 7.47
N ARG BA 385 -62.84 16.77 8.74
CA ARG BA 385 -62.85 15.77 9.80
C ARG BA 385 -64.10 15.98 10.63
N LYS BA 386 -65.08 15.10 10.45
CA LYS BA 386 -66.37 15.27 11.10
C LYS BA 386 -66.25 15.07 12.60
N GLN BA 387 -67.12 15.76 13.35
CA GLN BA 387 -67.22 15.52 14.77
C GLN BA 387 -67.77 14.13 15.04
N THR BA 388 -67.25 13.49 16.08
CA THR BA 388 -67.59 12.11 16.37
C THR BA 388 -69.08 11.92 16.67
N GLY BA 389 -69.55 12.44 17.79
CA GLY BA 389 -70.92 12.22 18.19
C GLY BA 389 -71.90 13.22 17.62
N THR BA 390 -72.74 12.78 16.69
CA THR BA 390 -73.73 13.64 16.06
C THR BA 390 -75.10 13.00 16.17
N VAL BA 391 -76.11 13.80 16.48
CA VAL BA 391 -77.48 13.31 16.58
C VAL BA 391 -77.94 12.86 15.20
N ALA BA 392 -78.07 11.56 14.99
CA ALA BA 392 -78.49 11.03 13.69
C ALA BA 392 -80.00 10.96 13.54
N ARG BA 393 -80.72 10.79 14.65
CA ARG BA 393 -82.18 10.73 14.61
C ARG BA 393 -82.71 11.13 15.98
N GLN BA 394 -83.82 11.86 15.98
CA GLN BA 394 -84.42 12.33 17.21
C GLN BA 394 -85.92 12.04 17.18
N THR BA 395 -86.42 11.43 18.24
CA THR BA 395 -87.82 11.06 18.36
C THR BA 395 -88.39 11.68 19.63
N VAL BA 396 -89.49 12.42 19.49
CA VAL BA 396 -90.16 13.05 20.62
C VAL BA 396 -91.64 12.72 20.55
N SER BA 397 -92.21 12.28 21.67
CA SER BA 397 -93.64 12.01 21.78
C SER BA 397 -94.19 12.72 23.00
N VAL BA 398 -95.32 13.41 22.82
CA VAL BA 398 -95.97 14.14 23.89
C VAL BA 398 -97.42 13.69 23.94
N ALA BA 399 -97.90 13.37 25.14
CA ALA BA 399 -99.28 12.96 25.36
C ALA BA 399 -99.94 13.95 26.31
N ILE BA 400 -101.11 14.46 25.91
CA ILE BA 400 -101.83 15.49 26.64
C ILE BA 400 -103.06 14.86 27.27
N LYS BA 401 -103.25 15.13 28.56
CA LYS BA 401 -104.40 14.59 29.27
C LYS BA 401 -105.70 15.18 28.72
N ASP BA 402 -106.69 14.33 28.53
CA ASP BA 402 -108.00 14.78 28.07
C ASP BA 402 -108.76 15.42 29.22
N ARG BA 403 -109.70 16.31 28.87
CA ARG BA 403 -110.53 17.01 29.83
C ARG BA 403 -109.71 17.73 30.89
N PRO BA 417 -111.01 15.83 25.64
CA PRO BA 417 -109.92 15.86 24.66
C PRO BA 417 -109.49 17.27 24.31
N MET BA 418 -108.58 17.40 23.35
CA MET BA 418 -108.07 18.68 22.90
C MET BA 418 -108.31 18.83 21.41
N SER BA 419 -108.69 20.04 20.99
CA SER BA 419 -109.04 20.28 19.61
C SER BA 419 -107.82 20.17 18.70
N GLU BA 420 -108.08 19.95 17.42
CA GLU BA 420 -107.00 19.79 16.45
C GLU BA 420 -106.18 21.07 16.32
N SER BA 421 -106.83 22.23 16.40
CA SER BA 421 -106.12 23.50 16.26
C SER BA 421 -105.09 23.67 17.37
N GLU BA 422 -105.47 23.40 18.61
CA GLU BA 422 -104.53 23.54 19.71
C GLU BA 422 -103.45 22.47 19.68
N ILE BA 423 -103.79 21.27 19.21
CA ILE BA 423 -102.79 20.22 19.04
C ILE BA 423 -101.73 20.67 18.04
N ASN BA 424 -102.17 21.24 16.91
CA ASN BA 424 -101.22 21.71 15.92
C ASN BA 424 -100.43 22.91 16.41
N ALA BA 425 -101.04 23.77 17.23
CA ALA BA 425 -100.30 24.89 17.81
C ALA BA 425 -99.21 24.39 18.75
N ILE BA 426 -99.53 23.40 19.59
CA ILE BA 426 -98.52 22.82 20.46
C ILE BA 426 -97.42 22.18 19.64
N ARG BA 427 -97.79 21.50 18.55
CA ARG BA 427 -96.79 20.91 17.67
C ARG BA 427 -95.88 21.99 17.07
N GLN BA 428 -96.46 23.13 16.69
CA GLN BA 428 -95.66 24.22 16.16
C GLN BA 428 -94.70 24.77 17.19
N VAL BA 429 -95.15 24.90 18.45
CA VAL BA 429 -94.25 25.37 19.50
C VAL BA 429 -93.11 24.38 19.71
N LEU BA 430 -93.43 23.09 19.75
CA LEU BA 430 -92.41 22.07 19.92
C LEU BA 430 -91.40 22.11 18.79
N ILE BA 431 -91.88 22.34 17.56
CA ILE BA 431 -90.99 22.53 16.42
C ILE BA 431 -90.30 23.88 16.60
N GLY BA 432 -89.06 23.84 17.07
CA GLY BA 432 -88.41 25.07 17.51
C GLY BA 432 -88.07 24.98 18.98
N THR BA 433 -88.97 24.42 19.79
CA THR BA 433 -88.59 24.07 21.15
C THR BA 433 -87.53 22.98 21.14
N VAL BA 434 -87.70 21.96 20.30
CA VAL BA 434 -86.76 20.85 20.23
C VAL BA 434 -85.77 20.97 19.09
N GLY BA 435 -86.09 21.74 18.04
CA GLY BA 435 -85.26 21.79 16.87
C GLY BA 435 -85.60 20.69 15.89
N PHE BA 436 -86.89 20.55 15.59
CA PHE BA 436 -87.36 19.48 14.72
C PHE BA 436 -86.70 19.57 13.34
N ASP BA 437 -86.18 18.44 12.87
CA ASP BA 437 -85.46 18.36 11.59
C ASP BA 437 -85.94 17.12 10.86
N GLN BA 438 -86.96 17.29 10.02
CA GLN BA 438 -87.54 16.16 9.31
C GLN BA 438 -86.54 15.53 8.34
N GLY BA 439 -85.73 16.37 7.68
CA GLY BA 439 -84.75 15.85 6.75
C GLY BA 439 -83.72 14.94 7.40
N ARG BA 440 -83.52 15.06 8.71
CA ARG BA 440 -82.64 14.17 9.45
C ARG BA 440 -83.32 12.85 9.78
N GLY BA 441 -84.62 12.73 9.57
CA GLY BA 441 -85.37 11.57 9.97
C GLY BA 441 -86.03 11.68 11.32
N ASP BA 442 -86.06 12.87 11.92
CA ASP BA 442 -86.66 13.05 13.22
C ASP BA 442 -88.18 12.87 13.14
N LEU BA 443 -88.77 12.57 14.29
CA LEU BA 443 -90.19 12.29 14.37
C LEU BA 443 -90.75 12.95 15.62
N LEU BA 444 -91.93 13.55 15.47
CA LEU BA 444 -92.58 14.27 16.57
C LEU BA 444 -94.05 13.89 16.59
N ASN BA 445 -94.47 13.17 17.62
CA ASN BA 445 -95.86 12.77 17.81
C ASN BA 445 -96.47 13.58 18.94
N VAL BA 446 -97.64 14.15 18.71
CA VAL BA 446 -98.42 14.82 19.74
C VAL BA 446 -99.81 14.21 19.74
N LEU BA 447 -100.19 13.60 20.86
CA LEU BA 447 -101.45 12.90 20.98
C LEU BA 447 -102.23 13.43 22.17
N SER BA 448 -103.54 13.23 22.15
CA SER BA 448 -104.43 13.54 23.26
C SER BA 448 -104.98 12.22 23.80
N VAL BA 449 -104.53 11.83 24.99
CA VAL BA 449 -104.88 10.54 25.56
C VAL BA 449 -105.59 10.77 26.89
N LYS BA 450 -106.18 9.70 27.41
CA LYS BA 450 -106.94 9.74 28.66
C LYS BA 450 -106.04 9.23 29.78
N PHE BA 451 -105.63 10.13 30.67
CA PHE BA 451 -104.84 9.74 31.83
C PHE BA 451 -105.73 9.05 32.85
N ALA BA 452 -105.17 8.04 33.52
CA ALA BA 452 -105.91 7.30 34.54
C ALA BA 452 -105.66 7.89 35.93
N ALA CA 255 -60.31 -11.40 27.11
CA ALA CA 255 -61.36 -10.84 26.27
C ALA CA 255 -62.75 -11.23 26.77
N SER CA 256 -62.84 -12.34 27.51
CA SER CA 256 -64.14 -12.75 28.04
C SER CA 256 -64.66 -11.75 29.05
N ALA CA 257 -63.77 -11.06 29.77
CA ALA CA 257 -64.20 -9.95 30.61
C ALA CA 257 -64.82 -8.85 29.77
N ALA CA 258 -64.26 -8.59 28.59
CA ALA CA 258 -64.86 -7.63 27.67
C ALA CA 258 -66.25 -8.07 27.25
N ARG CA 259 -66.42 -9.38 26.97
CA ARG CA 259 -67.74 -9.88 26.62
C ARG CA 259 -68.73 -9.73 27.77
N ARG CA 260 -68.28 -9.97 28.99
CA ARG CA 260 -69.12 -9.75 30.16
C ARG CA 260 -69.57 -8.31 30.25
N LYS CA 261 -68.65 -7.37 30.05
CA LYS CA 261 -69.02 -5.96 30.12
C LYS CA 261 -69.93 -5.57 28.96
N GLU CA 262 -69.81 -6.24 27.80
CA GLU CA 262 -70.76 -6.01 26.72
C GLU CA 262 -72.16 -6.44 27.12
N GLN CA 263 -72.28 -7.60 27.78
CA GLN CA 263 -73.56 -8.03 28.31
C GLN CA 263 -74.11 -7.01 29.30
N GLU CA 264 -73.23 -6.46 30.14
CA GLU CA 264 -73.64 -5.43 31.08
C GLU CA 264 -74.17 -4.20 30.36
N LEU CA 265 -73.51 -3.79 29.29
CA LEU CA 265 -73.97 -2.65 28.50
C LEU CA 265 -75.36 -2.91 27.93
N GLU CA 266 -75.57 -4.10 27.36
CA GLU CA 266 -76.87 -4.42 26.80
C GLU CA 266 -77.95 -4.37 27.88
N ARG CA 267 -77.67 -4.96 29.05
CA ARG CA 267 -78.66 -4.96 30.13
C ARG CA 267 -78.94 -3.55 30.62
N SER CA 268 -77.91 -2.70 30.69
CA SER CA 268 -78.10 -1.31 31.10
C SER CA 268 -79.00 -0.56 30.13
N GLN CA 269 -78.78 -0.77 28.82
CA GLN CA 269 -79.64 -0.16 27.82
C GLN CA 269 -81.08 -0.60 27.99
N GLU CA 270 -81.29 -1.91 28.19
CA GLU CA 270 -82.65 -2.42 28.39
C GLU CA 270 -83.28 -1.80 29.62
N GLN CA 271 -82.52 -1.67 30.70
CA GLN CA 271 -83.05 -1.08 31.92
C GLN CA 271 -83.45 0.37 31.70
N ALA CA 272 -82.62 1.13 31.00
CA ALA CA 272 -82.94 2.53 30.72
C ALA CA 272 -84.21 2.66 29.90
N LEU CA 273 -84.35 1.82 28.87
CA LEU CA 273 -85.56 1.86 28.07
C LEU CA 273 -86.78 1.48 28.90
N ARG CA 274 -86.64 0.50 29.78
CA ARG CA 274 -87.75 0.14 30.66
C ARG CA 274 -88.12 1.30 31.57
N GLU CA 275 -87.12 2.02 32.08
CA GLU CA 275 -87.39 3.19 32.92
C GLU CA 275 -88.17 4.25 32.16
N LYS CA 276 -87.78 4.51 30.91
CA LYS CA 276 -88.53 5.48 30.10
C LYS CA 276 -89.96 5.01 29.85
N ILE CA 277 -90.12 3.72 29.57
CA ILE CA 277 -91.47 3.17 29.36
C ILE CA 277 -92.33 3.38 30.59
N ASP CA 278 -91.76 3.11 31.77
CA ASP CA 278 -92.49 3.34 33.00
C ASP CA 278 -92.83 4.81 33.17
N SER CA 279 -91.87 5.70 32.90
CA SER CA 279 -92.09 7.12 33.09
C SER CA 279 -93.21 7.64 32.20
N VAL CA 280 -93.43 6.99 31.06
CA VAL CA 280 -94.52 7.38 30.17
C VAL CA 280 -95.84 6.72 30.57
N LEU CA 281 -95.83 5.42 30.90
CA LEU CA 281 -97.08 4.69 31.06
C LEU CA 281 -97.66 4.77 32.46
N LEU CA 282 -96.83 5.00 33.48
CA LEU CA 282 -97.33 5.07 34.85
C LEU CA 282 -98.39 6.16 35.04
N PRO CA 283 -98.19 7.40 34.56
CA PRO CA 283 -99.30 8.37 34.63
C PRO CA 283 -100.49 7.99 33.78
N ILE CA 284 -100.24 7.53 32.55
CA ILE CA 284 -101.32 7.29 31.60
C ILE CA 284 -102.19 6.12 32.06
N LEU CA 285 -101.57 5.00 32.40
CA LEU CA 285 -102.32 3.78 32.71
C LEU CA 285 -102.51 3.59 34.20
N GLY CA 286 -101.50 3.87 35.00
CA GLY CA 286 -101.57 3.66 36.44
C GLY CA 286 -100.55 2.62 36.89
N TYR CA 287 -100.56 2.37 38.19
CA TYR CA 287 -99.62 1.46 38.81
C TYR CA 287 -100.19 0.05 38.79
N GLY CA 288 -99.46 -0.88 38.17
CA GLY CA 288 -99.89 -2.26 38.13
C GLY CA 288 -100.91 -2.60 37.06
N ASN CA 289 -101.27 -1.65 36.20
CA ASN CA 289 -102.20 -1.91 35.11
C ASN CA 289 -101.51 -2.30 33.82
N TYR CA 290 -100.18 -2.41 33.82
CA TYR CA 290 -99.45 -2.74 32.61
C TYR CA 290 -98.20 -3.52 33.00
N THR CA 291 -97.64 -4.22 32.02
CA THR CA 291 -96.33 -4.83 32.14
C THR CA 291 -95.62 -4.71 30.81
N ALA CA 292 -94.32 -4.44 30.85
CA ALA CA 292 -93.55 -4.24 29.64
C ALA CA 292 -92.13 -4.75 29.83
N GLN CA 293 -91.59 -5.38 28.79
CA GLN CA 293 -90.22 -5.83 28.78
C GLN CA 293 -89.57 -5.46 27.46
N VAL CA 294 -88.26 -5.24 27.49
CA VAL CA 294 -87.51 -4.73 26.36
C VAL CA 294 -86.31 -5.64 26.09
N ASP CA 295 -86.13 -6.02 24.84
CA ASP CA 295 -84.95 -6.75 24.40
C ASP CA 295 -84.13 -5.89 23.46
N ILE CA 296 -82.86 -5.72 23.76
CA ILE CA 296 -81.95 -4.93 22.95
C ILE CA 296 -80.77 -5.81 22.54
N GLN CA 297 -80.57 -5.96 21.24
CA GLN CA 297 -79.44 -6.70 20.69
C GLN CA 297 -78.44 -5.69 20.12
N MET CA 298 -77.20 -5.78 20.57
CA MET CA 298 -76.17 -4.82 20.18
C MET CA 298 -75.03 -5.54 19.49
N ASP CA 299 -74.64 -5.03 18.32
CA ASP CA 299 -73.48 -5.53 17.60
C ASP CA 299 -72.22 -4.85 18.13
N PHE CA 300 -71.14 -5.62 18.22
CA PHE CA 300 -69.87 -5.12 18.72
C PHE CA 300 -68.74 -5.42 17.75
N SER CA 301 -69.04 -5.31 16.45
CA SER CA 301 -68.01 -5.51 15.44
C SER CA 301 -67.02 -4.34 15.47
N ALA CA 302 -65.98 -4.45 14.64
CA ALA CA 302 -64.91 -3.46 14.57
C ALA CA 302 -64.69 -3.04 13.13
N VAL CA 303 -65.78 -2.65 12.45
CA VAL CA 303 -65.68 -2.24 11.05
C VAL CA 303 -64.78 -1.03 10.92
N GLU CA 304 -64.01 -0.99 9.84
CA GLU CA 304 -63.11 0.12 9.55
C GLU CA 304 -62.93 0.19 8.04
N GLN CA 305 -63.54 1.17 7.40
CA GLN CA 305 -63.68 1.21 5.96
C GLN CA 305 -62.90 2.38 5.36
N THR CA 306 -62.35 2.16 4.17
CA THR CA 306 -61.65 3.20 3.41
C THR CA 306 -62.20 3.20 1.99
N ARG CA 307 -62.74 4.34 1.56
CA ARG CA 307 -63.37 4.46 0.26
C ARG CA 307 -62.61 5.48 -0.57
N LYS CA 308 -62.31 5.14 -1.81
CA LYS CA 308 -61.65 6.02 -2.76
C LYS CA 308 -62.53 6.13 -3.98
N ARG CA 309 -63.22 7.26 -4.12
CA ARG CA 309 -64.21 7.47 -5.17
C ARG CA 309 -63.75 8.53 -6.14
N PHE CA 310 -64.09 8.32 -7.41
CA PHE CA 310 -63.75 9.23 -8.50
C PHE CA 310 -65.03 9.78 -9.12
N ASP CA 311 -64.86 10.67 -10.10
CA ASP CA 311 -65.98 11.29 -10.80
C ASP CA 311 -65.77 11.12 -12.29
N PRO CA 312 -66.30 10.05 -12.89
CA PRO CA 312 -66.00 9.76 -14.30
C PRO CA 312 -66.50 10.83 -15.26
N ASN CA 313 -67.58 11.53 -14.94
CA ASN CA 313 -68.29 12.36 -15.90
C ASN CA 313 -67.77 13.80 -15.97
N THR CA 314 -66.80 14.18 -15.15
CA THR CA 314 -66.20 15.52 -15.20
C THR CA 314 -64.68 15.42 -15.17
N PRO CA 315 -64.07 14.94 -16.25
CA PRO CA 315 -62.61 14.95 -16.32
C PRO CA 315 -62.08 16.30 -16.77
N ALA CA 316 -60.83 16.57 -16.38
CA ALA CA 316 -60.14 17.81 -16.75
C ALA CA 316 -58.86 17.46 -17.48
N THR CA 317 -58.75 17.87 -18.74
CA THR CA 317 -57.57 17.52 -19.52
C THR CA 317 -56.36 18.28 -19.03
N ARG CA 318 -55.28 17.54 -18.71
CA ARG CA 318 -54.04 18.13 -18.23
C ARG CA 318 -53.07 18.41 -19.37
N SER CA 319 -52.76 17.40 -20.18
CA SER CA 319 -51.97 17.56 -21.37
C SER CA 319 -52.69 16.87 -22.51
N GLU CA 320 -52.38 17.28 -23.74
CA GLU CA 320 -53.10 16.75 -24.88
C GLU CA 320 -52.22 16.83 -26.12
N TYR CA 321 -52.21 15.76 -26.89
CA TYR CA 321 -51.57 15.70 -28.20
C TYR CA 321 -52.59 15.23 -29.21
N ALA CA 322 -52.58 15.84 -30.40
CA ALA CA 322 -53.55 15.50 -31.43
C ALA CA 322 -52.91 15.70 -32.79
N LEU CA 323 -52.67 14.60 -33.51
CA LEU CA 323 -52.15 14.62 -34.86
C LEU CA 323 -53.25 14.17 -35.81
N GLU CA 324 -53.50 14.96 -36.87
CA GLU CA 324 -54.59 14.70 -37.80
C GLU CA 324 -54.13 15.10 -39.21
N ASP CA 325 -53.64 14.12 -39.97
CA ASP CA 325 -53.16 14.37 -41.32
C ASP CA 325 -54.03 13.65 -42.34
N TYR CA 326 -54.13 14.25 -43.53
CA TYR CA 326 -54.91 13.71 -44.63
C TYR CA 326 -54.01 13.54 -45.85
N ASN CA 327 -54.58 12.98 -46.92
CA ASN CA 327 -53.88 12.84 -48.19
C ASN CA 327 -54.88 12.76 -49.33
N GLY CA 365 -59.13 9.49 -49.43
CA GLY CA 365 -57.73 9.14 -49.29
C GLY CA 365 -57.34 8.76 -47.86
N SER CA 366 -56.04 8.77 -47.60
CA SER CA 366 -55.55 8.43 -46.28
C SER CA 366 -56.00 9.46 -45.25
N VAL CA 367 -56.46 8.99 -44.10
CA VAL CA 367 -56.88 9.85 -43.00
C VAL CA 367 -56.37 9.21 -41.71
N ARG CA 368 -55.35 9.82 -41.11
CA ARG CA 368 -54.74 9.31 -39.88
C ARG CA 368 -55.05 10.27 -38.74
N LYS CA 369 -55.65 9.75 -37.67
CA LYS CA 369 -56.08 10.57 -36.53
C LYS CA 369 -55.47 9.99 -35.26
N GLU CA 370 -54.24 10.40 -34.95
CA GLU CA 370 -53.63 10.01 -33.69
C GLU CA 370 -54.02 10.99 -32.60
N SER CA 371 -54.04 10.50 -31.36
CA SER CA 371 -54.44 11.32 -30.23
C SER CA 371 -53.93 10.71 -28.95
N THR CA 372 -53.45 11.56 -28.05
CA THR CA 372 -53.02 11.17 -26.71
C THR CA 372 -53.56 12.20 -25.73
N ARG CA 373 -54.07 11.72 -24.60
CA ARG CA 373 -54.75 12.60 -23.66
C ARG CA 373 -54.51 12.14 -22.24
N ASN CA 374 -54.22 13.08 -21.35
CA ASN CA 374 -54.07 12.82 -19.93
C ASN CA 374 -55.13 13.60 -19.16
N PHE CA 375 -55.69 12.98 -18.13
CA PHE CA 375 -56.83 13.56 -17.42
C PHE CA 375 -56.52 13.69 -15.94
N GLU CA 376 -57.24 14.61 -15.31
CA GLU CA 376 -57.29 14.80 -13.87
C GLU CA 376 -58.75 14.66 -13.44
N LEU CA 377 -58.98 13.93 -12.35
CA LEU CA 377 -60.32 13.55 -11.94
C LEU CA 377 -60.55 13.94 -10.48
N ASP CA 378 -61.80 14.22 -10.15
CA ASP CA 378 -62.16 14.49 -8.76
C ASP CA 378 -61.94 13.23 -7.93
N THR CA 379 -61.21 13.38 -6.83
CA THR CA 379 -60.81 12.24 -6.01
C THR CA 379 -61.22 12.49 -4.57
N THR CA 380 -62.13 11.66 -4.07
CA THR CA 380 -62.53 11.70 -2.67
C THR CA 380 -62.01 10.46 -1.97
N ILE CA 381 -61.36 10.66 -0.82
CA ILE CA 381 -60.79 9.56 -0.04
C ILE CA 381 -61.32 9.71 1.38
N SER CA 382 -62.25 8.84 1.76
CA SER CA 382 -62.90 8.92 3.06
C SER CA 382 -62.56 7.68 3.88
N HIS CA 383 -62.06 7.89 5.08
CA HIS CA 383 -61.75 6.81 6.01
C HIS CA 383 -62.73 6.89 7.18
N GLU CA 384 -63.58 5.88 7.31
CA GLU CA 384 -64.60 5.83 8.34
C GLU CA 384 -64.28 4.71 9.32
N ARG CA 385 -64.57 4.94 10.60
CA ARG CA 385 -64.36 3.92 11.63
C ARG CA 385 -65.62 3.88 12.49
N LYS CA 386 -66.43 2.85 12.32
CA LYS CA 386 -67.71 2.77 12.99
C LYS CA 386 -67.52 2.56 14.49
N GLN CA 387 -68.48 3.06 15.26
CA GLN CA 387 -68.49 2.77 16.69
C GLN CA 387 -68.78 1.30 16.93
N THR CA 388 -68.12 0.73 17.94
CA THR CA 388 -68.20 -0.71 18.20
C THR CA 388 -69.62 -1.17 18.52
N GLY CA 389 -70.15 -0.77 19.67
CA GLY CA 389 -71.45 -1.24 20.09
C GLY CA 389 -72.60 -0.41 19.57
N THR CA 390 -73.38 -0.97 18.64
CA THR CA 390 -74.52 -0.29 18.06
C THR CA 390 -75.75 -1.18 18.18
N VAL CA 391 -76.88 -0.58 18.54
CA VAL CA 391 -78.14 -1.31 18.66
C VAL CA 391 -78.55 -1.79 17.27
N ALA CA 392 -78.45 -3.10 17.03
CA ALA CA 392 -78.80 -3.66 15.73
C ALA CA 392 -80.27 -4.00 15.61
N ARG CA 393 -80.93 -4.32 16.72
CA ARG CA 393 -82.35 -4.64 16.71
C ARG CA 393 -82.90 -4.38 18.11
N GLN CA 394 -84.12 -3.86 18.15
CA GLN CA 394 -84.78 -3.54 19.41
C GLN CA 394 -86.18 -4.09 19.41
N THR CA 395 -86.55 -4.81 20.46
CA THR CA 395 -87.86 -5.43 20.60
C THR CA 395 -88.49 -4.95 21.89
N VAL CA 396 -89.71 -4.42 21.80
CA VAL CA 396 -90.45 -3.95 22.96
C VAL CA 396 -91.86 -4.55 22.91
N SER CA 397 -92.30 -5.11 24.03
CA SER CA 397 -93.65 -5.63 24.17
C SER CA 397 -94.28 -5.07 25.42
N VAL CA 398 -95.52 -4.58 25.29
CA VAL CA 398 -96.28 -4.01 26.40
C VAL CA 398 -97.63 -4.71 26.46
N ALA CA 399 -98.00 -5.15 27.66
CA ALA CA 399 -99.27 -5.80 27.90
C ALA CA 399 -100.08 -4.97 28.89
N ILE CA 400 -101.33 -4.67 28.53
CA ILE CA 400 -102.20 -3.81 29.31
C ILE CA 400 -103.28 -4.67 29.95
N LYS CA 401 -103.49 -4.47 31.25
CA LYS CA 401 -104.51 -5.22 31.96
C LYS CA 401 -105.89 -4.86 31.46
N ASP CA 402 -106.72 -5.88 31.26
CA ASP CA 402 -108.10 -5.65 30.85
C ASP CA 402 -108.95 -5.19 32.04
N ARG CA 403 -110.02 -4.47 31.73
CA ARG CA 403 -110.96 -3.97 32.73
C ARG CA 403 -110.24 -3.13 33.79
N PRO CA 417 -111.31 -5.11 28.52
CA PRO CA 417 -110.28 -4.86 27.51
C PRO CA 417 -110.12 -3.38 27.20
N MET CA 418 -109.27 -3.07 26.22
CA MET CA 418 -109.01 -1.70 25.80
C MET CA 418 -109.32 -1.56 24.32
N SER CA 419 -109.92 -0.43 23.94
CA SER CA 419 -110.35 -0.22 22.57
C SER CA 419 -109.15 -0.09 21.65
N GLU CA 420 -109.40 -0.33 20.36
CA GLU CA 420 -108.34 -0.25 19.36
C GLU CA 420 -107.76 1.15 19.26
N SER CA 421 -108.61 2.17 19.38
CA SER CA 421 -108.14 3.55 19.26
C SER CA 421 -107.12 3.88 20.35
N GLU CA 422 -107.42 3.51 21.59
CA GLU CA 422 -106.49 3.80 22.67
C GLU CA 422 -105.24 2.93 22.59
N ILE CA 423 -105.36 1.70 22.09
CA ILE CA 423 -104.19 0.86 21.88
C ILE CA 423 -103.27 1.51 20.86
N ASN CA 424 -103.83 2.02 19.77
CA ASN CA 424 -103.01 2.69 18.76
C ASN CA 424 -102.43 4.00 19.28
N ALA CA 425 -103.17 4.71 20.13
CA ALA CA 425 -102.63 5.94 20.73
C ALA CA 425 -101.44 5.62 21.63
N ILE CA 426 -101.55 4.56 22.44
CA ILE CA 426 -100.43 4.15 23.28
C ILE CA 426 -99.26 3.74 22.41
N ARG CA 427 -99.53 3.03 21.31
CA ARG CA 427 -98.46 2.66 20.40
C ARG CA 427 -97.78 3.89 19.81
N GLN CA 428 -98.57 4.92 19.47
CA GLN CA 428 -97.98 6.15 18.94
C GLN CA 428 -97.11 6.85 19.98
N VAL CA 429 -97.55 6.85 21.25
CA VAL CA 429 -96.72 7.45 22.30
C VAL CA 429 -95.41 6.68 22.45
N LEU CA 430 -95.50 5.34 22.46
CA LEU CA 430 -94.30 4.53 22.58
C LEU CA 430 -93.34 4.78 21.43
N ILE CA 431 -93.88 4.94 20.22
CA ILE CA 431 -93.09 5.33 19.07
C ILE CA 431 -92.65 6.77 19.27
N GLY CA 432 -91.41 6.96 19.71
CA GLY CA 432 -90.98 8.25 20.18
C GLY CA 432 -90.58 8.19 21.62
N THR CA 433 -91.35 7.47 22.44
CA THR CA 433 -90.87 7.16 23.78
C THR CA 433 -89.64 6.26 23.72
N VAL CA 434 -89.64 5.27 22.85
CA VAL CA 434 -88.52 4.34 22.73
C VAL CA 434 -87.60 4.68 21.57
N GLY CA 435 -88.08 5.38 20.56
CA GLY CA 435 -87.30 5.62 19.36
C GLY CA 435 -87.47 4.49 18.37
N PHE CA 436 -88.72 4.14 18.09
CA PHE CA 436 -89.01 3.02 17.20
C PHE CA 436 -88.42 3.27 15.81
N ASP CA 437 -87.72 2.26 15.29
CA ASP CA 437 -87.03 2.35 14.00
C ASP CA 437 -87.30 1.06 13.24
N GLN CA 438 -88.36 1.06 12.43
CA GLN CA 438 -88.74 -0.14 11.70
C GLN CA 438 -87.68 -0.55 10.68
N GLY CA 439 -87.03 0.43 10.03
CA GLY CA 439 -86.00 0.13 9.07
C GLY CA 439 -84.82 -0.60 9.66
N ARG CA 440 -84.60 -0.48 10.97
CA ARG CA 440 -83.56 -1.21 11.67
C ARG CA 440 -83.97 -2.64 11.98
N GLY CA 441 -85.25 -2.99 11.79
CA GLY CA 441 -85.76 -4.28 12.17
C GLY CA 441 -86.40 -4.31 13.54
N ASP CA 442 -86.62 -3.17 14.17
CA ASP CA 442 -87.21 -3.13 15.49
C ASP CA 442 -88.67 -3.58 15.44
N LEU CA 443 -89.16 -4.02 16.58
CA LEU CA 443 -90.51 -4.55 16.70
C LEU CA 443 -91.15 -4.04 17.98
N LEU CA 444 -92.42 -3.65 17.87
CA LEU CA 444 -93.16 -3.08 19.00
C LEU CA 444 -94.53 -3.73 19.04
N ASN CA 445 -94.79 -4.53 20.07
CA ASN CA 445 -96.08 -5.18 20.27
C ASN CA 445 -96.79 -4.52 21.44
N VAL CA 446 -98.06 -4.18 21.25
CA VAL CA 446 -98.92 -3.68 22.32
C VAL CA 446 -100.17 -4.53 22.33
N LEU CA 447 -100.41 -5.23 23.44
CA LEU CA 447 -101.52 -6.15 23.56
C LEU CA 447 -102.35 -5.80 24.79
N SER CA 448 -103.61 -6.22 24.78
CA SER CA 448 -104.49 -6.11 25.93
C SER CA 448 -104.79 -7.52 26.44
N VAL CA 449 -104.24 -7.86 27.60
CA VAL CA 449 -104.34 -9.19 28.15
C VAL CA 449 -105.04 -9.13 29.50
N LYS CA 450 -105.42 -10.31 30.00
CA LYS CA 450 -106.14 -10.44 31.27
C LYS CA 450 -105.13 -10.81 32.35
N PHE CA 451 -104.87 -9.87 33.26
CA PHE CA 451 -104.00 -10.14 34.39
C PHE CA 451 -104.72 -11.01 35.41
N ALA CA 452 -103.97 -11.90 36.04
CA ALA CA 452 -104.54 -12.79 37.05
C ALA CA 452 -104.36 -12.21 38.45
N ALA DA 255 -56.54 -22.77 28.08
CA ALA DA 255 -57.69 -22.38 27.27
C ALA DA 255 -58.96 -23.04 27.79
N SER DA 256 -58.83 -24.16 28.50
CA SER DA 256 -60.02 -24.81 29.05
C SER DA 256 -60.69 -23.94 30.10
N ALA DA 257 -59.92 -23.13 30.81
CA ALA DA 257 -60.52 -22.14 31.70
C ALA DA 257 -61.36 -21.15 30.91
N ALA DA 258 -60.88 -20.76 29.72
CA ALA DA 258 -61.67 -19.90 28.85
C ALA DA 258 -62.96 -20.58 28.44
N ARG DA 259 -62.90 -21.88 28.13
CA ARG DA 259 -64.13 -22.60 27.79
C ARG DA 259 -65.09 -22.66 28.96
N ARG DA 260 -64.57 -22.84 30.17
CA ARG DA 260 -65.40 -22.82 31.36
C ARG DA 260 -66.11 -21.48 31.51
N LYS DA 261 -65.37 -20.38 31.31
CA LYS DA 261 -66.00 -19.06 31.43
C LYS DA 261 -66.99 -18.81 30.30
N GLU DA 262 -66.78 -19.42 29.13
CA GLU DA 262 -67.78 -19.34 28.08
C GLU DA 262 -69.08 -20.04 28.49
N GLN DA 263 -68.96 -21.21 29.12
CA GLN DA 263 -70.14 -21.88 29.66
C GLN DA 263 -70.83 -21.00 30.69
N GLU DA 264 -70.04 -20.32 31.53
CA GLU DA 264 -70.61 -19.41 32.51
C GLU DA 264 -71.37 -18.28 31.84
N LEU DA 265 -70.81 -17.72 30.76
CA LEU DA 265 -71.50 -16.66 30.02
C LEU DA 265 -72.84 -17.16 29.48
N GLU DA 266 -72.84 -18.35 28.87
CA GLU DA 266 -74.09 -18.89 28.34
C GLU DA 266 -75.13 -19.07 29.44
N ARG DA 267 -74.71 -19.62 30.57
CA ARG DA 267 -75.64 -19.82 31.68
C ARG DA 267 -76.16 -18.50 32.22
N SER DA 268 -75.31 -17.48 32.28
CA SER DA 268 -75.73 -16.17 32.75
C SER DA 268 -76.78 -15.57 31.81
N GLN DA 269 -76.55 -15.70 30.51
CA GLN DA 269 -77.54 -15.21 29.54
C GLN DA 269 -78.88 -15.93 29.73
N GLU DA 270 -78.84 -17.25 29.89
CA GLU DA 270 -80.06 -18.00 30.10
C GLU DA 270 -80.78 -17.53 31.36
N GLN DA 271 -80.02 -17.29 32.43
CA GLN DA 271 -80.62 -16.84 33.68
C GLN DA 271 -81.28 -15.48 33.52
N ALA DA 272 -80.62 -14.57 32.82
CA ALA DA 272 -81.19 -13.24 32.59
C ALA DA 272 -82.49 -13.33 31.80
N LEU DA 273 -82.50 -14.16 30.75
CA LEU DA 273 -83.72 -14.31 29.98
C LEU DA 273 -84.83 -14.93 30.82
N ARG DA 274 -84.50 -15.88 31.67
CA ARG DA 274 -85.49 -16.46 32.57
C ARG DA 274 -86.04 -15.41 33.52
N GLU DA 275 -85.17 -14.53 34.02
CA GLU DA 275 -85.62 -13.46 34.90
C GLU DA 275 -86.60 -12.54 34.19
N LYS DA 276 -86.31 -12.18 32.95
CA LYS DA 276 -87.23 -11.34 32.18
C LYS DA 276 -88.56 -12.06 31.95
N ILE DA 277 -88.51 -13.35 31.63
CA ILE DA 277 -89.72 -14.12 31.43
C ILE DA 277 -90.57 -14.10 32.69
N ASP DA 278 -89.93 -14.30 33.85
CA ASP DA 278 -90.67 -14.24 35.10
C ASP DA 278 -91.26 -12.84 35.32
N SER DA 279 -90.47 -11.79 35.06
CA SER DA 279 -90.95 -10.43 35.29
C SER DA 279 -92.17 -10.12 34.45
N VAL DA 280 -92.30 -10.76 33.29
CA VAL DA 280 -93.46 -10.56 32.44
C VAL DA 280 -94.63 -11.44 32.85
N LEU DA 281 -94.37 -12.73 33.13
CA LEU DA 281 -95.47 -13.68 33.30
C LEU DA 281 -96.02 -13.74 34.71
N LEU DA 282 -95.22 -13.39 35.72
CA LEU DA 282 -95.69 -13.45 37.11
C LEU DA 282 -96.91 -12.58 37.34
N PRO DA 283 -96.97 -11.30 36.91
CA PRO DA 283 -98.22 -10.55 37.03
C PRO DA 283 -99.35 -11.12 36.19
N ILE DA 284 -99.05 -11.49 34.94
CA ILE DA 284 -100.10 -11.90 34.01
C ILE DA 284 -100.73 -13.22 34.45
N LEU DA 285 -99.90 -14.23 34.75
CA LEU DA 285 -100.42 -15.55 35.03
C LEU DA 285 -100.55 -15.83 36.53
N GLY DA 286 -99.57 -15.39 37.31
CA GLY DA 286 -99.55 -15.64 38.74
C GLY DA 286 -98.36 -16.48 39.14
N TYR DA 287 -98.29 -16.77 40.44
CA TYR DA 287 -97.18 -17.52 41.00
C TYR DA 287 -97.49 -19.01 40.96
N GLY DA 288 -96.63 -19.77 40.30
CA GLY DA 288 -96.79 -21.20 40.22
C GLY DA 288 -97.77 -21.69 39.17
N ASN DA 289 -98.32 -20.80 38.35
CA ASN DA 289 -99.22 -21.19 37.27
C ASN DA 289 -98.50 -21.42 35.95
N TYR DA 290 -97.18 -21.29 35.92
CA TYR DA 290 -96.42 -21.45 34.69
C TYR DA 290 -95.05 -22.00 35.02
N THR DA 291 -94.40 -22.57 34.01
CA THR DA 291 -93.00 -22.93 34.08
C THR DA 291 -92.36 -22.65 32.73
N ALA DA 292 -91.12 -22.15 32.76
CA ALA DA 292 -90.44 -21.79 31.54
C ALA DA 292 -88.94 -22.04 31.68
N GLN DA 293 -88.33 -22.54 30.61
CA GLN DA 293 -86.89 -22.73 30.57
C GLN DA 293 -86.36 -22.21 29.24
N VAL DA 294 -85.11 -21.77 29.25
CA VAL DA 294 -84.50 -21.09 28.11
C VAL DA 294 -83.17 -21.77 27.80
N ASP DA 295 -82.94 -22.08 26.53
CA ASP DA 295 -81.66 -22.57 26.05
C ASP DA 295 -81.04 -21.55 25.11
N ILE DA 296 -79.80 -21.16 25.39
CA ILE DA 296 -79.08 -20.20 24.58
C ILE DA 296 -77.78 -20.85 24.12
N GLN DA 297 -77.59 -20.93 22.81
CA GLN DA 297 -76.35 -21.44 22.21
C GLN DA 297 -75.58 -20.26 21.66
N MET DA 298 -74.32 -20.12 22.07
CA MET DA 298 -73.50 -18.99 21.69
C MET DA 298 -72.26 -19.47 20.96
N ASP DA 299 -72.00 -18.87 19.79
CA ASP DA 299 -70.79 -19.13 19.03
C ASP DA 299 -69.66 -18.26 19.56
N PHE DA 300 -68.46 -18.81 19.60
CA PHE DA 300 -67.29 -18.10 20.09
C PHE DA 300 -66.15 -18.17 19.08
N SER DA 301 -66.49 -18.09 17.79
CA SER DA 301 -65.48 -18.08 16.75
C SER DA 301 -64.71 -16.76 16.80
N ALA DA 302 -63.69 -16.65 15.95
CA ALA DA 302 -62.82 -15.48 15.88
C ALA DA 302 -62.71 -14.99 14.44
N VAL DA 303 -63.87 -14.78 13.80
CA VAL DA 303 -63.89 -14.33 12.42
C VAL DA 303 -63.23 -12.97 12.30
N GLU DA 304 -62.51 -12.77 11.20
CA GLU DA 304 -61.83 -11.51 10.93
C GLU DA 304 -61.70 -11.38 9.42
N GLN DA 305 -62.49 -10.49 8.82
CA GLN DA 305 -62.68 -10.45 7.38
C GLN DA 305 -62.13 -9.15 6.81
N THR DA 306 -61.58 -9.23 5.59
CA THR DA 306 -61.11 -8.06 4.85
C THR DA 306 -61.68 -8.12 3.45
N ARG DA 307 -62.43 -7.09 3.06
CA ARG DA 307 -63.10 -7.05 1.77
C ARG DA 307 -62.57 -5.88 0.96
N LYS DA 308 -62.24 -6.15 -0.30
CA LYS DA 308 -61.78 -5.13 -1.23
C LYS DA 308 -62.70 -5.15 -2.43
N ARG DA 309 -63.57 -4.16 -2.53
CA ARG DA 309 -64.62 -4.12 -3.54
C ARG DA 309 -64.39 -2.95 -4.49
N PHE DA 310 -64.72 -3.19 -5.76
CA PHE DA 310 -64.57 -2.21 -6.82
C PHE DA 310 -65.95 -1.87 -7.40
N ASP DA 311 -65.96 -0.95 -8.36
CA ASP DA 311 -67.20 -0.53 -9.02
C ASP DA 311 -67.00 -0.63 -10.51
N PRO DA 312 -67.35 -1.76 -11.14
CA PRO DA 312 -67.05 -1.94 -12.56
C PRO DA 312 -67.74 -0.97 -13.48
N ASN DA 313 -68.93 -0.48 -13.11
CA ASN DA 313 -69.79 0.24 -14.04
C ASN DA 313 -69.55 1.74 -14.07
N THR DA 314 -68.64 2.27 -13.26
CA THR DA 314 -68.29 3.69 -13.28
C THR DA 314 -66.78 3.89 -13.29
N PRO DA 315 -66.12 3.54 -14.40
CA PRO DA 315 -64.68 3.81 -14.50
C PRO DA 315 -64.42 5.25 -14.93
N ALA DA 316 -63.24 5.74 -14.55
CA ALA DA 316 -62.80 7.08 -14.90
C ALA DA 316 -61.49 6.98 -15.67
N THR DA 317 -61.49 7.45 -16.91
CA THR DA 317 -60.29 7.33 -17.73
C THR DA 317 -59.20 8.29 -17.25
N ARG DA 318 -58.03 7.75 -16.97
CA ARG DA 318 -56.88 8.52 -16.50
C ARG DA 318 -56.02 9.02 -17.65
N SER DA 319 -55.55 8.09 -18.48
CA SER DA 319 -54.83 8.42 -19.70
C SER DA 319 -55.45 7.65 -20.85
N GLU DA 320 -55.25 8.13 -22.07
CA GLU DA 320 -55.90 7.53 -23.21
C GLU DA 320 -55.08 7.78 -24.46
N TYR DA 321 -54.90 6.75 -25.27
CA TYR DA 321 -54.29 6.85 -26.59
C TYR DA 321 -55.24 6.22 -27.59
N ALA DA 322 -55.36 6.85 -28.76
CA ALA DA 322 -56.29 6.36 -29.78
C ALA DA 322 -55.72 6.72 -31.15
N LEU DA 323 -55.31 5.69 -31.90
CA LEU DA 323 -54.85 5.84 -33.27
C LEU DA 323 -55.87 5.23 -34.20
N GLU DA 324 -56.28 5.98 -35.23
CA GLU DA 324 -57.34 5.56 -36.15
C GLU DA 324 -56.99 6.06 -37.55
N ASP DA 325 -56.35 5.21 -38.35
CA ASP DA 325 -55.97 5.58 -39.70
C ASP DA 325 -56.72 4.74 -40.73
N TYR DA 326 -56.95 5.33 -41.90
CA TYR DA 326 -57.66 4.69 -42.99
C TYR DA 326 -56.78 4.72 -44.24
N ASN DA 327 -57.26 4.10 -45.31
CA ASN DA 327 -56.59 4.12 -46.60
C ASN DA 327 -57.59 3.89 -47.72
N GLY DA 365 -61.18 -0.09 -47.82
CA GLY DA 365 -59.73 -0.19 -47.72
C GLY DA 365 -59.25 -0.53 -46.32
N SER DA 366 -57.96 -0.30 -46.09
CA SER DA 366 -57.38 -0.57 -44.78
C SER DA 366 -57.98 0.34 -43.72
N VAL DA 367 -58.32 -0.25 -42.57
CA VAL DA 367 -58.86 0.50 -41.43
C VAL DA 367 -58.21 -0.07 -40.18
N ARG DA 368 -57.29 0.69 -39.59
CA ARG DA 368 -56.58 0.28 -38.38
C ARG DA 368 -57.03 1.14 -37.21
N LYS DA 369 -57.48 0.49 -36.14
CA LYS DA 369 -58.03 1.19 -34.97
C LYS DA 369 -57.29 0.70 -33.73
N GLU DA 370 -56.15 1.31 -33.43
CA GLU DA 370 -55.44 1.02 -32.20
C GLU DA 370 -55.98 1.88 -31.07
N SER DA 371 -55.87 1.36 -29.85
CA SER DA 371 -56.38 2.07 -28.69
C SER DA 371 -55.73 1.53 -27.44
N THR DA 372 -55.39 2.44 -26.52
CA THR DA 372 -54.86 2.08 -25.20
C THR DA 372 -55.56 2.97 -24.19
N ARG DA 373 -55.94 2.39 -23.05
CA ARG DA 373 -56.74 3.11 -22.08
C ARG DA 373 -56.39 2.66 -20.67
N ASN DA 374 -56.25 3.62 -19.76
CA ASN DA 374 -56.01 3.35 -18.35
C ASN DA 374 -57.16 3.90 -17.54
N PHE DA 375 -57.59 3.17 -16.52
CA PHE DA 375 -58.78 3.51 -15.77
C PHE DA 375 -58.47 3.67 -14.29
N GLU DA 376 -59.32 4.43 -13.62
CA GLU DA 376 -59.38 4.56 -12.17
C GLU DA 376 -60.76 4.16 -11.71
N LEU DA 377 -60.83 3.37 -10.65
CA LEU DA 377 -62.07 2.74 -10.21
C LEU DA 377 -62.33 3.05 -8.74
N ASP DA 378 -63.61 3.08 -8.37
CA ASP DA 378 -63.97 3.24 -6.97
C ASP DA 378 -63.50 2.04 -6.18
N THR DA 379 -62.79 2.28 -5.09
CA THR DA 379 -62.16 1.22 -4.31
C THR DA 379 -62.58 1.36 -2.86
N THR DA 380 -63.30 0.36 -2.36
CA THR DA 380 -63.67 0.29 -0.95
C THR DA 380 -62.91 -0.85 -0.30
N ILE DA 381 -62.27 -0.56 0.84
CA ILE DA 381 -61.49 -1.56 1.57
C ILE DA 381 -62.00 -1.55 3.01
N SER DA 382 -62.76 -2.58 3.38
CA SER DA 382 -63.37 -2.65 4.70
C SER DA 382 -62.80 -3.83 5.48
N HIS DA 383 -62.31 -3.56 6.67
CA HIS DA 383 -61.79 -4.60 7.56
C HIS DA 383 -62.73 -4.72 8.75
N GLU DA 384 -63.38 -5.87 8.87
CA GLU DA 384 -64.35 -6.13 9.92
C GLU DA 384 -63.81 -7.21 10.86
N ARG DA 385 -64.10 -7.06 12.15
CA ARG DA 385 -63.68 -8.04 13.15
C ARG DA 385 -64.89 -8.33 14.03
N LYS DA 386 -65.51 -9.50 13.85
CA LYS DA 386 -66.73 -9.82 14.55
C LYS DA 386 -66.46 -10.03 16.03
N GLN DA 387 -67.47 -9.74 16.84
CA GLN DA 387 -67.39 -10.05 18.26
C GLN DA 387 -67.41 -11.56 18.46
N THR DA 388 -66.64 -12.02 19.44
CA THR DA 388 -66.45 -13.46 19.66
C THR DA 388 -67.75 -14.16 19.99
N GLY DA 389 -68.31 -13.90 21.16
CA GLY DA 389 -69.50 -14.61 21.60
C GLY DA 389 -70.80 -13.99 21.13
N THR DA 390 -71.47 -14.66 20.21
CA THR DA 390 -72.74 -14.19 19.67
C THR DA 390 -73.78 -15.28 19.79
N VAL DA 391 -75.00 -14.90 20.19
CA VAL DA 391 -76.10 -15.86 20.31
C VAL DA 391 -76.46 -16.37 18.92
N ALA DA 392 -76.12 -17.63 18.64
CA ALA DA 392 -76.41 -18.21 17.33
C ALA DA 392 -77.80 -18.80 17.24
N ARG DA 393 -78.35 -19.27 18.35
CA ARG DA 393 -79.69 -19.84 18.37
C ARG DA 393 -80.24 -19.72 19.78
N GLN DA 394 -81.54 -19.42 19.87
CA GLN DA 394 -82.20 -19.26 21.15
C GLN DA 394 -83.50 -20.05 21.16
N THR DA 395 -83.70 -20.86 22.19
CA THR DA 395 -84.87 -21.70 22.34
C THR DA 395 -85.54 -21.37 23.67
N VAL DA 396 -86.84 -21.08 23.62
CA VAL DA 396 -87.62 -20.78 24.81
C VAL DA 396 -88.89 -21.61 24.77
N SER DA 397 -89.21 -22.28 25.89
CA SER DA 397 -90.43 -23.04 26.03
C SER DA 397 -91.12 -22.63 27.32
N VAL DA 398 -92.43 -22.37 27.22
CA VAL DA 398 -93.24 -21.97 28.37
C VAL DA 398 -94.44 -22.91 28.44
N ALA DA 399 -94.70 -23.44 29.63
CA ALA DA 399 -95.84 -24.32 29.88
C ALA DA 399 -96.74 -23.67 30.90
N ILE DA 400 -98.04 -23.59 30.59
CA ILE DA 400 -99.02 -22.93 31.41
C ILE DA 400 -99.92 -23.97 32.05
N LYS DA 401 -100.13 -23.85 33.36
CA LYS DA 401 -100.96 -24.79 34.07
C LYS DA 401 -102.41 -24.67 33.61
N ASP DA 402 -103.05 -25.81 33.40
CA ASP DA 402 -104.45 -25.83 33.03
C ASP DA 402 -105.34 -25.56 34.25
N ARG DA 403 -106.53 -25.05 33.97
CA ARG DA 403 -107.51 -24.74 35.02
C ARG DA 403 -106.94 -23.82 36.09
N PRO DA 417 -107.77 -25.82 30.78
CA PRO DA 417 -106.84 -25.36 29.76
C PRO DA 417 -106.95 -23.87 29.49
N MET DA 418 -106.20 -23.39 28.50
CA MET DA 418 -106.20 -21.99 28.12
C MET DA 418 -106.56 -21.87 26.64
N SER DA 419 -107.37 -20.86 26.32
CA SER DA 419 -107.87 -20.69 24.96
C SER DA 419 -106.73 -20.32 24.02
N GLU DA 420 -106.98 -20.56 22.73
CA GLU DA 420 -105.97 -20.29 21.71
C GLU DA 420 -105.66 -18.80 21.64
N SER DA 421 -106.67 -17.94 21.80
CA SER DA 421 -106.46 -16.51 21.71
C SER DA 421 -105.49 -16.03 22.80
N GLU DA 422 -105.69 -16.48 24.03
CA GLU DA 422 -104.80 -16.05 25.10
C GLU DA 422 -103.41 -16.67 24.97
N ILE DA 423 -103.33 -17.89 24.43
CA ILE DA 423 -102.03 -18.49 24.17
C ILE DA 423 -101.26 -17.67 23.15
N ASN DA 424 -101.94 -17.24 22.08
CA ASN DA 424 -101.27 -16.41 21.08
C ASN DA 424 -100.93 -15.03 21.62
N ALA DA 425 -101.76 -14.48 22.51
CA ALA DA 425 -101.43 -13.21 23.14
C ALA DA 425 -100.18 -13.32 24.00
N ILE DA 426 -100.09 -14.40 24.79
CA ILE DA 426 -98.88 -14.62 25.58
C ILE DA 426 -97.67 -14.80 24.68
N ARG DA 427 -97.85 -15.51 23.57
CA ARG DA 427 -96.75 -15.66 22.61
C ARG DA 427 -96.32 -14.32 22.05
N GLN DA 428 -97.28 -13.44 21.76
CA GLN DA 428 -96.95 -12.11 21.26
C GLN DA 428 -96.19 -11.29 22.30
N VAL DA 429 -96.58 -11.39 23.57
CA VAL DA 429 -95.85 -10.68 24.62
C VAL DA 429 -94.42 -11.21 24.72
N LEU DA 430 -94.26 -12.53 24.69
CA LEU DA 430 -92.94 -13.12 24.76
C LEU DA 430 -92.08 -12.68 23.59
N ILE DA 431 -92.67 -12.59 22.41
CA ILE DA 431 -91.98 -12.03 21.25
C ILE DA 431 -91.80 -10.54 21.49
N GLY DA 432 -90.60 -10.15 21.91
CA GLY DA 432 -90.40 -8.80 22.40
C GLY DA 432 -89.96 -8.83 23.83
N THR DA 433 -90.57 -9.70 24.65
CA THR DA 433 -90.01 -9.96 25.96
C THR DA 433 -88.64 -10.60 25.85
N VAL DA 434 -88.48 -11.57 24.95
CA VAL DA 434 -87.21 -12.27 24.78
C VAL DA 434 -86.40 -11.75 23.61
N GLY DA 435 -87.03 -11.11 22.63
CA GLY DA 435 -86.34 -10.71 21.43
C GLY DA 435 -86.33 -11.82 20.40
N PHE DA 436 -87.50 -12.39 20.14
CA PHE DA 436 -87.60 -13.52 19.22
C PHE DA 436 -87.11 -13.14 17.83
N ASP DA 437 -86.25 -13.99 17.26
CA ASP DA 437 -85.62 -13.73 15.96
C ASP DA 437 -85.68 -15.05 15.17
N GLN DA 438 -86.74 -15.20 14.38
CA GLN DA 438 -86.93 -16.44 13.63
C GLN DA 438 -85.83 -16.62 12.58
N GLY DA 439 -85.40 -15.53 11.95
CA GLY DA 439 -84.35 -15.61 10.95
C GLY DA 439 -83.03 -16.13 11.50
N ARG DA 440 -82.81 -16.00 12.80
CA ARG DA 440 -81.64 -16.56 13.45
C ARG DA 440 -81.78 -18.05 13.73
N GLY DA 441 -82.98 -18.61 13.56
CA GLY DA 441 -83.23 -19.99 13.91
C GLY DA 441 -83.82 -20.17 15.29
N ASP DA 442 -84.22 -19.10 15.97
CA ASP DA 442 -84.78 -19.20 17.30
C ASP DA 442 -86.13 -19.91 17.26
N LEU DA 443 -86.51 -20.45 18.41
CA LEU DA 443 -87.74 -21.23 18.53
C LEU DA 443 -88.43 -20.87 19.84
N LEU DA 444 -89.74 -20.71 19.78
CA LEU DA 444 -90.54 -20.31 20.93
C LEU DA 444 -91.79 -21.20 20.98
N ASN DA 445 -91.86 -22.06 21.99
CA ASN DA 445 -93.00 -22.93 22.20
C ASN DA 445 -93.80 -22.45 23.41
N VAL DA 446 -95.10 -22.33 23.26
CA VAL DA 446 -96.01 -22.02 24.36
C VAL DA 446 -97.09 -23.09 24.38
N LEU DA 447 -97.17 -23.84 25.47
CA LEU DA 447 -98.10 -24.96 25.59
C LEU DA 447 -98.93 -24.79 26.84
N SER DA 448 -100.10 -25.44 26.84
CA SER DA 448 -100.96 -25.51 28.02
C SER DA 448 -100.98 -26.96 28.49
N VAL DA 449 -100.35 -27.22 29.63
CA VAL DA 449 -100.19 -28.58 30.14
C VAL DA 449 -100.86 -28.67 31.51
N LYS DA 450 -101.00 -29.91 31.98
CA LYS DA 450 -101.65 -30.20 33.26
C LYS DA 450 -100.57 -30.41 34.31
N PHE DA 451 -100.45 -29.45 35.24
CA PHE DA 451 -99.52 -29.59 36.34
C PHE DA 451 -100.05 -30.60 37.35
N ALA DA 452 -99.13 -31.37 37.94
CA ALA DA 452 -99.50 -32.37 38.94
C ALA DA 452 -99.39 -31.79 40.34
N ALA EA 255 -50.74 -33.30 28.62
CA ALA EA 255 -51.98 -33.10 27.85
C ALA EA 255 -53.10 -33.98 28.38
N SER EA 256 -52.75 -35.08 29.06
CA SER EA 256 -53.79 -35.95 29.61
C SER EA 256 -54.58 -35.25 30.70
N ALA EA 257 -53.94 -34.32 31.42
CA ALA EA 257 -54.68 -33.48 32.35
C ALA EA 257 -55.71 -32.64 31.60
N ALA EA 258 -55.33 -32.13 30.42
CA ALA EA 258 -56.29 -31.42 29.59
C ALA EA 258 -57.45 -32.31 29.19
N ARG EA 259 -57.17 -33.56 28.84
CA ARG EA 259 -58.25 -34.49 28.51
C ARG EA 259 -59.16 -34.75 29.70
N ARG EA 260 -58.58 -34.87 30.89
CA ARG EA 260 -59.37 -35.03 32.10
C ARG EA 260 -60.30 -33.84 32.30
N LYS EA 261 -59.78 -32.62 32.12
CA LYS EA 261 -60.62 -31.45 32.29
C LYS EA 261 -61.68 -31.35 31.19
N GLU EA 262 -61.40 -31.88 30.00
CA GLU EA 262 -62.42 -31.95 28.97
C GLU EA 262 -63.56 -32.88 29.39
N GLN EA 263 -63.21 -34.02 29.98
CA GLN EA 263 -64.24 -34.90 30.53
C GLN EA 263 -65.06 -34.18 31.60
N GLU EA 264 -64.37 -33.41 32.44
CA GLU EA 264 -65.07 -32.64 33.46
C GLU EA 264 -66.04 -31.65 32.84
N LEU EA 265 -65.62 -30.97 31.77
CA LEU EA 265 -66.51 -30.04 31.07
C LEU EA 265 -67.75 -30.74 30.54
N GLU EA 266 -67.55 -31.91 29.90
CA GLU EA 266 -68.70 -32.65 29.38
C GLU EA 266 -69.66 -33.04 30.50
N ARG EA 267 -69.12 -33.53 31.61
CA ARG EA 267 -69.97 -33.94 32.73
C ARG EA 267 -70.71 -32.74 33.32
N SER EA 268 -70.04 -31.58 33.39
CA SER EA 268 -70.69 -30.38 33.91
C SER EA 268 -71.84 -29.95 33.00
N GLN EA 269 -71.65 -30.02 31.70
CA GLN EA 269 -72.72 -29.70 30.77
C GLN EA 269 -73.90 -30.63 30.96
N GLU EA 270 -73.63 -31.93 31.08
CA GLU EA 270 -74.70 -32.90 31.31
C GLU EA 270 -75.44 -32.60 32.59
N GLN EA 271 -74.71 -32.25 33.65
CA GLN EA 271 -75.35 -31.95 34.93
C GLN EA 271 -76.24 -30.73 34.82
N ALA EA 272 -75.77 -29.69 34.13
CA ALA EA 272 -76.58 -28.48 33.95
C ALA EA 272 -77.87 -28.78 33.19
N LEU EA 273 -77.75 -29.57 32.11
CA LEU EA 273 -78.94 -29.93 31.36
C LEU EA 273 -79.90 -30.75 32.21
N ARG EA 274 -79.38 -31.67 33.03
CA ARG EA 274 -80.24 -32.43 33.93
C ARG EA 274 -80.94 -31.51 34.92
N GLU EA 275 -80.23 -30.51 35.43
CA GLU EA 275 -80.83 -29.55 36.36
C GLU EA 275 -81.99 -28.81 35.70
N LYS EA 276 -81.80 -28.37 34.45
CA LYS EA 276 -82.87 -27.70 33.73
C LYS EA 276 -84.06 -28.63 33.51
N ILE EA 277 -83.78 -29.88 33.15
CA ILE EA 277 -84.85 -30.86 32.96
C ILE EA 277 -85.65 -31.02 34.23
N ASP EA 278 -84.96 -31.13 35.37
CA ASP EA 278 -85.67 -31.23 36.64
C ASP EA 278 -86.49 -29.98 36.91
N SER EA 279 -85.90 -28.80 36.67
CA SER EA 279 -86.60 -27.55 36.95
C SER EA 279 -87.89 -27.44 36.14
N VAL EA 280 -87.94 -28.06 34.97
CA VAL EA 280 -89.14 -28.06 34.15
C VAL EA 280 -90.12 -29.16 34.56
N LEU EA 281 -89.63 -30.37 34.80
CA LEU EA 281 -90.54 -31.51 34.96
C LEU EA 281 -91.02 -31.71 36.39
N LEU EA 282 -90.27 -31.24 37.38
CA LEU EA 282 -90.68 -31.42 38.78
C LEU EA 282 -92.04 -30.79 39.07
N PRO EA 283 -92.32 -29.54 38.67
CA PRO EA 283 -93.69 -29.02 38.84
C PRO EA 283 -94.73 -29.77 38.00
N ILE EA 284 -94.39 -30.05 36.74
CA ILE EA 284 -95.38 -30.62 35.83
C ILE EA 284 -95.75 -32.04 36.24
N LEU EA 285 -94.75 -32.88 36.49
CA LEU EA 285 -95.01 -34.29 36.75
C LEU EA 285 -95.04 -34.62 38.24
N GLY EA 286 -94.15 -34.03 39.01
CA GLY EA 286 -94.04 -34.31 40.43
C GLY EA 286 -92.71 -34.93 40.78
N TYR EA 287 -92.56 -35.23 42.07
CA TYR EA 287 -91.31 -35.78 42.58
C TYR EA 287 -91.36 -37.30 42.50
N GLY EA 288 -90.39 -37.88 41.80
CA GLY EA 288 -90.29 -39.32 41.68
C GLY EA 288 -91.18 -39.95 40.64
N ASN EA 289 -91.91 -39.16 39.86
CA ASN EA 289 -92.76 -39.68 38.79
C ASN EA 289 -92.05 -39.73 37.44
N TYR EA 290 -90.77 -39.37 37.39
CA TYR EA 290 -90.03 -39.36 36.14
C TYR EA 290 -88.57 -39.66 36.43
N THR EA 291 -87.86 -40.07 35.38
CA THR EA 291 -86.41 -40.18 35.42
C THR EA 291 -85.87 -39.75 34.06
N ALA EA 292 -84.75 -39.05 34.08
CA ALA EA 292 -84.16 -38.53 32.85
C ALA EA 292 -82.65 -38.51 32.95
N GLN EA 293 -81.99 -38.86 31.86
CA GLN EA 293 -80.53 -38.80 31.77
C GLN EA 293 -80.15 -38.16 30.46
N VAL EA 294 -78.99 -37.49 30.45
CA VAL EA 294 -78.54 -36.70 29.32
C VAL EA 294 -77.13 -37.11 28.96
N ASP EA 295 -76.88 -37.34 27.68
CA ASP EA 295 -75.55 -37.58 27.15
C ASP EA 295 -75.15 -36.45 26.23
N ILE EA 296 -73.99 -35.85 26.50
CA ILE EA 296 -73.47 -34.74 25.70
C ILE EA 296 -72.09 -35.13 25.19
N GLN EA 297 -71.92 -35.15 23.87
CA GLN EA 297 -70.64 -35.41 23.23
C GLN EA 297 -70.10 -34.10 22.70
N MET EA 298 -68.87 -33.75 23.09
CA MET EA 298 -68.28 -32.47 22.72
C MET EA 298 -66.99 -32.71 21.95
N ASP EA 299 -66.88 -32.04 20.80
CA ASP EA 299 -65.66 -32.06 20.00
C ASP EA 299 -64.69 -31.01 20.52
N PHE EA 300 -63.41 -31.34 20.52
CA PHE EA 300 -62.37 -30.44 21.01
C PHE EA 300 -61.27 -30.28 19.98
N SER EA 301 -61.65 -30.23 18.70
CA SER EA 301 -60.68 -30.00 17.63
C SER EA 301 -60.17 -28.57 17.71
N ALA EA 302 -59.20 -28.26 16.84
CA ALA EA 302 -58.56 -26.95 16.79
C ALA EA 302 -58.59 -26.42 15.36
N VAL EA 303 -59.78 -26.40 14.75
CA VAL EA 303 -59.91 -25.93 13.38
C VAL EA 303 -59.51 -24.47 13.29
N GLU EA 304 -58.87 -24.11 12.18
CA GLU EA 304 -58.44 -22.74 11.93
C GLU EA 304 -58.38 -22.55 10.43
N GLN EA 305 -59.33 -21.81 9.87
CA GLN EA 305 -59.56 -21.76 8.44
C GLN EA 305 -59.27 -20.37 7.89
N THR EA 306 -58.75 -20.32 6.66
CA THR EA 306 -58.52 -19.07 5.95
C THR EA 306 -59.11 -19.20 4.55
N ARG EA 307 -60.03 -18.32 4.22
CA ARG EA 307 -60.74 -18.37 2.95
C ARG EA 307 -60.43 -17.10 2.16
N LYS EA 308 -60.11 -17.27 0.89
CA LYS EA 308 -59.86 -16.16 -0.03
C LYS EA 308 -60.79 -16.31 -1.21
N ARG EA 309 -61.84 -15.50 -1.26
CA ARG EA 309 -62.90 -15.62 -2.24
C ARG EA 309 -62.90 -14.41 -3.17
N PHE EA 310 -63.22 -14.67 -4.43
CA PHE EA 310 -63.28 -13.65 -5.47
C PHE EA 310 -64.71 -13.56 -6.01
N ASP EA 311 -64.92 -12.63 -6.94
CA ASP EA 311 -66.23 -12.41 -7.56
C ASP EA 311 -66.05 -12.44 -9.06
N PRO EA 312 -66.21 -13.60 -9.71
CA PRO EA 312 -65.92 -13.70 -11.14
C PRO EA 312 -66.81 -12.83 -12.02
N ASN EA 313 -68.04 -12.58 -11.61
CA ASN EA 313 -69.05 -12.01 -12.49
C ASN EA 313 -69.08 -10.49 -12.49
N THR EA 314 -68.25 -9.82 -11.68
CA THR EA 314 -68.18 -8.36 -11.67
C THR EA 314 -66.72 -7.90 -11.71
N PRO EA 315 -66.04 -8.08 -12.84
CA PRO EA 315 -64.68 -7.56 -12.96
C PRO EA 315 -64.68 -6.08 -13.34
N ALA EA 316 -63.60 -5.41 -12.99
CA ALA EA 316 -63.43 -3.99 -13.31
C ALA EA 316 -62.14 -3.84 -14.10
N THR EA 317 -62.25 -3.34 -15.34
CA THR EA 317 -61.08 -3.23 -16.18
C THR EA 317 -60.18 -2.10 -15.70
N ARG EA 318 -58.91 -2.42 -15.46
CA ARG EA 318 -57.91 -1.46 -15.00
C ARG EA 318 -57.17 -0.80 -16.15
N SER EA 319 -56.58 -1.59 -17.02
CA SER EA 319 -55.95 -1.11 -18.24
C SER EA 319 -56.46 -1.96 -19.39
N GLU EA 320 -56.39 -1.42 -20.60
CA GLU EA 320 -56.94 -2.11 -21.75
C GLU EA 320 -56.22 -1.67 -23.01
N TYR EA 321 -55.88 -2.64 -23.85
CA TYR EA 321 -55.33 -2.39 -25.18
C TYR EA 321 -56.17 -3.16 -26.18
N ALA EA 322 -56.45 -2.53 -27.33
CA ALA EA 322 -57.29 -3.15 -28.34
C ALA EA 322 -56.85 -2.67 -29.71
N LEU EA 323 -56.27 -3.58 -30.50
CA LEU EA 323 -55.88 -3.32 -31.87
C LEU EA 323 -56.80 -4.08 -32.80
N GLU EA 324 -57.36 -3.39 -33.80
CA GLU EA 324 -58.36 -3.98 -34.70
C GLU EA 324 -58.14 -3.38 -36.10
N ASP EA 325 -57.38 -4.08 -36.94
CA ASP EA 325 -57.10 -3.61 -38.29
C ASP EA 325 -57.72 -4.55 -39.32
N TYR EA 326 -58.09 -3.98 -40.47
CA TYR EA 326 -58.70 -4.71 -41.56
C TYR EA 326 -57.86 -4.49 -42.83
N ASN EA 327 -58.26 -5.17 -43.90
CA ASN EA 327 -57.64 -4.98 -45.21
C ASN EA 327 -58.60 -5.37 -46.31
N GLY EA 365 -61.43 -9.93 -46.45
CA GLY EA 365 -59.99 -9.76 -46.39
C GLY EA 365 -59.40 -10.04 -45.01
N SER EA 366 -58.17 -9.60 -44.80
CA SER EA 366 -57.52 -9.79 -43.51
C SER EA 366 -58.25 -9.03 -42.41
N VAL EA 367 -58.45 -9.68 -41.27
CA VAL EA 367 -59.08 -9.08 -40.10
C VAL EA 367 -58.31 -9.55 -38.88
N ARG EA 368 -57.52 -8.66 -38.29
CA ARG EA 368 -56.72 -8.96 -37.11
C ARG EA 368 -57.29 -8.23 -35.91
N LYS EA 369 -57.59 -8.98 -34.84
CA LYS EA 369 -58.21 -8.42 -33.64
C LYS EA 369 -57.37 -8.80 -32.43
N GLU EA 370 -56.35 -8.00 -32.15
CA GLU EA 370 -55.57 -8.20 -30.94
C GLU EA 370 -56.22 -7.46 -29.77
N SER EA 371 -55.98 -7.98 -28.57
CA SER EA 371 -56.60 -7.41 -27.37
C SER EA 371 -55.81 -7.86 -26.15
N THR EA 372 -55.62 -6.93 -25.22
CA THR EA 372 -55.01 -7.21 -23.92
C THR EA 372 -55.81 -6.49 -22.87
N ARG EA 373 -56.06 -7.16 -21.74
CA ARG EA 373 -56.95 -6.62 -20.73
C ARG EA 373 -56.47 -7.04 -19.35
N ASN EA 374 -56.49 -6.09 -18.41
CA ASN EA 374 -56.17 -6.35 -17.02
C ASN EA 374 -57.39 -6.03 -16.16
N PHE EA 375 -57.64 -6.85 -15.15
CA PHE EA 375 -58.86 -6.75 -14.37
C PHE EA 375 -58.53 -6.59 -12.89
N GLU EA 376 -59.50 -6.01 -12.18
CA GLU EA 376 -59.53 -5.92 -10.73
C GLU EA 376 -60.81 -6.58 -10.25
N LEU EA 377 -60.71 -7.40 -9.21
CA LEU EA 377 -61.80 -8.24 -8.76
C LEU EA 377 -62.07 -8.02 -7.28
N ASP EA 378 -63.32 -8.23 -6.88
CA ASP EA 378 -63.68 -8.17 -5.47
C ASP EA 378 -62.98 -9.30 -4.73
N THR EA 379 -62.29 -8.96 -3.64
CA THR EA 379 -61.46 -9.91 -2.92
C THR EA 379 -61.86 -9.89 -1.45
N THR EA 380 -62.37 -11.01 -0.97
CA THR EA 380 -62.68 -11.18 0.45
C THR EA 380 -61.71 -12.18 1.05
N ILE EA 381 -61.11 -11.81 2.19
CA ILE EA 381 -60.14 -12.67 2.87
C ILE EA 381 -60.61 -12.79 4.31
N SER EA 382 -61.16 -13.94 4.68
CA SER EA 382 -61.72 -14.16 6.00
C SER EA 382 -60.92 -15.24 6.73
N HIS EA 383 -60.45 -14.92 7.92
CA HIS EA 383 -59.73 -15.85 8.77
C HIS EA 383 -60.60 -16.18 9.98
N GLU EA 384 -61.03 -17.43 10.08
CA GLU EA 384 -61.91 -17.89 11.14
C GLU EA 384 -61.16 -18.87 12.04
N ARG EA 385 -61.43 -18.82 13.34
CA ARG EA 385 -60.83 -19.73 14.30
C ARG EA 385 -61.93 -20.26 15.20
N LYS EA 386 -62.33 -21.51 14.99
CA LYS EA 386 -63.47 -22.05 15.71
C LYS EA 386 -63.12 -22.26 17.18
N GLN EA 387 -64.15 -22.16 18.02
CA GLN EA 387 -63.98 -22.50 19.43
C GLN EA 387 -63.72 -23.99 19.59
N THR EA 388 -62.85 -24.33 20.53
CA THR EA 388 -62.40 -25.71 20.70
C THR EA 388 -63.55 -26.65 21.04
N GLY EA 389 -64.11 -26.52 22.23
CA GLY EA 389 -65.13 -27.45 22.68
C GLY EA 389 -66.53 -27.06 22.26
N THR EA 390 -67.11 -27.82 21.32
CA THR EA 390 -68.45 -27.56 20.83
C THR EA 390 -69.28 -28.83 20.94
N VAL EA 391 -70.53 -28.69 21.38
CA VAL EA 391 -71.44 -29.83 21.50
C VAL EA 391 -71.73 -30.36 20.10
N ALA EA 392 -71.19 -31.53 19.77
CA ALA EA 392 -71.40 -32.13 18.45
C ALA EA 392 -72.66 -32.96 18.37
N ARG EA 393 -73.09 -33.54 19.49
CA ARG EA 393 -74.31 -34.35 19.51
C ARG EA 393 -74.83 -34.36 20.94
N GLN EA 394 -76.15 -34.31 21.06
CA GLN EA 394 -76.81 -34.30 22.37
C GLN EA 394 -77.94 -35.31 22.38
N THR EA 395 -77.96 -36.16 23.39
CA THR EA 395 -78.95 -37.22 23.55
C THR EA 395 -79.64 -37.05 24.89
N VAL EA 396 -80.97 -36.98 24.88
CA VAL EA 396 -81.76 -36.87 26.10
C VAL EA 396 -82.86 -37.92 26.06
N SER EA 397 -83.02 -38.64 27.16
CA SER EA 397 -84.08 -39.63 27.31
C SER EA 397 -84.81 -39.37 28.62
N VAL EA 398 -86.14 -39.36 28.57
CA VAL EA 398 -86.98 -39.14 29.73
C VAL EA 398 -87.98 -40.27 29.81
N ALA EA 399 -88.12 -40.87 30.99
CA ALA EA 399 -89.07 -41.95 31.24
C ALA EA 399 -90.05 -41.50 32.31
N ILE EA 400 -91.34 -41.66 32.01
CA ILE EA 400 -92.41 -41.19 32.88
C ILE EA 400 -93.09 -42.40 33.50
N LYS EA 401 -93.28 -42.35 34.82
CA LYS EA 401 -93.92 -43.44 35.53
C LYS EA 401 -95.38 -43.58 35.10
N ASP EA 402 -95.80 -44.81 34.87
CA ASP EA 402 -97.19 -45.07 34.53
C ASP EA 402 -98.07 -45.00 35.76
N ARG EA 403 -99.35 -44.70 35.54
CA ARG EA 403 -100.33 -44.60 36.61
C ARG EA 403 -99.90 -43.61 37.70
N PRO EA 417 -100.52 -45.61 32.36
CA PRO EA 417 -99.70 -44.96 31.33
C PRO EA 417 -100.08 -43.50 31.10
N MET EA 418 -99.47 -42.87 30.11
CA MET EA 418 -99.73 -41.48 29.76
C MET EA 418 -100.14 -41.39 28.30
N SER EA 419 -101.13 -40.54 28.03
CA SER EA 419 -101.68 -40.43 26.69
C SER EA 419 -100.66 -39.84 25.73
N GLU EA 420 -100.90 -40.10 24.44
CA GLU EA 420 -99.98 -39.60 23.41
C GLU EA 420 -99.94 -38.09 23.38
N SER EA 421 -101.09 -37.44 23.59
CA SER EA 421 -101.14 -35.98 23.54
C SER EA 421 -100.24 -35.36 24.62
N GLU EA 422 -100.32 -35.87 25.84
CA GLU EA 422 -99.49 -35.31 26.90
C GLU EA 422 -98.02 -35.67 26.71
N ILE EA 423 -97.74 -36.85 26.15
CA ILE EA 423 -96.35 -37.20 25.84
C ILE EA 423 -95.77 -36.21 24.83
N ASN EA 424 -96.54 -35.89 23.79
CA ASN EA 424 -96.07 -34.94 22.79
C ASN EA 424 -95.97 -33.53 23.37
N ALA EA 425 -96.86 -33.16 24.30
CA ALA EA 425 -96.75 -31.86 24.95
C ALA EA 425 -95.48 -31.76 25.78
N ILE EA 426 -95.16 -32.83 26.53
CA ILE EA 426 -93.92 -32.86 27.30
C ILE EA 426 -92.73 -32.79 26.36
N ARG EA 427 -92.80 -33.49 25.23
CA ARG EA 427 -91.72 -33.42 24.25
C ARG EA 427 -91.56 -32.00 23.72
N GLN EA 428 -92.67 -31.30 23.48
CA GLN EA 428 -92.59 -29.93 23.01
C GLN EA 428 -91.96 -29.01 24.05
N VAL EA 429 -92.30 -29.21 25.33
CA VAL EA 429 -91.68 -28.42 26.39
C VAL EA 429 -90.17 -28.68 26.44
N LEU EA 430 -89.78 -29.95 26.37
CA LEU EA 430 -88.37 -30.30 26.39
C LEU EA 430 -87.64 -29.67 25.22
N ILE EA 431 -88.26 -29.65 24.05
CA ILE EA 431 -87.71 -28.96 22.89
C ILE EA 431 -87.81 -27.47 23.17
N GLY EA 432 -86.69 -26.88 23.58
CA GLY EA 432 -86.71 -25.53 24.10
C GLY EA 432 -86.24 -25.51 25.53
N THR EA 433 -86.65 -26.50 26.32
CA THR EA 433 -86.02 -26.68 27.62
C THR EA 433 -84.56 -27.06 27.46
N VAL EA 434 -84.26 -27.96 26.53
CA VAL EA 434 -82.90 -28.42 26.31
C VAL EA 434 -82.21 -27.73 25.12
N GLY EA 435 -82.98 -27.20 24.19
CA GLY EA 435 -82.40 -26.64 22.99
C GLY EA 435 -82.22 -27.70 21.93
N PHE EA 436 -83.28 -28.48 21.67
CA PHE EA 436 -83.20 -29.57 20.73
C PHE EA 436 -82.82 -29.07 19.34
N ASP EA 437 -81.84 -29.75 18.73
CA ASP EA 437 -81.29 -29.36 17.42
C ASP EA 437 -81.14 -30.63 16.59
N GLN EA 438 -82.18 -30.96 15.82
CA GLN EA 438 -82.16 -32.19 15.03
C GLN EA 438 -81.07 -32.14 13.96
N GLY EA 439 -80.86 -30.98 13.35
CA GLY EA 439 -79.84 -30.85 12.33
C GLY EA 439 -78.44 -31.14 12.83
N ARG EA 440 -78.22 -31.00 14.13
CA ARG EA 440 -76.94 -31.35 14.74
C ARG EA 440 -76.81 -32.84 14.97
N GLY EA 441 -77.89 -33.61 14.81
CA GLY EA 441 -77.89 -35.01 15.14
C GLY EA 441 -78.39 -35.34 16.52
N ASP EA 442 -78.96 -34.37 17.23
CA ASP EA 442 -79.46 -34.61 18.58
C ASP EA 442 -80.66 -35.54 18.55
N LEU EA 443 -80.91 -36.18 19.68
CA LEU EA 443 -81.97 -37.17 19.81
C LEU EA 443 -82.67 -36.97 21.15
N LEU EA 444 -84.00 -37.06 21.12
CA LEU EA 444 -84.83 -36.84 22.30
C LEU EA 444 -85.88 -37.93 22.35
N ASN EA 445 -85.78 -38.82 23.34
CA ASN EA 445 -86.74 -39.88 23.55
C ASN EA 445 -87.57 -39.59 24.78
N VAL EA 446 -88.88 -39.70 24.66
CA VAL EA 446 -89.79 -39.59 25.80
C VAL EA 446 -90.66 -40.83 25.80
N LEU EA 447 -90.58 -41.61 26.87
CA LEU EA 447 -91.29 -42.88 26.98
C LEU EA 447 -92.11 -42.90 28.26
N SER EA 448 -93.14 -43.73 28.26
CA SER EA 448 -93.94 -44.00 29.45
C SER EA 448 -93.69 -45.44 29.88
N VAL EA 449 -92.99 -45.62 31.01
CA VAL EA 449 -92.59 -46.93 31.47
C VAL EA 449 -93.18 -47.18 32.85
N LYS EA 450 -93.09 -48.43 33.29
CA LYS EA 450 -93.64 -48.87 34.57
C LYS EA 450 -92.51 -48.90 35.59
N PHE EA 451 -92.54 -47.97 36.54
CA PHE EA 451 -91.57 -47.97 37.62
C PHE EA 451 -91.88 -49.08 38.61
N ALA EA 452 -90.82 -49.68 39.15
CA ALA EA 452 -90.98 -50.76 40.13
C ALA EA 452 -90.94 -50.21 41.55
N ALA FA 255 -43.15 -42.61 28.73
CA ALA FA 255 -44.41 -42.62 28.00
C ALA FA 255 -45.34 -43.71 28.52
N SER FA 256 -44.79 -44.74 29.16
CA SER FA 256 -45.63 -45.80 29.70
C SER FA 256 -46.50 -45.27 30.83
N ALA FA 257 -46.02 -44.27 31.57
CA ALA FA 257 -46.89 -43.59 32.53
C ALA FA 257 -48.07 -42.93 31.84
N ALA FA 258 -47.82 -42.35 30.66
CA ALA FA 258 -48.91 -41.79 29.87
C ALA FA 258 -49.91 -42.87 29.47
N ARG FA 259 -49.42 -44.04 29.08
CA ARG FA 259 -50.31 -45.14 28.73
C ARG FA 259 -51.13 -45.58 29.95
N ARG FA 260 -50.51 -45.63 31.11
CA ARG FA 260 -51.22 -45.97 32.34
C ARG FA 260 -52.35 -44.96 32.60
N LYS FA 261 -52.07 -43.67 32.44
CA LYS FA 261 -53.10 -42.66 32.67
C LYS FA 261 -54.19 -42.73 31.60
N GLU FA 262 -53.84 -43.18 30.38
CA GLU FA 262 -54.87 -43.40 29.37
C GLU FA 262 -55.80 -44.53 29.79
N GLN FA 263 -55.24 -45.61 30.34
CA GLN FA 263 -56.07 -46.68 30.88
C GLN FA 263 -56.98 -46.15 31.99
N GLU FA 264 -56.42 -45.28 32.84
CA GLU FA 264 -57.22 -44.67 33.90
C GLU FA 264 -58.37 -43.85 33.33
N LEU FA 265 -58.11 -43.09 32.26
CA LEU FA 265 -59.17 -42.32 31.62
C LEU FA 265 -60.27 -43.22 31.09
N GLU FA 266 -59.89 -44.31 30.42
CA GLU FA 266 -60.90 -45.23 29.90
C GLU FA 266 -61.75 -45.82 31.03
N ARG FA 267 -61.09 -46.24 32.11
CA ARG FA 267 -61.83 -46.81 33.23
C ARG FA 267 -62.75 -45.79 33.88
N SER FA 268 -62.30 -44.53 33.97
CA SER FA 268 -63.14 -43.47 34.53
C SER FA 268 -64.38 -43.24 33.67
N GLN FA 269 -64.21 -43.23 32.36
CA GLN FA 269 -65.35 -43.09 31.46
C GLN FA 269 -66.34 -44.24 31.65
N GLU FA 270 -65.82 -45.46 31.73
CA GLU FA 270 -66.69 -46.61 31.95
C GLU FA 270 -67.45 -46.49 33.26
N GLN FA 271 -66.77 -46.04 34.31
CA GLN FA 271 -67.41 -45.89 35.61
C GLN FA 271 -68.51 -44.85 35.56
N ALA FA 272 -68.26 -43.72 34.88
CA ALA FA 272 -69.28 -42.68 34.77
C ALA FA 272 -70.51 -43.18 34.02
N LEU FA 273 -70.28 -43.91 32.92
CA LEU FA 273 -71.42 -44.46 32.19
C LEU FA 273 -72.18 -45.46 33.03
N ARG FA 274 -71.48 -46.28 33.81
CA ARG FA 274 -72.17 -47.21 34.71
C ARG FA 274 -72.99 -46.46 35.74
N GLU FA 275 -72.45 -45.36 36.26
CA GLU FA 275 -73.21 -44.55 37.23
C GLU FA 275 -74.48 -44.01 36.61
N LYS FA 276 -74.41 -43.51 35.38
CA LYS FA 276 -75.61 -43.03 34.70
C LYS FA 276 -76.61 -44.16 34.48
N ILE FA 277 -76.13 -45.34 34.08
CA ILE FA 277 -77.00 -46.49 33.88
C ILE FA 277 -77.73 -46.82 35.17
N ASP FA 278 -77.00 -46.83 36.28
CA ASP FA 278 -77.64 -47.08 37.57
C ASP FA 278 -78.66 -46.01 37.90
N SER FA 279 -78.32 -44.74 37.67
CA SER FA 279 -79.23 -43.65 38.01
C SER FA 279 -80.53 -43.74 37.23
N VAL FA 280 -80.49 -44.34 36.04
CA VAL FA 280 -81.70 -44.53 35.25
C VAL FA 280 -82.45 -45.79 35.65
N LEU FA 281 -81.74 -46.91 35.84
CA LEU FA 281 -82.42 -48.19 35.98
C LEU FA 281 -82.82 -48.51 37.42
N LEU FA 282 -82.14 -47.94 38.41
CA LEU FA 282 -82.49 -48.23 39.81
C LEU FA 282 -83.92 -47.86 40.15
N PRO FA 283 -84.45 -46.67 39.79
CA PRO FA 283 -85.88 -46.42 40.00
C PRO FA 283 -86.78 -47.32 39.17
N ILE FA 284 -86.44 -47.50 37.90
CA ILE FA 284 -87.33 -48.21 36.99
C ILE FA 284 -87.43 -49.68 37.36
N LEU FA 285 -86.29 -50.34 37.57
CA LEU FA 285 -86.28 -51.78 37.79
C LEU FA 285 -86.21 -52.15 39.27
N GLY FA 286 -85.42 -51.42 40.04
CA GLY FA 286 -85.23 -51.71 41.45
C GLY FA 286 -83.79 -52.10 41.75
N TYR FA 287 -83.56 -52.39 43.02
CA TYR FA 287 -82.21 -52.72 43.50
C TYR FA 287 -81.99 -54.23 43.37
N GLY FA 288 -80.95 -54.60 42.63
CA GLY FA 288 -80.61 -55.99 42.47
C GLY FA 288 -81.40 -56.75 41.43
N ASN FA 289 -82.28 -56.08 40.68
CA ASN FA 289 -83.04 -56.72 39.62
C ASN FA 289 -82.37 -56.61 38.26
N TYR FA 290 -81.17 -56.03 38.19
CA TYR FA 290 -80.49 -55.85 36.92
C TYR FA 290 -78.99 -55.89 37.17
N THR FA 291 -78.25 -56.14 36.09
CA THR FA 291 -76.80 -55.99 36.10
C THR FA 291 -76.38 -55.43 34.74
N ALA FA 292 -75.41 -54.54 34.76
CA ALA FA 292 -74.96 -53.90 33.53
C ALA FA 292 -73.47 -53.61 33.60
N GLN FA 293 -72.78 -53.80 32.49
CA GLN FA 293 -71.37 -53.48 32.37
C GLN FA 293 -71.13 -52.74 31.06
N VAL FA 294 -70.12 -51.89 31.05
CA VAL FA 294 -69.85 -50.98 29.93
C VAL FA 294 -68.39 -51.12 29.53
N ASP FA 295 -68.15 -51.28 28.24
CA ASP FA 295 -66.80 -51.27 27.67
C ASP FA 295 -66.64 -50.05 26.78
N ILE FA 296 -65.60 -49.27 27.04
CA ILE FA 296 -65.32 -48.07 26.26
C ILE FA 296 -63.90 -48.19 25.71
N GLN FA 297 -63.77 -48.14 24.39
CA GLN FA 297 -62.48 -48.14 23.72
C GLN FA 297 -62.20 -46.74 23.21
N MET FA 298 -61.05 -46.19 23.58
CA MET FA 298 -60.69 -44.82 23.24
C MET FA 298 -59.41 -44.79 22.43
N ASP FA 299 -59.44 -44.09 21.30
CA ASP FA 299 -58.27 -43.87 20.48
C ASP FA 299 -57.50 -42.68 21.01
N PHE FA 300 -56.17 -42.77 20.97
CA PHE FA 300 -55.29 -41.72 21.46
C PHE FA 300 -54.27 -41.34 20.40
N SER FA 301 -54.69 -41.32 19.14
CA SER FA 301 -53.81 -40.89 18.06
C SER FA 301 -53.55 -39.39 18.17
N ALA FA 302 -52.69 -38.89 17.29
CA ALA FA 302 -52.29 -37.49 17.26
C ALA FA 302 -52.45 -36.93 15.85
N VAL FA 303 -53.64 -37.12 15.27
CA VAL FA 303 -53.90 -36.64 13.92
C VAL FA 303 -53.77 -35.12 13.86
N GLU FA 304 -53.23 -34.63 12.75
CA GLU FA 304 -53.06 -33.21 12.53
C GLU FA 304 -53.07 -32.97 11.03
N GLN FA 305 -54.16 -32.40 10.52
CA GLN FA 305 -54.43 -32.36 9.10
C GLN FA 305 -54.42 -30.92 8.58
N THR FA 306 -53.94 -30.75 7.34
CA THR FA 306 -53.95 -29.46 6.66
C THR FA 306 -54.55 -29.65 5.28
N ARG FA 307 -55.63 -28.94 4.99
CA ARG FA 307 -56.35 -29.09 3.73
C ARG FA 307 -56.30 -27.77 2.97
N LYS FA 308 -55.98 -27.84 1.69
CA LYS FA 308 -55.96 -26.68 0.80
C LYS FA 308 -56.88 -26.98 -0.36
N ARG FA 309 -58.05 -26.37 -0.36
CA ARG FA 309 -59.10 -26.64 -1.33
C ARG FA 309 -59.35 -25.44 -2.22
N PHE FA 310 -59.64 -25.72 -3.48
CA PHE FA 310 -59.92 -24.70 -4.48
C PHE FA 310 -61.36 -24.85 -4.99
N ASP FA 311 -61.76 -23.96 -5.89
CA ASP FA 311 -63.10 -23.96 -6.47
C ASP FA 311 -62.97 -23.92 -7.98
N PRO FA 312 -62.92 -25.08 -8.65
CA PRO FA 312 -62.66 -25.08 -10.09
C PRO FA 312 -63.70 -24.37 -10.93
N ASN FA 313 -64.96 -24.35 -10.48
CA ASN FA 313 -66.07 -23.95 -11.33
C ASN FA 313 -66.39 -22.46 -11.28
N THR FA 314 -65.67 -21.67 -10.47
CA THR FA 314 -65.86 -20.23 -10.42
C THR FA 314 -64.50 -19.51 -10.47
N PRO FA 315 -63.83 -19.54 -11.62
CA PRO FA 315 -62.59 -18.77 -11.76
C PRO FA 315 -62.88 -17.32 -12.11
N ALA FA 316 -61.92 -16.45 -11.75
CA ALA FA 316 -62.00 -15.03 -12.03
C ALA FA 316 -60.80 -14.63 -12.85
N THR FA 317 -61.03 -14.13 -14.06
CA THR FA 317 -59.92 -13.79 -14.93
C THR FA 317 -59.21 -12.52 -14.43
N ARG FA 318 -57.90 -12.62 -14.23
CA ARG FA 318 -57.09 -11.51 -13.76
C ARG FA 318 -56.52 -10.69 -14.91
N SER FA 319 -55.81 -11.35 -15.82
CA SER FA 319 -55.32 -10.73 -17.04
C SER FA 319 -55.69 -11.63 -18.20
N GLU FA 320 -55.74 -11.04 -19.40
CA GLU FA 320 -56.20 -11.79 -20.55
C GLU FA 320 -55.60 -11.21 -21.81
N TYR FA 321 -55.11 -12.07 -22.69
CA TYR FA 321 -54.66 -11.71 -24.02
C TYR FA 321 -55.37 -12.58 -25.03
N ALA FA 322 -55.78 -11.99 -26.15
CA ALA FA 322 -56.54 -12.72 -27.16
C ALA FA 322 -56.21 -12.14 -28.52
N LEU FA 323 -55.51 -12.90 -29.35
CA LEU FA 323 -55.21 -12.54 -30.72
C LEU FA 323 -56.00 -13.44 -31.67
N GLU FA 324 -56.71 -12.84 -32.62
CA GLU FA 324 -57.59 -13.56 -33.52
C GLU FA 324 -57.54 -12.90 -34.90
N ASP FA 325 -56.69 -13.44 -35.78
CA ASP FA 325 -56.53 -12.90 -37.12
C ASP FA 325 -57.00 -13.90 -38.17
N TYR FA 326 -57.49 -13.38 -39.29
CA TYR FA 326 -57.99 -14.18 -40.39
C TYR FA 326 -57.25 -13.77 -41.67
N ASN FA 327 -57.54 -14.49 -42.75
CA ASN FA 327 -56.99 -14.17 -44.06
C ASN FA 327 -57.91 -14.69 -45.17
N GLY FA 365 -59.86 -19.67 -45.37
CA GLY FA 365 -58.48 -19.25 -45.33
C GLY FA 365 -57.82 -19.46 -43.97
N SER FA 366 -56.68 -18.80 -43.78
CA SER FA 366 -55.97 -18.91 -42.51
C SER FA 366 -56.79 -18.32 -41.38
N VAL FA 367 -56.84 -19.03 -40.25
CA VAL FA 367 -57.54 -18.58 -39.05
C VAL FA 367 -56.66 -18.94 -37.86
N ARG FA 368 -56.04 -17.93 -37.26
CA ARG FA 368 -55.15 -18.12 -36.11
C ARG FA 368 -55.81 -17.53 -34.88
N LYS FA 369 -55.95 -18.34 -33.83
CA LYS FA 369 -56.63 -17.94 -32.60
C LYS FA 369 -55.70 -18.18 -31.42
N GLU FA 370 -54.83 -17.22 -31.13
CA GLU FA 370 -54.00 -17.30 -29.95
C GLU FA 370 -54.74 -16.73 -28.74
N SER FA 371 -54.38 -17.23 -27.56
CA SER FA 371 -55.05 -16.81 -26.33
C SER FA 371 -54.18 -17.14 -25.15
N THR FA 372 -54.12 -16.22 -24.19
CA THR FA 372 -53.43 -16.41 -22.92
C THR FA 372 -54.32 -15.88 -21.82
N ARG FA 373 -54.42 -16.61 -20.71
CA ARG FA 373 -55.37 -16.26 -19.66
C ARG FA 373 -54.79 -16.63 -18.31
N ASN FA 374 -54.95 -15.72 -17.34
CA ASN FA 374 -54.55 -15.94 -15.96
C ASN FA 374 -55.78 -15.88 -15.07
N PHE FA 375 -55.86 -16.76 -14.08
CA PHE FA 375 -57.05 -16.89 -13.27
C PHE FA 375 -56.72 -16.71 -11.80
N GLU FA 376 -57.76 -16.34 -11.05
CA GLU FA 376 -57.76 -16.30 -9.59
C GLU FA 376 -58.89 -17.18 -9.11
N LEU FA 377 -58.61 -17.99 -8.09
CA LEU FA 377 -59.53 -19.03 -7.65
C LEU FA 377 -59.79 -18.91 -6.16
N ASP FA 378 -60.97 -19.34 -5.73
CA ASP FA 378 -61.29 -19.39 -4.31
C ASP FA 378 -60.38 -20.39 -3.62
N THR FA 379 -59.74 -19.95 -2.54
CA THR FA 379 -58.73 -20.75 -1.86
C THR FA 379 -59.09 -20.84 -0.39
N THR FA 380 -59.38 -22.05 0.07
CA THR FA 380 -59.62 -22.31 1.49
C THR FA 380 -58.47 -23.13 2.04
N ILE FA 381 -57.91 -22.69 3.17
CA ILE FA 381 -56.79 -23.37 3.81
C ILE FA 381 -57.19 -23.61 5.26
N SER FA 382 -57.51 -24.86 5.60
CA SER FA 382 -57.98 -25.20 6.93
C SER FA 382 -56.99 -26.15 7.61
N HIS FA 383 -56.54 -25.77 8.80
CA HIS FA 383 -55.65 -26.59 9.60
C HIS FA 383 -56.42 -27.09 10.82
N GLU FA 384 -56.62 -28.40 10.89
CA GLU FA 384 -57.36 -29.04 11.96
C GLU FA 384 -56.42 -29.89 12.81
N ARG FA 385 -56.68 -29.92 14.12
CA ARG FA 385 -55.89 -30.73 15.04
C ARG FA 385 -56.85 -31.47 15.94
N LYS FA 386 -57.03 -32.76 15.71
CA LYS FA 386 -58.02 -33.53 16.43
C LYS FA 386 -57.61 -33.71 17.89
N GLN FA 387 -58.61 -33.82 18.76
CA GLN FA 387 -58.34 -34.15 20.15
C GLN FA 387 -57.82 -35.58 20.25
N THR FA 388 -56.88 -35.78 21.18
CA THR FA 388 -56.18 -37.06 21.29
C THR FA 388 -57.13 -38.20 21.63
N GLY FA 389 -57.68 -38.20 22.84
CA GLY FA 389 -58.51 -39.31 23.28
C GLY FA 389 -59.96 -39.17 22.90
N THR FA 390 -60.42 -40.00 21.96
CA THR FA 390 -61.81 -39.97 21.50
C THR FA 390 -62.38 -41.38 21.59
N VAL FA 391 -63.63 -41.47 22.06
CA VAL FA 391 -64.31 -42.76 22.16
C VAL FA 391 -64.54 -43.30 20.76
N ALA FA 392 -63.81 -44.35 20.39
CA ALA FA 392 -63.93 -44.93 19.05
C ALA FA 392 -65.03 -45.97 18.97
N ARG FA 393 -65.32 -46.66 20.08
CA ARG FA 393 -66.37 -47.66 20.11
C ARG FA 393 -66.85 -47.81 21.55
N GLN FA 394 -68.15 -48.01 21.70
CA GLN FA 394 -68.76 -48.14 23.02
C GLN FA 394 -69.69 -49.34 23.02
N THR FA 395 -69.52 -50.21 24.01
CA THR FA 395 -70.32 -51.43 24.16
C THR FA 395 -70.99 -51.41 25.52
N VAL FA 396 -72.31 -51.60 25.54
CA VAL FA 396 -73.07 -51.65 26.78
C VAL FA 396 -73.97 -52.88 26.73
N SER FA 397 -73.96 -53.66 27.82
CA SER FA 397 -74.83 -54.81 27.95
C SER FA 397 -75.55 -54.73 29.30
N VAL FA 398 -76.86 -54.96 29.27
CA VAL FA 398 -77.71 -54.92 30.45
C VAL FA 398 -78.48 -56.22 30.52
N ALA FA 399 -78.47 -56.86 31.69
CA ALA FA 399 -79.21 -58.10 31.93
C ALA FA 399 -80.23 -57.87 33.02
N ILE FA 400 -81.47 -58.24 32.76
CA ILE FA 400 -82.59 -58.00 33.66
C ILE FA 400 -83.02 -59.33 34.27
N LYS FA 401 -83.18 -59.34 35.59
CA LYS FA 401 -83.59 -60.55 36.27
C LYS FA 401 -85.01 -60.93 35.88
N ASP FA 402 -85.21 -62.22 35.62
CA ASP FA 402 -86.54 -62.72 35.30
C ASP FA 402 -87.39 -62.83 36.57
N ARG FA 403 -88.71 -62.77 36.37
CA ARG FA 403 -89.66 -62.88 37.47
C ARG FA 403 -89.40 -61.85 38.57
N PRO FA 417 -89.78 -63.79 33.19
CA PRO FA 417 -89.12 -62.98 32.17
C PRO FA 417 -89.77 -61.61 31.99
N MET FA 418 -89.30 -60.85 31.00
CA MET FA 418 -89.81 -59.53 30.70
C MET FA 418 -90.28 -59.48 29.25
N SER FA 419 -91.41 -58.81 29.03
CA SER FA 419 -92.01 -58.77 27.71
C SER FA 419 -91.13 -57.98 26.74
N GLU FA 420 -91.35 -58.24 25.44
CA GLU FA 420 -90.57 -57.57 24.42
C GLU FA 420 -90.81 -56.06 24.42
N SER FA 421 -92.04 -55.64 24.68
CA SER FA 421 -92.36 -54.21 24.67
C SER FA 421 -91.56 -53.47 25.74
N GLU FA 422 -91.51 -54.01 26.96
CA GLU FA 422 -90.77 -53.35 28.02
C GLU FA 422 -89.27 -53.43 27.78
N ILE FA 423 -88.79 -54.52 27.18
CA ILE FA 423 -87.38 -54.61 26.83
C ILE FA 423 -87.00 -53.52 25.84
N ASN FA 424 -87.85 -53.31 24.83
CA ASN FA 424 -87.58 -52.26 23.85
C ASN FA 424 -87.71 -50.87 24.47
N ALA FA 425 -88.63 -50.69 25.42
CA ALA FA 425 -88.74 -49.40 26.11
C ALA FA 425 -87.48 -49.10 26.92
N ILE FA 426 -86.96 -50.11 27.63
CA ILE FA 426 -85.72 -49.94 28.36
C ILE FA 426 -84.58 -49.63 27.41
N ARG FA 427 -84.55 -50.31 26.26
CA ARG FA 427 -83.53 -50.02 25.26
C ARG FA 427 -83.64 -48.58 24.76
N GLN FA 428 -84.87 -48.09 24.57
CA GLN FA 428 -85.05 -46.71 24.13
C GLN FA 428 -84.57 -45.72 25.19
N VAL FA 429 -84.83 -46.01 26.47
CA VAL FA 429 -84.34 -45.14 27.54
C VAL FA 429 -82.81 -45.13 27.55
N LEU FA 430 -82.20 -46.30 27.43
CA LEU FA 430 -80.74 -46.40 27.42
C LEU FA 430 -80.16 -45.62 26.24
N ILE FA 431 -80.82 -45.68 25.09
CA ILE FA 431 -80.44 -44.88 23.94
C ILE FA 431 -80.79 -43.43 24.27
N GLY FA 432 -79.78 -42.65 24.66
CA GLY FA 432 -80.04 -41.35 25.23
C GLY FA 432 -79.53 -41.27 26.64
N THR FA 433 -79.74 -42.34 27.42
CA THR FA 433 -79.05 -42.44 28.70
C THR FA 433 -77.55 -42.55 28.49
N VAL FA 434 -77.12 -43.36 27.53
CA VAL FA 434 -75.69 -43.56 27.27
C VAL FA 434 -75.19 -42.73 26.09
N GLY FA 435 -76.06 -42.32 25.18
CA GLY FA 435 -75.63 -41.64 23.98
C GLY FA 435 -75.28 -42.62 22.89
N PHE FA 436 -76.19 -43.56 22.64
CA PHE FA 436 -75.94 -44.61 21.66
C PHE FA 436 -75.69 -44.02 20.28
N ASP FA 437 -74.63 -44.49 19.62
CA ASP FA 437 -74.20 -43.97 18.32
C ASP FA 437 -73.84 -45.18 17.45
N GLN FA 438 -74.82 -45.66 16.69
CA GLN FA 438 -74.60 -46.85 15.87
C GLN FA 438 -73.58 -46.58 14.77
N GLY FA 439 -73.60 -45.38 14.19
CA GLY FA 439 -72.64 -45.04 13.16
C GLY FA 439 -71.20 -45.08 13.62
N ARG FA 440 -70.96 -44.95 14.92
CA ARG FA 440 -69.63 -45.07 15.49
C ARG FA 440 -69.22 -46.52 15.67
N GLY FA 441 -70.14 -47.46 15.51
CA GLY FA 441 -69.89 -48.86 15.80
C GLY FA 441 -70.29 -49.31 17.18
N ASP FA 442 -71.01 -48.48 17.93
CA ASP FA 442 -71.41 -48.83 19.28
C ASP FA 442 -72.43 -49.96 19.25
N LEU FA 443 -72.52 -50.66 20.37
CA LEU FA 443 -73.39 -51.83 20.49
C LEU FA 443 -74.08 -51.79 21.85
N LEU FA 444 -75.38 -52.11 21.84
CA LEU FA 444 -76.19 -52.09 23.06
C LEU FA 444 -77.04 -53.35 23.09
N ASN FA 445 -76.74 -54.23 24.05
CA ASN FA 445 -77.49 -55.46 24.25
C ASN FA 445 -78.33 -55.34 25.52
N VAL FA 446 -79.61 -55.69 25.42
CA VAL FA 446 -80.49 -55.77 26.57
C VAL FA 446 -81.13 -57.15 26.56
N LEU FA 447 -80.87 -57.94 27.61
CA LEU FA 447 -81.35 -59.30 27.69
C LEU FA 447 -82.11 -59.51 28.99
N SER FA 448 -82.97 -60.52 28.99
CA SER FA 448 -83.68 -60.95 30.19
C SER FA 448 -83.16 -62.33 30.57
N VAL FA 449 -82.42 -62.40 31.67
CA VAL FA 449 -81.76 -63.64 32.09
C VAL FA 449 -82.27 -64.03 33.47
N LYS FA 450 -81.94 -65.26 33.87
CA LYS FA 450 -82.37 -65.81 35.15
C LYS FA 450 -81.23 -65.66 36.15
N PHE FA 451 -81.40 -64.77 37.12
CA PHE FA 451 -80.41 -64.63 38.18
C PHE FA 451 -80.49 -65.81 39.14
N ALA FA 452 -79.33 -66.22 39.65
CA ALA FA 452 -79.27 -67.33 40.58
C ALA FA 452 -79.28 -66.81 42.03
N ALA GA 255 -34.00 -50.40 28.40
CA ALA GA 255 -35.26 -50.63 27.69
C ALA GA 255 -35.97 -51.87 28.20
N SER GA 256 -35.22 -52.81 28.79
CA SER GA 256 -35.84 -54.01 29.33
C SER GA 256 -36.77 -53.68 30.50
N ALA GA 257 -36.46 -52.63 31.24
CA ALA GA 257 -37.40 -52.14 32.25
C ALA GA 257 -38.69 -51.68 31.60
N ALA GA 258 -38.59 -51.04 30.43
CA ALA GA 258 -39.79 -50.66 29.69
C ALA GA 258 -40.58 -51.89 29.28
N ARG GA 259 -39.89 -52.95 28.84
CA ARG GA 259 -40.59 -54.18 28.49
C ARG GA 259 -41.29 -54.80 29.70
N ARG GA 260 -40.63 -54.76 30.85
CA ARG GA 260 -41.25 -55.25 32.08
C ARG GA 260 -42.52 -54.47 32.39
N LYS GA 261 -42.47 -53.14 32.27
CA LYS GA 261 -43.67 -52.35 32.55
C LYS GA 261 -44.76 -52.58 31.50
N GLU GA 262 -44.37 -52.93 30.26
CA GLU GA 262 -45.37 -53.32 29.27
C GLU GA 262 -46.07 -54.60 29.67
N GLN GA 263 -45.31 -55.57 30.18
CA GLN GA 263 -45.92 -56.79 30.71
C GLN GA 263 -46.88 -56.46 31.85
N GLU GA 264 -46.47 -55.53 32.71
CA GLU GA 264 -47.33 -55.10 33.81
C GLU GA 264 -48.63 -54.48 33.29
N LEU GA 265 -48.53 -53.67 32.25
CA LEU GA 265 -49.73 -53.07 31.64
C LEU GA 265 -50.67 -54.15 31.12
N GLU GA 266 -50.12 -55.14 30.40
CA GLU GA 266 -50.95 -56.20 29.88
C GLU GA 266 -51.65 -56.96 31.00
N ARG GA 267 -50.90 -57.29 32.06
CA ARG GA 267 -51.49 -58.02 33.18
C ARG GA 267 -52.57 -57.18 33.88
N SER GA 268 -52.35 -55.88 33.99
CA SER GA 268 -53.35 -55.01 34.60
C SER GA 268 -54.63 -54.99 33.78
N GLN GA 269 -54.50 -54.90 32.46
CA GLN GA 269 -55.67 -54.95 31.60
C GLN GA 269 -56.44 -56.25 31.78
N GLU GA 270 -55.71 -57.37 31.81
CA GLU GA 270 -56.35 -58.66 32.01
C GLU GA 270 -57.08 -58.71 33.34
N GLN GA 271 -56.46 -58.17 34.39
CA GLN GA 271 -57.09 -58.18 35.71
C GLN GA 271 -58.36 -57.35 35.71
N ALA GA 272 -58.33 -56.18 35.06
CA ALA GA 272 -59.52 -55.33 35.00
C ALA GA 272 -60.65 -56.03 34.26
N LEU GA 273 -60.34 -56.68 33.14
CA LEU GA 273 -61.36 -57.40 32.41
C LEU GA 273 -61.92 -58.55 33.25
N ARG GA 274 -61.07 -59.25 33.99
CA ARG GA 274 -61.55 -60.31 34.87
C ARG GA 274 -62.47 -59.75 35.94
N GLU GA 275 -62.13 -58.57 36.48
CA GLU GA 275 -62.97 -57.95 37.49
C GLU GA 275 -64.36 -57.64 36.92
N LYS GA 276 -64.40 -57.10 35.70
CA LYS GA 276 -65.69 -56.83 35.06
C LYS GA 276 -66.48 -58.11 34.83
N ILE GA 277 -65.80 -59.16 34.39
CA ILE GA 277 -66.46 -60.45 34.17
C ILE GA 277 -67.08 -60.94 35.46
N ASP GA 278 -66.33 -60.85 36.56
CA ASP GA 278 -66.88 -61.24 37.85
C ASP GA 278 -68.07 -60.38 38.23
N SER GA 279 -67.96 -59.06 38.04
CA SER GA 279 -69.04 -58.16 38.43
C SER GA 279 -70.32 -58.47 37.67
N VAL GA 280 -70.21 -59.02 36.46
CA VAL GA 280 -71.39 -59.40 35.70
C VAL GA 280 -71.89 -60.80 36.07
N LEU GA 281 -70.99 -61.77 36.22
CA LEU GA 281 -71.43 -63.16 36.34
C LEU GA 281 -71.73 -63.58 37.77
N LEU GA 282 -71.13 -62.92 38.76
CA LEU GA 282 -71.37 -63.30 40.16
C LEU GA 282 -72.85 -63.21 40.54
N PRO GA 283 -73.58 -62.12 40.23
CA PRO GA 283 -75.03 -62.14 40.49
C PRO GA 283 -75.77 -63.17 39.65
N ILE GA 284 -75.45 -63.25 38.36
CA ILE GA 284 -76.22 -64.09 37.45
C ILE GA 284 -76.04 -65.56 37.78
N LEU GA 285 -74.79 -66.01 37.94
CA LEU GA 285 -74.52 -67.42 38.12
C LEU GA 285 -74.35 -67.81 39.59
N GLY GA 286 -73.67 -66.98 40.36
CA GLY GA 286 -73.40 -67.27 41.76
C GLY GA 286 -71.91 -67.39 42.02
N TYR GA 287 -71.59 -67.67 43.27
CA TYR GA 287 -70.20 -67.77 43.71
C TYR GA 287 -69.72 -69.20 43.53
N GLY GA 288 -68.65 -69.37 42.76
CA GLY GA 288 -68.06 -70.67 42.55
C GLY GA 288 -68.73 -71.53 41.50
N ASN GA 289 -69.73 -71.00 40.80
CA ASN GA 289 -70.40 -71.75 39.74
C ASN GA 289 -69.79 -71.49 38.36
N TYR GA 290 -68.73 -70.70 38.29
CA TYR GA 290 -68.12 -70.37 37.01
C TYR GA 290 -66.63 -70.14 37.22
N THR GA 291 -65.89 -70.23 36.12
CA THR GA 291 -64.49 -69.82 36.10
C THR GA 291 -64.22 -69.16 34.75
N ALA GA 292 -63.41 -68.10 34.77
CA ALA GA 292 -63.12 -67.36 33.56
C ALA GA 292 -61.71 -66.80 33.61
N GLN GA 293 -61.02 -66.85 32.47
CA GLN GA 293 -59.71 -66.27 32.33
C GLN GA 293 -59.63 -65.47 31.04
N VAL GA 294 -58.79 -64.45 31.03
CA VAL GA 294 -58.72 -63.49 29.94
C VAL GA 294 -57.28 -63.35 29.50
N ASP GA 295 -57.04 -63.43 28.19
CA ASP GA 295 -55.74 -63.16 27.60
C ASP GA 295 -55.82 -61.91 26.74
N ILE GA 296 -54.93 -60.95 27.00
CA ILE GA 296 -54.88 -59.70 26.25
C ILE GA 296 -53.48 -59.55 25.67
N GLN GA 297 -53.40 -59.45 24.35
CA GLN GA 297 -52.14 -59.21 23.65
C GLN GA 297 -52.13 -57.76 23.17
N MET GA 298 -51.10 -57.02 23.54
CA MET GA 298 -51.00 -55.61 23.23
C MET GA 298 -49.77 -55.32 22.39
N ASP GA 299 -49.96 -54.62 21.29
CA ASP GA 299 -48.87 -54.17 20.45
C ASP GA 299 -48.31 -52.86 20.99
N PHE GA 300 -46.98 -52.72 20.92
CA PHE GA 300 -46.30 -51.54 21.43
C PHE GA 300 -45.39 -50.95 20.35
N SER GA 301 -45.84 -50.98 19.11
CA SER GA 301 -45.07 -50.37 18.02
C SER GA 301 -45.10 -48.84 18.16
N ALA GA 302 -44.36 -48.18 17.28
CA ALA GA 302 -44.22 -46.73 17.29
C ALA GA 302 -44.52 -46.17 15.90
N VAL GA 303 -45.67 -46.55 15.34
CA VAL GA 303 -46.04 -46.10 14.01
C VAL GA 303 -46.19 -44.59 13.99
N GLU GA 304 -45.78 -43.97 12.87
CA GLU GA 304 -45.88 -42.53 12.70
C GLU GA 304 -45.96 -42.27 11.21
N GLN GA 305 -47.15 -41.89 10.74
CA GLN GA 305 -47.47 -41.87 9.32
C GLN GA 305 -47.72 -40.44 8.85
N THR GA 306 -47.32 -40.15 7.61
CA THR GA 306 -47.58 -38.87 6.97
C THR GA 306 -48.17 -39.13 5.59
N ARG GA 307 -49.37 -38.62 5.35
CA ARG GA 307 -50.08 -38.86 4.10
C ARG GA 307 -50.29 -37.53 3.38
N LYS GA 308 -50.00 -37.52 2.09
CA LYS GA 308 -50.21 -36.36 1.24
C LYS GA 308 -51.09 -36.78 0.09
N ARG GA 309 -52.35 -36.38 0.13
CA ARG GA 309 -53.37 -36.84 -0.82
C ARG GA 309 -53.85 -35.66 -1.67
N PHE GA 310 -54.13 -35.96 -2.93
CA PHE GA 310 -54.61 -34.98 -3.90
C PHE GA 310 -56.01 -35.38 -4.38
N ASP GA 311 -56.58 -34.55 -5.24
CA ASP GA 311 -57.91 -34.78 -5.79
C ASP GA 311 -57.83 -34.68 -7.30
N PRO GA 312 -57.60 -35.79 -8.01
CA PRO GA 312 -57.38 -35.71 -9.45
C PRO GA 312 -58.56 -35.18 -10.24
N ASN GA 313 -59.78 -35.40 -9.77
CA ASN GA 313 -60.97 -35.19 -10.58
C ASN GA 313 -61.54 -33.77 -10.48
N THR GA 314 -60.96 -32.89 -9.67
CA THR GA 314 -61.41 -31.50 -9.57
C THR GA 314 -60.20 -30.56 -9.63
N PRO GA 315 -59.58 -30.44 -10.79
CA PRO GA 315 -58.50 -29.46 -10.94
C PRO GA 315 -59.04 -28.07 -11.23
N ALA GA 316 -58.25 -27.06 -10.87
CA ALA GA 316 -58.60 -25.67 -11.11
C ALA GA 316 -57.50 -25.02 -11.94
N THR GA 317 -57.85 -24.56 -13.14
CA THR GA 317 -56.84 -23.99 -14.02
C THR GA 317 -56.37 -22.64 -13.50
N ARG GA 318 -55.05 -22.49 -13.33
CA ARG GA 318 -54.44 -21.27 -12.84
C ARG GA 318 -54.05 -20.34 -13.98
N SER GA 319 -53.26 -20.82 -14.93
CA SER GA 319 -52.92 -20.10 -16.14
C SER GA 319 -53.16 -21.02 -17.32
N GLU GA 320 -53.36 -20.42 -18.49
CA GLU GA 320 -53.70 -21.22 -19.66
C GLU GA 320 -53.24 -20.50 -20.91
N TYR GA 321 -52.64 -21.25 -21.82
CA TYR GA 321 -52.28 -20.76 -23.16
C TYR GA 321 -52.87 -21.73 -24.17
N ALA GA 322 -53.40 -21.19 -25.27
CA ALA GA 322 -54.03 -22.02 -26.28
C ALA GA 322 -53.86 -21.36 -27.63
N LEU GA 323 -53.06 -21.97 -28.50
CA LEU GA 323 -52.86 -21.51 -29.87
C LEU GA 323 -53.51 -22.52 -30.82
N GLU GA 324 -54.33 -22.03 -31.74
CA GLU GA 324 -55.10 -22.88 -32.64
C GLU GA 324 -55.19 -22.20 -34.00
N ASP GA 325 -54.28 -22.54 -34.91
CA ASP GA 325 -54.27 -21.95 -36.24
C ASP GA 325 -54.58 -22.99 -37.30
N TYR GA 326 -55.18 -22.54 -38.40
CA TYR GA 326 -55.56 -23.39 -39.51
C TYR GA 326 -54.93 -22.83 -40.79
N ASN GA 327 -55.13 -23.55 -41.89
CA ASN GA 327 -54.68 -23.10 -43.20
C ASN GA 327 -55.52 -23.76 -44.30
N GLY GA 365 -56.54 -29.01 -44.61
CA GLY GA 365 -55.26 -28.35 -44.59
C GLY GA 365 -54.54 -28.46 -43.25
N SER GA 366 -53.54 -27.61 -43.06
CA SER GA 366 -52.78 -27.62 -41.82
C SER GA 366 -53.67 -27.22 -40.65
N VAL GA 367 -53.56 -27.96 -39.54
CA VAL GA 367 -54.28 -27.67 -38.32
C VAL GA 367 -53.33 -27.89 -37.16
N ARG GA 368 -52.88 -26.81 -36.54
CA ARG GA 368 -51.95 -26.86 -35.41
C ARG GA 368 -52.67 -26.43 -34.15
N LYS GA 369 -52.63 -27.29 -33.12
CA LYS GA 369 -53.34 -27.03 -31.86
C LYS GA 369 -52.35 -27.14 -30.71
N GLU GA 370 -51.67 -26.05 -30.41
CA GLU GA 370 -50.79 -26.01 -29.26
C GLU GA 370 -51.59 -25.61 -28.02
N SER GA 371 -51.12 -26.07 -26.86
CA SER GA 371 -51.82 -25.81 -25.61
C SER GA 371 -50.86 -25.99 -24.45
N THR GA 372 -50.96 -25.11 -23.46
CA THR GA 372 -50.21 -25.20 -22.22
C THR GA 372 -51.16 -24.87 -21.09
N ARG GA 373 -51.08 -25.63 -20.00
CA ARG GA 373 -52.05 -25.49 -18.92
C ARG GA 373 -51.38 -25.77 -17.59
N ASN GA 374 -51.67 -24.94 -16.59
CA ASN GA 374 -51.21 -25.12 -15.23
C ASN GA 374 -52.41 -25.30 -14.31
N PHE GA 375 -52.29 -26.20 -13.35
CA PHE GA 375 -53.42 -26.57 -12.51
C PHE GA 375 -53.09 -26.37 -11.04
N GLU GA 376 -54.16 -26.20 -10.26
CA GLU GA 376 -54.12 -26.20 -8.81
C GLU GA 376 -55.07 -27.29 -8.32
N LEU GA 377 -54.62 -28.06 -7.34
CA LEU GA 377 -55.32 -29.26 -6.90
C LEU GA 377 -55.56 -29.22 -5.40
N ASP GA 378 -56.64 -29.88 -4.97
CA ASP GA 378 -56.91 -30.01 -3.54
C ASP GA 378 -55.81 -30.85 -2.90
N THR GA 379 -55.22 -30.33 -1.82
CA THR GA 379 -54.07 -30.96 -1.19
C THR GA 379 -54.36 -31.15 0.29
N THR GA 380 -54.43 -32.39 0.72
CA THR GA 380 -54.58 -32.73 2.13
C THR GA 380 -53.29 -33.34 2.64
N ILE GA 381 -52.78 -32.85 3.76
CA ILE GA 381 -51.54 -33.32 4.36
C ILE GA 381 -51.85 -33.67 5.81
N SER GA 382 -51.93 -34.96 6.12
CA SER GA 382 -52.29 -35.42 7.45
C SER GA 382 -51.14 -36.18 8.08
N HIS GA 383 -50.74 -35.76 9.27
CA HIS GA 383 -49.69 -36.42 10.03
C HIS GA 383 -50.32 -37.08 11.24
N GLU GA 384 -50.27 -38.41 11.28
CA GLU GA 384 -50.87 -39.20 12.35
C GLU GA 384 -49.77 -39.89 13.15
N ARG GA 385 -49.97 -39.99 14.46
CA ARG GA 385 -49.03 -40.68 15.33
C ARG GA 385 -49.82 -41.60 16.25
N LYS GA 386 -49.77 -42.90 15.97
CA LYS GA 386 -50.59 -43.86 16.70
C LYS GA 386 -50.11 -43.99 18.15
N GLN GA 387 -51.05 -44.31 19.03
CA GLN GA 387 -50.69 -44.62 20.40
C GLN GA 387 -49.92 -45.92 20.45
N THR GA 388 -48.93 -45.98 21.35
CA THR GA 388 -48.02 -47.11 21.41
C THR GA 388 -48.74 -48.41 21.74
N GLY GA 389 -49.24 -48.54 22.96
CA GLY GA 389 -49.84 -49.79 23.38
C GLY GA 389 -51.31 -49.90 23.04
N THR GA 390 -51.63 -50.78 22.08
CA THR GA 390 -53.01 -50.99 21.66
C THR GA 390 -53.33 -52.48 21.72
N VAL GA 391 -54.52 -52.81 22.21
CA VAL GA 391 -54.95 -54.20 22.29
C VAL GA 391 -55.13 -54.74 20.87
N ALA GA 392 -54.23 -55.63 20.46
CA ALA GA 392 -54.29 -56.19 19.11
C ALA GA 392 -55.18 -57.42 19.03
N ARG GA 393 -55.31 -58.17 20.12
CA ARG GA 393 -56.17 -59.35 20.14
C ARG GA 393 -56.57 -59.62 21.59
N GLN GA 394 -57.81 -60.04 21.76
CA GLN GA 394 -58.35 -60.32 23.09
C GLN GA 394 -59.04 -61.67 23.08
N THR GA 395 -58.71 -62.52 24.04
CA THR GA 395 -59.26 -63.86 24.16
C THR GA 395 -59.88 -64.01 25.54
N VAL GA 396 -61.14 -64.42 25.58
CA VAL GA 396 -61.86 -64.64 26.83
C VAL GA 396 -62.51 -66.01 26.77
N SER GA 397 -62.34 -66.80 27.83
CA SER GA 397 -62.98 -68.10 27.96
C SER GA 397 -63.67 -68.18 29.31
N VAL GA 398 -64.92 -68.64 29.31
CA VAL GA 398 -65.72 -68.78 30.52
C VAL GA 398 -66.26 -70.21 30.56
N ALA GA 399 -66.09 -70.86 31.71
CA ALA GA 399 -66.58 -72.22 31.92
C ALA GA 399 -67.60 -72.20 33.04
N ILE GA 400 -68.77 -72.78 32.80
CA ILE GA 400 -69.88 -72.78 33.73
C ILE GA 400 -70.05 -74.18 34.31
N LYS GA 401 -70.17 -74.25 35.63
CA LYS GA 401 -70.34 -75.53 36.29
C LYS GA 401 -71.68 -76.15 35.91
N ASP GA 402 -71.66 -77.45 35.63
CA ASP GA 402 -72.88 -78.17 35.32
C ASP GA 402 -73.66 -78.47 36.59
N ARG GA 403 -74.98 -78.64 36.43
CA ARG GA 403 -75.86 -78.94 37.55
C ARG GA 403 -75.75 -77.91 38.68
N PRO GA 417 -75.92 -79.75 33.25
CA PRO GA 417 -75.44 -78.81 32.23
C PRO GA 417 -76.34 -77.58 32.11
N MET GA 418 -76.04 -76.73 31.13
CA MET GA 418 -76.80 -75.51 30.89
C MET GA 418 -77.30 -75.51 29.45
N SER GA 419 -78.54 -75.05 29.27
CA SER GA 419 -79.17 -75.08 27.97
C SER GA 419 -78.48 -74.12 27.01
N GLU GA 420 -78.68 -74.39 25.71
CA GLU GA 420 -78.06 -73.56 24.67
C GLU GA 420 -78.56 -72.12 24.74
N SER GA 421 -79.85 -71.93 25.03
CA SER GA 421 -80.42 -70.59 25.08
C SER GA 421 -79.73 -69.74 26.15
N GLU GA 422 -79.56 -70.30 27.35
CA GLU GA 422 -78.92 -69.53 28.41
C GLU GA 422 -77.43 -69.33 28.14
N ILE GA 423 -76.78 -70.31 27.50
CA ILE GA 423 -75.38 -70.13 27.11
C ILE GA 423 -75.24 -68.96 26.14
N ASN GA 424 -76.14 -68.88 25.16
CA ASN GA 424 -76.09 -67.78 24.20
C ASN GA 424 -76.46 -66.45 24.87
N ALA GA 425 -77.37 -66.46 25.84
CA ALA GA 425 -77.68 -65.24 26.57
C ALA GA 425 -76.48 -64.75 27.36
N ILE GA 426 -75.77 -65.66 28.03
CA ILE GA 426 -74.56 -65.28 28.75
C ILE GA 426 -73.52 -64.74 27.77
N ARG GA 427 -73.40 -65.38 26.60
CA ARG GA 427 -72.48 -64.89 25.59
C ARG GA 427 -72.85 -63.47 25.14
N GLN GA 428 -74.15 -63.21 24.99
CA GLN GA 428 -74.59 -61.88 24.60
C GLN GA 428 -74.27 -60.85 25.67
N VAL GA 429 -74.43 -61.21 26.95
CA VAL GA 429 -74.08 -60.29 28.03
C VAL GA 429 -72.58 -60.00 28.01
N LEU GA 430 -71.77 -61.06 27.84
CA LEU GA 430 -70.32 -60.87 27.79
C LEU GA 430 -69.93 -59.98 26.63
N ILE GA 431 -70.59 -60.13 25.49
CA ILE GA 431 -70.39 -59.23 24.36
C ILE GA 431 -70.98 -57.88 24.73
N GLY GA 432 -70.12 -56.96 25.13
CA GLY GA 432 -70.59 -55.73 25.74
C GLY GA 432 -70.08 -55.61 27.15
N THR GA 433 -70.07 -56.71 27.90
CA THR GA 433 -69.34 -56.72 29.15
C THR GA 433 -67.85 -56.55 28.91
N VAL GA 434 -67.31 -57.24 27.92
CA VAL GA 434 -65.88 -57.17 27.62
C VAL GA 434 -65.56 -56.24 26.45
N GLY GA 435 -66.51 -55.96 25.58
CA GLY GA 435 -66.24 -55.19 24.39
C GLY GA 435 -65.76 -56.07 23.26
N PHE GA 436 -66.49 -57.15 23.00
CA PHE GA 436 -66.08 -58.11 21.99
C PHE GA 436 -65.98 -57.45 20.62
N ASP GA 437 -64.86 -57.70 19.92
CA ASP GA 437 -64.57 -57.08 18.63
C ASP GA 437 -64.02 -58.17 17.72
N GLN GA 438 -64.91 -58.82 16.97
CA GLN GA 438 -64.51 -59.92 16.11
C GLN GA 438 -63.58 -59.44 14.99
N GLY GA 439 -63.83 -58.25 14.45
CA GLY GA 439 -62.98 -57.73 13.41
C GLY GA 439 -61.54 -57.52 13.83
N ARG GA 440 -61.30 -57.37 15.13
CA ARG GA 440 -59.95 -57.28 15.67
C ARG GA 440 -59.29 -58.63 15.81
N GLY GA 441 -60.03 -59.72 15.64
CA GLY GA 441 -59.51 -61.04 15.87
C GLY GA 441 -59.80 -61.60 17.25
N ASP GA 442 -60.62 -60.92 18.04
CA ASP GA 442 -60.93 -61.38 19.39
C ASP GA 442 -61.73 -62.68 19.35
N LEU GA 443 -61.67 -63.41 20.45
CA LEU GA 443 -62.31 -64.71 20.55
C LEU GA 443 -62.96 -64.84 21.93
N LEU GA 444 -64.17 -65.39 21.94
CA LEU GA 444 -64.95 -65.54 23.17
C LEU GA 444 -65.54 -66.94 23.18
N ASN GA 445 -65.07 -67.76 24.11
CA ASN GA 445 -65.59 -69.11 24.29
C ASN GA 445 -66.39 -69.18 25.58
N VAL GA 446 -67.59 -69.75 25.50
CA VAL GA 446 -68.41 -70.03 26.67
C VAL GA 446 -68.79 -71.50 26.63
N LEU GA 447 -68.37 -72.25 27.65
CA LEU GA 447 -68.59 -73.68 27.70
C LEU GA 447 -69.27 -74.05 29.01
N SER GA 448 -69.93 -75.21 29.00
CA SER GA 448 -70.52 -75.79 30.20
C SER GA 448 -69.75 -77.06 30.53
N VAL GA 449 -68.98 -77.03 31.61
CA VAL GA 449 -68.10 -78.13 31.97
C VAL GA 449 -68.49 -78.63 33.36
N LYS GA 450 -67.94 -79.79 33.72
CA LYS GA 450 -68.22 -80.45 34.99
C LYS GA 450 -67.11 -80.13 35.96
N PHE GA 451 -67.40 -79.31 36.97
CA PHE GA 451 -66.43 -79.01 38.00
C PHE GA 451 -66.27 -80.20 38.94
N ALA GA 452 -65.04 -80.42 39.40
CA ALA GA 452 -64.75 -81.52 40.30
C ALA GA 452 -64.83 -81.06 41.75
N ALA HA 255 -23.61 -56.41 27.63
CA ALA HA 255 -24.83 -56.83 26.95
C ALA HA 255 -25.29 -58.20 27.44
N SER HA 256 -24.36 -59.00 27.98
CA SER HA 256 -24.75 -60.31 28.50
C SER HA 256 -25.68 -60.18 29.69
N ALA HA 257 -25.55 -59.10 30.47
CA ALA HA 257 -26.54 -58.83 31.51
C ALA HA 257 -27.91 -58.59 30.90
N ALA HA 258 -27.96 -57.91 29.75
CA ALA HA 258 -29.22 -57.74 29.04
C ALA HA 258 -29.79 -59.08 28.62
N ARG HA 259 -28.94 -59.99 28.13
CA ARG HA 259 -29.41 -61.32 27.75
C ARG HA 259 -29.95 -62.08 28.96
N ARG HA 260 -29.28 -61.94 30.10
CA ARG HA 260 -29.77 -62.56 31.33
C ARG HA 260 -31.16 -62.05 31.69
N LYS HA 261 -31.35 -60.73 31.60
CA LYS HA 261 -32.66 -60.17 31.93
C LYS HA 261 -33.71 -60.57 30.90
N GLU HA 262 -33.31 -60.80 29.65
CA GLU HA 262 -34.24 -61.35 28.67
C GLU HA 262 -34.69 -62.75 29.05
N GLN HA 263 -33.76 -63.58 29.51
CA GLN HA 263 -34.13 -64.89 30.02
C GLN HA 263 -35.10 -64.77 31.19
N GLU HA 264 -34.84 -63.80 32.06
CA GLU HA 264 -35.73 -63.56 33.19
C GLU HA 264 -37.13 -63.19 32.72
N LEU HA 265 -37.21 -62.34 31.70
CA LEU HA 265 -38.51 -61.96 31.14
C LEU HA 265 -39.26 -63.16 30.60
N GLU HA 266 -38.56 -64.02 29.85
CA GLU HA 266 -39.20 -65.21 29.31
C GLU HA 266 -39.71 -66.11 30.43
N ARG HA 267 -38.90 -66.32 31.46
CA ARG HA 267 -39.32 -67.16 32.57
C ARG HA 267 -40.50 -66.56 33.31
N SER HA 268 -40.52 -65.24 33.46
CA SER HA 268 -41.65 -64.58 34.12
C SER HA 268 -42.94 -64.77 33.33
N GLN HA 269 -42.85 -64.64 32.01
CA GLN HA 269 -44.02 -64.87 31.17
C GLN HA 269 -44.53 -66.29 31.33
N GLU HA 270 -43.61 -67.26 31.31
CA GLU HA 270 -44.00 -68.65 31.49
C GLU HA 270 -44.69 -68.87 32.83
N GLN HA 271 -44.14 -68.25 33.88
CA GLN HA 271 -44.72 -68.40 35.21
C GLN HA 271 -46.13 -67.81 35.27
N ALA HA 272 -46.33 -66.64 34.66
CA ALA HA 272 -47.64 -66.02 34.64
C ALA HA 272 -48.66 -66.90 33.91
N LEU HA 273 -48.26 -67.45 32.76
CA LEU HA 273 -49.16 -68.33 32.04
C LEU HA 273 -49.48 -69.58 32.85
N ARG HA 274 -48.49 -70.14 33.55
CA ARG HA 274 -48.74 -71.28 34.41
C ARG HA 274 -49.73 -70.92 35.52
N GLU HA 275 -49.58 -69.72 36.09
CA GLU HA 275 -50.50 -69.28 37.13
C GLU HA 275 -51.93 -69.21 36.60
N LYS HA 276 -52.10 -68.66 35.40
CA LYS HA 276 -53.44 -68.60 34.80
C LYS HA 276 -53.99 -70.00 34.54
N ILE HA 277 -53.15 -70.91 34.05
CA ILE HA 277 -53.57 -72.28 33.80
C ILE HA 277 -54.06 -72.92 35.11
N ASP HA 278 -53.31 -72.72 36.19
CA ASP HA 278 -53.74 -73.24 37.48
C ASP HA 278 -55.06 -72.61 37.91
N SER HA 279 -55.19 -71.29 37.75
CA SER HA 279 -56.40 -70.61 38.19
C SER HA 279 -57.64 -71.13 37.46
N VAL HA 280 -57.46 -71.61 36.23
CA VAL HA 280 -58.56 -72.19 35.48
C VAL HA 280 -58.80 -73.65 35.82
N LEU HA 281 -57.73 -74.45 35.92
CA LEU HA 281 -57.91 -75.90 36.01
C LEU HA 281 -58.09 -76.41 37.44
N LEU HA 282 -57.60 -75.68 38.44
CA LEU HA 282 -57.73 -76.13 39.82
C LEU HA 282 -59.19 -76.31 40.24
N PRO HA 283 -60.11 -75.37 39.98
CA PRO HA 283 -61.53 -75.66 40.26
C PRO HA 283 -62.10 -76.78 39.41
N ILE HA 284 -61.79 -76.76 38.12
CA ILE HA 284 -62.42 -77.71 37.20
C ILE HA 284 -61.97 -79.13 37.48
N LEU HA 285 -60.67 -79.35 37.60
CA LEU HA 285 -60.13 -80.70 37.74
C LEU HA 285 -59.86 -81.08 39.19
N GLY HA 286 -59.32 -80.16 39.97
CA GLY HA 286 -58.97 -80.43 41.35
C GLY HA 286 -57.47 -80.29 41.57
N TYR HA 287 -57.07 -80.54 42.81
CA TYR HA 287 -55.68 -80.40 43.21
C TYR HA 287 -54.94 -81.71 42.98
N GLY HA 288 -53.89 -81.65 42.18
CA GLY HA 288 -53.08 -82.84 41.93
C GLY HA 288 -53.62 -83.77 40.87
N ASN HA 289 -54.71 -83.42 40.20
CA ASN HA 289 -55.27 -84.24 39.13
C ASN HA 289 -54.76 -83.84 37.75
N TYR HA 290 -53.86 -82.87 37.68
CA TYR HA 290 -53.35 -82.40 36.40
C TYR HA 290 -51.92 -81.92 36.58
N THR HA 291 -51.20 -81.84 35.46
CA THR HA 291 -49.91 -81.18 35.42
C THR HA 291 -49.78 -80.45 34.09
N ALA HA 292 -49.18 -79.27 34.13
CA ALA HA 292 -49.06 -78.46 32.93
C ALA HA 292 -47.77 -77.66 32.96
N GLN HA 293 -47.13 -77.56 31.81
CA GLN HA 293 -45.93 -76.75 31.66
C GLN HA 293 -46.05 -75.92 30.38
N VAL HA 294 -45.41 -74.76 30.39
CA VAL HA 294 -45.53 -73.77 29.33
C VAL HA 294 -44.14 -73.36 28.86
N ASP HA 295 -43.93 -73.36 27.55
CA ASP HA 295 -42.72 -72.84 26.94
C ASP HA 295 -43.05 -71.62 26.12
N ILE HA 296 -42.34 -70.52 26.38
CA ILE HA 296 -42.53 -69.27 25.67
C ILE HA 296 -41.20 -68.86 25.07
N GLN HA 297 -41.16 -68.70 23.74
CA GLN HA 297 -40.00 -68.22 23.02
C GLN HA 297 -40.27 -66.78 22.59
N MET HA 298 -39.36 -65.88 22.96
CA MET HA 298 -39.54 -64.46 22.69
C MET HA 298 -38.39 -63.94 21.83
N ASP HA 299 -38.75 -63.24 20.75
CA ASP HA 299 -37.77 -62.58 19.90
C ASP HA 299 -37.44 -61.22 20.47
N PHE HA 300 -36.17 -60.84 20.38
CA PHE HA 300 -35.69 -59.56 20.90
C PHE HA 300 -34.94 -58.80 19.83
N SER HA 301 -35.40 -58.87 18.59
CA SER HA 301 -34.79 -58.11 17.51
C SER HA 301 -35.08 -56.63 17.70
N ALA HA 302 -34.50 -55.81 16.82
CA ALA HA 302 -34.62 -54.36 16.86
C ALA HA 302 -35.05 -53.82 15.50
N VAL HA 303 -36.13 -54.40 14.95
CA VAL HA 303 -36.61 -53.99 13.64
C VAL HA 303 -37.03 -52.53 13.67
N GLU HA 304 -36.77 -51.82 12.57
CA GLU HA 304 -37.12 -50.42 12.44
C GLU HA 304 -37.30 -50.14 10.96
N GLN HA 305 -38.54 -49.97 10.53
CA GLN HA 305 -38.90 -49.95 9.12
C GLN HA 305 -39.42 -48.59 8.70
N THR HA 306 -39.12 -48.21 7.46
CA THR HA 306 -39.62 -46.98 6.86
C THR HA 306 -40.18 -47.31 5.49
N ARG HA 307 -41.46 -47.01 5.28
CA ARG HA 307 -42.16 -47.35 4.05
C ARG HA 307 -42.62 -46.06 3.37
N LYS HA 308 -42.36 -45.96 2.07
CA LYS HA 308 -42.80 -44.83 1.26
C LYS HA 308 -43.63 -45.38 0.12
N ARG HA 309 -44.94 -45.23 0.20
CA ARG HA 309 -45.88 -45.83 -0.74
C ARG HA 309 -46.58 -44.74 -1.54
N PHE HA 310 -46.84 -45.05 -2.81
CA PHE HA 310 -47.52 -44.16 -3.74
C PHE HA 310 -48.83 -44.78 -4.20
N ASP HA 311 -49.57 -44.04 -5.02
CA ASP HA 311 -50.85 -44.50 -5.55
C ASP HA 311 -50.83 -44.35 -7.06
N PRO HA 312 -50.42 -45.38 -7.80
CA PRO HA 312 -50.25 -45.22 -9.25
C PRO HA 312 -51.54 -44.90 -9.99
N ASN HA 313 -52.68 -45.35 -9.50
CA ASN HA 313 -53.92 -45.33 -10.28
C ASN HA 313 -54.73 -44.05 -10.13
N THR HA 314 -54.29 -43.10 -9.30
CA THR HA 314 -54.97 -41.81 -9.15
C THR HA 314 -53.97 -40.67 -9.21
N PRO HA 315 -53.40 -40.40 -10.38
CA PRO HA 315 -52.51 -39.24 -10.52
C PRO HA 315 -53.32 -37.97 -10.76
N ALA HA 316 -52.71 -36.84 -10.39
CA ALA HA 316 -53.31 -35.53 -10.58
C ALA HA 316 -52.36 -34.68 -11.42
N THR HA 317 -52.82 -34.25 -12.59
CA THR HA 317 -51.96 -33.49 -13.47
C THR HA 317 -51.72 -32.09 -12.93
N ARG HA 318 -50.45 -31.72 -12.78
CA ARG HA 318 -50.06 -30.41 -12.27
C ARG HA 318 -49.88 -29.39 -13.39
N SER HA 319 -49.03 -29.72 -14.37
CA SER HA 319 -48.86 -28.91 -15.56
C SER HA 319 -48.96 -29.82 -16.76
N GLU HA 320 -49.29 -29.25 -17.91
CA GLU HA 320 -49.51 -30.06 -19.10
C GLU HA 320 -49.24 -29.24 -20.34
N TYR HA 321 -48.53 -29.84 -21.29
CA TYR HA 321 -48.30 -29.27 -22.61
C TYR HA 321 -48.73 -30.30 -23.64
N ALA HA 322 -49.38 -29.84 -24.71
CA ALA HA 322 -49.89 -30.75 -25.73
C ALA HA 322 -49.87 -30.02 -27.07
N LEU HA 323 -48.99 -30.46 -27.97
CA LEU HA 323 -48.92 -29.94 -29.33
C LEU HA 323 -49.39 -31.02 -30.29
N GLU HA 324 -50.31 -30.67 -31.18
CA GLU HA 324 -50.94 -31.63 -32.09
C GLU HA 324 -51.20 -30.93 -33.43
N ASP HA 325 -50.26 -31.08 -34.36
CA ASP HA 325 -50.39 -30.46 -35.67
C ASP HA 325 -50.53 -31.52 -36.77
N TYR HA 326 -51.24 -31.15 -37.83
CA TYR HA 326 -51.49 -32.02 -38.97
C TYR HA 326 -51.01 -31.33 -40.24
N ASN HA 327 -51.10 -32.05 -41.35
CA ASN HA 327 -50.77 -31.50 -42.66
C ASN HA 327 -51.51 -32.26 -43.76
N GLY HA 365 -51.59 -37.60 -44.20
CA GLY HA 365 -50.44 -36.72 -44.19
C GLY HA 365 -49.67 -36.74 -42.87
N SER HA 366 -48.83 -35.73 -42.68
CA SER HA 366 -48.05 -35.63 -41.45
C SER HA 366 -48.97 -35.43 -40.25
N VAL HA 367 -48.70 -36.16 -39.17
CA VAL HA 367 -49.44 -36.04 -37.92
C VAL HA 367 -48.42 -36.11 -36.79
N ARG HA 368 -48.17 -34.98 -36.15
CA ARG HA 368 -47.21 -34.89 -35.05
C ARG HA 368 -47.96 -34.63 -33.75
N LYS HA 369 -47.74 -35.48 -32.75
CA LYS HA 369 -48.45 -35.40 -31.47
C LYS HA 369 -47.43 -35.36 -30.35
N GLU HA 370 -46.94 -34.17 -30.03
CA GLU HA 370 -46.06 -34.00 -28.89
C GLU HA 370 -46.88 -33.78 -27.63
N SER HA 371 -46.30 -34.18 -26.49
CA SER HA 371 -47.00 -34.08 -25.22
C SER HA 371 -46.00 -34.12 -24.09
N THR HA 372 -46.23 -33.29 -23.08
CA THR HA 372 -45.44 -33.28 -21.85
C THR HA 372 -46.41 -33.15 -20.69
N ARG HA 373 -46.17 -33.91 -19.62
CA ARG HA 373 -47.11 -33.97 -18.52
C ARG HA 373 -46.37 -34.16 -17.21
N ASN HA 374 -46.77 -33.42 -16.19
CA ASN HA 374 -46.24 -33.56 -14.84
C ASN HA 374 -47.37 -33.97 -13.90
N PHE HA 375 -47.07 -34.86 -12.97
CA PHE HA 375 -48.09 -35.45 -12.12
C PHE HA 375 -47.77 -35.24 -10.65
N GLU HA 376 -48.82 -35.28 -9.84
CA GLU HA 376 -48.76 -35.31 -8.39
C GLU HA 376 -49.47 -36.56 -7.92
N LEU HA 377 -48.86 -37.26 -6.96
CA LEU HA 377 -49.33 -38.58 -6.55
C LEU HA 377 -49.53 -38.62 -5.05
N ASP HA 378 -50.45 -39.47 -4.61
CA ASP HA 378 -50.66 -39.69 -3.18
C ASP HA 378 -49.41 -40.32 -2.59
N THR HA 379 -48.90 -39.75 -1.51
CA THR HA 379 -47.64 -40.17 -0.92
C THR HA 379 -47.85 -40.44 0.56
N THR HA 380 -47.67 -41.69 0.96
CA THR HA 380 -47.73 -42.09 2.35
C THR HA 380 -46.33 -42.46 2.82
N ILE HA 381 -45.90 -41.91 3.94
CA ILE HA 381 -44.58 -42.17 4.50
C ILE HA 381 -44.79 -42.60 5.95
N SER HA 382 -44.63 -43.90 6.22
CA SER HA 382 -44.86 -44.45 7.54
C SER HA 382 -43.57 -45.00 8.13
N HIS HA 383 -43.22 -44.55 9.32
CA HIS HA 383 -42.04 -45.02 10.03
C HIS HA 383 -42.51 -45.83 11.24
N GLU HA 384 -42.23 -47.13 11.24
CA GLU HA 384 -42.65 -48.03 12.29
C GLU HA 384 -41.42 -48.53 13.06
N ARG HA 385 -41.56 -48.71 14.37
CA ARG HA 385 -40.50 -49.23 15.19
C ARG HA 385 -41.08 -50.30 16.10
N LYS HA 386 -40.81 -51.56 15.78
CA LYS HA 386 -41.42 -52.66 16.50
C LYS HA 386 -40.88 -52.74 17.93
N GLN HA 387 -41.73 -53.25 18.82
CA GLN HA 387 -41.28 -53.52 20.18
C GLN HA 387 -40.28 -54.67 20.17
N THR HA 388 -39.27 -54.57 21.05
CA THR HA 388 -38.18 -55.52 21.06
C THR HA 388 -38.63 -56.94 21.36
N GLY HA 389 -39.08 -57.19 22.59
CA GLY HA 389 -39.44 -58.53 22.98
C GLY HA 389 -40.87 -58.91 22.67
N THR HA 390 -41.06 -59.80 21.70
CA THR HA 390 -42.38 -60.25 21.30
C THR HA 390 -42.43 -61.76 21.31
N VAL HA 391 -43.52 -62.32 21.83
CA VAL HA 391 -43.70 -63.77 21.88
C VAL HA 391 -43.81 -64.29 20.45
N ALA HA 392 -42.78 -64.99 19.99
CA ALA HA 392 -42.77 -65.52 18.63
C ALA HA 392 -43.43 -66.89 18.53
N ARG HA 393 -43.40 -67.68 19.60
CA ARG HA 393 -44.02 -68.99 19.60
C ARG HA 393 -44.33 -69.36 21.05
N GLN HA 394 -45.48 -70.01 21.24
CA GLN HA 394 -45.91 -70.42 22.56
C GLN HA 394 -46.35 -71.87 22.53
N THR HA 395 -45.85 -72.67 23.46
CA THR HA 395 -46.14 -74.08 23.55
C THR HA 395 -46.69 -74.38 24.94
N VAL HA 396 -47.86 -75.01 24.99
CA VAL HA 396 -48.48 -75.39 26.26
C VAL HA 396 -48.89 -76.86 26.17
N SER HA 397 -48.55 -77.63 27.21
CA SER HA 397 -48.94 -79.02 27.30
C SER HA 397 -49.57 -79.26 28.67
N VAL HA 398 -50.71 -79.94 28.68
CA VAL HA 398 -51.44 -80.26 29.90
C VAL HA 398 -51.71 -81.75 29.92
N ALA HA 399 -51.40 -82.40 31.04
CA ALA HA 399 -51.64 -83.82 31.23
C ALA HA 399 -52.61 -84.02 32.37
N ILE HA 400 -53.66 -84.80 32.14
CA ILE HA 400 -54.74 -85.01 33.09
C ILE HA 400 -54.64 -86.43 33.63
N LYS HA 401 -54.71 -86.56 34.95
CA LYS HA 401 -54.62 -87.87 35.57
C LYS HA 401 -55.84 -88.71 35.21
N ASP HA 402 -55.59 -89.97 34.88
CA ASP HA 402 -56.67 -90.90 34.58
C ASP HA 402 -57.35 -91.35 35.86
N ARG HA 403 -58.61 -91.76 35.72
CA ARG HA 403 -59.42 -92.25 36.85
C ARG HA 403 -59.45 -91.24 38.01
N PRO HA 417 -59.44 -92.95 32.53
CA PRO HA 417 -59.16 -91.92 31.53
C PRO HA 417 -60.26 -90.85 31.47
N MET HA 418 -60.15 -89.94 30.51
CA MET HA 418 -61.11 -88.87 30.32
C MET HA 418 -61.65 -88.93 28.89
N SER HA 419 -62.95 -88.70 28.75
CA SER HA 419 -63.61 -88.81 27.46
C SER HA 419 -63.12 -87.72 26.52
N GLU HA 420 -63.31 -87.98 25.21
CA GLU HA 420 -62.88 -87.02 24.19
C GLU HA 420 -63.62 -85.71 24.31
N SER HA 421 -64.92 -85.76 24.64
CA SER HA 421 -65.72 -84.54 24.74
C SER HA 421 -65.17 -83.61 25.82
N GLU HA 422 -64.87 -84.16 26.99
CA GLU HA 422 -64.34 -83.32 28.06
C GLU HA 422 -62.92 -82.85 27.77
N ILE HA 423 -62.13 -83.67 27.08
CA ILE HA 423 -60.79 -83.24 26.67
C ILE HA 423 -60.90 -82.04 25.74
N ASN HA 424 -61.81 -82.10 24.77
CA ASN HA 424 -61.99 -80.98 23.85
C ASN HA 424 -62.57 -79.76 24.56
N ALA HA 425 -63.44 -79.97 25.56
CA ALA HA 425 -63.94 -78.83 26.33
C ALA HA 425 -62.83 -78.14 27.11
N ILE HA 426 -61.95 -78.94 27.73
CA ILE HA 426 -60.81 -78.36 28.43
C ILE HA 426 -59.91 -77.62 27.45
N ARG HA 427 -59.71 -78.19 26.26
CA ARG HA 427 -58.92 -77.52 25.24
C ARG HA 427 -59.55 -76.19 24.84
N GLN HA 428 -60.88 -76.16 24.72
CA GLN HA 428 -61.57 -74.92 24.39
C GLN HA 428 -61.40 -73.87 25.48
N VAL HA 429 -61.47 -74.29 26.74
CA VAL HA 429 -61.25 -73.35 27.85
C VAL HA 429 -59.83 -72.80 27.80
N LEU HA 430 -58.86 -73.68 27.59
CA LEU HA 430 -57.47 -73.23 27.51
C LEU HA 430 -57.27 -72.26 26.37
N ILE HA 431 -57.92 -72.50 25.24
CA ILE HA 431 -57.91 -71.55 24.13
C ILE HA 431 -58.73 -70.34 24.56
N GLY HA 432 -58.05 -69.28 24.97
CA GLY HA 432 -58.71 -68.18 25.61
C GLY HA 432 -58.19 -68.00 27.02
N THR HA 433 -57.96 -69.10 27.74
CA THR HA 433 -57.21 -69.01 28.98
C THR HA 433 -55.77 -68.57 28.71
N VAL HA 434 -55.15 -69.13 27.68
CA VAL HA 434 -53.76 -68.79 27.35
C VAL HA 434 -53.65 -67.79 26.21
N GLY HA 435 -54.66 -67.67 25.37
CA GLY HA 435 -54.56 -66.83 24.20
C GLY HA 435 -53.96 -67.58 23.02
N PHE HA 436 -54.49 -68.76 22.75
CA PHE HA 436 -53.94 -69.61 21.70
C PHE HA 436 -54.00 -68.90 20.35
N ASP HA 437 -52.88 -68.93 19.62
CA ASP HA 437 -52.74 -68.24 18.35
C ASP HA 437 -52.03 -69.20 17.39
N GLN HA 438 -52.81 -69.98 16.64
CA GLN HA 438 -52.23 -70.96 15.74
C GLN HA 438 -51.43 -70.30 14.62
N GLY HA 439 -51.91 -69.16 14.12
CA GLY HA 439 -51.20 -68.45 13.07
C GLY HA 439 -49.82 -68.00 13.47
N ARG HA 440 -49.57 -67.86 14.77
CA ARG HA 440 -48.24 -67.53 15.28
C ARG HA 440 -47.33 -68.75 15.36
N GLY HA 441 -47.88 -69.93 15.17
CA GLY HA 441 -47.13 -71.16 15.36
C GLY HA 441 -47.26 -71.79 16.73
N ASP HA 442 -48.19 -71.30 17.56
CA ASP HA 442 -48.36 -71.83 18.89
C ASP HA 442 -48.91 -73.25 18.83
N LEU HA 443 -48.69 -73.99 19.91
CA LEU HA 443 -49.08 -75.39 19.99
C LEU HA 443 -49.66 -75.66 21.37
N LEU HA 444 -50.76 -76.42 21.40
CA LEU HA 444 -51.46 -76.74 22.64
C LEU HA 444 -51.80 -78.22 22.63
N ASN HA 445 -51.16 -78.98 23.52
CA ASN HA 445 -51.43 -80.40 23.67
C ASN HA 445 -52.17 -80.65 24.97
N VAL HA 446 -53.24 -81.42 24.90
CA VAL HA 446 -53.97 -81.87 26.08
C VAL HA 446 -54.08 -83.38 26.01
N LEU HA 447 -53.51 -84.07 26.99
CA LEU HA 447 -53.46 -85.52 27.01
C LEU HA 447 -54.03 -86.03 28.32
N SER HA 448 -54.47 -87.29 28.29
CA SER HA 448 -54.92 -88.00 29.48
C SER HA 448 -53.92 -89.13 29.76
N VAL HA 449 -53.14 -88.98 30.82
CA VAL HA 449 -52.07 -89.91 31.14
C VAL HA 449 -52.33 -90.51 32.51
N LYS HA 450 -51.56 -91.56 32.82
CA LYS HA 450 -51.69 -92.29 34.08
C LYS HA 450 -50.61 -91.80 35.04
N PHE HA 451 -51.04 -91.07 36.08
CA PHE HA 451 -50.10 -90.63 37.10
C PHE HA 451 -49.71 -91.80 37.98
N ALA HA 452 -48.45 -91.79 38.42
CA ALA HA 452 -47.95 -92.85 39.29
C ALA HA 452 -48.06 -92.44 40.75
#